data_8IVB
#
_entry.id   8IVB
#
loop_
_entity.id
_entity.type
_entity.pdbx_description
1 polymer Ubiquitin
2 polymer 'Bcl-2 homologous antagonist/killer'
#
loop_
_entity_poly.entity_id
_entity_poly.type
_entity_poly.pdbx_seq_one_letter_code
_entity_poly.pdbx_strand_id
1 'polypeptide(L)' MQIFVKTLTGKTITLEVEPSDTIENVKAKIQDKEGIPPDQQRLIFAGKQLEDGRTLSDYNIQKESTLHLVLRLRGC A
2 'polypeptide(L)'
;ALPSASEEQVAQDTEEVFRSYVFYRHQQEQEAEGVAAPADPEMVTLPLQPSSTMGQVGRQLAIIGDDINRRYDSEFQTML
QHLQPTAENAYEYFTCIATSLFESGINWGRVVALLGFGYRLALHVYQHGLTGFLGQVTRFVVDFMLHHCIARWIAQRGGW
VAALNLGNG
;
B
#
# COMPACT_ATOMS: atom_id res chain seq x y z
N MET A 1 30.18 3.03 -10.25
CA MET A 1 29.53 4.31 -9.84
C MET A 1 28.92 4.13 -8.45
N GLN A 2 28.37 5.19 -7.89
CA GLN A 2 27.76 5.10 -6.52
C GLN A 2 26.26 5.38 -6.62
N ILE A 3 25.44 4.52 -6.06
CA ILE A 3 23.96 4.73 -6.12
C ILE A 3 23.42 4.92 -4.68
N PHE A 4 22.19 5.37 -4.54
CA PHE A 4 21.60 5.57 -3.18
C PHE A 4 20.25 4.85 -3.09
N VAL A 5 20.13 3.90 -2.22
CA VAL A 5 18.82 3.17 -2.09
C VAL A 5 18.02 3.76 -0.94
N LYS A 6 16.74 3.99 -1.15
CA LYS A 6 15.88 4.58 -0.06
C LYS A 6 14.97 3.49 0.51
N THR A 7 14.94 3.35 1.82
CA THR A 7 14.07 2.32 2.45
C THR A 7 12.75 2.95 2.90
N LEU A 8 11.86 2.19 3.45
CA LEU A 8 10.56 2.75 3.92
C LEU A 8 10.70 3.27 5.34
N THR A 9 11.88 3.17 5.91
CA THR A 9 12.09 3.65 7.30
C THR A 9 12.74 5.03 7.27
N GLY A 10 13.00 5.55 6.10
CA GLY A 10 13.64 6.89 6.01
C GLY A 10 15.17 6.74 6.08
N LYS A 11 15.67 5.53 5.93
CA LYS A 11 17.15 5.31 6.00
C LYS A 11 17.68 5.12 4.58
N THR A 12 18.70 5.85 4.21
CA THR A 12 19.28 5.71 2.83
C THR A 12 20.69 5.10 2.93
N ILE A 13 20.94 4.04 2.18
CA ILE A 13 22.29 3.40 2.23
C ILE A 13 22.97 3.53 0.86
N THR A 14 24.20 3.95 0.84
CA THR A 14 24.91 4.11 -0.45
C THR A 14 25.34 2.73 -0.97
N LEU A 15 25.68 2.63 -2.22
CA LEU A 15 26.10 1.31 -2.78
C LEU A 15 27.02 1.54 -3.98
N GLU A 16 28.13 0.84 -4.05
CA GLU A 16 29.06 1.02 -5.21
C GLU A 16 28.90 -0.14 -6.19
N VAL A 17 28.32 0.12 -7.34
CA VAL A 17 28.12 -0.97 -8.35
C VAL A 17 28.50 -0.46 -9.75
N GLU A 18 28.37 -1.29 -10.76
CA GLU A 18 28.72 -0.85 -12.14
C GLU A 18 27.56 -1.17 -13.12
N PRO A 19 27.38 -0.37 -14.17
CA PRO A 19 26.28 -0.58 -15.17
C PRO A 19 26.26 -1.99 -15.75
N SER A 20 27.35 -2.72 -15.64
CA SER A 20 27.39 -4.10 -16.19
C SER A 20 27.07 -5.11 -15.07
N ASP A 21 26.80 -4.63 -13.89
CA ASP A 21 26.47 -5.56 -12.76
C ASP A 21 25.06 -6.11 -12.94
N THR A 22 24.83 -7.33 -12.53
CA THR A 22 23.47 -7.93 -12.67
C THR A 22 22.64 -7.61 -11.42
N ILE A 23 21.33 -7.65 -11.54
CA ILE A 23 20.45 -7.34 -10.36
C ILE A 23 20.69 -8.38 -9.26
N GLU A 24 21.04 -9.57 -9.62
CA GLU A 24 21.28 -10.61 -8.58
C GLU A 24 22.53 -10.25 -7.77
N ASN A 25 23.46 -9.56 -8.37
CA ASN A 25 24.70 -9.17 -7.63
C ASN A 25 24.40 -8.01 -6.68
N VAL A 26 23.67 -7.02 -7.12
CA VAL A 26 23.38 -5.86 -6.22
C VAL A 26 22.61 -6.38 -5.01
N LYS A 27 21.71 -7.32 -5.19
CA LYS A 27 20.94 -7.86 -4.04
C LYS A 27 21.89 -8.53 -3.05
N ALA A 28 22.87 -9.26 -3.55
CA ALA A 28 23.84 -9.94 -2.64
C ALA A 28 24.62 -8.89 -1.85
N LYS A 29 24.90 -7.77 -2.45
CA LYS A 29 25.67 -6.71 -1.75
C LYS A 29 24.82 -6.14 -0.62
N ILE A 30 23.54 -5.99 -0.83
CA ILE A 30 22.65 -5.44 0.23
C ILE A 30 22.62 -6.39 1.45
N GLN A 31 22.45 -7.66 1.20
CA GLN A 31 22.42 -8.61 2.34
C GLN A 31 23.82 -8.73 2.95
N ASP A 32 24.85 -8.49 2.19
CA ASP A 32 26.24 -8.58 2.74
C ASP A 32 26.54 -7.38 3.62
N LYS A 33 25.85 -6.29 3.40
CA LYS A 33 26.09 -5.07 4.23
C LYS A 33 24.84 -4.75 5.05
N GLU A 34 23.78 -5.49 4.85
CA GLU A 34 22.52 -5.22 5.62
C GLU A 34 22.01 -6.51 6.25
N GLY A 35 21.95 -7.56 5.48
CA GLY A 35 21.46 -8.86 6.04
C GLY A 35 20.01 -9.10 5.61
N ILE A 36 19.58 -8.53 4.51
CA ILE A 36 18.18 -8.73 4.05
C ILE A 36 18.13 -9.84 2.97
N PRO A 37 17.55 -11.02 3.26
CA PRO A 37 17.46 -12.14 2.27
C PRO A 37 16.94 -11.69 0.87
N PRO A 38 17.66 -12.00 -0.22
CA PRO A 38 17.22 -11.64 -1.61
C PRO A 38 15.78 -12.10 -1.93
N ASP A 39 15.31 -13.10 -1.25
CA ASP A 39 13.93 -13.61 -1.52
C ASP A 39 12.90 -12.58 -1.04
N GLN A 40 13.31 -11.69 -0.16
CA GLN A 40 12.37 -10.66 0.36
C GLN A 40 12.80 -9.27 -0.11
N GLN A 41 13.11 -9.14 -1.37
CA GLN A 41 13.55 -7.82 -1.91
C GLN A 41 12.71 -7.47 -3.15
N ARG A 42 12.14 -6.30 -3.18
CA ARG A 42 11.30 -5.90 -4.35
C ARG A 42 11.77 -4.53 -4.86
N LEU A 43 12.93 -4.50 -5.45
CA LEU A 43 13.47 -3.22 -5.99
C LEU A 43 12.43 -2.58 -6.91
N ILE A 44 12.44 -1.27 -7.02
CA ILE A 44 11.46 -0.57 -7.91
C ILE A 44 12.13 0.61 -8.60
N PHE A 45 12.06 0.68 -9.90
CA PHE A 45 12.69 1.83 -10.61
C PHE A 45 11.76 2.29 -11.74
N ALA A 46 11.32 3.53 -11.71
CA ALA A 46 10.43 4.05 -12.78
C ALA A 46 9.12 3.27 -12.77
N GLY A 47 8.72 2.79 -11.62
CA GLY A 47 7.46 2.02 -11.55
C GLY A 47 7.61 0.72 -12.33
N LYS A 48 8.79 0.15 -12.36
CA LYS A 48 8.99 -1.14 -13.09
C LYS A 48 9.75 -2.12 -12.22
N GLN A 49 9.27 -3.33 -12.10
CA GLN A 49 9.97 -4.33 -11.27
C GLN A 49 11.15 -4.92 -12.04
N LEU A 50 12.32 -4.37 -11.88
CA LEU A 50 13.51 -4.89 -12.62
C LEU A 50 13.54 -6.42 -12.51
N GLU A 51 14.00 -7.09 -13.53
CA GLU A 51 14.06 -8.58 -13.49
C GLU A 51 15.41 -9.02 -12.94
N ASP A 52 15.60 -10.31 -12.75
CA ASP A 52 16.90 -10.79 -12.22
C ASP A 52 17.77 -11.35 -13.36
N GLY A 53 17.24 -11.35 -14.57
CA GLY A 53 18.02 -11.87 -15.74
C GLY A 53 18.50 -10.70 -16.62
N ARG A 54 18.36 -9.48 -16.14
CA ARG A 54 18.79 -8.30 -16.96
C ARG A 54 19.84 -7.51 -16.17
N THR A 55 20.61 -6.68 -16.85
CA THR A 55 21.64 -5.88 -16.16
C THR A 55 21.10 -4.48 -15.84
N LEU A 56 21.92 -3.62 -15.30
CA LEU A 56 21.47 -2.24 -14.97
C LEU A 56 21.40 -1.39 -16.25
N SER A 57 22.30 -1.62 -17.16
CA SER A 57 22.29 -0.85 -18.43
C SER A 57 20.99 -1.15 -19.19
N ASP A 58 20.40 -2.29 -18.93
CA ASP A 58 19.15 -2.64 -19.62
C ASP A 58 18.06 -1.61 -19.30
N TYR A 59 18.03 -1.12 -18.08
CA TYR A 59 16.99 -0.11 -17.73
C TYR A 59 17.52 1.31 -17.98
N ASN A 60 18.80 1.43 -18.22
CA ASN A 60 19.39 2.80 -18.48
C ASN A 60 19.62 3.54 -17.16
N ILE A 61 19.92 2.83 -16.11
CA ILE A 61 20.15 3.53 -14.80
C ILE A 61 21.54 4.20 -14.81
N GLN A 62 21.58 5.51 -14.67
CA GLN A 62 22.90 6.22 -14.68
C GLN A 62 23.48 6.25 -13.27
N LYS A 63 24.40 7.13 -13.01
CA LYS A 63 25.00 7.19 -11.65
C LYS A 63 24.13 8.08 -10.74
N GLU A 64 24.35 8.04 -9.45
CA GLU A 64 23.56 8.90 -8.52
C GLU A 64 22.05 8.62 -8.72
N SER A 65 21.68 7.40 -8.99
CA SER A 65 20.24 7.06 -9.21
C SER A 65 19.63 6.56 -7.88
N THR A 66 18.33 6.71 -7.71
CA THR A 66 17.67 6.25 -6.45
C THR A 66 16.62 5.16 -6.75
N LEU A 67 16.60 4.08 -5.99
CA LEU A 67 15.61 2.98 -6.24
C LEU A 67 14.85 2.63 -4.94
N HIS A 68 13.53 2.56 -5.01
CA HIS A 68 12.74 2.24 -3.77
C HIS A 68 12.91 0.76 -3.42
N LEU A 69 12.67 0.39 -2.17
CA LEU A 69 12.80 -1.05 -1.75
C LEU A 69 11.56 -1.49 -0.95
N VAL A 70 10.76 -2.40 -1.47
CA VAL A 70 9.56 -2.87 -0.69
C VAL A 70 9.92 -4.15 0.09
N LEU A 71 9.02 -5.09 0.15
CA LEU A 71 9.32 -6.35 0.91
C LEU A 71 8.11 -7.30 0.80
N ARG A 72 8.35 -8.58 0.51
CA ARG A 72 7.22 -9.56 0.39
C ARG A 72 7.37 -10.68 1.43
N LEU A 73 8.33 -10.56 2.31
CA LEU A 73 8.52 -11.62 3.35
C LEU A 73 8.72 -12.99 2.70
N ARG A 74 9.25 -13.94 3.43
CA ARG A 74 9.47 -15.30 2.88
C ARG A 74 8.69 -16.32 3.70
N GLY A 75 8.41 -16.02 4.94
CA GLY A 75 7.66 -16.97 5.79
C GLY A 75 6.29 -17.22 5.17
N CYS A 76 5.66 -16.20 4.65
CA CYS A 76 4.30 -16.37 4.03
C CYS A 76 4.37 -15.95 2.56
N ALA B 1 -16.61 16.62 16.04
CA ALA B 1 -17.02 15.71 17.14
C ALA B 1 -16.27 16.08 18.42
N LEU B 2 -16.34 15.25 19.42
CA LEU B 2 -15.64 15.55 20.70
C LEU B 2 -14.21 14.95 20.67
N PRO B 3 -13.29 15.52 21.43
CA PRO B 3 -11.88 15.02 21.50
C PRO B 3 -11.76 13.69 22.24
N SER B 4 -10.63 13.05 22.13
CA SER B 4 -10.45 11.74 22.83
C SER B 4 -11.25 10.65 22.09
N ALA B 5 -10.86 9.42 22.26
CA ALA B 5 -11.59 8.32 21.57
C ALA B 5 -11.10 6.97 22.08
N SER B 6 -11.93 5.96 22.07
CA SER B 6 -11.50 4.61 22.56
C SER B 6 -11.37 3.66 21.37
N GLU B 7 -10.92 2.45 21.61
CA GLU B 7 -10.75 1.48 20.49
C GLU B 7 -12.13 0.99 20.05
N GLU B 8 -13.14 1.21 20.84
CA GLU B 8 -14.50 0.75 20.45
C GLU B 8 -15.06 1.64 19.34
N GLN B 9 -14.78 2.93 19.38
CA GLN B 9 -15.28 3.86 18.32
C GLN B 9 -14.27 3.95 17.17
N VAL B 10 -13.07 3.46 17.38
CA VAL B 10 -12.04 3.52 16.30
C VAL B 10 -12.37 2.48 15.22
N ALA B 11 -12.91 1.38 15.61
CA ALA B 11 -13.23 0.33 14.60
C ALA B 11 -14.38 0.81 13.72
N GLN B 12 -15.20 1.70 14.22
CA GLN B 12 -16.34 2.21 13.41
C GLN B 12 -15.86 3.32 12.46
N ASP B 13 -14.98 4.18 12.94
CA ASP B 13 -14.49 5.28 12.07
C ASP B 13 -13.42 4.75 11.11
N THR B 14 -12.92 3.58 11.37
CA THR B 14 -11.88 2.99 10.49
C THR B 14 -12.55 2.39 9.26
N GLU B 15 -13.66 1.74 9.46
CA GLU B 15 -14.36 1.13 8.31
C GLU B 15 -15.03 2.23 7.48
N GLU B 16 -15.53 3.24 8.14
CA GLU B 16 -16.20 4.35 7.39
C GLU B 16 -15.16 5.16 6.62
N VAL B 17 -13.98 5.33 7.18
CA VAL B 17 -12.92 6.13 6.50
C VAL B 17 -12.17 5.23 5.51
N PHE B 18 -12.40 3.94 5.55
CA PHE B 18 -11.70 3.04 4.60
C PHE B 18 -12.37 3.08 3.22
N ARG B 19 -13.67 3.15 3.19
CA ARG B 19 -14.41 3.16 1.88
C ARG B 19 -14.56 4.61 1.39
N SER B 20 -14.90 5.50 2.27
CA SER B 20 -15.05 6.93 1.84
C SER B 20 -13.75 7.37 1.16
N TYR B 21 -12.66 6.75 1.49
CA TYR B 21 -11.38 7.15 0.88
C TYR B 21 -11.20 6.46 -0.47
N VAL B 22 -11.34 5.16 -0.52
CA VAL B 22 -11.17 4.46 -1.83
C VAL B 22 -12.24 4.94 -2.82
N PHE B 23 -13.35 5.45 -2.34
CA PHE B 23 -14.42 5.91 -3.28
C PHE B 23 -13.99 7.22 -3.94
N TYR B 24 -13.69 8.23 -3.16
CA TYR B 24 -13.28 9.52 -3.77
C TYR B 24 -12.00 9.32 -4.59
N ARG B 25 -11.25 8.29 -4.32
CA ARG B 25 -9.99 8.04 -5.09
C ARG B 25 -10.33 7.40 -6.46
N HIS B 26 -11.25 6.47 -6.50
CA HIS B 26 -11.60 5.83 -7.80
C HIS B 26 -12.54 6.75 -8.60
N GLN B 27 -13.27 7.58 -7.92
CA GLN B 27 -14.22 8.48 -8.63
C GLN B 27 -13.45 9.43 -9.55
N GLN B 28 -12.32 9.92 -9.09
CA GLN B 28 -11.52 10.85 -9.94
C GLN B 28 -10.71 10.03 -10.96
N GLU B 29 -10.23 8.88 -10.56
CA GLU B 29 -9.43 8.04 -11.51
C GLU B 29 -10.32 7.59 -12.68
N GLN B 30 -11.62 7.61 -12.51
CA GLN B 30 -12.54 7.19 -13.62
C GLN B 30 -12.46 8.19 -14.78
N GLU B 31 -12.25 9.44 -14.47
CA GLU B 31 -12.18 10.47 -15.56
C GLU B 31 -10.93 10.22 -16.41
N ALA B 32 -9.83 9.93 -15.77
CA ALA B 32 -8.58 9.70 -16.54
C ALA B 32 -8.65 8.31 -17.21
N GLU B 33 -8.71 7.26 -16.44
CA GLU B 33 -8.78 5.88 -17.03
C GLU B 33 -9.96 5.13 -16.43
N GLY B 34 -10.14 3.88 -16.80
CA GLY B 34 -11.28 3.07 -16.24
C GLY B 34 -10.75 1.77 -15.65
N VAL B 35 -9.46 1.71 -15.43
CA VAL B 35 -8.88 0.48 -14.85
C VAL B 35 -9.62 0.13 -13.55
N ALA B 36 -10.03 -1.09 -13.40
CA ALA B 36 -10.76 -1.49 -12.16
C ALA B 36 -11.91 -0.51 -11.89
N ALA B 37 -12.53 -0.01 -12.93
CA ALA B 37 -13.66 0.97 -12.75
C ALA B 37 -14.81 0.28 -11.96
N PRO B 38 -15.71 1.06 -11.41
CA PRO B 38 -16.87 0.55 -10.62
C PRO B 38 -17.94 -0.10 -11.52
N ALA B 39 -19.04 -0.51 -10.94
CA ALA B 39 -20.12 -1.15 -11.76
C ALA B 39 -21.03 -0.07 -12.38
N ASP B 40 -20.45 0.95 -12.96
CA ASP B 40 -21.27 2.03 -13.59
C ASP B 40 -22.14 2.73 -12.52
N PRO B 41 -22.59 3.95 -12.78
CA PRO B 41 -23.43 4.72 -11.81
C PRO B 41 -24.86 4.17 -11.70
N GLU B 42 -25.09 3.27 -10.80
CA GLU B 42 -26.46 2.69 -10.64
C GLU B 42 -26.69 2.31 -9.16
N MET B 43 -27.56 1.38 -8.91
CA MET B 43 -27.84 0.95 -7.50
C MET B 43 -26.62 0.21 -6.96
N VAL B 44 -25.85 -0.37 -7.83
CA VAL B 44 -24.66 -1.12 -7.36
C VAL B 44 -23.54 -0.12 -7.02
N THR B 45 -23.87 1.14 -6.89
CA THR B 45 -22.83 2.16 -6.56
C THR B 45 -22.48 2.06 -5.08
N LEU B 46 -21.59 2.89 -4.60
CA LEU B 46 -21.17 2.84 -3.18
C LEU B 46 -21.85 4.00 -2.38
N PRO B 47 -23.00 3.75 -1.72
CA PRO B 47 -23.76 4.79 -0.94
C PRO B 47 -23.09 5.13 0.41
N LEU B 48 -22.13 6.02 0.40
CA LEU B 48 -21.44 6.41 1.68
C LEU B 48 -22.28 7.46 2.42
N GLN B 49 -21.83 7.88 3.58
CA GLN B 49 -22.57 8.91 4.36
C GLN B 49 -21.67 10.15 4.54
N PRO B 50 -21.60 11.02 3.54
CA PRO B 50 -20.76 12.26 3.60
C PRO B 50 -21.33 13.29 4.55
N SER B 51 -22.49 13.04 5.07
CA SER B 51 -23.10 13.99 6.00
C SER B 51 -22.32 13.99 7.33
N SER B 52 -21.44 13.02 7.53
CA SER B 52 -20.65 12.97 8.80
C SER B 52 -19.27 13.62 8.62
N THR B 53 -18.60 13.97 9.69
CA THR B 53 -17.25 14.61 9.56
C THR B 53 -16.24 13.64 8.92
N MET B 54 -16.47 12.36 9.05
CA MET B 54 -15.53 11.36 8.44
C MET B 54 -15.50 11.54 6.93
N GLY B 55 -16.49 12.18 6.39
CA GLY B 55 -16.53 12.41 4.93
C GLY B 55 -15.35 13.30 4.52
N GLN B 56 -14.98 14.24 5.37
CA GLN B 56 -13.84 15.14 5.03
C GLN B 56 -12.50 14.45 5.33
N VAL B 57 -12.51 13.42 6.14
CA VAL B 57 -11.25 12.70 6.48
C VAL B 57 -10.75 11.94 5.25
N GLY B 58 -11.64 11.35 4.52
CA GLY B 58 -11.21 10.59 3.31
C GLY B 58 -10.72 11.57 2.23
N ARG B 59 -11.41 12.65 2.07
CA ARG B 59 -11.00 13.64 1.04
C ARG B 59 -9.56 14.13 1.33
N GLN B 60 -9.25 14.42 2.57
CA GLN B 60 -7.86 14.90 2.90
C GLN B 60 -6.82 13.78 2.71
N LEU B 61 -7.02 12.65 3.33
CA LEU B 61 -6.05 11.52 3.19
C LEU B 61 -5.88 11.15 1.71
N ALA B 62 -6.86 11.46 0.90
CA ALA B 62 -6.75 11.14 -0.55
C ALA B 62 -5.90 12.20 -1.26
N ILE B 63 -5.58 13.27 -0.60
CA ILE B 63 -4.75 14.34 -1.23
C ILE B 63 -3.27 14.17 -0.85
N ILE B 64 -3.00 13.97 0.40
CA ILE B 64 -1.58 13.79 0.85
C ILE B 64 -1.00 12.51 0.25
N GLY B 65 -1.85 11.56 -0.07
CA GLY B 65 -1.36 10.29 -0.66
C GLY B 65 -1.83 10.17 -2.12
N ASP B 66 -1.68 11.21 -2.90
CA ASP B 66 -2.13 11.15 -4.32
C ASP B 66 -0.93 10.80 -5.24
N ASP B 67 0.12 11.59 -5.18
CA ASP B 67 1.31 11.31 -6.05
C ASP B 67 2.10 10.11 -5.51
N ILE B 68 2.26 10.04 -4.23
CA ILE B 68 3.01 8.90 -3.63
C ILE B 68 2.27 7.60 -3.93
N ASN B 69 1.01 7.69 -4.23
CA ASN B 69 0.24 6.46 -4.54
C ASN B 69 0.55 5.99 -5.97
N ARG B 70 0.45 6.88 -6.93
CA ARG B 70 0.73 6.48 -8.35
C ARG B 70 2.21 6.15 -8.53
N ARG B 71 3.07 6.71 -7.71
CA ARG B 71 4.53 6.44 -7.87
C ARG B 71 4.79 4.93 -7.94
N TYR B 72 4.37 4.18 -6.96
CA TYR B 72 4.59 2.70 -6.97
C TYR B 72 3.25 1.99 -7.11
N ASP B 73 2.47 2.32 -8.13
CA ASP B 73 1.14 1.65 -8.32
C ASP B 73 1.18 0.73 -9.56
N SER B 74 1.89 1.12 -10.56
CA SER B 74 1.94 0.28 -11.79
C SER B 74 2.66 -1.04 -11.48
N GLU B 75 3.43 -1.06 -10.44
CA GLU B 75 4.17 -2.31 -10.09
C GLU B 75 3.35 -3.14 -9.07
N PHE B 76 2.39 -2.53 -8.41
CA PHE B 76 1.57 -3.29 -7.41
C PHE B 76 0.70 -4.31 -8.13
N GLN B 77 0.09 -3.91 -9.22
CA GLN B 77 -0.81 -4.85 -9.95
C GLN B 77 0.03 -5.83 -10.77
N THR B 78 1.16 -5.39 -11.23
CA THR B 78 2.01 -6.29 -12.05
C THR B 78 2.38 -7.52 -11.21
N MET B 79 2.84 -7.32 -10.00
CA MET B 79 3.21 -8.50 -9.15
C MET B 79 1.94 -9.17 -8.60
N LEU B 80 0.88 -8.42 -8.43
CA LEU B 80 -0.38 -9.02 -7.88
C LEU B 80 -0.87 -10.11 -8.84
N GLN B 81 -0.68 -9.93 -10.11
CA GLN B 81 -1.15 -10.94 -11.09
C GLN B 81 -0.32 -12.21 -10.94
N HIS B 82 0.93 -12.08 -10.58
CA HIS B 82 1.80 -13.27 -10.43
C HIS B 82 1.44 -14.00 -9.13
N LEU B 83 0.60 -13.40 -8.31
CA LEU B 83 0.22 -14.06 -7.03
C LEU B 83 -0.94 -15.02 -7.27
N GLN B 84 -2.08 -14.51 -7.71
CA GLN B 84 -3.26 -15.39 -7.98
C GLN B 84 -3.67 -16.09 -6.67
N PRO B 85 -4.10 -15.33 -5.69
CA PRO B 85 -4.53 -15.88 -4.37
C PRO B 85 -5.89 -16.57 -4.44
N THR B 86 -6.37 -17.09 -3.34
CA THR B 86 -7.70 -17.78 -3.34
C THR B 86 -8.53 -17.29 -2.14
N ALA B 87 -9.79 -17.66 -2.10
CA ALA B 87 -10.65 -17.21 -0.97
C ALA B 87 -10.28 -17.99 0.30
N GLU B 88 -9.56 -19.06 0.15
CA GLU B 88 -9.16 -19.85 1.34
C GLU B 88 -7.85 -19.30 1.91
N ASN B 89 -7.00 -18.76 1.07
CA ASN B 89 -5.69 -18.22 1.54
C ASN B 89 -5.60 -16.72 1.22
N ALA B 90 -6.72 -16.04 1.20
CA ALA B 90 -6.70 -14.57 0.89
C ALA B 90 -6.07 -13.80 2.06
N TYR B 91 -6.39 -14.17 3.27
CA TYR B 91 -5.80 -13.47 4.46
C TYR B 91 -4.39 -13.97 4.73
N GLU B 92 -4.02 -15.07 4.13
CA GLU B 92 -2.66 -15.61 4.36
C GLU B 92 -1.66 -14.86 3.49
N TYR B 93 -2.13 -14.20 2.46
CA TYR B 93 -1.20 -13.44 1.58
C TYR B 93 -1.24 -11.95 1.95
N PHE B 94 -2.41 -11.42 2.18
CA PHE B 94 -2.51 -9.96 2.54
C PHE B 94 -1.80 -9.74 3.87
N THR B 95 -2.01 -10.60 4.82
CA THR B 95 -1.34 -10.42 6.14
C THR B 95 0.17 -10.51 5.96
N CYS B 96 0.62 -11.00 4.84
CA CYS B 96 2.08 -11.13 4.60
C CYS B 96 2.63 -9.79 4.09
N ILE B 97 2.01 -9.22 3.08
CA ILE B 97 2.53 -7.92 2.55
C ILE B 97 2.47 -6.87 3.66
N ALA B 98 1.36 -6.78 4.36
CA ALA B 98 1.26 -5.78 5.46
C ALA B 98 2.38 -6.01 6.46
N THR B 99 2.35 -7.12 7.16
CA THR B 99 3.42 -7.40 8.16
C THR B 99 4.79 -7.15 7.52
N SER B 100 4.91 -7.33 6.24
CA SER B 100 6.23 -7.09 5.56
C SER B 100 6.43 -5.59 5.30
N LEU B 101 5.38 -4.83 5.32
CA LEU B 101 5.51 -3.37 5.08
C LEU B 101 5.76 -2.63 6.41
N PHE B 102 4.92 -2.84 7.38
CA PHE B 102 5.11 -2.15 8.70
C PHE B 102 6.22 -2.85 9.49
N GLU B 103 6.86 -3.83 8.91
CA GLU B 103 7.93 -4.55 9.65
C GLU B 103 8.98 -3.54 10.13
N SER B 104 9.20 -2.51 9.37
CA SER B 104 10.21 -1.50 9.78
C SER B 104 9.63 -0.59 10.87
N GLY B 105 8.36 -0.30 10.78
CA GLY B 105 7.73 0.59 11.82
C GLY B 105 6.32 0.98 11.37
N ILE B 106 5.73 1.97 11.98
CA ILE B 106 4.35 2.42 11.59
C ILE B 106 4.32 3.92 11.38
N ASN B 107 3.70 4.37 10.31
CA ASN B 107 3.64 5.83 10.04
C ASN B 107 2.36 6.15 9.24
N TRP B 108 2.03 7.40 9.10
CA TRP B 108 0.79 7.79 8.34
C TRP B 108 0.91 7.33 6.90
N GLY B 109 2.09 7.32 6.39
CA GLY B 109 2.28 6.88 4.98
C GLY B 109 2.06 5.36 4.87
N ARG B 110 2.30 4.64 5.94
CA ARG B 110 2.13 3.16 5.91
C ARG B 110 0.63 2.79 6.08
N VAL B 111 -0.17 3.71 6.57
CA VAL B 111 -1.63 3.38 6.73
C VAL B 111 -2.37 3.63 5.42
N VAL B 112 -2.12 4.77 4.81
CA VAL B 112 -2.79 5.11 3.54
C VAL B 112 -2.34 4.13 2.46
N ALA B 113 -1.10 3.73 2.49
CA ALA B 113 -0.60 2.78 1.48
C ALA B 113 -1.31 1.44 1.65
N LEU B 114 -1.64 1.08 2.86
CA LEU B 114 -2.33 -0.21 3.09
C LEU B 114 -3.69 -0.18 2.40
N LEU B 115 -4.50 0.81 2.69
CA LEU B 115 -5.83 0.88 2.03
C LEU B 115 -5.65 0.99 0.51
N GLY B 116 -4.68 1.75 0.09
CA GLY B 116 -4.49 1.94 -1.38
C GLY B 116 -4.35 0.59 -2.05
N PHE B 117 -3.57 -0.28 -1.49
CA PHE B 117 -3.41 -1.64 -2.10
C PHE B 117 -4.43 -2.63 -1.49
N GLY B 118 -5.43 -2.13 -0.80
CA GLY B 118 -6.47 -3.03 -0.18
C GLY B 118 -7.77 -2.99 -0.98
N TYR B 119 -7.77 -2.37 -2.14
CA TYR B 119 -9.02 -2.30 -2.99
C TYR B 119 -8.96 -3.33 -4.16
N ARG B 120 -8.29 -3.03 -5.25
CA ARG B 120 -8.19 -3.97 -6.40
C ARG B 120 -8.08 -5.40 -5.88
N LEU B 121 -7.37 -5.60 -4.82
CA LEU B 121 -7.24 -6.97 -4.27
C LEU B 121 -8.63 -7.60 -4.08
N ALA B 122 -9.52 -6.91 -3.40
CA ALA B 122 -10.90 -7.48 -3.19
C ALA B 122 -11.68 -7.48 -4.50
N LEU B 123 -11.63 -6.40 -5.22
CA LEU B 123 -12.38 -6.32 -6.51
C LEU B 123 -11.83 -7.39 -7.47
N HIS B 124 -10.58 -7.73 -7.34
CA HIS B 124 -9.98 -8.77 -8.25
C HIS B 124 -10.78 -10.06 -8.13
N VAL B 125 -11.30 -10.34 -6.97
CA VAL B 125 -12.07 -11.59 -6.81
C VAL B 125 -13.48 -11.36 -7.31
N TYR B 126 -14.03 -10.20 -7.03
CA TYR B 126 -15.41 -9.93 -7.49
C TYR B 126 -15.49 -10.26 -8.97
N GLN B 127 -14.69 -9.63 -9.79
CA GLN B 127 -14.75 -9.93 -11.24
C GLN B 127 -14.49 -11.41 -11.45
N HIS B 128 -13.38 -11.93 -10.95
CA HIS B 128 -13.08 -13.40 -11.12
C HIS B 128 -14.38 -14.19 -11.15
N GLY B 129 -15.26 -13.95 -10.20
CA GLY B 129 -16.55 -14.67 -10.19
C GLY B 129 -17.01 -14.92 -8.74
N LEU B 130 -16.17 -14.61 -7.78
CA LEU B 130 -16.56 -14.82 -6.36
C LEU B 130 -17.39 -13.64 -5.85
N THR B 131 -18.61 -13.52 -6.29
CA THR B 131 -19.47 -12.38 -5.84
C THR B 131 -19.70 -12.48 -4.32
N GLY B 132 -19.60 -11.37 -3.62
CA GLY B 132 -19.83 -11.40 -2.14
C GLY B 132 -18.48 -11.42 -1.40
N PHE B 133 -17.58 -10.53 -1.75
CA PHE B 133 -16.25 -10.49 -1.07
C PHE B 133 -16.09 -9.18 -0.29
N LEU B 134 -16.83 -8.16 -0.66
CA LEU B 134 -16.71 -6.85 0.05
C LEU B 134 -16.98 -7.05 1.54
N GLY B 135 -18.01 -7.77 1.88
CA GLY B 135 -18.32 -8.01 3.33
C GLY B 135 -17.20 -8.84 3.96
N GLN B 136 -16.58 -9.68 3.20
CA GLN B 136 -15.49 -10.53 3.77
C GLN B 136 -14.26 -9.66 4.08
N VAL B 137 -13.84 -8.85 3.15
CA VAL B 137 -12.64 -7.98 3.35
C VAL B 137 -12.87 -7.03 4.53
N THR B 138 -14.08 -6.56 4.69
CA THR B 138 -14.36 -5.64 5.85
C THR B 138 -14.20 -6.41 7.15
N ARG B 139 -15.00 -7.43 7.34
CA ARG B 139 -14.91 -8.23 8.59
C ARG B 139 -13.55 -8.97 8.65
N PHE B 140 -12.57 -8.52 7.89
CA PHE B 140 -11.22 -9.19 7.93
C PHE B 140 -10.16 -8.18 8.37
N VAL B 141 -10.18 -7.01 7.78
CA VAL B 141 -9.16 -6.01 8.15
C VAL B 141 -9.43 -5.51 9.57
N VAL B 142 -10.64 -5.08 9.83
CA VAL B 142 -10.96 -4.58 11.20
C VAL B 142 -10.44 -5.57 12.24
N ASP B 143 -10.50 -6.84 11.95
CA ASP B 143 -10.00 -7.85 12.92
C ASP B 143 -8.46 -7.78 12.97
N PHE B 144 -7.83 -7.59 11.85
CA PHE B 144 -6.34 -7.51 11.84
C PHE B 144 -5.89 -6.22 12.53
N MET B 145 -6.60 -5.15 12.34
CA MET B 145 -6.20 -3.85 12.98
C MET B 145 -6.35 -3.95 14.50
N LEU B 146 -7.37 -4.61 14.95
CA LEU B 146 -7.58 -4.74 16.42
C LEU B 146 -6.68 -5.86 16.97
N HIS B 147 -6.19 -6.70 16.12
CA HIS B 147 -5.31 -7.80 16.59
C HIS B 147 -3.86 -7.36 16.55
N HIS B 148 -3.55 -6.45 15.67
CA HIS B 148 -2.16 -5.97 15.56
C HIS B 148 -1.96 -4.73 16.45
N CYS B 149 -2.92 -4.44 17.31
CA CYS B 149 -2.79 -3.23 18.20
C CYS B 149 -2.76 -1.94 17.36
N ILE B 150 -3.31 -1.99 16.19
CA ILE B 150 -3.34 -0.76 15.33
C ILE B 150 -4.36 0.23 15.86
N ALA B 151 -5.47 -0.26 16.34
CA ALA B 151 -6.52 0.66 16.85
C ALA B 151 -5.95 1.52 17.98
N ARG B 152 -5.27 0.93 18.93
CA ARG B 152 -4.69 1.74 20.04
C ARG B 152 -3.83 2.88 19.48
N TRP B 153 -2.73 2.55 18.80
CA TRP B 153 -1.84 3.63 18.23
C TRP B 153 -2.69 4.78 17.66
N ILE B 154 -3.61 4.48 16.78
CA ILE B 154 -4.46 5.54 16.20
C ILE B 154 -5.13 6.33 17.33
N ALA B 155 -5.52 5.68 18.38
CA ALA B 155 -6.15 6.40 19.53
C ALA B 155 -5.13 7.33 20.20
N GLN B 156 -3.90 6.89 20.28
CA GLN B 156 -2.85 7.74 20.93
C GLN B 156 -2.46 8.89 20.00
N ARG B 157 -2.71 8.74 18.74
CA ARG B 157 -2.35 9.82 17.77
C ARG B 157 -3.45 10.89 17.76
N GLY B 158 -4.55 10.65 18.46
CA GLY B 158 -5.65 11.67 18.48
C GLY B 158 -6.83 11.14 17.67
N GLY B 159 -6.88 9.86 17.46
CA GLY B 159 -8.01 9.29 16.68
C GLY B 159 -7.90 9.75 15.22
N TRP B 160 -8.90 9.48 14.44
CA TRP B 160 -8.86 9.89 13.01
C TRP B 160 -9.12 11.39 12.91
N VAL B 161 -9.53 12.00 13.99
CA VAL B 161 -9.80 13.46 13.96
C VAL B 161 -8.48 14.24 13.89
N ALA B 162 -7.38 13.55 14.04
CA ALA B 162 -6.05 14.26 13.99
C ALA B 162 -5.65 14.48 12.52
N ALA B 163 -6.43 13.99 11.60
CA ALA B 163 -6.11 14.18 10.17
C ALA B 163 -6.22 15.67 9.79
N LEU B 164 -7.20 16.35 10.34
CA LEU B 164 -7.39 17.80 10.02
C LEU B 164 -6.20 18.59 10.58
N ASN B 165 -5.49 18.03 11.52
CA ASN B 165 -4.34 18.76 12.10
C ASN B 165 -3.05 18.33 11.39
N LEU B 166 -3.14 17.96 10.13
CA LEU B 166 -1.91 17.55 9.38
C LEU B 166 -1.46 18.67 8.45
N GLY B 167 -0.85 18.34 7.34
CA GLY B 167 -0.39 19.39 6.38
C GLY B 167 -1.59 20.22 5.89
N ASN B 168 -2.26 19.76 4.88
CA ASN B 168 -3.43 20.51 4.36
C ASN B 168 -4.56 20.49 5.38
N GLY B 169 -4.42 19.69 6.40
CA GLY B 169 -5.47 19.63 7.44
C GLY B 169 -6.86 19.50 6.79
N MET A 1 29.55 3.13 -10.83
CA MET A 1 28.92 4.40 -10.38
C MET A 1 28.38 4.24 -8.96
N GLN A 2 27.86 5.28 -8.39
CA GLN A 2 27.30 5.20 -6.99
C GLN A 2 25.80 5.48 -7.02
N ILE A 3 25.01 4.62 -6.42
CA ILE A 3 23.53 4.80 -6.41
C ILE A 3 23.05 4.99 -4.96
N PHE A 4 21.83 5.43 -4.76
CA PHE A 4 21.29 5.62 -3.38
C PHE A 4 19.96 4.90 -3.22
N VAL A 5 19.87 3.94 -2.33
CA VAL A 5 18.59 3.19 -2.14
C VAL A 5 17.82 3.78 -0.96
N LYS A 6 16.53 4.02 -1.11
CA LYS A 6 15.72 4.61 0.02
C LYS A 6 14.84 3.52 0.64
N THR A 7 14.87 3.41 1.95
CA THR A 7 14.03 2.37 2.62
C THR A 7 12.73 3.01 3.12
N LEU A 8 11.87 2.24 3.72
CA LEU A 8 10.58 2.79 4.23
C LEU A 8 10.78 3.33 5.65
N THR A 9 11.98 3.24 6.16
CA THR A 9 12.25 3.73 7.54
C THR A 9 12.89 5.12 7.47
N GLY A 10 13.09 5.62 6.28
CA GLY A 10 13.73 6.97 6.14
C GLY A 10 15.25 6.83 6.14
N LYS A 11 15.75 5.63 5.98
CA LYS A 11 17.23 5.42 5.96
C LYS A 11 17.70 5.21 4.52
N THR A 12 18.69 5.96 4.10
CA THR A 12 19.22 5.81 2.69
C THR A 12 20.62 5.21 2.72
N ILE A 13 20.84 4.15 1.98
CA ILE A 13 22.20 3.50 1.96
C ILE A 13 22.81 3.63 0.56
N THR A 14 24.03 4.07 0.48
CA THR A 14 24.69 4.22 -0.86
C THR A 14 25.10 2.83 -1.39
N LEU A 15 25.38 2.74 -2.66
CA LEU A 15 25.78 1.41 -3.25
C LEU A 15 26.65 1.65 -4.49
N GLU A 16 27.76 0.94 -4.61
CA GLU A 16 28.64 1.12 -5.80
C GLU A 16 28.44 -0.05 -6.77
N VAL A 17 27.82 0.20 -7.90
CA VAL A 17 27.59 -0.89 -8.90
C VAL A 17 27.90 -0.39 -10.31
N GLU A 18 27.73 -1.23 -11.31
CA GLU A 18 28.03 -0.79 -12.71
C GLU A 18 26.82 -1.11 -13.63
N PRO A 19 26.61 -0.33 -14.69
CA PRO A 19 25.47 -0.55 -15.63
C PRO A 19 25.43 -1.97 -16.22
N SER A 20 26.54 -2.68 -16.16
CA SER A 20 26.57 -4.06 -16.70
C SER A 20 26.31 -5.05 -15.58
N ASP A 21 26.10 -4.57 -14.38
CA ASP A 21 25.84 -5.48 -13.24
C ASP A 21 24.41 -6.04 -13.35
N THR A 22 24.21 -7.25 -12.91
CA THR A 22 22.85 -7.85 -13.00
C THR A 22 22.06 -7.51 -11.73
N ILE A 23 20.76 -7.55 -11.79
CA ILE A 23 19.94 -7.22 -10.59
C ILE A 23 20.25 -8.25 -9.50
N GLU A 24 20.60 -9.44 -9.88
CA GLU A 24 20.89 -10.49 -8.89
C GLU A 24 22.16 -10.11 -8.10
N ASN A 25 23.07 -9.45 -8.73
CA ASN A 25 24.33 -9.06 -8.03
C ASN A 25 24.06 -7.91 -7.03
N VAL A 26 23.29 -6.94 -7.44
CA VAL A 26 23.03 -5.80 -6.51
C VAL A 26 22.31 -6.30 -5.23
N LYS A 27 21.40 -7.25 -5.35
CA LYS A 27 20.68 -7.76 -4.13
C LYS A 27 21.68 -8.41 -3.16
N ALA A 28 22.65 -9.11 -3.68
CA ALA A 28 23.66 -9.77 -2.81
C ALA A 28 24.46 -8.70 -2.07
N LYS A 29 24.70 -7.58 -2.70
CA LYS A 29 25.48 -6.51 -2.03
C LYS A 29 24.68 -5.92 -0.86
N ILE A 30 23.38 -5.77 -1.04
CA ILE A 30 22.56 -5.18 0.06
C ILE A 30 22.57 -6.12 1.27
N GLN A 31 22.39 -7.39 1.04
CA GLN A 31 22.41 -8.36 2.18
C GLN A 31 23.83 -8.46 2.75
N ASP A 32 24.82 -8.22 1.93
CA ASP A 32 26.23 -8.30 2.43
C ASP A 32 26.55 -7.09 3.31
N LYS A 33 25.84 -6.00 3.12
CA LYS A 33 26.10 -4.76 3.93
C LYS A 33 24.89 -4.44 4.82
N GLU A 34 23.82 -5.19 4.70
CA GLU A 34 22.61 -4.92 5.54
C GLU A 34 22.11 -6.20 6.22
N GLY A 35 22.00 -7.27 5.48
CA GLY A 35 21.52 -8.57 6.08
C GLY A 35 20.04 -8.82 5.74
N ILE A 36 19.55 -8.25 4.67
CA ILE A 36 18.11 -8.51 4.30
C ILE A 36 18.02 -9.63 3.24
N PRO A 37 17.46 -10.80 3.58
CA PRO A 37 17.34 -11.94 2.61
C PRO A 37 16.75 -11.50 1.23
N PRO A 38 17.40 -11.82 0.12
CA PRO A 38 16.91 -11.47 -1.25
C PRO A 38 15.47 -11.93 -1.51
N ASP A 39 15.02 -12.93 -0.82
CA ASP A 39 13.64 -13.44 -1.04
C ASP A 39 12.64 -12.40 -0.54
N GLN A 40 13.09 -11.48 0.29
CA GLN A 40 12.16 -10.43 0.83
C GLN A 40 12.59 -9.05 0.31
N GLN A 41 12.83 -8.92 -0.97
CA GLN A 41 13.24 -7.60 -1.54
C GLN A 41 12.36 -7.26 -2.75
N ARG A 42 11.81 -6.08 -2.80
CA ARG A 42 10.94 -5.69 -3.96
C ARG A 42 11.42 -4.35 -4.51
N LEU A 43 12.56 -4.32 -5.16
CA LEU A 43 13.06 -3.04 -5.73
C LEU A 43 11.97 -2.42 -6.62
N ILE A 44 11.98 -1.13 -6.75
CA ILE A 44 10.96 -0.44 -7.62
C ILE A 44 11.60 0.76 -8.32
N PHE A 45 11.48 0.81 -9.62
CA PHE A 45 12.08 1.96 -10.37
C PHE A 45 11.11 2.41 -11.47
N ALA A 46 10.67 3.65 -11.43
CA ALA A 46 9.72 4.15 -12.46
C ALA A 46 8.42 3.36 -12.38
N GLY A 47 8.08 2.90 -11.22
CA GLY A 47 6.82 2.13 -11.07
C GLY A 47 6.94 0.81 -11.85
N LYS A 48 8.12 0.24 -11.93
CA LYS A 48 8.29 -1.04 -12.66
C LYS A 48 9.11 -2.01 -11.81
N GLN A 49 8.63 -3.22 -11.66
CA GLN A 49 9.37 -4.22 -10.83
C GLN A 49 10.52 -4.80 -11.66
N LEU A 50 11.70 -4.24 -11.57
CA LEU A 50 12.85 -4.77 -12.34
C LEU A 50 12.91 -6.29 -12.22
N GLU A 51 13.33 -6.97 -13.26
CA GLU A 51 13.40 -8.45 -13.20
C GLU A 51 14.79 -8.88 -12.71
N ASP A 52 15.00 -10.15 -12.52
CA ASP A 52 16.33 -10.64 -12.03
C ASP A 52 17.14 -11.18 -13.21
N GLY A 53 16.57 -11.20 -14.39
CA GLY A 53 17.30 -11.72 -15.59
C GLY A 53 17.74 -10.56 -16.48
N ARG A 54 17.62 -9.34 -16.02
CA ARG A 54 18.03 -8.16 -16.85
C ARG A 54 19.11 -7.36 -16.13
N THR A 55 19.83 -6.53 -16.85
CA THR A 55 20.91 -5.72 -16.22
C THR A 55 20.37 -4.32 -15.90
N LEU A 56 21.22 -3.45 -15.41
CA LEU A 56 20.76 -2.07 -15.08
C LEU A 56 20.62 -1.26 -16.37
N SER A 57 21.48 -1.52 -17.32
CA SER A 57 21.42 -0.76 -18.60
C SER A 57 20.11 -1.08 -19.30
N ASP A 58 19.54 -2.23 -19.01
CA ASP A 58 18.26 -2.62 -19.65
C ASP A 58 17.20 -1.60 -19.28
N TYR A 59 17.21 -1.11 -18.05
CA TYR A 59 16.18 -0.12 -17.65
C TYR A 59 16.70 1.29 -17.96
N ASN A 60 17.97 1.42 -18.25
CA ASN A 60 18.55 2.77 -18.55
C ASN A 60 18.85 3.52 -17.25
N ILE A 61 19.21 2.82 -16.22
CA ILE A 61 19.51 3.51 -14.92
C ILE A 61 20.89 4.18 -15.01
N GLN A 62 20.93 5.48 -14.88
CA GLN A 62 22.23 6.19 -14.96
C GLN A 62 22.86 6.22 -13.57
N LYS A 63 23.80 7.10 -13.35
CA LYS A 63 24.45 7.18 -12.01
C LYS A 63 23.63 8.10 -11.09
N GLU A 64 23.91 8.07 -9.81
CA GLU A 64 23.16 8.94 -8.86
C GLU A 64 21.65 8.67 -9.00
N SER A 65 21.27 7.45 -9.23
CA SER A 65 19.82 7.12 -9.37
C SER A 65 19.27 6.63 -8.02
N THR A 66 17.99 6.79 -7.80
CA THR A 66 17.40 6.34 -6.50
C THR A 66 16.34 5.26 -6.75
N LEU A 67 16.35 4.20 -5.97
CA LEU A 67 15.34 3.10 -6.16
C LEU A 67 14.64 2.79 -4.83
N HIS A 68 13.33 2.73 -4.82
CA HIS A 68 12.60 2.41 -3.56
C HIS A 68 12.76 0.93 -3.19
N LEU A 69 12.55 0.58 -1.94
CA LEU A 69 12.70 -0.85 -1.51
C LEU A 69 11.50 -1.28 -0.65
N VAL A 70 10.68 -2.19 -1.12
CA VAL A 70 9.47 -2.64 -0.32
C VAL A 70 9.84 -3.94 0.46
N LEU A 71 8.97 -4.89 0.62
CA LEU A 71 9.32 -6.13 1.38
C LEU A 71 8.12 -7.08 1.30
N ARG A 72 8.35 -8.35 1.03
CA ARG A 72 7.23 -9.33 0.95
C ARG A 72 7.44 -10.45 1.99
N LEU A 73 8.46 -10.33 2.82
CA LEU A 73 8.73 -11.39 3.85
C LEU A 73 8.93 -12.75 3.17
N ARG A 74 9.73 -13.59 3.74
CA ARG A 74 9.98 -14.93 3.14
C ARG A 74 8.84 -15.88 3.49
N GLY A 75 8.55 -16.82 2.62
CA GLY A 75 7.46 -17.78 2.88
C GLY A 75 6.20 -17.35 2.11
N CYS A 76 6.24 -16.20 1.49
CA CYS A 76 5.06 -15.72 0.72
C CYS A 76 5.40 -15.69 -0.77
N ALA B 1 -16.72 16.60 15.80
CA ALA B 1 -17.12 15.68 16.91
C ALA B 1 -16.36 16.06 18.19
N LEU B 2 -16.42 15.22 19.19
CA LEU B 2 -15.72 15.53 20.47
C LEU B 2 -14.29 14.94 20.44
N PRO B 3 -13.36 15.51 21.19
CA PRO B 3 -11.95 15.02 21.22
C PRO B 3 -11.82 13.69 21.97
N SER B 4 -10.69 13.04 21.86
CA SER B 4 -10.50 11.74 22.56
C SER B 4 -11.29 10.65 21.83
N ALA B 5 -10.91 9.42 21.99
CA ALA B 5 -11.65 8.31 21.30
C ALA B 5 -11.14 6.96 21.82
N SER B 6 -11.97 5.95 21.82
CA SER B 6 -11.53 4.60 22.31
C SER B 6 -11.40 3.65 21.12
N GLU B 7 -10.91 2.47 21.36
CA GLU B 7 -10.76 1.49 20.25
C GLU B 7 -12.13 1.01 19.81
N GLU B 8 -13.13 1.23 20.62
CA GLU B 8 -14.50 0.79 20.25
C GLU B 8 -15.05 1.67 19.13
N GLN B 9 -14.79 2.96 19.19
CA GLN B 9 -15.30 3.89 18.14
C GLN B 9 -14.29 3.99 16.98
N VAL B 10 -13.10 3.51 17.18
CA VAL B 10 -12.07 3.57 16.10
C VAL B 10 -12.39 2.53 15.02
N ALA B 11 -12.92 1.41 15.41
CA ALA B 11 -13.25 0.36 14.42
C ALA B 11 -14.41 0.82 13.54
N GLN B 12 -15.22 1.70 14.05
CA GLN B 12 -16.37 2.20 13.23
C GLN B 12 -15.89 3.30 12.29
N ASP B 13 -15.01 4.15 12.76
CA ASP B 13 -14.51 5.27 11.90
C ASP B 13 -13.45 4.72 10.93
N THR B 14 -12.94 3.56 11.20
CA THR B 14 -11.91 2.97 10.30
C THR B 14 -12.60 2.38 9.07
N GLU B 15 -13.71 1.74 9.27
CA GLU B 15 -14.44 1.14 8.14
C GLU B 15 -15.11 2.24 7.32
N GLU B 16 -15.62 3.25 7.99
CA GLU B 16 -16.30 4.37 7.27
C GLU B 16 -15.26 5.19 6.50
N VAL B 17 -14.09 5.36 7.07
CA VAL B 17 -13.03 6.16 6.38
C VAL B 17 -12.29 5.27 5.40
N PHE B 18 -12.50 3.98 5.47
CA PHE B 18 -11.81 3.06 4.55
C PHE B 18 -12.50 3.12 3.18
N ARG B 19 -13.80 3.17 3.17
CA ARG B 19 -14.51 3.23 1.87
C ARG B 19 -14.64 4.68 1.40
N SER B 20 -14.97 5.57 2.28
CA SER B 20 -15.09 6.99 1.88
C SER B 20 -13.79 7.46 1.23
N TYR B 21 -12.69 6.84 1.58
CA TYR B 21 -11.37 7.23 1.00
C TYR B 21 -11.17 6.55 -0.35
N VAL B 22 -11.31 5.24 -0.40
CA VAL B 22 -11.12 4.54 -1.71
C VAL B 22 -12.20 5.03 -2.69
N PHE B 23 -13.29 5.52 -2.19
CA PHE B 23 -14.38 5.99 -3.10
C PHE B 23 -13.97 7.31 -3.76
N TYR B 24 -13.67 8.31 -2.98
CA TYR B 24 -13.25 9.61 -3.58
C TYR B 24 -11.98 9.42 -4.42
N ARG B 25 -11.23 8.39 -4.15
CA ARG B 25 -9.97 8.15 -4.95
C ARG B 25 -10.32 7.53 -6.30
N HIS B 26 -11.23 6.59 -6.34
CA HIS B 26 -11.58 5.95 -7.63
C HIS B 26 -12.51 6.86 -8.41
N GLN B 27 -13.23 7.70 -7.73
CA GLN B 27 -14.16 8.60 -8.44
C GLN B 27 -13.39 9.53 -9.36
N GLN B 28 -12.26 10.02 -8.92
CA GLN B 28 -11.46 10.93 -9.77
C GLN B 28 -10.64 10.11 -10.79
N GLU B 29 -10.15 8.96 -10.39
CA GLU B 29 -9.35 8.13 -11.34
C GLU B 29 -10.22 7.65 -12.51
N GLN B 30 -11.52 7.66 -12.34
CA GLN B 30 -12.41 7.21 -13.45
C GLN B 30 -12.34 8.20 -14.62
N GLU B 31 -12.09 9.45 -14.32
CA GLU B 31 -12.01 10.47 -15.40
C GLU B 31 -10.76 10.22 -16.26
N ALA B 32 -9.65 9.93 -15.62
CA ALA B 32 -8.41 9.68 -16.40
C ALA B 32 -8.46 8.30 -17.06
N GLU B 33 -8.51 7.25 -16.28
CA GLU B 33 -8.56 5.87 -16.86
C GLU B 33 -9.73 5.09 -16.24
N GLY B 34 -9.90 3.85 -16.61
CA GLY B 34 -11.02 3.03 -16.05
C GLY B 34 -10.46 1.73 -15.45
N VAL B 35 -9.17 1.67 -15.24
CA VAL B 35 -8.57 0.43 -14.67
C VAL B 35 -9.27 0.09 -13.36
N ALA B 36 -9.66 -1.16 -13.19
CA ALA B 36 -10.36 -1.56 -11.95
C ALA B 36 -11.51 -0.58 -11.67
N ALA B 37 -12.13 -0.08 -12.71
CA ALA B 37 -13.24 0.90 -12.50
C ALA B 37 -14.39 0.23 -11.72
N PRO B 38 -15.29 1.00 -11.12
CA PRO B 38 -16.44 0.46 -10.33
C PRO B 38 -17.50 -0.20 -11.21
N ALA B 39 -18.59 -0.63 -10.63
CA ALA B 39 -19.66 -1.28 -11.43
C ALA B 39 -20.57 -0.20 -12.03
N ASP B 40 -20.00 0.82 -12.59
CA ASP B 40 -20.84 1.89 -13.22
C ASP B 40 -21.69 2.58 -12.12
N PRO B 41 -22.13 3.80 -12.35
CA PRO B 41 -22.95 4.58 -11.37
C PRO B 41 -24.39 4.02 -11.24
N GLU B 42 -24.60 3.10 -10.33
CA GLU B 42 -25.97 2.52 -10.15
C GLU B 42 -26.19 2.14 -8.67
N MET B 43 -27.06 1.21 -8.41
CA MET B 43 -27.33 0.79 -6.99
C MET B 43 -26.10 0.05 -6.44
N VAL B 44 -25.33 -0.54 -7.31
CA VAL B 44 -24.13 -1.30 -6.87
C VAL B 44 -22.99 -0.30 -6.57
N THR B 45 -23.32 0.95 -6.46
CA THR B 45 -22.26 1.97 -6.15
C THR B 45 -21.90 1.87 -4.68
N LEU B 46 -21.01 2.73 -4.21
CA LEU B 46 -20.62 2.67 -2.76
C LEU B 46 -21.31 3.82 -1.98
N PRO B 47 -22.46 3.57 -1.34
CA PRO B 47 -23.20 4.63 -0.56
C PRO B 47 -22.52 4.96 0.77
N LEU B 48 -21.57 5.86 0.75
CA LEU B 48 -20.88 6.24 2.01
C LEU B 48 -21.69 7.30 2.73
N GLN B 49 -21.24 7.74 3.88
CA GLN B 49 -21.99 8.78 4.65
C GLN B 49 -21.11 10.04 4.82
N PRO B 50 -21.08 10.91 3.82
CA PRO B 50 -20.26 12.15 3.86
C PRO B 50 -20.85 13.19 4.81
N SER B 51 -22.02 12.93 5.31
CA SER B 51 -22.65 13.90 6.23
C SER B 51 -21.87 13.90 7.55
N SER B 52 -21.00 12.93 7.75
CA SER B 52 -20.23 12.87 9.02
C SER B 52 -18.86 13.53 8.81
N THR B 53 -18.20 13.91 9.88
CA THR B 53 -16.85 14.56 9.73
C THR B 53 -15.87 13.58 9.07
N MET B 54 -16.11 12.31 9.19
CA MET B 54 -15.19 11.30 8.57
C MET B 54 -15.19 11.50 7.05
N GLY B 55 -16.21 12.12 6.52
CA GLY B 55 -16.27 12.34 5.06
C GLY B 55 -15.11 13.24 4.63
N GLN B 56 -14.75 14.18 5.46
CA GLN B 56 -13.64 15.11 5.10
C GLN B 56 -12.30 14.42 5.38
N VAL B 57 -12.31 13.38 6.18
CA VAL B 57 -11.05 12.67 6.50
C VAL B 57 -10.58 11.93 5.25
N GLY B 58 -11.49 11.33 4.52
CA GLY B 58 -11.07 10.58 3.29
C GLY B 58 -10.60 11.55 2.21
N ARG B 59 -11.31 12.63 2.02
CA ARG B 59 -10.92 13.62 0.98
C ARG B 59 -9.49 14.13 1.25
N GLN B 60 -9.17 14.42 2.47
CA GLN B 60 -7.81 14.93 2.78
C GLN B 60 -6.77 13.81 2.60
N LEU B 61 -6.99 12.67 3.22
CA LEU B 61 -6.03 11.54 3.05
C LEU B 61 -5.87 11.17 1.57
N ALA B 62 -6.88 11.44 0.78
CA ALA B 62 -6.80 11.12 -0.67
C ALA B 62 -5.96 12.17 -1.38
N ILE B 63 -5.65 13.23 -0.70
CA ILE B 63 -4.84 14.30 -1.33
C ILE B 63 -3.37 14.11 -0.93
N ILE B 64 -3.11 13.91 0.33
CA ILE B 64 -1.70 13.73 0.78
C ILE B 64 -1.14 12.44 0.19
N GLY B 65 -1.99 11.48 -0.11
CA GLY B 65 -1.50 10.20 -0.69
C GLY B 65 -1.99 10.08 -2.12
N ASP B 66 -1.87 11.13 -2.90
CA ASP B 66 -2.34 11.06 -4.32
C ASP B 66 -1.15 10.72 -5.23
N ASP B 67 -0.10 11.50 -5.18
CA ASP B 67 1.08 11.23 -6.03
C ASP B 67 1.85 10.03 -5.50
N ILE B 68 2.03 9.96 -4.21
CA ILE B 68 2.77 8.81 -3.61
C ILE B 68 2.01 7.52 -3.90
N ASN B 69 0.75 7.60 -4.18
CA ASN B 69 -0.03 6.36 -4.47
C ASN B 69 0.24 5.89 -5.90
N ARG B 70 0.12 6.76 -6.87
CA ARG B 70 0.39 6.34 -8.29
C ARG B 70 1.86 6.02 -8.48
N ARG B 71 2.71 6.57 -7.68
CA ARG B 71 4.18 6.30 -7.84
C ARG B 71 4.42 4.80 -7.89
N TYR B 72 3.99 4.06 -6.90
CA TYR B 72 4.20 2.57 -6.91
C TYR B 72 2.85 1.86 -7.05
N ASP B 73 2.07 2.20 -8.06
CA ASP B 73 0.74 1.52 -8.23
C ASP B 73 0.79 0.61 -9.47
N SER B 74 1.52 1.01 -10.48
CA SER B 74 1.58 0.17 -11.72
C SER B 74 2.34 -1.12 -11.43
N GLU B 75 3.15 -1.14 -10.41
CA GLU B 75 3.91 -2.36 -10.08
C GLU B 75 3.13 -3.19 -9.06
N PHE B 76 2.19 -2.57 -8.40
CA PHE B 76 1.38 -3.33 -7.39
C PHE B 76 0.50 -4.34 -8.10
N GLN B 77 -0.13 -3.93 -9.18
CA GLN B 77 -1.03 -4.85 -9.92
C GLN B 77 -0.19 -5.84 -10.73
N THR B 78 0.93 -5.41 -11.21
CA THR B 78 1.79 -6.31 -12.02
C THR B 78 2.18 -7.54 -11.20
N MET B 79 2.65 -7.33 -9.99
CA MET B 79 3.03 -8.50 -9.14
C MET B 79 1.78 -9.18 -8.57
N LEU B 80 0.73 -8.43 -8.38
CA LEU B 80 -0.52 -9.03 -7.83
C LEU B 80 -1.02 -10.12 -8.77
N GLN B 81 -0.84 -9.93 -10.06
CA GLN B 81 -1.31 -10.94 -11.03
C GLN B 81 -0.46 -12.20 -10.88
N HIS B 82 0.79 -12.06 -10.55
CA HIS B 82 1.68 -13.26 -10.40
C HIS B 82 1.34 -13.97 -9.10
N LEU B 83 0.53 -13.38 -8.27
CA LEU B 83 0.16 -14.04 -6.98
C LEU B 83 -1.01 -14.98 -7.21
N GLN B 84 -2.14 -14.47 -7.65
CA GLN B 84 -3.33 -15.35 -7.90
C GLN B 84 -3.72 -16.06 -6.60
N PRO B 85 -4.13 -15.29 -5.61
CA PRO B 85 -4.54 -15.83 -4.28
C PRO B 85 -5.90 -16.52 -4.35
N THR B 86 -6.37 -17.03 -3.24
CA THR B 86 -7.70 -17.73 -3.22
C THR B 86 -8.52 -17.23 -2.03
N ALA B 87 -9.78 -17.59 -1.98
CA ALA B 87 -10.64 -17.14 -0.85
C ALA B 87 -10.25 -17.91 0.42
N GLU B 88 -9.51 -18.98 0.26
CA GLU B 88 -9.10 -19.76 1.46
C GLU B 88 -7.79 -19.21 2.01
N ASN B 89 -6.96 -18.65 1.16
CA ASN B 89 -5.65 -18.09 1.61
C ASN B 89 -5.57 -16.59 1.28
N ALA B 90 -6.69 -15.92 1.27
CA ALA B 90 -6.67 -14.44 0.95
C ALA B 90 -6.04 -13.67 2.11
N TYR B 91 -6.34 -14.04 3.32
CA TYR B 91 -5.76 -13.32 4.50
C TYR B 91 -4.34 -13.82 4.75
N GLU B 92 -3.98 -14.91 4.15
CA GLU B 92 -2.61 -15.48 4.36
C GLU B 92 -1.62 -14.70 3.49
N TYR B 93 -2.11 -14.06 2.46
CA TYR B 93 -1.20 -13.29 1.57
C TYR B 93 -1.23 -11.81 1.96
N PHE B 94 -2.40 -11.27 2.18
CA PHE B 94 -2.51 -9.83 2.56
C PHE B 94 -1.78 -9.60 3.88
N THR B 95 -1.99 -10.47 4.85
CA THR B 95 -1.31 -10.30 6.16
C THR B 95 0.20 -10.37 5.98
N CYS B 96 0.64 -10.90 4.86
CA CYS B 96 2.11 -11.02 4.62
C CYS B 96 2.65 -9.68 4.10
N ILE B 97 2.02 -9.12 3.10
CA ILE B 97 2.52 -7.82 2.57
C ILE B 97 2.47 -6.77 3.68
N ALA B 98 1.36 -6.70 4.39
CA ALA B 98 1.26 -5.69 5.48
C ALA B 98 2.38 -5.93 6.49
N THR B 99 2.35 -7.04 7.20
CA THR B 99 3.43 -7.30 8.18
C THR B 99 4.79 -7.04 7.55
N SER B 100 4.89 -7.19 6.26
CA SER B 100 6.21 -6.96 5.58
C SER B 100 6.40 -5.45 5.32
N LEU B 101 5.35 -4.69 5.35
CA LEU B 101 5.48 -3.22 5.10
C LEU B 101 5.74 -2.48 6.43
N PHE B 102 4.89 -2.68 7.41
CA PHE B 102 5.08 -1.98 8.72
C PHE B 102 6.20 -2.68 9.51
N GLU B 103 6.84 -3.66 8.92
CA GLU B 103 7.93 -4.38 9.66
C GLU B 103 8.96 -3.35 10.12
N SER B 104 9.19 -2.32 9.36
CA SER B 104 10.21 -1.32 9.76
C SER B 104 9.62 -0.41 10.85
N GLY B 105 8.35 -0.14 10.79
CA GLY B 105 7.72 0.74 11.81
C GLY B 105 6.29 1.12 11.36
N ILE B 106 5.70 2.10 12.00
CA ILE B 106 4.30 2.52 11.63
C ILE B 106 4.27 4.03 11.40
N ASN B 107 3.64 4.47 10.33
CA ASN B 107 3.57 5.93 10.05
C ASN B 107 2.29 6.25 9.28
N TRP B 108 1.97 7.51 9.13
CA TRP B 108 0.73 7.88 8.39
C TRP B 108 0.87 7.43 6.94
N GLY B 109 2.07 7.44 6.43
CA GLY B 109 2.28 7.01 5.02
C GLY B 109 2.09 5.49 4.92
N ARG B 110 2.38 4.77 5.97
CA ARG B 110 2.24 3.29 5.94
C ARG B 110 0.77 2.93 6.14
N VAL B 111 0.00 3.84 6.64
CA VAL B 111 -1.45 3.55 6.85
C VAL B 111 -2.22 3.80 5.55
N VAL B 112 -1.99 4.94 4.95
CA VAL B 112 -2.69 5.25 3.68
C VAL B 112 -2.25 4.28 2.60
N ALA B 113 -1.01 3.88 2.63
CA ALA B 113 -0.51 2.93 1.61
C ALA B 113 -1.22 1.58 1.78
N LEU B 114 -1.55 1.23 3.00
CA LEU B 114 -2.24 -0.06 3.24
C LEU B 114 -3.60 -0.06 2.56
N LEU B 115 -4.40 0.92 2.85
CA LEU B 115 -5.75 0.97 2.23
C LEU B 115 -5.60 1.10 0.70
N GLY B 116 -4.61 1.83 0.25
CA GLY B 116 -4.44 2.00 -1.23
C GLY B 116 -4.29 0.62 -1.91
N PHE B 117 -3.48 -0.27 -1.36
CA PHE B 117 -3.34 -1.62 -2.01
C PHE B 117 -4.32 -2.61 -1.38
N GLY B 118 -5.31 -2.12 -0.67
CA GLY B 118 -6.32 -3.02 -0.04
C GLY B 118 -7.63 -2.99 -0.83
N TYR B 119 -7.62 -2.38 -1.99
CA TYR B 119 -8.87 -2.31 -2.82
C TYR B 119 -8.81 -3.33 -3.95
N ARG B 120 -8.15 -3.00 -5.04
CA ARG B 120 -8.04 -3.94 -6.21
C ARG B 120 -7.92 -5.38 -5.69
N LEU B 121 -7.20 -5.57 -4.63
CA LEU B 121 -7.05 -6.95 -4.09
C LEU B 121 -8.43 -7.59 -3.88
N ALA B 122 -9.32 -6.91 -3.21
CA ALA B 122 -10.69 -7.49 -2.98
C ALA B 122 -11.48 -7.48 -4.31
N LEU B 123 -11.43 -6.39 -5.02
CA LEU B 123 -12.18 -6.29 -6.31
C LEU B 123 -11.65 -7.36 -7.28
N HIS B 124 -10.39 -7.68 -7.17
CA HIS B 124 -9.82 -8.71 -8.09
C HIS B 124 -10.60 -10.00 -7.96
N VAL B 125 -11.13 -10.27 -6.79
CA VAL B 125 -11.89 -11.52 -6.58
C VAL B 125 -13.32 -11.30 -7.08
N TYR B 126 -13.87 -10.14 -6.80
CA TYR B 126 -15.27 -9.88 -7.26
C TYR B 126 -15.37 -10.20 -8.74
N GLN B 127 -14.60 -9.55 -9.58
CA GLN B 127 -14.70 -9.84 -11.03
C GLN B 127 -14.46 -11.32 -11.26
N HIS B 128 -13.34 -11.85 -10.78
CA HIS B 128 -13.05 -13.31 -10.96
C HIS B 128 -14.37 -14.10 -11.00
N GLY B 129 -15.26 -13.85 -10.07
CA GLY B 129 -16.56 -14.58 -10.07
C GLY B 129 -17.01 -14.82 -8.64
N LEU B 130 -16.19 -14.50 -7.69
CA LEU B 130 -16.57 -14.72 -6.28
C LEU B 130 -17.40 -13.53 -5.78
N THR B 131 -18.62 -13.43 -6.22
CA THR B 131 -19.48 -12.29 -5.77
C THR B 131 -19.70 -12.38 -4.26
N GLY B 132 -19.61 -11.28 -3.57
CA GLY B 132 -19.83 -11.30 -2.09
C GLY B 132 -18.47 -11.32 -1.37
N PHE B 133 -17.57 -10.43 -1.74
CA PHE B 133 -16.23 -10.39 -1.09
C PHE B 133 -16.08 -9.08 -0.32
N LEU B 134 -16.82 -8.08 -0.68
CA LEU B 134 -16.72 -6.77 0.02
C LEU B 134 -16.97 -6.98 1.51
N GLY B 135 -18.00 -7.69 1.86
CA GLY B 135 -18.28 -7.93 3.31
C GLY B 135 -17.15 -8.75 3.92
N GLN B 136 -16.52 -9.60 3.13
CA GLN B 136 -15.42 -10.43 3.69
C GLN B 136 -14.19 -9.56 3.98
N VAL B 137 -13.77 -8.75 3.04
CA VAL B 137 -12.58 -7.88 3.27
C VAL B 137 -12.83 -6.97 4.47
N THR B 138 -14.05 -6.52 4.65
CA THR B 138 -14.35 -5.62 5.81
C THR B 138 -14.20 -6.39 7.12
N ARG B 139 -15.01 -7.41 7.31
CA ARG B 139 -14.91 -8.22 8.56
C ARG B 139 -13.57 -8.96 8.61
N PHE B 140 -12.62 -8.54 7.83
CA PHE B 140 -11.28 -9.21 7.84
C PHE B 140 -10.22 -8.21 8.25
N VAL B 141 -10.23 -7.05 7.66
CA VAL B 141 -9.21 -6.04 8.02
C VAL B 141 -9.47 -5.54 9.43
N VAL B 142 -10.69 -5.14 9.72
CA VAL B 142 -10.99 -4.64 11.09
C VAL B 142 -10.46 -5.64 12.13
N ASP B 143 -10.52 -6.91 11.84
CA ASP B 143 -10.00 -7.91 12.82
C ASP B 143 -8.49 -7.83 12.87
N PHE B 144 -7.86 -7.65 11.74
CA PHE B 144 -6.37 -7.57 11.70
C PHE B 144 -5.91 -6.29 12.39
N MET B 145 -6.62 -5.21 12.20
CA MET B 145 -6.22 -3.92 12.83
C MET B 145 -6.36 -4.02 14.36
N LEU B 146 -7.38 -4.70 14.82
CA LEU B 146 -7.58 -4.84 16.29
C LEU B 146 -6.66 -5.95 16.83
N HIS B 147 -6.18 -6.80 15.97
CA HIS B 147 -5.31 -7.91 16.45
C HIS B 147 -3.86 -7.47 16.38
N HIS B 148 -3.55 -6.57 15.50
CA HIS B 148 -2.16 -6.09 15.40
C HIS B 148 -1.98 -4.86 16.28
N CYS B 149 -2.92 -4.57 17.16
CA CYS B 149 -2.78 -3.38 18.05
C CYS B 149 -2.76 -2.10 17.21
N ILE B 150 -3.32 -2.16 16.02
CA ILE B 150 -3.34 -0.94 15.16
C ILE B 150 -4.37 0.05 15.70
N ALA B 151 -5.47 -0.44 16.19
CA ALA B 151 -6.51 0.49 16.71
C ALA B 151 -5.93 1.35 17.84
N ARG B 152 -5.23 0.76 18.77
CA ARG B 152 -4.64 1.56 19.88
C ARG B 152 -3.79 2.68 19.31
N TRP B 153 -2.70 2.37 18.64
CA TRP B 153 -1.82 3.44 18.06
C TRP B 153 -2.67 4.57 17.49
N ILE B 154 -3.57 4.27 16.60
CA ILE B 154 -4.44 5.35 16.03
C ILE B 154 -5.09 6.14 17.16
N ALA B 155 -5.45 5.47 18.22
CA ALA B 155 -6.07 6.19 19.38
C ALA B 155 -5.04 7.11 20.05
N GLN B 156 -3.81 6.68 20.11
CA GLN B 156 -2.77 7.53 20.76
C GLN B 156 -2.39 8.68 19.82
N ARG B 157 -2.66 8.53 18.56
CA ARG B 157 -2.31 9.60 17.60
C ARG B 157 -3.41 10.66 17.60
N GLY B 158 -4.50 10.43 18.31
CA GLY B 158 -5.61 11.43 18.35
C GLY B 158 -6.80 10.88 17.55
N GLY B 159 -6.86 9.61 17.33
CA GLY B 159 -7.99 9.02 16.56
C GLY B 159 -7.90 9.46 15.10
N TRP B 160 -8.91 9.18 14.33
CA TRP B 160 -8.89 9.58 12.90
C TRP B 160 -9.17 11.08 12.79
N VAL B 161 -9.57 11.69 13.87
CA VAL B 161 -9.86 13.15 13.84
C VAL B 161 -8.54 13.92 13.75
N ALA B 162 -7.42 13.24 13.90
CA ALA B 162 -6.11 13.93 13.84
C ALA B 162 -5.71 14.15 12.37
N ALA B 163 -6.50 13.65 11.46
CA ALA B 163 -6.19 13.82 10.02
C ALA B 163 -6.31 15.30 9.65
N LEU B 164 -7.28 15.98 10.19
CA LEU B 164 -7.47 17.41 9.87
C LEU B 164 -6.28 18.20 10.41
N ASN B 165 -5.55 17.64 11.33
CA ASN B 165 -4.39 18.36 11.89
C ASN B 165 -3.10 17.92 11.18
N LEU B 166 -3.21 17.55 9.91
CA LEU B 166 -2.00 17.10 9.15
C LEU B 166 -1.55 18.24 8.20
N GLY B 167 -0.92 17.91 7.11
CA GLY B 167 -0.46 18.97 6.16
C GLY B 167 -1.65 19.78 5.68
N ASN B 168 -2.33 19.32 4.67
CA ASN B 168 -3.51 20.07 4.15
C ASN B 168 -4.62 20.04 5.19
N GLY B 169 -4.47 19.24 6.21
CA GLY B 169 -5.51 19.19 7.27
C GLY B 169 -6.90 19.04 6.64
N MET A 1 29.85 2.65 -11.17
CA MET A 1 29.20 3.92 -10.74
C MET A 1 28.65 3.76 -9.33
N GLN A 2 28.10 4.82 -8.79
CA GLN A 2 27.54 4.76 -7.40
C GLN A 2 26.04 5.05 -7.46
N ILE A 3 25.26 4.23 -6.82
CA ILE A 3 23.78 4.41 -6.82
C ILE A 3 23.32 4.63 -5.37
N PHE A 4 22.10 5.09 -5.18
CA PHE A 4 21.58 5.30 -3.80
C PHE A 4 20.26 4.55 -3.65
N VAL A 5 20.20 3.61 -2.76
CA VAL A 5 18.93 2.85 -2.57
C VAL A 5 18.16 3.47 -1.40
N LYS A 6 16.88 3.67 -1.55
CA LYS A 6 16.07 4.27 -0.46
C LYS A 6 15.19 3.19 0.17
N THR A 7 15.21 3.09 1.48
CA THR A 7 14.37 2.07 2.17
C THR A 7 13.08 2.73 2.67
N LEU A 8 12.22 1.97 3.30
CA LEU A 8 10.94 2.54 3.81
C LEU A 8 11.14 3.12 5.23
N THR A 9 12.34 3.03 5.75
CA THR A 9 12.61 3.57 7.12
C THR A 9 13.26 4.95 7.02
N GLY A 10 13.48 5.44 5.84
CA GLY A 10 14.10 6.79 5.69
C GLY A 10 15.63 6.67 5.70
N LYS A 11 16.13 5.47 5.58
CA LYS A 11 17.62 5.28 5.58
C LYS A 11 18.10 5.03 4.14
N THR A 12 19.09 5.76 3.72
CA THR A 12 19.62 5.59 2.33
C THR A 12 21.03 5.00 2.38
N ILE A 13 21.26 3.94 1.65
CA ILE A 13 22.60 3.29 1.64
C ILE A 13 23.23 3.38 0.24
N THR A 14 24.46 3.82 0.17
CA THR A 14 25.15 3.93 -1.15
C THR A 14 25.60 2.55 -1.63
N LEU A 15 25.88 2.41 -2.91
CA LEU A 15 26.34 1.09 -3.43
C LEU A 15 27.20 1.32 -4.68
N GLU A 16 28.31 0.64 -4.78
CA GLU A 16 29.19 0.81 -5.97
C GLU A 16 29.00 -0.38 -6.92
N VAL A 17 28.38 -0.15 -8.06
CA VAL A 17 28.14 -1.26 -9.03
C VAL A 17 28.45 -0.77 -10.45
N GLU A 18 28.28 -1.62 -11.45
CA GLU A 18 28.56 -1.20 -12.87
C GLU A 18 27.35 -1.55 -13.75
N PRO A 19 27.14 -0.83 -14.84
CA PRO A 19 26.00 -1.09 -15.79
C PRO A 19 25.98 -2.52 -16.34
N SER A 20 27.08 -3.21 -16.27
CA SER A 20 27.11 -4.62 -16.80
C SER A 20 26.85 -5.60 -15.66
N ASP A 21 26.64 -5.10 -14.48
CA ASP A 21 26.37 -6.01 -13.33
C ASP A 21 24.96 -6.58 -13.43
N THR A 22 24.76 -7.80 -13.01
CA THR A 22 23.39 -8.40 -13.08
C THR A 22 22.61 -8.04 -11.83
N ILE A 23 21.30 -8.10 -11.90
CA ILE A 23 20.48 -7.77 -10.70
C ILE A 23 20.78 -8.78 -9.60
N GLU A 24 21.11 -9.98 -9.99
CA GLU A 24 21.44 -11.02 -8.98
C GLU A 24 22.71 -10.62 -8.24
N ASN A 25 23.63 -9.97 -8.90
CA ASN A 25 24.89 -9.56 -8.21
C ASN A 25 24.55 -8.42 -7.26
N VAL A 26 23.71 -7.52 -7.67
CA VAL A 26 23.34 -6.37 -6.80
C VAL A 26 22.62 -6.83 -5.54
N LYS A 27 21.67 -7.72 -5.64
CA LYS A 27 20.94 -8.16 -4.42
C LYS A 27 21.93 -8.82 -3.45
N ALA A 28 22.88 -9.53 -3.99
CA ALA A 28 23.88 -10.19 -3.10
C ALA A 28 24.70 -9.12 -2.36
N LYS A 29 25.00 -8.04 -3.02
CA LYS A 29 25.80 -6.96 -2.38
C LYS A 29 24.99 -6.37 -1.21
N ILE A 30 23.70 -6.20 -1.38
CA ILE A 30 22.87 -5.64 -0.29
C ILE A 30 22.91 -6.56 0.92
N GLN A 31 22.75 -7.84 0.70
CA GLN A 31 22.80 -8.78 1.85
C GLN A 31 24.22 -8.83 2.42
N ASP A 32 25.20 -8.66 1.58
CA ASP A 32 26.61 -8.70 2.07
C ASP A 32 26.91 -7.47 2.92
N LYS A 33 26.22 -6.37 2.70
CA LYS A 33 26.46 -5.13 3.49
C LYS A 33 25.24 -4.78 4.35
N GLU A 34 24.19 -5.54 4.26
CA GLU A 34 22.98 -5.23 5.09
C GLU A 34 22.51 -6.51 5.77
N GLY A 35 22.39 -7.58 5.02
CA GLY A 35 21.93 -8.86 5.63
C GLY A 35 20.46 -9.10 5.31
N ILE A 36 19.95 -8.53 4.24
CA ILE A 36 18.51 -8.75 3.89
C ILE A 36 18.44 -9.89 2.86
N PRO A 37 17.89 -11.03 3.22
CA PRO A 37 17.79 -12.19 2.27
C PRO A 37 17.23 -11.77 0.91
N PRO A 38 17.87 -12.14 -0.17
CA PRO A 38 17.38 -11.79 -1.54
C PRO A 38 15.94 -12.25 -1.78
N ASP A 39 15.50 -13.24 -1.06
CA ASP A 39 14.11 -13.73 -1.26
C ASP A 39 13.11 -12.68 -0.77
N GLN A 40 13.57 -11.77 0.04
CA GLN A 40 12.67 -10.72 0.59
C GLN A 40 13.10 -9.35 0.02
N GLN A 41 13.34 -9.27 -1.28
CA GLN A 41 13.74 -7.97 -1.90
C GLN A 41 12.84 -7.68 -3.11
N ARG A 42 12.26 -6.51 -3.16
CA ARG A 42 11.34 -6.14 -4.29
C ARG A 42 11.77 -4.77 -4.84
N LEU A 43 12.86 -4.73 -5.57
CA LEU A 43 13.37 -3.45 -6.14
C LEU A 43 12.32 -2.85 -7.09
N ILE A 44 12.31 -1.54 -7.22
CA ILE A 44 11.31 -0.89 -8.13
C ILE A 44 11.95 0.29 -8.87
N PHE A 45 11.92 0.29 -10.18
CA PHE A 45 12.47 1.44 -10.95
C PHE A 45 11.44 1.88 -11.98
N ALA A 46 11.01 3.11 -11.93
CA ALA A 46 10.03 3.57 -12.95
C ALA A 46 8.73 2.74 -12.86
N GLY A 47 8.41 2.26 -11.69
CA GLY A 47 7.16 1.46 -11.54
C GLY A 47 7.30 0.13 -12.30
N LYS A 48 8.49 -0.40 -12.39
CA LYS A 48 8.69 -1.69 -13.11
C LYS A 48 9.52 -2.65 -12.26
N GLN A 49 9.10 -3.87 -12.15
CA GLN A 49 9.87 -4.87 -11.34
C GLN A 49 11.00 -5.47 -12.19
N LEU A 50 12.18 -4.90 -12.11
CA LEU A 50 13.31 -5.43 -12.92
C LEU A 50 13.37 -6.95 -12.79
N GLU A 51 13.82 -7.63 -13.81
CA GLU A 51 13.90 -9.11 -13.75
C GLU A 51 15.29 -9.51 -13.24
N ASP A 52 15.50 -10.77 -13.00
CA ASP A 52 16.84 -11.21 -12.50
C ASP A 52 17.66 -11.76 -13.66
N GLY A 53 17.10 -11.78 -14.85
CA GLY A 53 17.84 -12.31 -16.02
C GLY A 53 18.28 -11.16 -16.93
N ARG A 54 18.16 -9.94 -16.47
CA ARG A 54 18.56 -8.77 -17.32
C ARG A 54 19.62 -7.95 -16.60
N THR A 55 20.35 -7.15 -17.32
CA THR A 55 21.41 -6.32 -16.71
C THR A 55 20.89 -4.91 -16.40
N LEU A 56 21.75 -4.07 -15.89
CA LEU A 56 21.34 -2.67 -15.55
C LEU A 56 21.22 -1.86 -16.85
N SER A 57 22.11 -2.10 -17.78
CA SER A 57 22.06 -1.35 -19.07
C SER A 57 20.73 -1.67 -19.76
N ASP A 58 20.18 -2.82 -19.47
CA ASP A 58 18.89 -3.21 -20.11
C ASP A 58 17.82 -2.19 -19.75
N TYR A 59 17.81 -1.72 -18.55
CA TYR A 59 16.78 -0.74 -18.13
C TYR A 59 17.26 0.67 -18.44
N ASN A 60 18.52 0.80 -18.77
CA ASN A 60 19.08 2.14 -19.08
C ASN A 60 19.31 2.92 -17.78
N ILE A 61 19.62 2.26 -16.70
CA ILE A 61 19.84 3.00 -15.43
C ILE A 61 21.22 3.69 -15.50
N GLN A 62 21.23 4.99 -15.36
CA GLN A 62 22.53 5.72 -15.42
C GLN A 62 23.15 5.78 -14.02
N LYS A 63 24.08 6.68 -13.81
CA LYS A 63 24.73 6.80 -12.48
C LYS A 63 23.90 7.71 -11.59
N GLU A 64 24.18 7.72 -10.31
CA GLU A 64 23.42 8.59 -9.37
C GLU A 64 21.92 8.31 -9.51
N SER A 65 21.54 7.08 -9.75
CA SER A 65 20.10 6.76 -9.88
C SER A 65 19.56 6.31 -8.52
N THR A 66 18.27 6.45 -8.30
CA THR A 66 17.68 6.03 -7.00
C THR A 66 16.64 4.92 -7.24
N LEU A 67 16.70 3.87 -6.45
CA LEU A 67 15.75 2.73 -6.63
C LEU A 67 15.04 2.40 -5.31
N HIS A 68 13.75 2.23 -5.35
CA HIS A 68 13.00 1.90 -4.11
C HIS A 68 13.15 0.41 -3.75
N LEU A 69 12.95 0.08 -2.50
CA LEU A 69 13.06 -1.33 -2.05
C LEU A 69 11.86 -1.73 -1.19
N VAL A 70 11.02 -2.63 -1.63
CA VAL A 70 9.86 -3.05 -0.77
C VAL A 70 10.30 -4.32 -0.03
N LEU A 71 9.42 -5.28 0.12
CA LEU A 71 9.77 -6.53 0.85
C LEU A 71 8.57 -7.47 0.80
N ARG A 72 8.80 -8.73 0.54
CA ARG A 72 7.67 -9.71 0.48
C ARG A 72 7.86 -10.82 1.53
N LEU A 73 8.87 -10.69 2.36
CA LEU A 73 9.14 -11.71 3.43
C LEU A 73 8.60 -13.10 3.03
N ARG A 74 9.31 -13.78 2.18
CA ARG A 74 8.84 -15.12 1.74
C ARG A 74 8.82 -16.07 2.94
N GLY A 75 7.77 -16.85 3.07
CA GLY A 75 7.67 -17.79 4.22
C GLY A 75 7.09 -17.09 5.44
N CYS A 76 6.66 -15.86 5.31
CA CYS A 76 6.08 -15.13 6.47
C CYS A 76 5.09 -16.05 7.20
N ALA B 1 -16.47 16.57 15.76
CA ALA B 1 -16.88 15.64 16.86
C ALA B 1 -16.14 16.02 18.15
N LEU B 2 -16.23 15.19 19.15
CA LEU B 2 -15.54 15.49 20.43
C LEU B 2 -14.13 14.92 20.40
N PRO B 3 -13.21 15.48 21.14
CA PRO B 3 -11.80 14.99 21.18
C PRO B 3 -11.69 13.65 21.92
N SER B 4 -10.56 12.99 21.80
CA SER B 4 -10.39 11.69 22.49
C SER B 4 -11.19 10.61 21.76
N ALA B 5 -10.80 9.36 21.89
CA ALA B 5 -11.55 8.27 21.21
C ALA B 5 -11.05 6.92 21.74
N SER B 6 -11.90 5.93 21.73
CA SER B 6 -11.48 4.58 22.23
C SER B 6 -11.38 3.61 21.05
N GLU B 7 -10.89 2.42 21.30
CA GLU B 7 -10.74 1.44 20.19
C GLU B 7 -12.13 0.96 19.74
N GLU B 8 -13.12 1.15 20.55
CA GLU B 8 -14.50 0.71 20.16
C GLU B 8 -15.04 1.61 19.04
N GLN B 9 -14.76 2.88 19.10
CA GLN B 9 -15.26 3.81 18.05
C GLN B 9 -14.24 3.92 16.91
N VAL B 10 -13.02 3.51 17.13
CA VAL B 10 -12.00 3.58 16.05
C VAL B 10 -12.33 2.55 14.97
N ALA B 11 -12.83 1.41 15.36
CA ALA B 11 -13.16 0.36 14.37
C ALA B 11 -14.33 0.82 13.48
N GLN B 12 -15.17 1.70 13.98
CA GLN B 12 -16.31 2.17 13.16
C GLN B 12 -15.84 3.29 12.21
N ASP B 13 -14.96 4.13 12.68
CA ASP B 13 -14.45 5.23 11.81
C ASP B 13 -13.42 4.66 10.85
N THR B 14 -12.90 3.49 11.13
CA THR B 14 -11.89 2.88 10.22
C THR B 14 -12.60 2.30 8.99
N GLU B 15 -13.70 1.64 9.19
CA GLU B 15 -14.44 1.05 8.03
C GLU B 15 -15.07 2.16 7.20
N GLU B 16 -15.61 3.17 7.83
CA GLU B 16 -16.25 4.29 7.08
C GLU B 16 -15.18 5.10 6.32
N VAL B 17 -14.03 5.28 6.87
CA VAL B 17 -12.98 6.07 6.16
C VAL B 17 -12.22 5.14 5.21
N PHE B 18 -12.39 3.86 5.37
CA PHE B 18 -11.71 2.89 4.47
C PHE B 18 -12.39 2.96 3.11
N ARG B 19 -13.69 2.97 3.15
CA ARG B 19 -14.50 3.01 1.92
C ARG B 19 -14.63 4.45 1.39
N SER B 20 -14.94 5.38 2.24
CA SER B 20 -15.06 6.80 1.81
C SER B 20 -13.78 7.24 1.10
N TYR B 21 -12.68 6.64 1.46
CA TYR B 21 -11.38 7.02 0.84
C TYR B 21 -11.21 6.34 -0.51
N VAL B 22 -11.36 5.05 -0.59
CA VAL B 22 -11.17 4.37 -1.90
C VAL B 22 -12.26 4.84 -2.88
N PHE B 23 -13.35 5.38 -2.39
CA PHE B 23 -14.41 5.86 -3.31
C PHE B 23 -13.96 7.17 -3.97
N TYR B 24 -13.61 8.15 -3.18
CA TYR B 24 -13.18 9.46 -3.77
C TYR B 24 -11.91 9.25 -4.61
N ARG B 25 -11.15 8.24 -4.31
CA ARG B 25 -9.92 8.00 -5.09
C ARG B 25 -10.27 7.38 -6.45
N HIS B 26 -11.17 6.44 -6.48
CA HIS B 26 -11.53 5.81 -7.78
C HIS B 26 -12.47 6.74 -8.55
N GLN B 27 -13.20 7.58 -7.86
CA GLN B 27 -14.14 8.50 -8.56
C GLN B 27 -13.36 9.44 -9.48
N GLN B 28 -12.27 9.98 -9.00
CA GLN B 28 -11.46 10.90 -9.85
C GLN B 28 -10.69 10.09 -10.89
N GLU B 29 -10.21 8.94 -10.50
CA GLU B 29 -9.45 8.09 -11.46
C GLU B 29 -10.35 7.66 -12.61
N GLN B 30 -11.63 7.63 -12.40
CA GLN B 30 -12.56 7.22 -13.48
C GLN B 30 -12.48 8.21 -14.64
N GLU B 31 -12.33 9.47 -14.35
CA GLU B 31 -12.25 10.49 -15.44
C GLU B 31 -11.00 10.24 -16.30
N ALA B 32 -9.90 9.91 -15.70
CA ALA B 32 -8.66 9.66 -16.49
C ALA B 32 -8.74 8.29 -17.17
N GLU B 33 -8.85 7.24 -16.41
CA GLU B 33 -8.94 5.87 -17.01
C GLU B 33 -10.12 5.12 -16.41
N GLY B 34 -10.32 3.90 -16.80
CA GLY B 34 -11.46 3.10 -16.27
C GLY B 34 -10.94 1.80 -15.67
N VAL B 35 -9.66 1.71 -15.45
CA VAL B 35 -9.09 0.45 -14.87
C VAL B 35 -9.83 0.12 -13.57
N ALA B 36 -10.25 -1.10 -13.41
CA ALA B 36 -10.97 -1.50 -12.16
C ALA B 36 -12.11 -0.51 -11.90
N ALA B 37 -12.75 -0.02 -12.93
CA ALA B 37 -13.87 0.94 -12.76
C ALA B 37 -15.01 0.26 -11.98
N PRO B 38 -15.88 1.06 -11.41
CA PRO B 38 -17.04 0.54 -10.62
C PRO B 38 -18.13 -0.08 -11.50
N ALA B 39 -19.22 -0.48 -10.92
CA ALA B 39 -20.31 -1.10 -11.72
C ALA B 39 -21.21 -0.02 -12.32
N ASP B 40 -20.64 0.98 -12.92
CA ASP B 40 -21.45 2.08 -13.53
C ASP B 40 -22.31 2.75 -12.45
N PRO B 41 -22.76 3.96 -12.72
CA PRO B 41 -23.60 4.74 -11.75
C PRO B 41 -25.03 4.21 -11.65
N GLU B 42 -25.26 3.29 -10.75
CA GLU B 42 -26.63 2.72 -10.59
C GLU B 42 -26.85 2.33 -9.12
N MET B 43 -27.77 1.43 -8.87
CA MET B 43 -28.03 1.01 -7.46
C MET B 43 -26.81 0.27 -6.91
N VAL B 44 -26.05 -0.35 -7.77
CA VAL B 44 -24.84 -1.10 -7.30
C VAL B 44 -23.73 -0.11 -6.95
N THR B 45 -24.06 1.14 -6.80
CA THR B 45 -23.03 2.15 -6.45
C THR B 45 -22.64 2.03 -4.97
N LEU B 46 -21.76 2.88 -4.53
CA LEU B 46 -21.29 2.80 -3.13
C LEU B 46 -21.89 3.96 -2.30
N PRO B 47 -22.99 3.73 -1.62
CA PRO B 47 -23.69 4.78 -0.80
C PRO B 47 -22.98 5.10 0.52
N LEU B 48 -22.03 5.98 0.50
CA LEU B 48 -21.33 6.37 1.76
C LEU B 48 -22.15 7.43 2.48
N GLN B 49 -21.70 7.91 3.61
CA GLN B 49 -22.42 8.97 4.37
C GLN B 49 -21.50 10.19 4.56
N PRO B 50 -21.40 11.04 3.57
CA PRO B 50 -20.55 12.26 3.63
C PRO B 50 -21.10 13.28 4.64
N SER B 51 -22.24 13.01 5.20
CA SER B 51 -22.85 13.97 6.16
C SER B 51 -22.06 13.95 7.47
N SER B 52 -21.21 12.98 7.66
CA SER B 52 -20.40 12.90 8.92
C SER B 52 -19.04 13.56 8.72
N THR B 53 -18.40 13.93 9.79
CA THR B 53 -17.05 14.58 9.69
C THR B 53 -16.07 13.63 9.03
N MET B 54 -16.24 12.35 9.22
CA MET B 54 -15.30 11.36 8.62
C MET B 54 -15.28 11.51 7.10
N GLY B 55 -16.30 12.14 6.56
CA GLY B 55 -16.36 12.34 5.08
C GLY B 55 -15.19 13.23 4.66
N GLN B 56 -14.83 14.18 5.47
CA GLN B 56 -13.70 15.08 5.11
C GLN B 56 -12.39 14.38 5.41
N VAL B 57 -12.41 13.37 6.23
CA VAL B 57 -11.15 12.65 6.55
C VAL B 57 -10.68 11.90 5.31
N GLY B 58 -11.58 11.26 4.60
CA GLY B 58 -11.14 10.51 3.38
C GLY B 58 -10.64 11.48 2.31
N ARG B 59 -11.31 12.59 2.14
CA ARG B 59 -10.88 13.58 1.11
C ARG B 59 -9.46 14.08 1.38
N GLN B 60 -9.13 14.39 2.60
CA GLN B 60 -7.77 14.91 2.89
C GLN B 60 -6.73 13.80 2.70
N LEU B 61 -6.96 12.65 3.28
CA LEU B 61 -5.98 11.54 3.11
C LEU B 61 -5.85 11.17 1.63
N ALA B 62 -6.86 11.41 0.86
CA ALA B 62 -6.78 11.08 -0.59
C ALA B 62 -5.91 12.12 -1.31
N ILE B 63 -5.57 13.19 -0.63
CA ILE B 63 -4.71 14.24 -1.26
C ILE B 63 -3.26 14.00 -0.86
N ILE B 64 -3.00 13.72 0.38
CA ILE B 64 -1.60 13.49 0.83
C ILE B 64 -1.05 12.20 0.21
N GLY B 65 -1.89 11.23 -0.03
CA GLY B 65 -1.40 9.94 -0.61
C GLY B 65 -1.89 9.80 -2.05
N ASP B 66 -1.74 10.83 -2.83
CA ASP B 66 -2.19 10.75 -4.25
C ASP B 66 -1.00 10.39 -5.16
N ASP B 67 0.03 11.19 -5.14
CA ASP B 67 1.20 10.90 -6.00
C ASP B 67 1.96 9.69 -5.46
N ILE B 68 2.11 9.60 -4.17
CA ILE B 68 2.84 8.45 -3.56
C ILE B 68 2.09 7.15 -3.85
N ASN B 69 0.81 7.23 -4.07
CA ASN B 69 0.03 5.99 -4.35
C ASN B 69 0.33 5.52 -5.77
N ARG B 70 0.25 6.40 -6.73
CA ARG B 70 0.52 5.99 -8.13
C ARG B 70 2.01 5.66 -8.33
N ARG B 71 2.87 6.21 -7.53
CA ARG B 71 4.32 5.93 -7.71
C ARG B 71 4.56 4.41 -7.78
N TYR B 72 4.07 3.65 -6.83
CA TYR B 72 4.25 2.15 -6.87
C TYR B 72 2.89 1.46 -6.98
N ASP B 73 2.10 1.85 -7.95
CA ASP B 73 0.76 1.21 -8.13
C ASP B 73 0.78 0.33 -9.38
N SER B 74 1.48 0.78 -10.40
CA SER B 74 1.56 -0.01 -11.66
C SER B 74 2.32 -1.30 -11.37
N GLU B 75 3.15 -1.28 -10.36
CA GLU B 75 3.93 -2.49 -10.01
C GLU B 75 3.12 -3.29 -8.99
N PHE B 76 2.23 -2.63 -8.29
CA PHE B 76 1.40 -3.36 -7.29
C PHE B 76 0.49 -4.34 -8.03
N GLN B 77 -0.17 -3.90 -9.06
CA GLN B 77 -1.08 -4.81 -9.82
C GLN B 77 -0.25 -5.83 -10.62
N THR B 78 0.90 -5.42 -11.10
CA THR B 78 1.75 -6.35 -11.91
C THR B 78 2.13 -7.57 -11.09
N MET B 79 2.58 -7.39 -9.88
CA MET B 79 2.96 -8.57 -9.05
C MET B 79 1.70 -9.23 -8.51
N LEU B 80 0.64 -8.49 -8.36
CA LEU B 80 -0.61 -9.09 -7.84
C LEU B 80 -1.10 -10.17 -8.81
N GLN B 81 -0.94 -9.91 -10.09
CA GLN B 81 -1.38 -10.90 -11.09
C GLN B 81 -0.53 -12.15 -10.96
N HIS B 82 0.75 -11.97 -10.68
CA HIS B 82 1.66 -13.14 -10.53
C HIS B 82 1.33 -13.83 -9.22
N LEU B 83 0.56 -13.18 -8.39
CA LEU B 83 0.21 -13.80 -7.09
C LEU B 83 -1.00 -14.70 -7.31
N GLN B 84 -2.10 -14.16 -7.75
CA GLN B 84 -3.29 -15.03 -8.00
C GLN B 84 -3.71 -15.73 -6.70
N PRO B 85 -4.17 -14.99 -5.74
CA PRO B 85 -4.59 -15.54 -4.42
C PRO B 85 -5.96 -16.22 -4.49
N THR B 86 -6.44 -16.73 -3.39
CA THR B 86 -7.76 -17.42 -3.38
C THR B 86 -8.54 -16.95 -2.15
N ALA B 87 -9.80 -17.31 -2.07
CA ALA B 87 -10.64 -16.87 -0.92
C ALA B 87 -10.24 -17.64 0.34
N GLU B 88 -9.52 -18.71 0.20
CA GLU B 88 -9.12 -19.52 1.39
C GLU B 88 -7.81 -18.96 1.97
N ASN B 89 -6.97 -18.42 1.13
CA ASN B 89 -5.66 -17.88 1.61
C ASN B 89 -5.56 -16.39 1.28
N ALA B 90 -6.67 -15.72 1.20
CA ALA B 90 -6.63 -14.27 0.88
C ALA B 90 -5.97 -13.49 2.03
N TYR B 91 -6.26 -13.86 3.26
CA TYR B 91 -5.67 -13.15 4.43
C TYR B 91 -4.25 -13.65 4.69
N GLU B 92 -3.91 -14.76 4.11
CA GLU B 92 -2.53 -15.32 4.32
C GLU B 92 -1.53 -14.54 3.47
N TYR B 93 -1.99 -13.90 2.43
CA TYR B 93 -1.06 -13.11 1.56
C TYR B 93 -1.12 -11.64 1.97
N PHE B 94 -2.29 -11.14 2.22
CA PHE B 94 -2.41 -9.71 2.63
C PHE B 94 -1.68 -9.48 3.96
N THR B 95 -1.89 -10.35 4.91
CA THR B 95 -1.22 -10.21 6.23
C THR B 95 0.30 -10.31 6.05
N CYS B 96 0.73 -10.91 4.97
CA CYS B 96 2.20 -11.05 4.73
C CYS B 96 2.77 -9.72 4.25
N ILE B 97 2.17 -9.13 3.26
CA ILE B 97 2.69 -7.82 2.77
C ILE B 97 2.59 -6.80 3.90
N ALA B 98 1.48 -6.78 4.60
CA ALA B 98 1.34 -5.79 5.71
C ALA B 98 2.44 -6.02 6.75
N THR B 99 2.42 -7.15 7.40
CA THR B 99 3.48 -7.41 8.43
C THR B 99 4.84 -7.15 7.81
N SER B 100 4.96 -7.34 6.53
CA SER B 100 6.28 -7.10 5.85
C SER B 100 6.45 -5.60 5.64
N LEU B 101 5.39 -4.84 5.70
CA LEU B 101 5.50 -3.36 5.49
C LEU B 101 5.74 -2.66 6.83
N PHE B 102 4.92 -2.87 7.83
CA PHE B 102 5.19 -2.16 9.11
C PHE B 102 6.34 -2.86 9.85
N GLU B 103 6.96 -3.83 9.23
CA GLU B 103 8.07 -4.54 9.93
C GLU B 103 9.11 -3.53 10.38
N SER B 104 9.37 -2.53 9.58
CA SER B 104 10.38 -1.51 9.97
C SER B 104 9.81 -0.63 11.09
N GLY B 105 8.55 -0.31 11.01
CA GLY B 105 7.94 0.56 12.06
C GLY B 105 6.52 0.94 11.62
N ILE B 106 5.94 1.91 12.27
CA ILE B 106 4.55 2.34 11.92
C ILE B 106 4.53 3.84 11.70
N ASN B 107 3.92 4.29 10.64
CA ASN B 107 3.88 5.75 10.37
C ASN B 107 2.60 6.11 9.59
N TRP B 108 2.31 7.37 9.50
CA TRP B 108 1.11 7.81 8.75
C TRP B 108 1.24 7.39 7.28
N GLY B 109 2.44 7.45 6.75
CA GLY B 109 2.67 7.05 5.33
C GLY B 109 2.48 5.53 5.23
N ARG B 110 2.84 4.82 6.26
CA ARG B 110 2.71 3.34 6.24
C ARG B 110 1.24 2.94 6.41
N VAL B 111 0.44 3.82 6.92
CA VAL B 111 -1.00 3.49 7.13
C VAL B 111 -1.77 3.71 5.83
N VAL B 112 -1.60 4.85 5.21
CA VAL B 112 -2.33 5.14 3.94
C VAL B 112 -1.93 4.15 2.85
N ALA B 113 -0.72 3.70 2.86
CA ALA B 113 -0.28 2.74 1.82
C ALA B 113 -1.06 1.42 1.96
N LEU B 114 -1.46 1.05 3.15
CA LEU B 114 -2.18 -0.25 3.31
C LEU B 114 -3.54 -0.21 2.58
N LEU B 115 -4.31 0.81 2.83
CA LEU B 115 -5.64 0.94 2.19
C LEU B 115 -5.50 1.05 0.68
N GLY B 116 -4.51 1.76 0.20
CA GLY B 116 -4.35 1.92 -1.27
C GLY B 116 -4.21 0.56 -1.97
N PHE B 117 -3.42 -0.34 -1.43
CA PHE B 117 -3.28 -1.67 -2.12
C PHE B 117 -4.27 -2.65 -1.50
N GLY B 118 -5.24 -2.16 -0.79
CA GLY B 118 -6.24 -3.05 -0.14
C GLY B 118 -7.55 -3.01 -0.93
N TYR B 119 -7.56 -2.38 -2.09
CA TYR B 119 -8.82 -2.30 -2.88
C TYR B 119 -8.76 -3.32 -4.03
N ARG B 120 -8.07 -3.00 -5.10
CA ARG B 120 -7.98 -3.93 -6.26
C ARG B 120 -7.90 -5.38 -5.76
N LEU B 121 -7.23 -5.59 -4.65
CA LEU B 121 -7.09 -6.98 -4.12
C LEU B 121 -8.49 -7.57 -3.91
N ALA B 122 -9.38 -6.89 -3.24
CA ALA B 122 -10.74 -7.44 -3.03
C ALA B 122 -11.52 -7.43 -4.34
N LEU B 123 -11.44 -6.36 -5.09
CA LEU B 123 -12.19 -6.27 -6.37
C LEU B 123 -11.66 -7.32 -7.35
N HIS B 124 -10.40 -7.67 -7.25
CA HIS B 124 -9.83 -8.68 -8.18
C HIS B 124 -10.63 -9.98 -8.03
N VAL B 125 -11.03 -10.27 -6.82
CA VAL B 125 -11.82 -11.51 -6.57
C VAL B 125 -13.25 -11.29 -7.08
N TYR B 126 -13.79 -10.13 -6.83
CA TYR B 126 -15.18 -9.85 -7.28
C TYR B 126 -15.30 -10.16 -8.77
N GLN B 127 -14.53 -9.52 -9.62
CA GLN B 127 -14.63 -9.79 -11.07
C GLN B 127 -14.39 -11.27 -11.34
N HIS B 128 -13.35 -11.84 -10.80
CA HIS B 128 -13.07 -13.28 -11.01
C HIS B 128 -14.39 -14.03 -11.04
N GLY B 129 -15.30 -13.74 -10.15
CA GLY B 129 -16.60 -14.45 -10.17
C GLY B 129 -17.05 -14.71 -8.73
N LEU B 130 -16.23 -14.39 -7.75
CA LEU B 130 -16.64 -14.63 -6.34
C LEU B 130 -17.44 -13.42 -5.84
N THR B 131 -18.66 -13.30 -6.28
CA THR B 131 -19.51 -12.15 -5.84
C THR B 131 -19.75 -12.25 -4.33
N GLY B 132 -19.67 -11.15 -3.64
CA GLY B 132 -19.89 -11.17 -2.16
C GLY B 132 -18.54 -11.21 -1.44
N PHE B 133 -17.63 -10.33 -1.82
CA PHE B 133 -16.30 -10.31 -1.17
C PHE B 133 -16.13 -8.99 -0.40
N LEU B 134 -16.89 -7.99 -0.74
CA LEU B 134 -16.76 -6.67 -0.03
C LEU B 134 -17.02 -6.88 1.46
N GLY B 135 -18.05 -7.60 1.80
CA GLY B 135 -18.34 -7.85 3.23
C GLY B 135 -17.21 -8.67 3.85
N GLN B 136 -16.60 -9.53 3.08
CA GLN B 136 -15.51 -10.39 3.63
C GLN B 136 -14.27 -9.55 3.95
N VAL B 137 -13.81 -8.73 3.02
CA VAL B 137 -12.60 -7.91 3.28
C VAL B 137 -12.84 -6.98 4.47
N THR B 138 -14.04 -6.50 4.64
CA THR B 138 -14.32 -5.60 5.79
C THR B 138 -14.17 -6.37 7.10
N ARG B 139 -14.96 -7.40 7.27
CA ARG B 139 -14.89 -8.22 8.51
C ARG B 139 -13.54 -8.96 8.58
N PHE B 140 -12.58 -8.55 7.79
CA PHE B 140 -11.25 -9.21 7.83
C PHE B 140 -10.19 -8.18 8.28
N VAL B 141 -10.19 -7.02 7.68
CA VAL B 141 -9.18 -5.98 8.07
C VAL B 141 -9.46 -5.49 9.50
N VAL B 142 -10.68 -5.14 9.80
CA VAL B 142 -10.99 -4.66 11.18
C VAL B 142 -10.45 -5.67 12.20
N ASP B 143 -10.51 -6.94 11.89
CA ASP B 143 -9.99 -7.94 12.86
C ASP B 143 -8.47 -7.85 12.92
N PHE B 144 -7.82 -7.68 11.80
CA PHE B 144 -6.33 -7.59 11.81
C PHE B 144 -5.87 -6.29 12.44
N MET B 145 -6.57 -5.19 12.24
CA MET B 145 -6.12 -3.91 12.84
C MET B 145 -6.25 -4.00 14.37
N LEU B 146 -7.25 -4.69 14.86
CA LEU B 146 -7.42 -4.83 16.35
C LEU B 146 -6.51 -5.92 16.88
N HIS B 147 -6.10 -6.81 16.03
CA HIS B 147 -5.21 -7.90 16.50
C HIS B 147 -3.76 -7.46 16.45
N HIS B 148 -3.44 -6.55 15.56
CA HIS B 148 -2.04 -6.08 15.45
C HIS B 148 -1.86 -4.82 16.33
N CYS B 149 -2.82 -4.51 17.17
CA CYS B 149 -2.68 -3.30 18.05
C CYS B 149 -2.66 -2.01 17.23
N ILE B 150 -3.19 -2.02 16.04
CA ILE B 150 -3.22 -0.78 15.23
C ILE B 150 -4.24 0.20 15.77
N ALA B 151 -5.36 -0.29 16.25
CA ALA B 151 -6.41 0.62 16.77
C ALA B 151 -5.85 1.48 17.91
N ARG B 152 -5.14 0.88 18.84
CA ARG B 152 -4.58 1.68 19.96
C ARG B 152 -3.74 2.84 19.41
N TRP B 153 -2.71 2.53 18.67
CA TRP B 153 -1.85 3.60 18.10
C TRP B 153 -2.71 4.73 17.53
N ILE B 154 -3.68 4.41 16.71
CA ILE B 154 -4.54 5.47 16.13
C ILE B 154 -5.22 6.24 17.26
N ALA B 155 -5.67 5.56 18.29
CA ALA B 155 -6.34 6.26 19.42
C ALA B 155 -5.31 7.19 20.09
N GLN B 156 -4.09 6.73 20.22
CA GLN B 156 -3.03 7.56 20.86
C GLN B 156 -2.66 8.73 19.93
N ARG B 157 -2.91 8.58 18.65
CA ARG B 157 -2.57 9.66 17.67
C ARG B 157 -3.66 10.73 17.67
N GLY B 158 -4.74 10.50 18.37
CA GLY B 158 -5.85 11.51 18.40
C GLY B 158 -7.04 11.00 17.59
N GLY B 159 -7.09 9.73 17.34
CA GLY B 159 -8.23 9.18 16.56
C GLY B 159 -8.15 9.63 15.10
N TRP B 160 -9.16 9.35 14.34
CA TRP B 160 -9.16 9.77 12.91
C TRP B 160 -9.41 11.27 12.84
N VAL B 161 -9.82 11.87 13.93
CA VAL B 161 -10.08 13.34 13.92
C VAL B 161 -8.75 14.10 13.86
N ALA B 162 -7.65 13.42 14.02
CA ALA B 162 -6.33 14.11 13.96
C ALA B 162 -5.94 14.34 12.50
N ALA B 163 -6.71 13.83 11.59
CA ALA B 163 -6.40 14.02 10.15
C ALA B 163 -6.51 15.50 9.78
N LEU B 164 -7.47 16.19 10.30
CA LEU B 164 -7.65 17.63 9.96
C LEU B 164 -6.44 18.43 10.47
N ASN B 165 -5.67 17.86 11.37
CA ASN B 165 -4.49 18.59 11.91
C ASN B 165 -3.21 18.19 11.18
N LEU B 166 -3.28 17.86 9.91
CA LEU B 166 -2.03 17.48 9.16
C LEU B 166 -1.61 18.64 8.24
N GLY B 167 -0.96 18.36 7.15
CA GLY B 167 -0.50 19.45 6.22
C GLY B 167 -1.68 20.31 5.76
N ASN B 168 -2.38 19.87 4.74
CA ASN B 168 -3.53 20.66 4.23
C ASN B 168 -4.66 20.67 5.25
N GLY B 169 -4.56 19.86 6.27
CA GLY B 169 -5.62 19.82 7.31
C GLY B 169 -6.99 19.68 6.65
N MET A 1 29.25 3.24 -11.34
CA MET A 1 28.58 4.51 -10.93
C MET A 1 28.05 4.36 -9.51
N GLN A 2 27.49 5.40 -8.94
CA GLN A 2 26.96 5.32 -7.55
C GLN A 2 25.45 5.57 -7.56
N ILE A 3 24.69 4.70 -6.93
CA ILE A 3 23.21 4.86 -6.90
C ILE A 3 22.75 5.07 -5.45
N PHE A 4 21.52 5.48 -5.25
CA PHE A 4 21.01 5.70 -3.86
C PHE A 4 19.70 4.94 -3.68
N VAL A 5 19.65 4.01 -2.76
CA VAL A 5 18.39 3.24 -2.54
C VAL A 5 17.63 3.84 -1.36
N LYS A 6 16.33 4.02 -1.50
CA LYS A 6 15.53 4.61 -0.37
C LYS A 6 14.70 3.51 0.28
N THR A 7 14.75 3.41 1.58
CA THR A 7 13.95 2.37 2.28
C THR A 7 12.64 2.97 2.79
N LEU A 8 11.82 2.18 3.41
CA LEU A 8 10.52 2.71 3.92
C LEU A 8 10.73 3.28 5.33
N THR A 9 11.94 3.24 5.83
CA THR A 9 12.21 3.77 7.20
C THR A 9 12.81 5.17 7.09
N GLY A 10 12.99 5.66 5.89
CA GLY A 10 13.57 7.03 5.72
C GLY A 10 15.10 6.94 5.70
N LYS A 11 15.63 5.75 5.56
CA LYS A 11 17.12 5.59 5.54
C LYS A 11 17.58 5.37 4.10
N THR A 12 18.55 6.14 3.65
CA THR A 12 19.06 5.98 2.25
C THR A 12 20.48 5.42 2.28
N ILE A 13 20.73 4.37 1.55
CA ILE A 13 22.10 3.75 1.54
C ILE A 13 22.69 3.88 0.14
N THR A 14 23.91 4.35 0.04
CA THR A 14 24.57 4.49 -1.29
C THR A 14 25.01 3.11 -1.80
N LEU A 15 25.29 2.99 -3.07
CA LEU A 15 25.73 1.68 -3.60
C LEU A 15 26.57 1.90 -4.87
N GLU A 16 27.69 1.23 -4.97
CA GLU A 16 28.57 1.40 -6.18
C GLU A 16 28.38 0.21 -7.12
N VAL A 17 27.73 0.41 -8.24
CA VAL A 17 27.51 -0.72 -9.19
C VAL A 17 27.80 -0.24 -10.62
N GLU A 18 27.64 -1.10 -11.59
CA GLU A 18 27.91 -0.69 -13.01
C GLU A 18 26.71 -1.07 -13.90
N PRO A 19 26.44 -0.31 -14.96
CA PRO A 19 25.30 -0.58 -15.88
C PRO A 19 25.30 -2.01 -16.43
N SER A 20 26.43 -2.69 -16.36
CA SER A 20 26.50 -4.09 -16.88
C SER A 20 26.28 -5.07 -15.72
N ASP A 21 26.06 -4.57 -14.54
CA ASP A 21 25.83 -5.48 -13.38
C ASP A 21 24.43 -6.08 -13.45
N THR A 22 24.27 -7.29 -12.99
CA THR A 22 22.94 -7.94 -13.05
C THR A 22 22.17 -7.62 -11.76
N ILE A 23 20.86 -7.70 -11.79
CA ILE A 23 20.05 -7.41 -10.57
C ILE A 23 20.39 -8.42 -9.46
N GLU A 24 20.75 -9.63 -9.81
CA GLU A 24 21.08 -10.64 -8.76
C GLU A 24 22.37 -10.23 -8.04
N ASN A 25 23.24 -9.55 -8.71
CA ASN A 25 24.51 -9.12 -8.07
C ASN A 25 24.22 -7.96 -7.13
N VAL A 26 23.43 -7.03 -7.57
CA VAL A 26 23.10 -5.86 -6.71
C VAL A 26 22.43 -6.35 -5.44
N LYS A 27 21.54 -7.30 -5.55
CA LYS A 27 20.85 -7.82 -4.34
C LYS A 27 21.90 -8.43 -3.39
N ALA A 28 22.86 -9.12 -3.91
CA ALA A 28 23.89 -9.72 -3.03
C ALA A 28 24.67 -8.60 -2.31
N LYS A 29 24.85 -7.47 -2.94
CA LYS A 29 25.60 -6.35 -2.29
C LYS A 29 24.78 -5.76 -1.11
N ILE A 30 23.49 -5.66 -1.26
CA ILE A 30 22.66 -5.07 -0.14
C ILE A 30 22.72 -6.00 1.09
N GLN A 31 22.58 -7.29 0.91
CA GLN A 31 22.63 -8.21 2.07
C GLN A 31 24.05 -8.25 2.62
N ASP A 32 25.03 -7.99 1.79
CA ASP A 32 26.44 -8.02 2.25
C ASP A 32 26.75 -6.78 3.08
N LYS A 33 26.01 -5.72 2.88
CA LYS A 33 26.25 -4.46 3.65
C LYS A 33 25.03 -4.16 4.54
N GLU A 34 23.99 -4.94 4.43
CA GLU A 34 22.77 -4.68 5.29
C GLU A 34 22.35 -5.97 5.97
N GLY A 35 22.26 -7.04 5.26
CA GLY A 35 21.86 -8.33 5.88
C GLY A 35 20.39 -8.63 5.56
N ILE A 36 19.88 -8.09 4.48
CA ILE A 36 18.46 -8.34 4.12
C ILE A 36 18.38 -9.48 3.06
N PRO A 37 17.86 -10.64 3.41
CA PRO A 37 17.75 -11.81 2.45
C PRO A 37 17.13 -11.41 1.09
N PRO A 38 17.80 -11.71 -0.04
CA PRO A 38 17.27 -11.40 -1.41
C PRO A 38 15.85 -11.92 -1.63
N ASP A 39 15.44 -12.92 -0.92
CA ASP A 39 14.08 -13.46 -1.10
C ASP A 39 13.05 -12.45 -0.57
N GLN A 40 13.48 -11.51 0.23
CA GLN A 40 12.55 -10.50 0.80
C GLN A 40 12.93 -9.09 0.25
N GLN A 41 13.14 -8.98 -1.04
CA GLN A 41 13.50 -7.66 -1.64
C GLN A 41 12.59 -7.37 -2.83
N ARG A 42 11.99 -6.21 -2.87
CA ARG A 42 11.08 -5.87 -4.00
C ARG A 42 11.47 -4.48 -4.58
N LEU A 43 12.60 -4.43 -5.24
CA LEU A 43 13.07 -3.13 -5.83
C LEU A 43 11.96 -2.55 -6.74
N ILE A 44 11.93 -1.24 -6.93
CA ILE A 44 10.88 -0.59 -7.80
C ILE A 44 11.47 0.61 -8.56
N PHE A 45 11.31 0.64 -9.87
CA PHE A 45 11.83 1.80 -10.67
C PHE A 45 10.83 2.24 -11.76
N ALA A 46 10.35 3.44 -11.72
CA ALA A 46 9.38 3.88 -12.75
C ALA A 46 8.10 3.04 -12.62
N GLY A 47 7.79 2.57 -11.44
CA GLY A 47 6.55 1.75 -11.26
C GLY A 47 6.71 0.41 -12.01
N LYS A 48 7.89 -0.14 -12.08
CA LYS A 48 8.10 -1.45 -12.78
C LYS A 48 8.94 -2.41 -11.91
N GLN A 49 8.51 -3.63 -11.73
CA GLN A 49 9.29 -4.61 -10.90
C GLN A 49 10.45 -5.20 -11.73
N LEU A 50 11.62 -4.62 -11.65
CA LEU A 50 12.80 -5.15 -12.43
C LEU A 50 12.85 -6.67 -12.32
N GLU A 51 13.29 -7.35 -13.35
CA GLU A 51 13.40 -8.83 -13.27
C GLU A 51 14.81 -9.19 -12.79
N ASP A 52 15.06 -10.45 -12.59
CA ASP A 52 16.41 -10.88 -12.13
C ASP A 52 17.23 -11.42 -13.31
N GLY A 53 16.65 -11.47 -14.49
CA GLY A 53 17.38 -11.98 -15.69
C GLY A 53 17.77 -10.82 -16.62
N ARG A 54 17.61 -9.59 -16.17
CA ARG A 54 17.97 -8.41 -17.04
C ARG A 54 19.04 -7.55 -16.35
N THR A 55 19.73 -6.72 -17.10
CA THR A 55 20.79 -5.86 -16.48
C THR A 55 20.21 -4.46 -16.19
N LEU A 56 21.04 -3.55 -15.73
CA LEU A 56 20.54 -2.17 -15.44
C LEU A 56 20.37 -1.38 -16.74
N SER A 57 21.22 -1.62 -17.70
CA SER A 57 21.11 -0.90 -18.99
C SER A 57 19.80 -1.27 -19.67
N ASP A 58 19.28 -2.42 -19.37
CA ASP A 58 18.00 -2.85 -20.00
C ASP A 58 16.91 -1.84 -19.64
N TYR A 59 16.94 -1.33 -18.44
CA TYR A 59 15.90 -0.34 -18.02
C TYR A 59 16.37 1.07 -18.33
N ASN A 60 17.64 1.23 -18.65
CA ASN A 60 18.17 2.59 -19.00
C ASN A 60 18.48 3.35 -17.71
N ILE A 61 18.87 2.68 -16.67
CA ILE A 61 19.17 3.39 -15.39
C ILE A 61 20.51 4.10 -15.51
N GLN A 62 20.52 5.41 -15.41
CA GLN A 62 21.80 6.16 -15.52
C GLN A 62 22.46 6.23 -14.14
N LYS A 63 23.37 7.15 -13.95
CA LYS A 63 24.04 7.27 -12.62
C LYS A 63 23.22 8.18 -11.70
N GLU A 64 23.51 8.18 -10.42
CA GLU A 64 22.74 9.05 -9.47
C GLU A 64 21.25 8.74 -9.57
N SER A 65 20.91 7.49 -9.79
CA SER A 65 19.46 7.12 -9.90
C SER A 65 18.95 6.65 -8.53
N THR A 66 17.67 6.77 -8.28
CA THR A 66 17.11 6.33 -6.97
C THR A 66 16.08 5.22 -7.19
N LEU A 67 16.14 4.17 -6.40
CA LEU A 67 15.16 3.04 -6.55
C LEU A 67 14.48 2.74 -5.21
N HIS A 68 13.17 2.63 -5.19
CA HIS A 68 12.45 2.33 -3.90
C HIS A 68 12.67 0.86 -3.52
N LEU A 69 12.50 0.53 -2.25
CA LEU A 69 12.70 -0.89 -1.80
C LEU A 69 11.53 -1.34 -0.92
N VAL A 70 10.74 -2.29 -1.37
CA VAL A 70 9.58 -2.78 -0.52
C VAL A 70 10.01 -4.02 0.27
N LEU A 71 9.15 -5.00 0.44
CA LEU A 71 9.51 -6.25 1.21
C LEU A 71 8.35 -7.24 1.14
N ARG A 72 8.62 -8.51 0.88
CA ARG A 72 7.53 -9.52 0.83
C ARG A 72 7.75 -10.60 1.90
N LEU A 73 8.73 -10.43 2.75
CA LEU A 73 8.97 -11.46 3.80
C LEU A 73 9.46 -12.76 3.15
N ARG A 74 10.19 -13.56 3.88
CA ARG A 74 10.70 -14.83 3.31
C ARG A 74 9.52 -15.71 2.90
N GLY A 75 8.52 -15.79 3.74
CA GLY A 75 7.34 -16.63 3.41
C GLY A 75 6.40 -15.85 2.50
N CYS A 76 5.31 -16.44 2.11
CA CYS A 76 4.35 -15.74 1.21
C CYS A 76 5.09 -15.22 -0.03
N ALA B 1 -16.73 16.50 15.87
CA ALA B 1 -17.13 15.58 16.97
C ALA B 1 -16.38 15.95 18.25
N LEU B 2 -16.43 15.12 19.25
CA LEU B 2 -15.72 15.43 20.52
C LEU B 2 -14.30 14.83 20.49
N PRO B 3 -13.38 15.38 21.24
CA PRO B 3 -11.97 14.90 21.30
C PRO B 3 -11.84 13.57 22.04
N SER B 4 -10.71 12.92 21.92
CA SER B 4 -10.53 11.61 22.62
C SER B 4 -11.31 10.53 21.89
N ALA B 5 -10.94 9.29 22.04
CA ALA B 5 -11.67 8.19 21.36
C ALA B 5 -11.16 6.84 21.87
N SER B 6 -11.99 5.84 21.87
CA SER B 6 -11.55 4.48 22.35
C SER B 6 -11.41 3.53 21.15
N GLU B 7 -10.95 2.34 21.40
CA GLU B 7 -10.79 1.37 20.28
C GLU B 7 -12.16 0.88 19.84
N GLU B 8 -13.16 1.10 20.64
CA GLU B 8 -14.53 0.65 20.28
C GLU B 8 -15.08 1.55 19.16
N GLN B 9 -14.81 2.83 19.22
CA GLN B 9 -15.32 3.76 18.17
C GLN B 9 -14.31 3.87 17.02
N VAL B 10 -13.12 3.37 17.21
CA VAL B 10 -12.09 3.44 16.13
C VAL B 10 -12.40 2.40 15.04
N ALA B 11 -12.94 1.29 15.44
CA ALA B 11 -13.26 0.23 14.44
C ALA B 11 -14.42 0.70 13.56
N GLN B 12 -15.24 1.58 14.07
CA GLN B 12 -16.38 2.09 13.27
C GLN B 12 -15.90 3.19 12.32
N ASP B 13 -15.02 4.04 12.79
CA ASP B 13 -14.51 5.14 11.93
C ASP B 13 -13.45 4.60 10.96
N THR B 14 -12.94 3.43 11.22
CA THR B 14 -11.91 2.83 10.31
C THR B 14 -12.57 2.23 9.08
N GLU B 15 -13.69 1.59 9.27
CA GLU B 15 -14.40 0.97 8.11
C GLU B 15 -15.08 2.07 7.30
N GLU B 16 -15.57 3.08 7.97
CA GLU B 16 -16.24 4.20 7.26
C GLU B 16 -15.20 5.01 6.49
N VAL B 17 -14.03 5.18 7.06
CA VAL B 17 -12.97 5.97 6.38
C VAL B 17 -12.21 5.08 5.40
N PHE B 18 -12.45 3.80 5.45
CA PHE B 18 -11.75 2.88 4.52
C PHE B 18 -12.43 2.93 3.15
N ARG B 19 -13.73 3.00 3.14
CA ARG B 19 -14.45 3.04 1.83
C ARG B 19 -14.56 4.49 1.36
N SER B 20 -14.89 5.39 2.25
CA SER B 20 -15.02 6.81 1.85
C SER B 20 -13.71 7.30 1.22
N TYR B 21 -12.62 6.69 1.56
CA TYR B 21 -11.32 7.10 0.98
C TYR B 21 -11.13 6.43 -0.37
N VAL B 22 -11.27 5.14 -0.42
CA VAL B 22 -11.11 4.40 -1.70
C VAL B 22 -12.18 4.88 -2.69
N PHE B 23 -13.28 5.38 -2.20
CA PHE B 23 -14.36 5.84 -3.12
C PHE B 23 -13.94 7.15 -3.77
N TYR B 24 -13.64 8.16 -2.99
CA TYR B 24 -13.22 9.47 -3.58
C TYR B 24 -11.94 9.28 -4.41
N ARG B 25 -11.19 8.26 -4.13
CA ARG B 25 -9.94 8.02 -4.90
C ARG B 25 -10.27 7.39 -6.26
N HIS B 26 -11.19 6.46 -6.29
CA HIS B 26 -11.55 5.80 -7.56
C HIS B 26 -12.52 6.69 -8.35
N GLN B 27 -13.25 7.51 -7.65
CA GLN B 27 -14.21 8.41 -8.35
C GLN B 27 -13.44 9.36 -9.27
N GLN B 28 -12.32 9.86 -8.81
CA GLN B 28 -11.52 10.79 -9.65
C GLN B 28 -10.71 9.97 -10.67
N GLU B 29 -10.21 8.82 -10.28
CA GLU B 29 -9.40 7.99 -11.22
C GLU B 29 -10.29 7.54 -12.39
N GLN B 30 -11.59 7.56 -12.23
CA GLN B 30 -12.50 7.13 -13.32
C GLN B 30 -12.42 8.14 -14.49
N GLU B 31 -12.21 9.38 -14.19
CA GLU B 31 -12.12 10.41 -15.26
C GLU B 31 -10.87 10.18 -16.11
N ALA B 32 -9.77 9.89 -15.48
CA ALA B 32 -8.52 9.65 -16.26
C ALA B 32 -8.58 8.27 -16.93
N GLU B 33 -8.62 7.22 -16.15
CA GLU B 33 -8.68 5.85 -16.74
C GLU B 33 -9.84 5.07 -16.12
N GLY B 34 -10.01 3.83 -16.49
CA GLY B 34 -11.14 3.01 -15.93
C GLY B 34 -10.59 1.71 -15.34
N VAL B 35 -9.30 1.66 -15.12
CA VAL B 35 -8.71 0.42 -14.55
C VAL B 35 -9.42 0.07 -13.24
N ALA B 36 -9.82 -1.16 -13.09
CA ALA B 36 -10.53 -1.57 -11.84
C ALA B 36 -11.68 -0.59 -11.57
N ALA B 37 -12.29 -0.07 -12.59
CA ALA B 37 -13.42 0.89 -12.39
C ALA B 37 -14.54 0.21 -11.60
N PRO B 38 -15.43 0.99 -11.04
CA PRO B 38 -16.59 0.47 -10.24
C PRO B 38 -17.65 -0.18 -11.12
N ALA B 39 -18.75 -0.61 -10.54
CA ALA B 39 -19.82 -1.24 -11.35
C ALA B 39 -20.72 -0.16 -11.96
N ASP B 40 -20.14 0.86 -12.54
CA ASP B 40 -20.96 1.94 -13.16
C ASP B 40 -21.81 2.63 -12.08
N PRO B 41 -22.24 3.86 -12.32
CA PRO B 41 -23.08 4.63 -11.35
C PRO B 41 -24.50 4.08 -11.23
N GLU B 42 -24.72 3.16 -10.33
CA GLU B 42 -26.08 2.58 -10.16
C GLU B 42 -26.30 2.19 -8.69
N MET B 43 -27.17 1.24 -8.43
CA MET B 43 -27.42 0.82 -7.02
C MET B 43 -26.20 0.08 -6.49
N VAL B 44 -25.43 -0.50 -7.37
CA VAL B 44 -24.22 -1.24 -6.92
C VAL B 44 -23.10 -0.24 -6.59
N THR B 45 -23.43 1.01 -6.48
CA THR B 45 -22.39 2.03 -6.16
C THR B 45 -22.02 1.92 -4.68
N LEU B 46 -21.12 2.77 -4.22
CA LEU B 46 -20.71 2.72 -2.78
C LEU B 46 -21.42 3.87 -1.99
N PRO B 47 -22.56 3.62 -1.36
CA PRO B 47 -23.32 4.66 -0.58
C PRO B 47 -22.65 5.00 0.75
N LEU B 48 -21.69 5.90 0.73
CA LEU B 48 -20.97 6.28 1.98
C LEU B 48 -21.80 7.34 2.74
N GLN B 49 -21.34 7.77 3.89
CA GLN B 49 -22.09 8.81 4.68
C GLN B 49 -21.21 10.07 4.86
N PRO B 50 -21.17 10.94 3.86
CA PRO B 50 -20.34 12.18 3.91
C PRO B 50 -20.92 13.22 4.85
N SER B 51 -22.09 12.96 5.36
CA SER B 51 -22.71 13.93 6.29
C SER B 51 -21.93 13.92 7.61
N SER B 52 -21.08 12.95 7.81
CA SER B 52 -20.29 12.90 9.08
C SER B 52 -18.91 13.56 8.87
N THR B 53 -18.25 13.93 9.94
CA THR B 53 -16.90 14.57 9.80
C THR B 53 -15.91 13.60 9.15
N MET B 54 -16.15 12.33 9.26
CA MET B 54 -15.22 11.33 8.64
C MET B 54 -15.21 11.51 7.12
N GLY B 55 -16.22 12.14 6.59
CA GLY B 55 -16.27 12.37 5.12
C GLY B 55 -15.11 13.27 4.70
N GLN B 56 -14.74 14.20 5.54
CA GLN B 56 -13.62 15.12 5.17
C GLN B 56 -12.28 14.43 5.45
N VAL B 57 -12.30 13.39 6.25
CA VAL B 57 -11.02 12.67 6.56
C VAL B 57 -10.54 11.93 5.31
N GLY B 58 -11.45 11.34 4.58
CA GLY B 58 -11.03 10.59 3.35
C GLY B 58 -10.57 11.57 2.28
N ARG B 59 -11.27 12.65 2.10
CA ARG B 59 -10.88 13.64 1.05
C ARG B 59 -9.45 14.14 1.33
N GLN B 60 -9.13 14.43 2.56
CA GLN B 60 -7.74 14.92 2.85
C GLN B 60 -6.73 13.79 2.64
N LEU B 61 -6.93 12.65 3.25
CA LEU B 61 -5.97 11.52 3.09
C LEU B 61 -5.82 11.17 1.60
N ALA B 62 -6.82 11.46 0.81
CA ALA B 62 -6.74 11.14 -0.63
C ALA B 62 -5.89 12.21 -1.34
N ILE B 63 -5.58 13.27 -0.65
CA ILE B 63 -4.77 14.34 -1.27
C ILE B 63 -3.30 14.16 -0.88
N ILE B 64 -3.02 13.96 0.38
CA ILE B 64 -1.61 13.78 0.84
C ILE B 64 -1.05 12.50 0.23
N GLY B 65 -1.89 11.55 -0.07
CA GLY B 65 -1.41 10.26 -0.66
C GLY B 65 -1.90 10.16 -2.09
N ASP B 66 -1.77 11.21 -2.87
CA ASP B 66 -2.21 11.15 -4.29
C ASP B 66 -1.03 10.81 -5.21
N ASP B 67 0.02 11.59 -5.15
CA ASP B 67 1.21 11.32 -6.02
C ASP B 67 1.98 10.12 -5.48
N ILE B 68 2.15 10.05 -4.18
CA ILE B 68 2.90 8.91 -3.59
C ILE B 68 2.16 7.61 -3.87
N ASN B 69 0.89 7.70 -4.14
CA ASN B 69 0.12 6.47 -4.43
C ASN B 69 0.41 6.01 -5.87
N ARG B 70 0.30 6.89 -6.82
CA ARG B 70 0.57 6.49 -8.24
C ARG B 70 2.06 6.17 -8.43
N ARG B 71 2.90 6.72 -7.61
CA ARG B 71 4.37 6.47 -7.76
C ARG B 71 4.64 4.95 -7.83
N TYR B 72 4.21 4.22 -6.84
CA TYR B 72 4.43 2.74 -6.86
C TYR B 72 3.08 2.02 -6.97
N ASP B 73 2.30 2.36 -7.98
CA ASP B 73 0.98 1.68 -8.15
C ASP B 73 1.01 0.77 -9.38
N SER B 74 1.72 1.17 -10.39
CA SER B 74 1.77 0.33 -11.61
C SER B 74 2.50 -0.98 -11.31
N GLU B 75 3.30 -1.00 -10.27
CA GLU B 75 4.04 -2.25 -9.92
C GLU B 75 3.24 -3.07 -8.90
N PHE B 76 2.28 -2.46 -8.23
CA PHE B 76 1.49 -3.22 -7.23
C PHE B 76 0.59 -4.22 -7.94
N GLN B 77 -0.03 -3.82 -9.02
CA GLN B 77 -0.94 -4.75 -9.77
C GLN B 77 -0.10 -5.73 -10.59
N THR B 78 1.01 -5.28 -11.07
CA THR B 78 1.86 -6.19 -11.90
C THR B 78 2.24 -7.41 -11.08
N MET B 79 2.70 -7.22 -9.88
CA MET B 79 3.06 -8.38 -9.02
C MET B 79 1.80 -9.06 -8.46
N LEU B 80 0.74 -8.31 -8.28
CA LEU B 80 -0.52 -8.92 -7.73
C LEU B 80 -1.01 -10.00 -8.69
N GLN B 81 -0.82 -9.82 -9.98
CA GLN B 81 -1.29 -10.83 -10.96
C GLN B 81 -0.45 -12.09 -10.83
N HIS B 82 0.81 -11.95 -10.49
CA HIS B 82 1.68 -13.15 -10.35
C HIS B 82 1.33 -13.88 -9.05
N LEU B 83 0.51 -13.28 -8.24
CA LEU B 83 0.14 -13.93 -6.95
C LEU B 83 -1.04 -14.88 -7.18
N GLN B 84 -2.17 -14.38 -7.61
CA GLN B 84 -3.35 -15.27 -7.87
C GLN B 84 -3.75 -15.97 -6.56
N PRO B 85 -4.17 -15.22 -5.58
CA PRO B 85 -4.59 -15.77 -4.25
C PRO B 85 -5.94 -16.47 -4.31
N THR B 86 -6.41 -16.98 -3.21
CA THR B 86 -7.73 -17.69 -3.19
C THR B 86 -8.56 -17.21 -2.00
N ALA B 87 -9.81 -17.57 -1.94
CA ALA B 87 -10.67 -17.14 -0.80
C ALA B 87 -10.28 -17.91 0.46
N GLU B 88 -9.55 -18.98 0.31
CA GLU B 88 -9.14 -19.78 1.49
C GLU B 88 -7.83 -19.23 2.05
N ASN B 89 -6.99 -18.68 1.20
CA ASN B 89 -5.68 -18.13 1.67
C ASN B 89 -5.60 -16.63 1.35
N ALA B 90 -6.71 -15.96 1.33
CA ALA B 90 -6.69 -14.50 1.04
C ALA B 90 -6.05 -13.73 2.20
N TYR B 91 -6.37 -14.10 3.41
CA TYR B 91 -5.79 -13.41 4.60
C TYR B 91 -4.37 -13.92 4.85
N GLU B 92 -4.00 -15.01 4.24
CA GLU B 92 -2.65 -15.55 4.44
C GLU B 92 -1.65 -14.79 3.57
N TYR B 93 -2.13 -14.14 2.54
CA TYR B 93 -1.22 -13.36 1.65
C TYR B 93 -1.25 -11.88 2.03
N PHE B 94 -2.42 -11.35 2.26
CA PHE B 94 -2.52 -9.92 2.64
C PHE B 94 -1.79 -9.69 3.96
N THR B 95 -1.99 -10.56 4.91
CA THR B 95 -1.32 -10.39 6.23
C THR B 95 0.21 -10.47 6.04
N CYS B 96 0.65 -10.98 4.92
CA CYS B 96 2.12 -11.09 4.68
C CYS B 96 2.66 -9.75 4.16
N ILE B 97 2.03 -9.18 3.17
CA ILE B 97 2.52 -7.88 2.64
C ILE B 97 2.46 -6.85 3.75
N ALA B 98 1.37 -6.75 4.45
CA ALA B 98 1.28 -5.75 5.54
C ALA B 98 2.41 -5.99 6.53
N THR B 99 2.39 -7.10 7.22
CA THR B 99 3.48 -7.38 8.20
C THR B 99 4.84 -7.12 7.54
N SER B 100 4.96 -7.30 6.25
CA SER B 100 6.28 -7.06 5.58
C SER B 100 6.48 -5.55 5.31
N LEU B 101 5.42 -4.80 5.33
CA LEU B 101 5.55 -3.34 5.07
C LEU B 101 5.79 -2.60 6.40
N PHE B 102 4.96 -2.81 7.36
CA PHE B 102 5.14 -2.13 8.68
C PHE B 102 6.27 -2.81 9.46
N GLU B 103 6.91 -3.79 8.88
CA GLU B 103 7.99 -4.50 9.61
C GLU B 103 9.03 -3.50 10.09
N SER B 104 9.26 -2.45 9.33
CA SER B 104 10.27 -1.43 9.74
C SER B 104 9.69 -0.53 10.84
N GLY B 105 8.41 -0.24 10.77
CA GLY B 105 7.79 0.63 11.80
C GLY B 105 6.36 1.02 11.37
N ILE B 106 5.78 2.01 12.01
CA ILE B 106 4.39 2.43 11.63
C ILE B 106 4.35 3.95 11.40
N ASN B 107 3.71 4.39 10.35
CA ASN B 107 3.64 5.85 10.07
C ASN B 107 2.36 6.16 9.29
N TRP B 108 2.04 7.43 9.14
CA TRP B 108 0.81 7.80 8.40
C TRP B 108 0.95 7.36 6.94
N GLY B 109 2.15 7.35 6.43
CA GLY B 109 2.35 6.92 5.02
C GLY B 109 2.17 5.40 4.91
N ARG B 110 2.46 4.69 5.98
CA ARG B 110 2.31 3.21 5.94
C ARG B 110 0.85 2.85 6.14
N VAL B 111 0.06 3.76 6.63
CA VAL B 111 -1.38 3.46 6.83
C VAL B 111 -2.16 3.72 5.55
N VAL B 112 -1.93 4.87 4.94
CA VAL B 112 -2.65 5.18 3.67
C VAL B 112 -2.21 4.21 2.58
N ALA B 113 -0.96 3.81 2.61
CA ALA B 113 -0.47 2.85 1.58
C ALA B 113 -1.19 1.51 1.75
N LEU B 114 -1.52 1.15 2.96
CA LEU B 114 -2.21 -0.15 3.20
C LEU B 114 -3.59 -0.13 2.53
N LEU B 115 -4.40 0.85 2.84
CA LEU B 115 -5.77 0.91 2.22
C LEU B 115 -5.63 1.07 0.71
N GLY B 116 -4.65 1.82 0.27
CA GLY B 116 -4.49 2.00 -1.20
C GLY B 116 -4.35 0.64 -1.87
N PHE B 117 -3.56 -0.23 -1.32
CA PHE B 117 -3.38 -1.58 -1.94
C PHE B 117 -4.40 -2.57 -1.33
N GLY B 118 -5.39 -2.08 -0.63
CA GLY B 118 -6.42 -2.97 0.00
C GLY B 118 -7.73 -2.94 -0.80
N TYR B 119 -7.75 -2.32 -1.96
CA TYR B 119 -9.00 -2.25 -2.78
C TYR B 119 -8.93 -3.28 -3.94
N ARG B 120 -8.25 -2.97 -5.03
CA ARG B 120 -8.15 -3.92 -6.19
C ARG B 120 -8.03 -5.35 -5.68
N LEU B 121 -7.32 -5.55 -4.62
CA LEU B 121 -7.17 -6.94 -4.08
C LEU B 121 -8.56 -7.56 -3.87
N ALA B 122 -9.46 -6.89 -3.20
CA ALA B 122 -10.83 -7.46 -2.98
C ALA B 122 -11.63 -7.45 -4.30
N LEU B 123 -11.58 -6.34 -5.01
CA LEU B 123 -12.34 -6.27 -6.30
C LEU B 123 -11.80 -7.31 -7.28
N HIS B 124 -10.53 -7.63 -7.17
CA HIS B 124 -9.95 -8.64 -8.10
C HIS B 124 -10.74 -9.94 -7.98
N VAL B 125 -11.25 -10.20 -6.82
CA VAL B 125 -12.03 -11.45 -6.61
C VAL B 125 -13.45 -11.23 -7.12
N TYR B 126 -14.01 -10.07 -6.84
CA TYR B 126 -15.40 -9.80 -7.30
C TYR B 126 -15.51 -10.14 -8.79
N GLN B 127 -14.74 -9.49 -9.62
CA GLN B 127 -14.82 -9.78 -11.08
C GLN B 127 -14.58 -11.27 -11.31
N HIS B 128 -13.47 -11.78 -10.84
CA HIS B 128 -13.17 -13.25 -11.03
C HIS B 128 -14.49 -14.05 -11.08
N GLY B 129 -15.38 -13.81 -10.15
CA GLY B 129 -16.69 -14.54 -10.15
C GLY B 129 -17.14 -14.79 -8.72
N LEU B 130 -16.31 -14.49 -7.78
CA LEU B 130 -16.71 -14.71 -6.36
C LEU B 130 -17.52 -13.51 -5.86
N THR B 131 -18.73 -13.40 -6.31
CA THR B 131 -19.60 -12.25 -5.86
C THR B 131 -19.83 -12.35 -4.36
N GLY B 132 -19.72 -11.24 -3.66
CA GLY B 132 -19.92 -11.26 -2.18
C GLY B 132 -18.57 -11.28 -1.48
N PHE B 133 -17.67 -10.38 -1.85
CA PHE B 133 -16.32 -10.33 -1.20
C PHE B 133 -16.17 -9.01 -0.43
N LEU B 134 -16.91 -8.00 -0.80
CA LEU B 134 -16.79 -6.70 -0.10
C LEU B 134 -17.04 -6.89 1.40
N GLY B 135 -18.06 -7.62 1.74
CA GLY B 135 -18.34 -7.85 3.18
C GLY B 135 -17.22 -8.68 3.79
N GLN B 136 -16.59 -9.51 3.01
CA GLN B 136 -15.48 -10.35 3.56
C GLN B 136 -14.25 -9.47 3.84
N VAL B 137 -13.83 -8.67 2.90
CA VAL B 137 -12.62 -7.80 3.14
C VAL B 137 -12.87 -6.88 4.33
N THR B 138 -14.07 -6.42 4.52
CA THR B 138 -14.36 -5.53 5.67
C THR B 138 -14.22 -6.30 6.97
N ARG B 139 -15.03 -7.31 7.17
CA ARG B 139 -14.94 -8.11 8.42
C ARG B 139 -13.60 -8.85 8.46
N PHE B 140 -12.62 -8.42 7.69
CA PHE B 140 -11.28 -9.10 7.69
C PHE B 140 -10.22 -8.09 8.11
N VAL B 141 -10.22 -6.92 7.53
CA VAL B 141 -9.20 -5.92 7.90
C VAL B 141 -9.46 -5.42 9.32
N VAL B 142 -10.66 -5.00 9.60
CA VAL B 142 -10.97 -4.50 10.97
C VAL B 142 -10.43 -5.50 12.01
N ASP B 143 -10.49 -6.76 11.71
CA ASP B 143 -9.96 -7.78 12.67
C ASP B 143 -8.44 -7.69 12.73
N PHE B 144 -7.80 -7.51 11.60
CA PHE B 144 -6.31 -7.42 11.57
C PHE B 144 -5.86 -6.13 12.26
N MET B 145 -6.58 -5.06 12.08
CA MET B 145 -6.19 -3.77 12.71
C MET B 145 -6.34 -3.86 14.24
N LEU B 146 -7.36 -4.52 14.69
CA LEU B 146 -7.56 -4.66 16.16
C LEU B 146 -6.66 -5.77 16.71
N HIS B 147 -6.17 -6.61 15.85
CA HIS B 147 -5.30 -7.73 16.32
C HIS B 147 -3.85 -7.28 16.26
N HIS B 148 -3.54 -6.38 15.37
CA HIS B 148 -2.15 -5.90 15.25
C HIS B 148 -1.94 -4.66 16.13
N CYS B 149 -2.88 -4.37 17.01
CA CYS B 149 -2.74 -3.18 17.92
C CYS B 149 -2.72 -1.89 17.07
N ILE B 150 -3.28 -1.94 15.90
CA ILE B 150 -3.30 -0.71 15.04
C ILE B 150 -4.33 0.27 15.59
N ALA B 151 -5.43 -0.24 16.07
CA ALA B 151 -6.48 0.68 16.59
C ALA B 151 -5.90 1.55 17.72
N ARG B 152 -5.21 0.94 18.65
CA ARG B 152 -4.63 1.73 19.78
C ARG B 152 -3.77 2.87 19.20
N TRP B 153 -2.69 2.55 18.52
CA TRP B 153 -1.81 3.62 17.95
C TRP B 153 -2.67 4.75 17.38
N ILE B 154 -3.58 4.45 16.51
CA ILE B 154 -4.46 5.51 15.94
C ILE B 154 -5.12 6.29 17.07
N ALA B 155 -5.49 5.63 18.13
CA ALA B 155 -6.13 6.33 19.28
C ALA B 155 -5.11 7.25 19.95
N GLN B 156 -3.88 6.83 20.02
CA GLN B 156 -2.83 7.66 20.67
C GLN B 156 -2.45 8.80 19.74
N ARG B 157 -2.71 8.65 18.48
CA ARG B 157 -2.36 9.72 17.51
C ARG B 157 -3.46 10.79 17.51
N GLY B 158 -4.55 10.54 18.22
CA GLY B 158 -5.67 11.53 18.25
C GLY B 158 -6.85 11.00 17.45
N GLY B 159 -6.91 9.72 17.23
CA GLY B 159 -8.04 9.14 16.47
C GLY B 159 -7.95 9.59 15.01
N TRP B 160 -8.96 9.32 14.23
CA TRP B 160 -8.94 9.72 12.80
C TRP B 160 -9.22 11.23 12.69
N VAL B 161 -9.64 11.83 13.77
CA VAL B 161 -9.91 13.29 13.73
C VAL B 161 -8.59 14.06 13.65
N ALA B 162 -7.49 13.38 13.79
CA ALA B 162 -6.18 14.07 13.72
C ALA B 162 -5.78 14.29 12.26
N ALA B 163 -6.57 13.79 11.34
CA ALA B 163 -6.25 13.98 9.90
C ALA B 163 -6.37 15.45 9.53
N LEU B 164 -7.35 16.13 10.08
CA LEU B 164 -7.53 17.56 9.76
C LEU B 164 -6.35 18.35 10.31
N ASN B 165 -5.62 17.79 11.24
CA ASN B 165 -4.47 18.51 11.82
C ASN B 165 -3.18 18.07 11.10
N LEU B 166 -3.27 17.70 9.84
CA LEU B 166 -2.06 17.28 9.07
C LEU B 166 -1.61 18.41 8.13
N GLY B 167 -1.01 18.08 7.02
CA GLY B 167 -0.56 19.13 6.06
C GLY B 167 -1.76 19.94 5.58
N ASN B 168 -2.44 19.47 4.57
CA ASN B 168 -3.63 20.22 4.06
C ASN B 168 -4.74 20.21 5.10
N GLY B 169 -4.59 19.39 6.11
CA GLY B 169 -5.64 19.33 7.16
C GLY B 169 -7.02 19.19 6.52
N MET A 1 29.29 3.87 -10.44
CA MET A 1 28.60 5.11 -10.00
C MET A 1 28.03 4.92 -8.60
N GLN A 2 27.44 5.94 -8.04
CA GLN A 2 26.85 5.81 -6.67
C GLN A 2 25.34 6.04 -6.73
N ILE A 3 24.58 5.16 -6.16
CA ILE A 3 23.10 5.32 -6.19
C ILE A 3 22.58 5.47 -4.76
N PHE A 4 21.33 5.85 -4.60
CA PHE A 4 20.76 6.03 -3.24
C PHE A 4 19.44 5.25 -3.13
N VAL A 5 19.38 4.28 -2.26
CA VAL A 5 18.12 3.50 -2.11
C VAL A 5 17.31 4.04 -0.93
N LYS A 6 16.02 4.23 -1.11
CA LYS A 6 15.17 4.76 -0.01
C LYS A 6 14.33 3.64 0.59
N THR A 7 14.32 3.49 1.89
CA THR A 7 13.51 2.41 2.53
C THR A 7 12.17 2.99 3.01
N LEU A 8 11.33 2.18 3.57
CA LEU A 8 10.01 2.68 4.06
C LEU A 8 10.16 3.21 5.49
N THR A 9 11.35 3.15 6.05
CA THR A 9 11.56 3.64 7.44
C THR A 9 12.17 5.05 7.40
N GLY A 10 12.39 5.57 6.23
CA GLY A 10 12.98 6.93 6.13
C GLY A 10 14.51 6.85 6.18
N LYS A 11 15.06 5.67 6.02
CA LYS A 11 16.54 5.52 6.05
C LYS A 11 17.07 5.35 4.63
N THR A 12 18.05 6.13 4.25
CA THR A 12 18.61 6.02 2.87
C THR A 12 20.04 5.46 2.95
N ILE A 13 20.32 4.41 2.20
CA ILE A 13 21.69 3.83 2.23
C ILE A 13 22.35 3.99 0.85
N THR A 14 23.57 4.46 0.81
CA THR A 14 24.26 4.65 -0.50
C THR A 14 24.74 3.29 -1.03
N LEU A 15 25.06 3.21 -2.29
CA LEU A 15 25.54 1.91 -2.85
C LEU A 15 26.43 2.18 -4.07
N GLU A 16 27.56 1.52 -4.16
CA GLU A 16 28.48 1.73 -5.32
C GLU A 16 28.34 0.56 -6.30
N VAL A 17 27.73 0.79 -7.44
CA VAL A 17 27.57 -0.31 -8.44
C VAL A 17 27.89 0.22 -9.84
N GLU A 18 27.78 -0.61 -10.84
CA GLU A 18 28.09 -0.16 -12.23
C GLU A 18 26.93 -0.52 -13.16
N PRO A 19 26.69 0.29 -14.17
CA PRO A 19 25.60 0.05 -15.16
C PRO A 19 25.62 -1.37 -15.75
N SER A 20 26.75 -2.05 -15.65
CA SER A 20 26.84 -3.44 -16.20
C SER A 20 26.58 -4.46 -15.08
N ASP A 21 26.30 -3.99 -13.90
CA ASP A 21 26.03 -4.94 -12.77
C ASP A 21 24.65 -5.54 -12.93
N THR A 22 24.46 -6.77 -12.52
CA THR A 22 23.12 -7.40 -12.64
C THR A 22 22.30 -7.11 -11.39
N ILE A 23 21.00 -7.22 -11.48
CA ILE A 23 20.15 -6.94 -10.30
C ILE A 23 20.45 -7.98 -9.20
N GLU A 24 20.85 -9.16 -9.58
CA GLU A 24 21.16 -10.20 -8.56
C GLU A 24 22.41 -9.80 -7.77
N ASN A 25 23.31 -9.07 -8.39
CA ASN A 25 24.55 -8.66 -7.67
C ASN A 25 24.22 -7.51 -6.71
N VAL A 26 23.46 -6.55 -7.15
CA VAL A 26 23.10 -5.42 -6.27
C VAL A 26 22.38 -5.95 -5.02
N LYS A 27 21.51 -6.92 -5.19
CA LYS A 27 20.78 -7.48 -4.03
C LYS A 27 21.77 -8.12 -3.06
N ALA A 28 22.77 -8.80 -3.57
CA ALA A 28 23.77 -9.44 -2.67
C ALA A 28 24.53 -8.37 -1.89
N LYS A 29 24.73 -7.23 -2.51
CA LYS A 29 25.47 -6.14 -1.81
C LYS A 29 24.61 -5.61 -0.66
N ILE A 30 23.33 -5.52 -0.87
CA ILE A 30 22.43 -5.00 0.20
C ILE A 30 22.47 -5.96 1.40
N GLN A 31 22.35 -7.23 1.16
CA GLN A 31 22.37 -8.21 2.29
C GLN A 31 23.79 -8.28 2.88
N ASP A 32 24.78 -7.97 2.09
CA ASP A 32 26.18 -8.03 2.60
C ASP A 32 26.44 -6.80 3.47
N LYS A 33 25.71 -5.75 3.26
CA LYS A 33 25.92 -4.52 4.08
C LYS A 33 24.67 -4.25 4.90
N GLU A 34 23.63 -5.04 4.72
CA GLU A 34 22.39 -4.81 5.51
C GLU A 34 21.95 -6.14 6.15
N GLY A 35 21.91 -7.20 5.38
CA GLY A 35 21.48 -8.52 5.94
C GLY A 35 20.04 -8.81 5.54
N ILE A 36 19.58 -8.25 4.44
CA ILE A 36 18.19 -8.50 4.01
C ILE A 36 18.17 -9.59 2.91
N PRO A 37 17.63 -10.76 3.22
CA PRO A 37 17.56 -11.90 2.25
C PRO A 37 16.98 -11.49 0.88
N PRO A 38 17.69 -11.76 -0.20
CA PRO A 38 17.24 -11.42 -1.58
C PRO A 38 15.82 -11.94 -1.88
N ASP A 39 15.40 -12.96 -1.20
CA ASP A 39 14.03 -13.52 -1.45
C ASP A 39 12.98 -12.54 -0.94
N GLN A 40 13.36 -11.63 -0.09
CA GLN A 40 12.39 -10.64 0.45
C GLN A 40 12.77 -9.24 -0.04
N GLN A 41 13.03 -9.09 -1.31
CA GLN A 41 13.41 -7.75 -1.85
C GLN A 41 12.54 -7.43 -3.07
N ARG A 42 11.93 -6.28 -3.09
CA ARG A 42 11.07 -5.91 -4.26
C ARG A 42 11.49 -4.54 -4.80
N LEU A 43 12.65 -4.46 -5.40
CA LEU A 43 13.12 -3.16 -5.95
C LEU A 43 12.04 -2.56 -6.85
N ILE A 44 12.01 -1.25 -6.98
CA ILE A 44 10.97 -0.61 -7.85
C ILE A 44 11.58 0.62 -8.54
N PHE A 45 11.50 0.67 -9.85
CA PHE A 45 12.06 1.84 -10.58
C PHE A 45 11.10 2.26 -11.70
N ALA A 46 10.60 3.47 -11.64
CA ALA A 46 9.67 3.94 -12.70
C ALA A 46 8.38 3.10 -12.66
N GLY A 47 8.03 2.61 -11.50
CA GLY A 47 6.80 1.79 -11.39
C GLY A 47 6.97 0.49 -12.16
N LYS A 48 8.17 -0.03 -12.21
CA LYS A 48 8.41 -1.30 -12.95
C LYS A 48 9.23 -2.26 -12.08
N GLN A 49 8.78 -3.48 -11.95
CA GLN A 49 9.53 -4.46 -11.11
C GLN A 49 10.72 -5.00 -11.91
N LEU A 50 11.87 -4.40 -11.77
CA LEU A 50 13.06 -4.88 -12.52
C LEU A 50 13.16 -6.41 -12.40
N GLU A 51 13.63 -7.06 -13.44
CA GLU A 51 13.75 -8.55 -13.39
C GLU A 51 15.13 -8.93 -12.86
N ASP A 52 15.38 -10.20 -12.67
CA ASP A 52 16.70 -10.65 -12.16
C ASP A 52 17.57 -11.17 -13.32
N GLY A 53 17.03 -11.18 -14.51
CA GLY A 53 17.81 -11.67 -15.68
C GLY A 53 18.22 -10.49 -16.56
N ARG A 54 18.05 -9.29 -16.08
CA ARG A 54 18.42 -8.09 -16.89
C ARG A 54 19.46 -7.26 -16.12
N THR A 55 20.16 -6.40 -16.80
CA THR A 55 21.19 -5.56 -16.11
C THR A 55 20.60 -4.19 -15.79
N LEU A 56 21.39 -3.29 -15.27
CA LEU A 56 20.87 -1.94 -14.93
C LEU A 56 20.76 -1.09 -16.21
N SER A 57 21.64 -1.28 -17.15
CA SER A 57 21.57 -0.48 -18.42
C SER A 57 20.28 -0.82 -19.16
N ASP A 58 19.74 -1.96 -18.90
CA ASP A 58 18.49 -2.34 -19.59
C ASP A 58 17.38 -1.33 -19.25
N TYR A 59 17.35 -0.82 -18.03
CA TYR A 59 16.28 0.16 -17.64
C TYR A 59 16.75 1.62 -17.93
N ASN A 60 18.02 1.81 -18.21
CA ASN A 60 18.54 3.21 -18.50
C ASN A 60 18.78 3.97 -17.18
N ILE A 61 19.15 3.28 -16.15
CA ILE A 61 19.40 3.98 -14.83
C ILE A 61 20.76 4.71 -14.88
N GLN A 62 20.76 6.01 -14.75
CA GLN A 62 22.04 6.76 -14.80
C GLN A 62 22.65 6.80 -13.38
N LYS A 63 23.55 7.70 -13.14
CA LYS A 63 24.18 7.79 -11.79
C LYS A 63 23.32 8.66 -10.88
N GLU A 64 23.57 8.62 -9.59
CA GLU A 64 22.76 9.45 -8.65
C GLU A 64 21.28 9.12 -8.82
N SER A 65 20.97 7.88 -9.09
CA SER A 65 19.54 7.49 -9.26
C SER A 65 18.98 6.97 -7.93
N THR A 66 17.70 7.07 -7.73
CA THR A 66 17.09 6.58 -6.45
C THR A 66 16.10 5.46 -6.76
N LEU A 67 16.14 4.38 -5.99
CA LEU A 67 15.20 3.26 -6.24
C LEU A 67 14.47 2.91 -4.94
N HIS A 68 13.17 2.78 -4.98
CA HIS A 68 12.42 2.44 -3.74
C HIS A 68 12.66 0.97 -3.38
N LEU A 69 12.46 0.60 -2.15
CA LEU A 69 12.68 -0.81 -1.74
C LEU A 69 11.48 -1.31 -0.92
N VAL A 70 10.72 -2.24 -1.45
CA VAL A 70 9.54 -2.76 -0.68
C VAL A 70 9.95 -4.02 0.08
N LEU A 71 9.08 -4.99 0.16
CA LEU A 71 9.42 -6.24 0.91
C LEU A 71 8.25 -7.24 0.80
N ARG A 72 8.54 -8.48 0.53
CA ARG A 72 7.43 -9.49 0.42
C ARG A 72 7.65 -10.60 1.46
N LEU A 73 8.59 -10.44 2.33
CA LEU A 73 8.85 -11.48 3.37
C LEU A 73 9.02 -12.84 2.67
N ARG A 74 8.83 -13.93 3.39
CA ARG A 74 9.01 -15.29 2.79
C ARG A 74 7.74 -16.12 3.03
N GLY A 75 7.26 -16.81 2.02
CA GLY A 75 6.03 -17.65 2.20
C GLY A 75 4.78 -16.77 2.08
N CYS A 76 4.91 -15.59 1.55
CA CYS A 76 3.73 -14.69 1.40
C CYS A 76 2.56 -15.49 0.83
N ALA B 1 -16.88 16.71 15.90
CA ALA B 1 -17.29 15.80 17.00
C ALA B 1 -16.53 16.18 18.28
N LEU B 2 -16.60 15.34 19.28
CA LEU B 2 -15.90 15.65 20.56
C LEU B 2 -14.48 15.05 20.53
N PRO B 3 -13.57 15.61 21.28
CA PRO B 3 -12.16 15.13 21.36
C PRO B 3 -12.04 13.79 22.09
N SER B 4 -10.91 13.15 22.00
CA SER B 4 -10.73 11.86 22.70
C SER B 4 -11.52 10.76 21.96
N ALA B 5 -11.14 9.52 22.13
CA ALA B 5 -11.87 8.43 21.45
C ALA B 5 -11.36 7.08 21.96
N SER B 6 -12.20 6.07 21.96
CA SER B 6 -11.76 4.73 22.44
C SER B 6 -11.62 3.78 21.25
N GLU B 7 -11.17 2.58 21.49
CA GLU B 7 -11.01 1.61 20.37
C GLU B 7 -12.39 1.11 19.93
N GLU B 8 -13.38 1.34 20.72
CA GLU B 8 -14.74 0.89 20.34
C GLU B 8 -15.30 1.78 19.21
N GLN B 9 -15.02 3.07 19.25
CA GLN B 9 -15.53 4.00 18.18
C GLN B 9 -14.51 4.11 17.03
N VAL B 10 -13.31 3.61 17.23
CA VAL B 10 -12.29 3.68 16.13
C VAL B 10 -12.59 2.64 15.05
N ALA B 11 -13.15 1.52 15.44
CA ALA B 11 -13.47 0.46 14.45
C ALA B 11 -14.62 0.93 13.57
N GLN B 12 -15.44 1.81 14.07
CA GLN B 12 -16.59 2.31 13.25
C GLN B 12 -16.11 3.41 12.30
N ASP B 13 -15.23 4.25 12.77
CA ASP B 13 -14.72 5.35 11.89
C ASP B 13 -13.66 4.80 10.94
N THR B 14 -13.17 3.62 11.19
CA THR B 14 -12.13 3.04 10.28
C THR B 14 -12.80 2.42 9.05
N GLU B 15 -13.93 1.79 9.22
CA GLU B 15 -14.62 1.18 8.05
C GLU B 15 -15.31 2.28 7.23
N GLU B 16 -15.80 3.29 7.89
CA GLU B 16 -16.48 4.40 7.15
C GLU B 16 -15.44 5.22 6.38
N VAL B 17 -14.27 5.38 6.96
CA VAL B 17 -13.21 6.18 6.26
C VAL B 17 -12.46 5.28 5.28
N PHE B 18 -12.71 4.00 5.34
CA PHE B 18 -12.00 3.07 4.42
C PHE B 18 -12.67 3.12 3.05
N ARG B 19 -13.97 3.18 3.02
CA ARG B 19 -14.68 3.24 1.71
C ARG B 19 -14.80 4.69 1.24
N SER B 20 -15.15 5.59 2.14
CA SER B 20 -15.27 7.02 1.75
C SER B 20 -13.97 7.49 1.12
N TYR B 21 -12.87 6.87 1.47
CA TYR B 21 -11.56 7.29 0.89
C TYR B 21 -11.37 6.61 -0.45
N VAL B 22 -11.50 5.32 -0.50
CA VAL B 22 -11.32 4.60 -1.79
C VAL B 22 -12.39 5.06 -2.78
N PHE B 23 -13.49 5.56 -2.29
CA PHE B 23 -14.57 6.03 -3.22
C PHE B 23 -14.15 7.34 -3.89
N TYR B 24 -13.86 8.34 -3.11
CA TYR B 24 -13.44 9.64 -3.70
C TYR B 24 -12.16 9.45 -4.50
N ARG B 25 -11.42 8.42 -4.23
CA ARG B 25 -10.15 8.18 -4.99
C ARG B 25 -10.48 7.53 -6.34
N HIS B 26 -11.39 6.61 -6.37
CA HIS B 26 -11.74 5.95 -7.66
C HIS B 26 -12.71 6.84 -8.45
N GLN B 27 -13.43 7.69 -7.77
CA GLN B 27 -14.38 8.58 -8.48
C GLN B 27 -13.60 9.53 -9.39
N GLN B 28 -12.48 10.02 -8.94
CA GLN B 28 -11.68 10.95 -9.78
C GLN B 28 -10.85 10.14 -10.78
N GLU B 29 -10.35 9.00 -10.38
CA GLU B 29 -9.53 8.16 -11.30
C GLU B 29 -10.41 7.70 -12.47
N GLN B 30 -11.70 7.74 -12.32
CA GLN B 30 -12.60 7.31 -13.43
C GLN B 30 -12.53 8.31 -14.57
N GLU B 31 -12.28 9.55 -14.27
CA GLU B 31 -12.18 10.58 -15.34
C GLU B 31 -10.92 10.34 -16.18
N ALA B 32 -9.82 10.05 -15.53
CA ALA B 32 -8.56 9.81 -16.30
C ALA B 32 -8.62 8.43 -16.96
N GLU B 33 -8.65 7.38 -16.18
CA GLU B 33 -8.71 6.01 -16.75
C GLU B 33 -9.87 5.23 -16.14
N GLY B 34 -10.03 3.99 -16.50
CA GLY B 34 -11.15 3.18 -15.93
C GLY B 34 -10.60 1.88 -15.33
N VAL B 35 -9.31 1.81 -15.10
CA VAL B 35 -8.72 0.58 -14.52
C VAL B 35 -9.44 0.23 -13.22
N ALA B 36 -9.83 -1.00 -13.06
CA ALA B 36 -10.54 -1.41 -11.80
C ALA B 36 -11.68 -0.43 -11.54
N ALA B 37 -12.29 0.10 -12.57
CA ALA B 37 -13.40 1.06 -12.37
C ALA B 37 -14.54 0.38 -11.59
N PRO B 38 -15.44 1.16 -11.03
CA PRO B 38 -16.58 0.63 -10.23
C PRO B 38 -17.65 -0.03 -11.12
N ALA B 39 -18.74 -0.44 -10.55
CA ALA B 39 -19.82 -1.08 -11.36
C ALA B 39 -20.71 0.01 -11.98
N ASP B 40 -20.11 1.01 -12.55
CA ASP B 40 -20.93 2.10 -13.17
C ASP B 40 -21.78 2.79 -12.10
N PRO B 41 -22.20 4.00 -12.35
CA PRO B 41 -23.03 4.78 -11.39
C PRO B 41 -24.46 4.23 -11.27
N GLU B 42 -24.68 3.32 -10.36
CA GLU B 42 -26.04 2.74 -10.21
C GLU B 42 -26.26 2.36 -8.74
N MET B 43 -27.12 1.41 -8.49
CA MET B 43 -27.38 1.00 -7.09
C MET B 43 -26.16 0.25 -6.55
N VAL B 44 -25.38 -0.33 -7.41
CA VAL B 44 -24.18 -1.07 -6.95
C VAL B 44 -23.06 -0.08 -6.62
N THR B 45 -23.39 1.18 -6.51
CA THR B 45 -22.34 2.19 -6.18
C THR B 45 -21.97 2.09 -4.71
N LEU B 46 -21.07 2.92 -4.24
CA LEU B 46 -20.68 2.87 -2.81
C LEU B 46 -21.37 4.02 -2.04
N PRO B 47 -22.51 3.75 -1.43
CA PRO B 47 -23.28 4.77 -0.65
C PRO B 47 -22.61 5.11 0.69
N LEU B 48 -21.66 6.00 0.68
CA LEU B 48 -20.98 6.37 1.95
C LEU B 48 -21.80 7.43 2.69
N GLN B 49 -21.36 7.85 3.85
CA GLN B 49 -22.12 8.88 4.61
C GLN B 49 -21.25 10.12 4.80
N PRO B 50 -21.21 10.99 3.81
CA PRO B 50 -20.41 12.24 3.86
C PRO B 50 -21.00 13.28 4.80
N SER B 51 -22.18 13.03 5.32
CA SER B 51 -22.82 13.99 6.24
C SER B 51 -22.06 13.99 7.57
N SER B 52 -21.20 13.03 7.78
CA SER B 52 -20.44 12.98 9.06
C SER B 52 -19.07 13.65 8.88
N THR B 53 -18.42 14.01 9.95
CA THR B 53 -17.08 14.65 9.84
C THR B 53 -16.10 13.67 9.18
N MET B 54 -16.34 12.40 9.30
CA MET B 54 -15.43 11.39 8.69
C MET B 54 -15.41 11.58 7.16
N GLY B 55 -16.41 12.21 6.64
CA GLY B 55 -16.45 12.42 5.16
C GLY B 55 -15.28 13.32 4.74
N GLN B 56 -14.90 14.26 5.56
CA GLN B 56 -13.77 15.17 5.21
C GLN B 56 -12.43 14.47 5.49
N VAL B 57 -12.43 13.43 6.28
CA VAL B 57 -11.15 12.71 6.59
C VAL B 57 -10.67 11.95 5.36
N GLY B 58 -11.57 11.38 4.59
CA GLY B 58 -11.16 10.62 3.37
C GLY B 58 -10.70 11.60 2.29
N ARG B 59 -11.42 12.66 2.11
CA ARG B 59 -11.02 13.64 1.06
C ARG B 59 -9.60 14.15 1.34
N GLN B 60 -9.30 14.43 2.57
CA GLN B 60 -7.93 14.91 2.90
C GLN B 60 -6.91 13.78 2.71
N LEU B 61 -7.12 12.65 3.34
CA LEU B 61 -6.15 11.52 3.19
C LEU B 61 -6.00 11.17 1.70
N ALA B 62 -6.99 11.46 0.90
CA ALA B 62 -6.90 11.14 -0.54
C ALA B 62 -6.07 12.21 -1.25
N ILE B 63 -5.76 13.27 -0.58
CA ILE B 63 -4.94 14.34 -1.21
C ILE B 63 -3.46 14.16 -0.82
N ILE B 64 -3.20 13.96 0.44
CA ILE B 64 -1.79 13.78 0.89
C ILE B 64 -1.23 12.49 0.29
N GLY B 65 -2.07 11.54 -0.05
CA GLY B 65 -1.57 10.26 -0.64
C GLY B 65 -2.06 10.14 -2.08
N ASP B 66 -1.91 11.18 -2.85
CA ASP B 66 -2.37 11.12 -4.28
C ASP B 66 -1.19 10.78 -5.19
N ASP B 67 -0.14 11.55 -5.13
CA ASP B 67 1.05 11.28 -5.98
C ASP B 67 1.82 10.07 -5.44
N ILE B 68 1.99 9.99 -4.15
CA ILE B 68 2.74 8.84 -3.54
C ILE B 68 1.98 7.54 -3.84
N ASN B 69 0.72 7.63 -4.14
CA ASN B 69 -0.06 6.39 -4.43
C ASN B 69 0.23 5.92 -5.85
N ARG B 70 0.12 6.79 -6.82
CA ARG B 70 0.38 6.38 -8.24
C ARG B 70 1.87 6.07 -8.41
N ARG B 71 2.70 6.63 -7.58
CA ARG B 71 4.17 6.36 -7.72
C ARG B 71 4.43 4.85 -7.77
N TYR B 72 4.00 4.12 -6.78
CA TYR B 72 4.21 2.63 -6.78
C TYR B 72 2.87 1.92 -6.90
N ASP B 73 2.09 2.25 -7.90
CA ASP B 73 0.76 1.58 -8.07
C ASP B 73 0.80 0.67 -9.31
N SER B 74 1.52 1.06 -10.33
CA SER B 74 1.58 0.23 -11.56
C SER B 74 2.33 -1.08 -11.27
N GLU B 75 3.13 -1.10 -10.23
CA GLU B 75 3.88 -2.34 -9.89
C GLU B 75 3.09 -3.16 -8.88
N PHE B 76 2.14 -2.55 -8.22
CA PHE B 76 1.33 -3.29 -7.22
C PHE B 76 0.44 -4.29 -7.93
N GLN B 77 -0.17 -3.90 -9.02
CA GLN B 77 -1.05 -4.84 -9.77
C GLN B 77 -0.20 -5.82 -10.59
N THR B 78 0.93 -5.38 -11.07
CA THR B 78 1.79 -6.29 -11.88
C THR B 78 2.17 -7.51 -11.06
N MET B 79 2.63 -7.32 -9.85
CA MET B 79 3.02 -8.47 -9.00
C MET B 79 1.76 -9.14 -8.43
N LEU B 80 0.71 -8.39 -8.26
CA LEU B 80 -0.55 -8.98 -7.72
C LEU B 80 -1.06 -10.07 -8.67
N GLN B 81 -0.85 -9.89 -9.95
CA GLN B 81 -1.33 -10.91 -10.93
C GLN B 81 -0.49 -12.19 -10.78
N HIS B 82 0.76 -12.05 -10.43
CA HIS B 82 1.63 -13.25 -10.28
C HIS B 82 1.28 -13.98 -8.99
N LEU B 83 0.45 -13.39 -8.18
CA LEU B 83 0.06 -14.05 -6.90
C LEU B 83 -1.10 -15.01 -7.15
N GLN B 84 -2.21 -14.50 -7.59
CA GLN B 84 -3.39 -15.39 -7.85
C GLN B 84 -3.79 -16.09 -6.55
N PRO B 85 -4.20 -15.32 -5.57
CA PRO B 85 -4.61 -15.87 -4.25
C PRO B 85 -5.98 -16.56 -4.31
N THR B 86 -6.44 -17.07 -3.21
CA THR B 86 -7.76 -17.76 -3.21
C THR B 86 -8.60 -17.27 -2.02
N ALA B 87 -9.84 -17.63 -1.97
CA ALA B 87 -10.70 -17.19 -0.83
C ALA B 87 -10.32 -17.96 0.43
N GLU B 88 -9.58 -19.03 0.28
CA GLU B 88 -9.17 -19.82 1.48
C GLU B 88 -7.85 -19.28 2.04
N ASN B 89 -7.01 -18.73 1.20
CA ASN B 89 -5.71 -18.18 1.68
C ASN B 89 -5.62 -16.68 1.36
N ALA B 90 -6.74 -16.00 1.34
CA ALA B 90 -6.71 -14.54 1.03
C ALA B 90 -6.08 -13.77 2.20
N TYR B 91 -6.40 -14.14 3.41
CA TYR B 91 -5.82 -13.43 4.59
C TYR B 91 -4.40 -13.95 4.86
N GLU B 92 -4.03 -15.03 4.25
CA GLU B 92 -2.66 -15.57 4.47
C GLU B 92 -1.66 -14.81 3.60
N TYR B 93 -2.12 -14.16 2.56
CA TYR B 93 -1.20 -13.39 1.68
C TYR B 93 -1.22 -11.91 2.07
N PHE B 94 -2.39 -11.36 2.27
CA PHE B 94 -2.49 -9.92 2.65
C PHE B 94 -1.77 -9.68 3.99
N THR B 95 -1.98 -10.54 4.94
CA THR B 95 -1.31 -10.36 6.27
C THR B 95 0.20 -10.45 6.09
N CYS B 96 0.66 -10.94 4.97
CA CYS B 96 2.13 -11.06 4.74
C CYS B 96 2.67 -9.73 4.22
N ILE B 97 2.05 -9.17 3.23
CA ILE B 97 2.55 -7.86 2.68
C ILE B 97 2.51 -6.81 3.79
N ALA B 98 1.41 -6.71 4.49
CA ALA B 98 1.31 -5.70 5.57
C ALA B 98 2.43 -5.92 6.57
N THR B 99 2.40 -7.02 7.29
CA THR B 99 3.48 -7.30 8.28
C THR B 99 4.85 -7.05 7.64
N SER B 100 4.95 -7.22 6.34
CA SER B 100 6.27 -7.00 5.67
C SER B 100 6.45 -5.49 5.40
N LEU B 101 5.39 -4.75 5.42
CA LEU B 101 5.50 -3.29 5.16
C LEU B 101 5.74 -2.56 6.48
N PHE B 102 4.89 -2.77 7.44
CA PHE B 102 5.06 -2.09 8.76
C PHE B 102 6.17 -2.79 9.55
N GLU B 103 6.79 -3.79 8.99
CA GLU B 103 7.87 -4.52 9.71
C GLU B 103 8.92 -3.52 10.18
N SER B 104 9.15 -2.48 9.42
CA SER B 104 10.17 -1.48 9.83
C SER B 104 9.58 -0.56 10.91
N GLY B 105 8.32 -0.27 10.83
CA GLY B 105 7.69 0.60 11.86
C GLY B 105 6.28 1.00 11.41
N ILE B 106 5.70 1.99 12.02
CA ILE B 106 4.32 2.41 11.64
C ILE B 106 4.30 3.93 11.41
N ASN B 107 3.67 4.37 10.35
CA ASN B 107 3.61 5.83 10.07
C ASN B 107 2.34 6.14 9.28
N TRP B 108 2.04 7.41 9.10
CA TRP B 108 0.81 7.78 8.34
C TRP B 108 0.96 7.33 6.89
N GLY B 109 2.16 7.31 6.39
CA GLY B 109 2.35 6.89 4.97
C GLY B 109 2.16 5.36 4.86
N ARG B 110 2.43 4.63 5.92
CA ARG B 110 2.27 3.14 5.88
C ARG B 110 0.80 2.79 6.07
N VAL B 111 -0.01 3.69 6.54
CA VAL B 111 -1.46 3.39 6.73
C VAL B 111 -2.23 3.65 5.43
N VAL B 112 -1.99 4.79 4.82
CA VAL B 112 -2.71 5.10 3.55
C VAL B 112 -2.26 4.12 2.46
N ALA B 113 -1.02 3.71 2.49
CA ALA B 113 -0.53 2.75 1.47
C ALA B 113 -1.23 1.40 1.64
N LEU B 114 -1.58 1.06 2.85
CA LEU B 114 -2.26 -0.24 3.08
C LEU B 114 -3.63 -0.24 2.39
N LEU B 115 -4.44 0.74 2.68
CA LEU B 115 -5.79 0.80 2.04
C LEU B 115 -5.63 0.95 0.52
N GLY B 116 -4.65 1.69 0.09
CA GLY B 116 -4.45 1.87 -1.38
C GLY B 116 -4.32 0.51 -2.06
N PHE B 117 -3.50 -0.36 -1.51
CA PHE B 117 -3.32 -1.71 -2.12
C PHE B 117 -4.32 -2.69 -1.50
N GLY B 118 -5.32 -2.19 -0.81
CA GLY B 118 -6.32 -3.09 -0.19
C GLY B 118 -7.63 -3.05 -0.98
N TYR B 119 -7.61 -2.43 -2.14
CA TYR B 119 -8.86 -2.36 -2.97
C TYR B 119 -8.78 -3.37 -4.11
N ARG B 120 -8.12 -3.03 -5.18
CA ARG B 120 -8.00 -3.98 -6.33
C ARG B 120 -7.88 -5.41 -5.81
N LEU B 121 -7.15 -5.60 -4.75
CA LEU B 121 -6.99 -6.98 -4.19
C LEU B 121 -8.38 -7.61 -3.99
N ALA B 122 -9.26 -6.93 -3.31
CA ALA B 122 -10.62 -7.50 -3.10
C ALA B 122 -11.41 -7.47 -4.41
N LEU B 123 -11.35 -6.39 -5.12
CA LEU B 123 -12.09 -6.30 -6.40
C LEU B 123 -11.55 -7.35 -7.37
N HIS B 124 -10.29 -7.68 -7.27
CA HIS B 124 -9.70 -8.71 -8.18
C HIS B 124 -10.51 -10.01 -8.08
N VAL B 125 -11.06 -10.28 -6.92
CA VAL B 125 -11.86 -11.53 -6.76
C VAL B 125 -13.27 -11.30 -7.28
N TYR B 126 -13.83 -10.15 -7.00
CA TYR B 126 -15.22 -9.87 -7.48
C TYR B 126 -15.31 -10.22 -8.96
N GLN B 127 -14.54 -9.57 -9.78
CA GLN B 127 -14.60 -9.88 -11.24
C GLN B 127 -14.36 -11.37 -11.45
N HIS B 128 -13.24 -11.88 -11.00
CA HIS B 128 -12.94 -13.33 -11.17
C HIS B 128 -14.26 -14.11 -11.22
N GLY B 129 -15.14 -13.87 -10.28
CA GLY B 129 -16.44 -14.60 -10.28
C GLY B 129 -16.89 -14.84 -8.83
N LEU B 130 -16.07 -14.53 -7.87
CA LEU B 130 -16.46 -14.74 -6.45
C LEU B 130 -17.28 -13.55 -5.95
N THR B 131 -18.50 -13.43 -6.40
CA THR B 131 -19.36 -12.30 -5.96
C THR B 131 -19.60 -12.38 -4.45
N GLY B 132 -19.50 -11.28 -3.75
CA GLY B 132 -19.72 -11.30 -2.27
C GLY B 132 -18.37 -11.31 -1.54
N PHE B 133 -17.49 -10.43 -1.90
CA PHE B 133 -16.15 -10.39 -1.23
C PHE B 133 -15.99 -9.08 -0.46
N LEU B 134 -16.72 -8.07 -0.85
CA LEU B 134 -16.62 -6.76 -0.14
C LEU B 134 -16.87 -6.96 1.36
N GLY B 135 -17.89 -7.69 1.69
CA GLY B 135 -18.19 -7.92 3.14
C GLY B 135 -17.08 -8.77 3.76
N GLN B 136 -16.44 -9.60 2.98
CA GLN B 136 -15.34 -10.44 3.54
C GLN B 136 -14.11 -9.58 3.83
N VAL B 137 -13.68 -8.78 2.89
CA VAL B 137 -12.49 -7.92 3.11
C VAL B 137 -12.74 -6.99 4.31
N THR B 138 -13.95 -6.56 4.48
CA THR B 138 -14.26 -5.65 5.63
C THR B 138 -14.13 -6.44 6.95
N ARG B 139 -14.95 -7.43 7.14
CA ARG B 139 -14.87 -8.23 8.39
C ARG B 139 -13.53 -8.97 8.45
N PHE B 140 -12.56 -8.54 7.68
CA PHE B 140 -11.22 -9.21 7.70
C PHE B 140 -10.15 -8.21 8.12
N VAL B 141 -10.14 -7.05 7.54
CA VAL B 141 -9.11 -6.03 7.91
C VAL B 141 -9.38 -5.54 9.32
N VAL B 142 -10.58 -5.11 9.60
CA VAL B 142 -10.90 -4.61 10.96
C VAL B 142 -10.37 -5.60 12.00
N ASP B 143 -10.42 -6.87 11.72
CA ASP B 143 -9.90 -7.88 12.68
C ASP B 143 -8.38 -7.81 12.74
N PHE B 144 -7.74 -7.64 11.61
CA PHE B 144 -6.25 -7.56 11.60
C PHE B 144 -5.80 -6.27 12.28
N MET B 145 -6.51 -5.20 12.10
CA MET B 145 -6.13 -3.90 12.73
C MET B 145 -6.29 -4.01 14.25
N LEU B 146 -7.31 -4.68 14.69
CA LEU B 146 -7.52 -4.81 16.17
C LEU B 146 -6.63 -5.93 16.72
N HIS B 147 -6.12 -6.77 15.86
CA HIS B 147 -5.25 -7.88 16.33
C HIS B 147 -3.78 -7.44 16.27
N HIS B 148 -3.46 -6.54 15.39
CA HIS B 148 -2.05 -6.07 15.27
C HIS B 148 -1.85 -4.83 16.16
N CYS B 149 -2.79 -4.53 17.02
CA CYS B 149 -2.65 -3.33 17.91
C CYS B 149 -2.63 -2.05 17.07
N ILE B 150 -3.19 -2.10 15.90
CA ILE B 150 -3.20 -0.88 15.03
C ILE B 150 -4.25 0.11 15.55
N ALA B 151 -5.36 -0.39 16.02
CA ALA B 151 -6.42 0.51 16.54
C ALA B 151 -5.85 1.38 17.67
N ARG B 152 -5.19 0.78 18.61
CA ARG B 152 -4.60 1.58 19.73
C ARG B 152 -3.75 2.71 19.17
N TRP B 153 -2.65 2.38 18.52
CA TRP B 153 -1.77 3.45 17.94
C TRP B 153 -2.64 4.59 17.37
N ILE B 154 -3.53 4.29 16.49
CA ILE B 154 -4.41 5.35 15.91
C ILE B 154 -5.07 6.15 17.04
N ALA B 155 -5.43 5.49 18.09
CA ALA B 155 -6.08 6.20 19.24
C ALA B 155 -5.05 7.12 19.90
N GLN B 156 -3.82 6.70 19.96
CA GLN B 156 -2.77 7.55 20.61
C GLN B 156 -2.38 8.68 19.67
N ARG B 157 -2.65 8.53 18.40
CA ARG B 157 -2.29 9.60 17.43
C ARG B 157 -3.39 10.67 17.41
N GLY B 158 -4.48 10.43 18.09
CA GLY B 158 -5.59 11.42 18.11
C GLY B 158 -6.78 10.88 17.30
N GLY B 159 -6.84 9.60 17.11
CA GLY B 159 -7.97 9.02 16.32
C GLY B 159 -7.86 9.46 14.86
N TRP B 160 -8.86 9.18 14.08
CA TRP B 160 -8.82 9.59 12.64
C TRP B 160 -9.09 11.09 12.53
N VAL B 161 -9.51 11.71 13.61
CA VAL B 161 -9.79 13.18 13.56
C VAL B 161 -8.47 13.95 13.49
N ALA B 162 -7.37 13.27 13.62
CA ALA B 162 -6.05 13.97 13.56
C ALA B 162 -5.66 14.19 12.10
N ALA B 163 -6.45 13.69 11.18
CA ALA B 163 -6.11 13.87 9.74
C ALA B 163 -6.24 15.35 9.36
N LEU B 164 -7.21 16.03 9.91
CA LEU B 164 -7.39 17.47 9.58
C LEU B 164 -6.21 18.27 10.13
N ASN B 165 -5.49 17.72 11.07
CA ASN B 165 -4.33 18.45 11.65
C ASN B 165 -3.05 18.01 10.94
N LEU B 166 -3.13 17.65 9.69
CA LEU B 166 -1.91 17.23 8.94
C LEU B 166 -1.46 18.36 7.99
N GLY B 167 -0.85 18.02 6.89
CA GLY B 167 -0.40 19.07 5.93
C GLY B 167 -1.59 19.88 5.44
N ASN B 168 -2.27 19.42 4.42
CA ASN B 168 -3.45 20.17 3.89
C ASN B 168 -4.56 20.15 4.94
N GLY B 169 -4.42 19.34 5.95
CA GLY B 169 -5.47 19.29 7.00
C GLY B 169 -6.84 19.15 6.34
N MET A 1 29.54 2.35 -11.61
CA MET A 1 28.96 3.64 -11.15
C MET A 1 28.45 3.48 -9.71
N GLN A 2 27.96 4.54 -9.12
CA GLN A 2 27.46 4.45 -7.72
C GLN A 2 25.95 4.77 -7.70
N ILE A 3 25.17 3.93 -7.07
CA ILE A 3 23.70 4.19 -7.01
C ILE A 3 23.27 4.38 -5.56
N PHE A 4 22.06 4.84 -5.34
CA PHE A 4 21.59 5.05 -3.94
C PHE A 4 20.24 4.36 -3.75
N VAL A 5 20.18 3.40 -2.86
CA VAL A 5 18.88 2.70 -2.63
C VAL A 5 18.17 3.31 -1.42
N LYS A 6 16.89 3.55 -1.53
CA LYS A 6 16.14 4.15 -0.38
C LYS A 6 15.27 3.07 0.26
N THR A 7 15.33 2.94 1.56
CA THR A 7 14.50 1.92 2.25
C THR A 7 13.23 2.58 2.79
N LEU A 8 12.38 1.82 3.42
CA LEU A 8 11.13 2.40 3.97
C LEU A 8 11.39 2.93 5.39
N THR A 9 12.60 2.82 5.87
CA THR A 9 12.91 3.31 7.24
C THR A 9 13.60 4.68 7.16
N GLY A 10 13.78 5.19 5.97
CA GLY A 10 14.44 6.52 5.82
C GLY A 10 15.97 6.35 5.78
N LYS A 11 16.43 5.14 5.60
CA LYS A 11 17.90 4.90 5.55
C LYS A 11 18.34 4.70 4.10
N THR A 12 19.34 5.42 3.66
CA THR A 12 19.80 5.25 2.25
C THR A 12 21.20 4.63 2.24
N ILE A 13 21.38 3.57 1.50
CA ILE A 13 22.72 2.90 1.45
C ILE A 13 23.30 3.02 0.05
N THR A 14 24.53 3.43 -0.07
CA THR A 14 25.15 3.56 -1.42
C THR A 14 25.52 2.18 -1.95
N LEU A 15 25.77 2.07 -3.23
CA LEU A 15 26.14 0.75 -3.81
C LEU A 15 26.97 0.96 -5.08
N GLU A 16 28.05 0.23 -5.22
CA GLU A 16 28.91 0.39 -6.44
C GLU A 16 28.65 -0.78 -7.40
N VAL A 17 27.99 -0.51 -8.50
CA VAL A 17 27.70 -1.61 -9.47
C VAL A 17 27.99 -1.11 -10.90
N GLU A 18 27.76 -1.93 -11.88
CA GLU A 18 28.01 -1.52 -13.29
C GLU A 18 26.78 -1.82 -14.16
N PRO A 19 26.53 -1.01 -15.18
CA PRO A 19 25.36 -1.19 -16.09
C PRO A 19 25.27 -2.61 -16.66
N SER A 20 26.34 -3.35 -16.62
CA SER A 20 26.33 -4.75 -17.16
C SER A 20 26.07 -5.74 -16.02
N ASP A 21 25.89 -5.26 -14.83
CA ASP A 21 25.63 -6.17 -13.68
C ASP A 21 24.19 -6.69 -13.75
N THR A 22 23.97 -7.89 -13.30
CA THR A 22 22.58 -8.46 -13.34
C THR A 22 21.85 -8.10 -12.04
N ILE A 23 20.55 -8.12 -12.06
CA ILE A 23 19.77 -7.80 -10.83
C ILE A 23 20.08 -8.83 -9.74
N GLU A 24 20.38 -10.04 -10.13
CA GLU A 24 20.68 -11.10 -9.13
C GLU A 24 22.00 -10.76 -8.41
N ASN A 25 22.89 -10.10 -9.09
CA ASN A 25 24.18 -9.75 -8.46
C ASN A 25 23.98 -8.59 -7.50
N VAL A 26 23.24 -7.59 -7.91
CA VAL A 26 22.99 -6.43 -7.02
C VAL A 26 22.31 -6.91 -5.74
N LYS A 27 21.38 -7.83 -5.86
CA LYS A 27 20.68 -8.33 -4.64
C LYS A 27 21.68 -9.01 -3.72
N ALA A 28 22.61 -9.75 -4.28
CA ALA A 28 23.63 -10.44 -3.44
C ALA A 28 24.49 -9.40 -2.73
N LYS A 29 24.72 -8.28 -3.35
CA LYS A 29 25.55 -7.23 -2.70
C LYS A 29 24.80 -6.64 -1.51
N ILE A 30 23.51 -6.47 -1.65
CA ILE A 30 22.70 -5.89 -0.53
C ILE A 30 22.75 -6.83 0.69
N GLN A 31 22.54 -8.10 0.48
CA GLN A 31 22.57 -9.06 1.62
C GLN A 31 24.01 -9.20 2.12
N ASP A 32 24.98 -8.96 1.28
CA ASP A 32 26.40 -9.08 1.71
C ASP A 32 26.78 -7.86 2.55
N LYS A 33 26.10 -6.76 2.37
CA LYS A 33 26.42 -5.54 3.16
C LYS A 33 25.24 -5.20 4.07
N GLU A 34 24.15 -5.91 3.95
CA GLU A 34 22.97 -5.60 4.81
C GLU A 34 22.49 -6.89 5.48
N GLY A 35 22.33 -7.95 4.73
CA GLY A 35 21.87 -9.24 5.33
C GLY A 35 20.39 -9.44 5.02
N ILE A 36 19.90 -8.86 3.96
CA ILE A 36 18.46 -9.03 3.60
C ILE A 36 18.31 -10.11 2.53
N PRO A 37 17.73 -11.25 2.87
CA PRO A 37 17.53 -12.39 1.93
C PRO A 37 16.89 -11.95 0.58
N PRO A 38 17.51 -12.30 -0.53
CA PRO A 38 16.99 -11.91 -1.88
C PRO A 38 15.53 -12.35 -2.09
N ASP A 39 15.08 -13.34 -1.38
CA ASP A 39 13.67 -13.80 -1.53
C ASP A 39 12.70 -12.75 -0.97
N GLN A 40 13.19 -11.86 -0.15
CA GLN A 40 12.29 -10.80 0.43
C GLN A 40 12.72 -9.42 -0.09
N GLN A 41 12.91 -9.29 -1.37
CA GLN A 41 13.33 -7.98 -1.94
C GLN A 41 12.42 -7.61 -3.12
N ARG A 42 11.86 -6.42 -3.12
CA ARG A 42 10.96 -6.01 -4.24
C ARG A 42 11.42 -4.66 -4.82
N LEU A 43 12.53 -4.66 -5.49
CA LEU A 43 13.05 -3.39 -6.08
C LEU A 43 11.95 -2.73 -6.92
N ILE A 44 11.97 -1.42 -7.06
CA ILE A 44 10.94 -0.72 -7.88
C ILE A 44 11.57 0.46 -8.63
N PHE A 45 11.40 0.51 -9.92
CA PHE A 45 11.99 1.64 -10.70
C PHE A 45 10.99 2.11 -11.76
N ALA A 46 10.58 3.34 -11.70
CA ALA A 46 9.59 3.85 -12.71
C ALA A 46 8.27 3.09 -12.58
N GLY A 47 7.95 2.62 -11.40
CA GLY A 47 6.68 1.87 -11.22
C GLY A 47 6.74 0.56 -12.00
N LYS A 48 7.90 -0.04 -12.10
CA LYS A 48 8.01 -1.33 -12.84
C LYS A 48 8.83 -2.33 -12.02
N GLN A 49 8.33 -3.52 -11.84
CA GLN A 49 9.07 -4.54 -11.05
C GLN A 49 10.18 -5.16 -11.91
N LEU A 50 11.37 -4.62 -11.85
CA LEU A 50 12.50 -5.18 -12.66
C LEU A 50 12.52 -6.71 -12.53
N GLU A 51 12.89 -7.40 -13.58
CA GLU A 51 12.93 -8.89 -13.53
C GLU A 51 14.33 -9.35 -13.08
N ASP A 52 14.51 -10.64 -12.90
CA ASP A 52 15.84 -11.15 -12.45
C ASP A 52 16.61 -11.71 -13.66
N GLY A 53 16.00 -11.72 -14.82
CA GLY A 53 16.70 -12.27 -16.02
C GLY A 53 17.13 -11.11 -16.94
N ARG A 54 17.05 -9.89 -16.46
CA ARG A 54 17.46 -8.72 -17.30
C ARG A 54 18.58 -7.95 -16.61
N THR A 55 19.31 -7.14 -17.35
CA THR A 55 20.43 -6.36 -16.73
C THR A 55 19.93 -4.95 -16.39
N LEU A 56 20.82 -4.09 -15.94
CA LEU A 56 20.41 -2.71 -15.58
C LEU A 56 20.25 -1.88 -16.87
N SER A 57 21.07 -2.13 -17.85
CA SER A 57 20.97 -1.36 -19.13
C SER A 57 19.62 -1.64 -19.80
N ASP A 58 19.04 -2.76 -19.50
CA ASP A 58 17.73 -3.10 -20.12
C ASP A 58 16.70 -2.05 -19.72
N TYR A 59 16.77 -1.55 -18.53
CA TYR A 59 15.79 -0.51 -18.09
C TYR A 59 16.32 0.88 -18.43
N ASN A 60 17.57 0.99 -18.78
CA ASN A 60 18.16 2.32 -19.11
C ASN A 60 18.51 3.07 -17.82
N ILE A 61 18.89 2.36 -16.81
CA ILE A 61 19.25 3.03 -15.53
C ILE A 61 20.63 3.66 -15.65
N GLN A 62 20.71 4.95 -15.53
CA GLN A 62 22.05 5.62 -15.65
C GLN A 62 22.74 5.63 -14.28
N LYS A 63 23.68 6.48 -14.10
CA LYS A 63 24.40 6.53 -12.78
C LYS A 63 23.65 7.46 -11.83
N GLU A 64 23.97 7.42 -10.56
CA GLU A 64 23.27 8.31 -9.57
C GLU A 64 21.76 8.05 -9.65
N SER A 65 21.36 6.82 -9.88
CA SER A 65 19.90 6.52 -9.96
C SER A 65 19.39 6.03 -8.60
N THR A 66 18.12 6.21 -8.32
CA THR A 66 17.57 5.76 -7.01
C THR A 66 16.50 4.70 -7.23
N LEU A 67 16.52 3.63 -6.46
CA LEU A 67 15.49 2.55 -6.64
C LEU A 67 14.83 2.25 -5.29
N HIS A 68 13.51 2.22 -5.24
CA HIS A 68 12.80 1.92 -3.96
C HIS A 68 12.98 0.44 -3.59
N LEU A 69 12.84 0.09 -2.33
CA LEU A 69 12.99 -1.33 -1.91
C LEU A 69 11.81 -1.74 -1.01
N VAL A 70 10.97 -2.64 -1.48
CA VAL A 70 9.82 -3.08 -0.63
C VAL A 70 10.19 -4.36 0.12
N LEU A 71 9.27 -5.28 0.26
CA LEU A 71 9.59 -6.54 0.99
C LEU A 71 8.36 -7.46 0.97
N ARG A 72 8.55 -8.72 0.69
CA ARG A 72 7.39 -9.67 0.65
C ARG A 72 7.60 -10.78 1.70
N LEU A 73 8.60 -10.64 2.54
CA LEU A 73 8.86 -11.68 3.60
C LEU A 73 7.53 -12.25 4.11
N ARG A 74 7.41 -13.56 4.11
CA ARG A 74 6.15 -14.18 4.57
C ARG A 74 6.27 -14.55 6.06
N GLY A 75 6.39 -15.81 6.36
CA GLY A 75 6.49 -16.21 7.80
C GLY A 75 5.08 -16.23 8.38
N CYS A 76 4.11 -15.97 7.58
CA CYS A 76 2.70 -15.95 8.07
C CYS A 76 2.08 -17.34 7.91
N ALA B 1 -16.69 16.66 15.98
CA ALA B 1 -17.09 15.74 17.08
C ALA B 1 -16.34 16.12 18.36
N LEU B 2 -16.40 15.29 19.36
CA LEU B 2 -15.69 15.59 20.63
C LEU B 2 -14.27 14.99 20.60
N PRO B 3 -13.36 15.55 21.35
CA PRO B 3 -11.94 15.06 21.41
C PRO B 3 -11.83 13.73 22.15
N SER B 4 -10.70 13.08 22.04
CA SER B 4 -10.52 11.78 22.75
C SER B 4 -11.32 10.70 22.02
N ALA B 5 -10.94 9.46 22.19
CA ALA B 5 -11.68 8.35 21.51
C ALA B 5 -11.18 7.00 22.01
N SER B 6 -12.02 6.00 22.02
CA SER B 6 -11.58 4.66 22.50
C SER B 6 -11.45 3.71 21.31
N GLU B 7 -11.00 2.51 21.55
CA GLU B 7 -10.85 1.53 20.43
C GLU B 7 -12.22 1.05 19.99
N GLU B 8 -13.22 1.29 20.78
CA GLU B 8 -14.58 0.83 20.41
C GLU B 8 -15.13 1.73 19.28
N GLN B 9 -14.85 3.01 19.32
CA GLN B 9 -15.36 3.95 18.25
C GLN B 9 -14.35 4.05 17.09
N VAL B 10 -13.15 3.54 17.27
CA VAL B 10 -12.14 3.62 16.15
C VAL B 10 -12.45 2.57 15.09
N ALA B 11 -13.01 1.46 15.48
CA ALA B 11 -13.34 0.39 14.48
C ALA B 11 -14.49 0.86 13.61
N GLN B 12 -15.31 1.74 14.11
CA GLN B 12 -16.46 2.24 13.31
C GLN B 12 -15.98 3.35 12.36
N ASP B 13 -15.09 4.19 12.81
CA ASP B 13 -14.59 5.29 11.95
C ASP B 13 -13.52 4.74 10.99
N THR B 14 -13.02 3.55 11.24
CA THR B 14 -11.99 2.96 10.34
C THR B 14 -12.67 2.36 9.11
N GLU B 15 -13.79 1.72 9.31
CA GLU B 15 -14.49 1.11 8.15
C GLU B 15 -15.17 2.20 7.34
N GLU B 16 -15.67 3.22 7.99
CA GLU B 16 -16.34 4.32 7.26
C GLU B 16 -15.30 5.15 6.49
N VAL B 17 -14.12 5.30 7.04
CA VAL B 17 -13.06 6.09 6.35
C VAL B 17 -12.31 5.18 5.36
N PHE B 18 -12.55 3.91 5.41
CA PHE B 18 -11.85 2.98 4.49
C PHE B 18 -12.52 3.03 3.11
N ARG B 19 -13.81 3.10 3.09
CA ARG B 19 -14.54 3.13 1.80
C ARG B 19 -14.67 4.59 1.30
N SER B 20 -15.01 5.48 2.18
CA SER B 20 -15.15 6.91 1.77
C SER B 20 -13.84 7.39 1.11
N TYR B 21 -12.76 6.77 1.44
CA TYR B 21 -11.46 7.18 0.84
C TYR B 21 -11.29 6.50 -0.53
N VAL B 22 -11.44 5.20 -0.58
CA VAL B 22 -11.28 4.48 -1.88
C VAL B 22 -12.35 4.96 -2.88
N PHE B 23 -13.45 5.46 -2.40
CA PHE B 23 -14.53 5.92 -3.32
C PHE B 23 -14.10 7.24 -3.99
N TYR B 24 -13.81 8.24 -3.20
CA TYR B 24 -13.40 9.55 -3.80
C TYR B 24 -12.13 9.36 -4.62
N ARG B 25 -11.39 8.33 -4.34
CA ARG B 25 -10.14 8.10 -5.10
C ARG B 25 -10.47 7.46 -6.46
N HIS B 26 -11.41 6.55 -6.47
CA HIS B 26 -11.78 5.87 -7.75
C HIS B 26 -12.74 6.76 -8.54
N GLN B 27 -13.48 7.61 -7.86
CA GLN B 27 -14.43 8.51 -8.57
C GLN B 27 -13.66 9.44 -9.49
N GLN B 28 -12.55 9.93 -9.06
CA GLN B 28 -11.75 10.86 -9.92
C GLN B 28 -10.93 10.03 -10.93
N GLU B 29 -10.44 8.89 -10.54
CA GLU B 29 -9.64 8.05 -11.48
C GLU B 29 -10.53 7.59 -12.66
N GLN B 30 -11.82 7.63 -12.50
CA GLN B 30 -12.73 7.19 -13.62
C GLN B 30 -12.66 8.19 -14.77
N GLU B 31 -12.41 9.43 -14.49
CA GLU B 31 -12.33 10.45 -15.57
C GLU B 31 -11.08 10.21 -16.42
N ALA B 32 -9.99 9.92 -15.79
CA ALA B 32 -8.73 9.68 -16.57
C ALA B 32 -8.79 8.29 -17.24
N GLU B 33 -8.84 7.24 -16.46
CA GLU B 33 -8.91 5.88 -17.05
C GLU B 33 -10.08 5.10 -16.43
N GLY B 34 -10.24 3.85 -16.79
CA GLY B 34 -11.38 3.05 -16.23
C GLY B 34 -10.83 1.75 -15.64
N VAL B 35 -9.55 1.68 -15.44
CA VAL B 35 -8.96 0.45 -14.86
C VAL B 35 -9.68 0.10 -13.57
N ALA B 36 -10.09 -1.14 -13.41
CA ALA B 36 -10.80 -1.53 -12.17
C ALA B 36 -11.93 -0.55 -11.90
N ALA B 37 -12.55 -0.02 -12.93
CA ALA B 37 -13.67 0.95 -12.73
C ALA B 37 -14.81 0.27 -11.94
N PRO B 38 -15.70 1.06 -11.38
CA PRO B 38 -16.85 0.55 -10.59
C PRO B 38 -17.93 -0.09 -11.47
N ALA B 39 -19.03 -0.49 -10.88
CA ALA B 39 -20.11 -1.13 -11.69
C ALA B 39 -21.01 -0.04 -12.31
N ASP B 40 -20.42 0.97 -12.88
CA ASP B 40 -21.25 2.06 -13.50
C ASP B 40 -22.09 2.75 -12.41
N PRO B 41 -22.52 3.97 -12.68
CA PRO B 41 -23.35 4.76 -11.72
C PRO B 41 -24.79 4.22 -11.58
N GLU B 42 -25.01 3.31 -10.68
CA GLU B 42 -26.38 2.75 -10.51
C GLU B 42 -26.60 2.37 -9.04
N MET B 43 -27.48 1.43 -8.78
CA MET B 43 -27.74 1.03 -7.37
C MET B 43 -26.52 0.28 -6.84
N VAL B 44 -25.74 -0.30 -7.71
CA VAL B 44 -24.55 -1.04 -7.27
C VAL B 44 -23.43 -0.05 -6.94
N THR B 45 -23.76 1.22 -6.83
CA THR B 45 -22.71 2.23 -6.52
C THR B 45 -22.34 2.13 -5.04
N LEU B 46 -21.44 2.97 -4.58
CA LEU B 46 -21.02 2.93 -3.15
C LEU B 46 -21.68 4.09 -2.36
N PRO B 47 -22.81 3.83 -1.73
CA PRO B 47 -23.58 4.87 -0.94
C PRO B 47 -22.90 5.21 0.41
N LEU B 48 -21.93 6.12 0.41
CA LEU B 48 -21.23 6.49 1.69
C LEU B 48 -22.04 7.56 2.44
N GLN B 49 -21.59 7.99 3.60
CA GLN B 49 -22.33 9.03 4.38
C GLN B 49 -21.44 10.28 4.57
N PRO B 50 -21.41 11.15 3.60
CA PRO B 50 -20.59 12.40 3.65
C PRO B 50 -21.16 13.44 4.61
N SER B 51 -22.32 13.19 5.13
CA SER B 51 -22.94 14.17 6.07
C SER B 51 -22.17 14.17 7.41
N SER B 52 -21.30 13.20 7.62
CA SER B 52 -20.51 13.15 8.91
C SER B 52 -19.13 13.80 8.71
N THR B 53 -18.46 14.17 9.79
CA THR B 53 -17.11 14.81 9.66
C THR B 53 -16.13 13.83 9.01
N MET B 54 -16.36 12.56 9.14
CA MET B 54 -15.45 11.55 8.54
C MET B 54 -15.43 11.74 7.02
N GLY B 55 -16.42 12.39 6.50
CA GLY B 55 -16.48 12.60 5.04
C GLY B 55 -15.30 13.50 4.61
N GLN B 56 -14.91 14.44 5.44
CA GLN B 56 -13.78 15.35 5.09
C GLN B 56 -12.44 14.66 5.37
N VAL B 57 -12.44 13.62 6.16
CA VAL B 57 -11.16 12.90 6.48
C VAL B 57 -10.68 12.14 5.25
N GLY B 58 -11.59 11.57 4.51
CA GLY B 58 -11.17 10.82 3.29
C GLY B 58 -10.71 11.80 2.20
N ARG B 59 -11.42 12.86 2.02
CA ARG B 59 -11.01 13.85 0.98
C ARG B 59 -9.58 14.35 1.26
N GLN B 60 -9.25 14.64 2.50
CA GLN B 60 -7.87 15.14 2.82
C GLN B 60 -6.85 14.00 2.63
N LEU B 61 -7.05 12.87 3.26
CA LEU B 61 -6.09 11.74 3.12
C LEU B 61 -5.94 11.37 1.63
N ALA B 62 -6.92 11.67 0.85
CA ALA B 62 -6.83 11.34 -0.61
C ALA B 62 -5.98 12.40 -1.32
N ILE B 63 -5.66 13.46 -0.65
CA ILE B 63 -4.84 14.53 -1.28
C ILE B 63 -3.35 14.35 -0.89
N ILE B 64 -3.07 14.14 0.37
CA ILE B 64 -1.65 13.96 0.80
C ILE B 64 -1.08 12.67 0.20
N GLY B 65 -1.92 11.73 -0.12
CA GLY B 65 -1.43 10.44 -0.71
C GLY B 65 -1.93 10.31 -2.15
N ASP B 66 -1.78 11.35 -2.92
CA ASP B 66 -2.25 11.28 -4.33
C ASP B 66 -1.06 10.93 -5.25
N ASP B 67 0.00 11.70 -5.20
CA ASP B 67 1.20 11.42 -6.06
C ASP B 67 1.97 10.20 -5.51
N ILE B 68 2.15 10.13 -4.22
CA ILE B 68 2.90 8.98 -3.63
C ILE B 68 2.15 7.67 -3.90
N ASN B 69 0.89 7.76 -4.20
CA ASN B 69 0.10 6.53 -4.48
C ASN B 69 0.39 6.05 -5.90
N ARG B 70 0.28 6.92 -6.87
CA ARG B 70 0.54 6.51 -8.28
C ARG B 70 2.03 6.19 -8.46
N ARG B 71 2.88 6.74 -7.63
CA ARG B 71 4.35 6.47 -7.77
C ARG B 71 4.60 4.95 -7.83
N TYR B 72 4.18 4.22 -6.83
CA TYR B 72 4.39 2.73 -6.83
C TYR B 72 3.04 2.02 -6.94
N ASP B 73 2.26 2.34 -7.93
CA ASP B 73 0.94 1.68 -8.08
C ASP B 73 0.96 0.77 -9.33
N SER B 74 1.69 1.16 -10.34
CA SER B 74 1.75 0.31 -11.57
C SER B 74 2.50 -1.00 -11.27
N GLU B 75 3.31 -1.02 -10.24
CA GLU B 75 4.07 -2.27 -9.90
C GLU B 75 3.28 -3.09 -8.87
N PHE B 76 2.34 -2.47 -8.21
CA PHE B 76 1.55 -3.21 -7.20
C PHE B 76 0.64 -4.23 -7.90
N GLN B 77 0.03 -3.84 -8.99
CA GLN B 77 -0.86 -4.78 -9.73
C GLN B 77 -0.02 -5.75 -10.56
N THR B 78 1.10 -5.32 -11.03
CA THR B 78 1.96 -6.23 -11.85
C THR B 78 2.34 -7.47 -11.02
N MET B 79 2.81 -7.29 -9.82
CA MET B 79 3.20 -8.46 -8.97
C MET B 79 1.94 -9.12 -8.38
N LEU B 80 0.89 -8.37 -8.21
CA LEU B 80 -0.37 -8.97 -7.65
C LEU B 80 -0.90 -10.06 -8.59
N GLN B 81 -0.69 -9.89 -9.87
CA GLN B 81 -1.19 -10.91 -10.84
C GLN B 81 -0.35 -12.19 -10.70
N HIS B 82 0.90 -12.05 -10.35
CA HIS B 82 1.76 -13.26 -10.20
C HIS B 82 1.41 -13.98 -8.90
N LEU B 83 0.58 -13.39 -8.08
CA LEU B 83 0.20 -14.04 -6.81
C LEU B 83 -0.97 -15.00 -7.04
N GLN B 84 -2.10 -14.49 -7.48
CA GLN B 84 -3.28 -15.37 -7.72
C GLN B 84 -3.68 -16.07 -6.43
N PRO B 85 -4.08 -15.31 -5.44
CA PRO B 85 -4.50 -15.86 -4.12
C PRO B 85 -5.86 -16.55 -4.18
N THR B 86 -6.33 -17.05 -3.08
CA THR B 86 -7.65 -17.74 -3.08
C THR B 86 -8.49 -17.26 -1.88
N ALA B 87 -9.73 -17.63 -1.83
CA ALA B 87 -10.59 -17.18 -0.70
C ALA B 87 -10.22 -17.96 0.57
N GLU B 88 -9.48 -19.03 0.42
CA GLU B 88 -9.08 -19.83 1.61
C GLU B 88 -7.76 -19.30 2.16
N ASN B 89 -6.93 -18.74 1.31
CA ASN B 89 -5.62 -18.21 1.79
C ASN B 89 -5.53 -16.71 1.45
N ALA B 90 -6.65 -16.03 1.44
CA ALA B 90 -6.63 -14.57 1.12
C ALA B 90 -5.99 -13.81 2.28
N TYR B 91 -6.31 -14.18 3.50
CA TYR B 91 -5.72 -13.47 4.67
C TYR B 91 -4.30 -13.98 4.92
N GLU B 92 -3.94 -15.08 4.31
CA GLU B 92 -2.58 -15.63 4.52
C GLU B 92 -1.57 -14.88 3.64
N TYR B 93 -2.04 -14.22 2.62
CA TYR B 93 -1.13 -13.47 1.72
C TYR B 93 -1.15 -11.98 2.10
N PHE B 94 -2.31 -11.44 2.32
CA PHE B 94 -2.40 -10.00 2.69
C PHE B 94 -1.67 -9.77 4.01
N THR B 95 -1.87 -10.63 4.97
CA THR B 95 -1.20 -10.46 6.29
C THR B 95 0.31 -10.56 6.11
N CYS B 96 0.75 -11.06 4.98
CA CYS B 96 2.21 -11.18 4.74
C CYS B 96 2.76 -9.85 4.22
N ILE B 97 2.13 -9.30 3.21
CA ILE B 97 2.63 -8.00 2.67
C ILE B 97 2.59 -6.94 3.76
N ALA B 98 1.49 -6.84 4.46
CA ALA B 98 1.41 -5.83 5.54
C ALA B 98 2.53 -6.06 6.53
N THR B 99 2.50 -7.15 7.25
CA THR B 99 3.59 -7.43 8.24
C THR B 99 4.95 -7.18 7.59
N SER B 100 5.06 -7.35 6.29
CA SER B 100 6.37 -7.12 5.60
C SER B 100 6.56 -5.62 5.33
N LEU B 101 5.51 -4.86 5.34
CA LEU B 101 5.63 -3.39 5.08
C LEU B 101 5.88 -2.66 6.40
N PHE B 102 5.04 -2.87 7.38
CA PHE B 102 5.23 -2.17 8.69
C PHE B 102 6.34 -2.87 9.47
N GLU B 103 6.95 -3.86 8.91
CA GLU B 103 8.03 -4.59 9.63
C GLU B 103 9.09 -3.59 10.09
N SER B 104 9.31 -2.55 9.33
CA SER B 104 10.33 -1.55 9.73
C SER B 104 9.75 -0.62 10.82
N GLY B 105 8.48 -0.34 10.75
CA GLY B 105 7.86 0.56 11.77
C GLY B 105 6.44 0.95 11.33
N ILE B 106 5.87 1.94 11.96
CA ILE B 106 4.48 2.37 11.57
C ILE B 106 4.45 3.89 11.35
N ASN B 107 3.83 4.33 10.28
CA ASN B 107 3.77 5.79 10.00
C ASN B 107 2.50 6.11 9.22
N TRP B 108 2.19 7.37 9.05
CA TRP B 108 0.96 7.75 8.29
C TRP B 108 1.10 7.29 6.84
N GLY B 109 2.30 7.28 6.33
CA GLY B 109 2.49 6.85 4.91
C GLY B 109 2.31 5.34 4.81
N ARG B 110 2.59 4.62 5.86
CA ARG B 110 2.43 3.13 5.83
C ARG B 110 0.96 2.78 6.01
N VAL B 111 0.17 3.70 6.49
CA VAL B 111 -1.28 3.41 6.70
C VAL B 111 -2.04 3.68 5.40
N VAL B 112 -1.82 4.81 4.79
CA VAL B 112 -2.53 5.12 3.52
C VAL B 112 -2.09 4.14 2.44
N ALA B 113 -0.86 3.73 2.46
CA ALA B 113 -0.38 2.76 1.42
C ALA B 113 -1.09 1.42 1.60
N LEU B 114 -1.43 1.08 2.82
CA LEU B 114 -2.12 -0.22 3.06
C LEU B 114 -3.50 -0.21 2.37
N LEU B 115 -4.31 0.76 2.67
CA LEU B 115 -5.67 0.83 2.03
C LEU B 115 -5.51 0.98 0.50
N GLY B 116 -4.55 1.72 0.06
CA GLY B 116 -4.36 1.90 -1.41
C GLY B 116 -4.22 0.54 -2.09
N PHE B 117 -3.43 -0.34 -1.55
CA PHE B 117 -3.27 -1.69 -2.16
C PHE B 117 -4.28 -2.67 -1.54
N GLY B 118 -5.27 -2.16 -0.85
CA GLY B 118 -6.30 -3.05 -0.21
C GLY B 118 -7.62 -3.01 -1.01
N TYR B 119 -7.62 -2.39 -2.16
CA TYR B 119 -8.88 -2.30 -2.99
C TYR B 119 -8.82 -3.32 -4.14
N ARG B 120 -8.17 -3.00 -5.22
CA ARG B 120 -8.07 -3.94 -6.38
C ARG B 120 -7.95 -5.37 -5.85
N LEU B 121 -7.23 -5.57 -4.79
CA LEU B 121 -7.08 -6.94 -4.23
C LEU B 121 -8.48 -7.57 -4.02
N ALA B 122 -9.35 -6.89 -3.34
CA ALA B 122 -10.72 -7.45 -3.12
C ALA B 122 -11.52 -7.43 -4.42
N LEU B 123 -11.47 -6.35 -5.12
CA LEU B 123 -12.22 -6.28 -6.41
C LEU B 123 -11.70 -7.35 -7.37
N HIS B 124 -10.44 -7.69 -7.26
CA HIS B 124 -9.86 -8.73 -8.17
C HIS B 124 -10.67 -10.04 -8.04
N VAL B 125 -11.22 -10.31 -6.89
CA VAL B 125 -12.02 -11.57 -6.72
C VAL B 125 -13.43 -11.34 -7.23
N TYR B 126 -13.99 -10.18 -6.96
CA TYR B 126 -15.37 -9.90 -7.42
C TYR B 126 -15.48 -10.25 -8.90
N GLN B 127 -14.70 -9.61 -9.73
CA GLN B 127 -14.77 -9.91 -11.18
C GLN B 127 -14.54 -11.40 -11.39
N HIS B 128 -13.41 -11.91 -10.95
CA HIS B 128 -13.12 -13.37 -11.12
C HIS B 128 -14.44 -14.15 -11.17
N GLY B 129 -15.32 -13.90 -10.22
CA GLY B 129 -16.62 -14.63 -10.20
C GLY B 129 -17.07 -14.87 -8.76
N LEU B 130 -16.24 -14.56 -7.80
CA LEU B 130 -16.62 -14.77 -6.37
C LEU B 130 -17.44 -13.58 -5.88
N THR B 131 -18.66 -13.45 -6.32
CA THR B 131 -19.51 -12.32 -5.88
C THR B 131 -19.75 -12.40 -4.36
N GLY B 132 -19.64 -11.30 -3.67
CA GLY B 132 -19.85 -11.31 -2.19
C GLY B 132 -18.50 -11.33 -1.47
N PHE B 133 -17.60 -10.45 -1.84
CA PHE B 133 -16.27 -10.41 -1.18
C PHE B 133 -16.10 -9.10 -0.40
N LEU B 134 -16.83 -8.09 -0.78
CA LEU B 134 -16.71 -6.78 -0.08
C LEU B 134 -16.97 -6.98 1.42
N GLY B 135 -17.99 -7.71 1.77
CA GLY B 135 -18.28 -7.94 3.22
C GLY B 135 -17.17 -8.78 3.84
N GLN B 136 -16.54 -9.61 3.07
CA GLN B 136 -15.44 -10.47 3.62
C GLN B 136 -14.21 -9.60 3.92
N VAL B 137 -13.78 -8.81 2.96
CA VAL B 137 -12.59 -7.95 3.20
C VAL B 137 -12.84 -7.03 4.39
N THR B 138 -14.06 -6.58 4.58
CA THR B 138 -14.37 -5.68 5.73
C THR B 138 -14.23 -6.46 7.04
N ARG B 139 -15.07 -7.46 7.24
CA ARG B 139 -14.99 -8.25 8.51
C ARG B 139 -13.65 -8.99 8.56
N PHE B 140 -12.69 -8.57 7.79
CA PHE B 140 -11.36 -9.24 7.80
C PHE B 140 -10.28 -8.24 8.22
N VAL B 141 -10.27 -7.09 7.63
CA VAL B 141 -9.25 -6.08 8.00
C VAL B 141 -9.51 -5.58 9.42
N VAL B 142 -10.71 -5.15 9.70
CA VAL B 142 -11.02 -4.64 11.07
C VAL B 142 -10.48 -5.64 12.11
N ASP B 143 -10.53 -6.90 11.83
CA ASP B 143 -10.02 -7.91 12.80
C ASP B 143 -8.50 -7.85 12.85
N PHE B 144 -7.87 -7.68 11.72
CA PHE B 144 -6.37 -7.60 11.71
C PHE B 144 -5.90 -6.31 12.38
N MET B 145 -6.64 -5.24 12.20
CA MET B 145 -6.23 -3.95 12.84
C MET B 145 -6.39 -4.05 14.36
N LEU B 146 -7.40 -4.72 14.83
CA LEU B 146 -7.61 -4.85 16.30
C LEU B 146 -6.72 -5.97 16.85
N HIS B 147 -6.22 -6.81 15.99
CA HIS B 147 -5.35 -7.93 16.46
C HIS B 147 -3.88 -7.50 16.39
N HIS B 148 -3.57 -6.60 15.51
CA HIS B 148 -2.16 -6.14 15.39
C HIS B 148 -1.95 -4.91 16.28
N CYS B 149 -2.89 -4.60 17.15
CA CYS B 149 -2.74 -3.42 18.04
C CYS B 149 -2.72 -2.14 17.20
N ILE B 150 -3.29 -2.19 16.03
CA ILE B 150 -3.31 -0.97 15.16
C ILE B 150 -4.35 0.02 15.68
N ALA B 151 -5.46 -0.47 16.17
CA ALA B 151 -6.51 0.44 16.70
C ALA B 151 -5.93 1.31 17.83
N ARG B 152 -5.27 0.71 18.77
CA ARG B 152 -4.68 1.50 19.89
C ARG B 152 -3.82 2.63 19.32
N TRP B 153 -2.73 2.31 18.67
CA TRP B 153 -1.86 3.37 18.09
C TRP B 153 -2.72 4.52 17.53
N ILE B 154 -3.63 4.22 16.65
CA ILE B 154 -4.50 5.28 16.08
C ILE B 154 -5.14 6.08 17.22
N ALA B 155 -5.51 5.43 18.28
CA ALA B 155 -6.15 6.15 19.43
C ALA B 155 -5.12 7.07 20.10
N GLN B 156 -3.89 6.66 20.15
CA GLN B 156 -2.83 7.50 20.80
C GLN B 156 -2.45 8.64 19.86
N ARG B 157 -2.72 8.49 18.60
CA ARG B 157 -2.36 9.57 17.63
C ARG B 157 -3.47 10.63 17.62
N GLY B 158 -4.56 10.40 18.32
CA GLY B 158 -5.66 11.40 18.35
C GLY B 158 -6.85 10.87 17.55
N GLY B 159 -6.92 9.59 17.36
CA GLY B 159 -8.06 9.02 16.59
C GLY B 159 -7.96 9.46 15.13
N TRP B 160 -8.97 9.20 14.35
CA TRP B 160 -8.95 9.59 12.93
C TRP B 160 -9.22 11.10 12.81
N VAL B 161 -9.62 11.72 13.89
CA VAL B 161 -9.90 13.19 13.85
C VAL B 161 -8.59 13.95 13.77
N ALA B 162 -7.48 13.27 13.90
CA ALA B 162 -6.16 13.96 13.84
C ALA B 162 -5.78 14.17 12.37
N ALA B 163 -6.58 13.69 11.47
CA ALA B 163 -6.26 13.86 10.03
C ALA B 163 -6.38 15.35 9.64
N LEU B 164 -7.35 16.04 10.19
CA LEU B 164 -7.52 17.47 9.87
C LEU B 164 -6.34 18.27 10.42
N ASN B 165 -5.63 17.72 11.35
CA ASN B 165 -4.46 18.44 11.93
C ASN B 165 -3.19 18.00 11.21
N LEU B 166 -3.29 17.65 9.96
CA LEU B 166 -2.08 17.21 9.20
C LEU B 166 -1.63 18.33 8.25
N GLY B 167 -1.03 18.00 7.14
CA GLY B 167 -0.58 19.04 6.18
C GLY B 167 -1.78 19.86 5.70
N ASN B 168 -2.46 19.40 4.68
CA ASN B 168 -3.64 20.15 4.16
C ASN B 168 -4.75 20.14 5.22
N GLY B 169 -4.60 19.34 6.23
CA GLY B 169 -5.66 19.29 7.29
C GLY B 169 -7.04 19.16 6.64
N MET A 1 29.80 2.31 -10.64
CA MET A 1 29.22 3.60 -10.12
C MET A 1 28.68 3.37 -8.70
N GLN A 2 28.21 4.40 -8.05
CA GLN A 2 27.67 4.24 -6.67
C GLN A 2 26.19 4.60 -6.66
N ILE A 3 25.37 3.74 -6.10
CA ILE A 3 23.90 3.99 -6.06
C ILE A 3 23.45 4.11 -4.61
N PHE A 4 22.25 4.59 -4.36
CA PHE A 4 21.75 4.73 -2.95
C PHE A 4 20.38 4.06 -2.82
N VAL A 5 20.26 3.05 -1.99
CA VAL A 5 18.95 2.36 -1.82
C VAL A 5 18.23 2.91 -0.58
N LYS A 6 16.96 3.22 -0.70
CA LYS A 6 16.20 3.74 0.49
C LYS A 6 15.29 2.66 1.04
N THR A 7 15.32 2.46 2.34
CA THR A 7 14.45 1.42 2.96
C THR A 7 13.19 2.08 3.52
N LEU A 8 12.29 1.30 4.08
CA LEU A 8 11.05 1.89 4.65
C LEU A 8 11.30 2.32 6.10
N THR A 9 12.50 2.14 6.59
CA THR A 9 12.80 2.54 7.99
C THR A 9 13.52 3.89 7.99
N GLY A 10 13.74 4.47 6.84
CA GLY A 10 14.43 5.80 6.78
C GLY A 10 15.94 5.58 6.75
N LYS A 11 16.38 4.38 6.50
CA LYS A 11 17.85 4.10 6.45
C LYS A 11 18.30 3.97 5.00
N THR A 12 19.32 4.69 4.60
CA THR A 12 19.81 4.61 3.19
C THR A 12 21.19 3.95 3.17
N ILE A 13 21.36 2.93 2.35
CA ILE A 13 22.67 2.23 2.27
C ILE A 13 23.28 2.42 0.88
N THR A 14 24.52 2.81 0.81
CA THR A 14 25.18 3.01 -0.52
C THR A 14 25.53 1.66 -1.14
N LEU A 15 25.79 1.63 -2.42
CA LEU A 15 26.12 0.34 -3.08
C LEU A 15 26.98 0.61 -4.31
N GLU A 16 28.05 -0.14 -4.49
CA GLU A 16 28.92 0.07 -5.69
C GLU A 16 28.64 -1.03 -6.72
N VAL A 17 28.00 -0.67 -7.81
CA VAL A 17 27.68 -1.69 -8.86
C VAL A 17 28.00 -1.11 -10.25
N GLU A 18 27.77 -1.87 -11.30
CA GLU A 18 28.07 -1.35 -12.68
C GLU A 18 26.83 -1.54 -13.59
N PRO A 19 26.61 -0.67 -14.55
CA PRO A 19 25.45 -0.76 -15.50
C PRO A 19 25.33 -2.15 -16.16
N SER A 20 26.39 -2.92 -16.15
CA SER A 20 26.36 -4.28 -16.77
C SER A 20 26.06 -5.33 -15.70
N ASP A 21 25.87 -4.92 -14.48
CA ASP A 21 25.57 -5.91 -13.40
C ASP A 21 24.13 -6.38 -13.51
N THR A 22 23.87 -7.60 -13.15
CA THR A 22 22.48 -8.11 -13.24
C THR A 22 21.73 -7.83 -11.94
N ILE A 23 20.43 -7.80 -11.98
CA ILE A 23 19.65 -7.52 -10.74
C ILE A 23 19.91 -8.63 -9.72
N GLU A 24 20.19 -9.81 -10.18
CA GLU A 24 20.46 -10.93 -9.23
C GLU A 24 21.76 -10.66 -8.47
N ASN A 25 22.69 -9.99 -9.09
CA ASN A 25 23.99 -9.71 -8.41
C ASN A 25 23.80 -8.60 -7.38
N VAL A 26 23.09 -7.56 -7.73
CA VAL A 26 22.89 -6.43 -6.77
C VAL A 26 22.17 -6.98 -5.53
N LYS A 27 21.22 -7.86 -5.72
CA LYS A 27 20.48 -8.42 -4.55
C LYS A 27 21.46 -9.20 -3.66
N ALA A 28 22.37 -9.93 -4.26
CA ALA A 28 23.35 -10.71 -3.44
C ALA A 28 24.24 -9.74 -2.65
N LYS A 29 24.54 -8.60 -3.21
CA LYS A 29 25.40 -7.61 -2.49
C LYS A 29 24.65 -7.07 -1.26
N ILE A 30 23.38 -6.85 -1.41
CA ILE A 30 22.58 -6.32 -0.27
C ILE A 30 22.59 -7.33 0.89
N GLN A 31 22.36 -8.57 0.59
CA GLN A 31 22.35 -9.61 1.66
C GLN A 31 23.79 -9.80 2.18
N ASP A 32 24.76 -9.55 1.38
CA ASP A 32 26.18 -9.74 1.83
C ASP A 32 26.58 -8.59 2.76
N LYS A 33 25.92 -7.47 2.66
CA LYS A 33 26.26 -6.30 3.53
C LYS A 33 25.08 -5.97 4.45
N GLU A 34 23.97 -6.65 4.27
CA GLU A 34 22.78 -6.36 5.16
C GLU A 34 22.26 -7.67 5.75
N GLY A 35 22.10 -8.67 4.93
CA GLY A 35 21.59 -9.99 5.44
C GLY A 35 20.11 -10.13 5.10
N ILE A 36 19.66 -9.47 4.07
CA ILE A 36 18.22 -9.57 3.69
C ILE A 36 18.05 -10.60 2.55
N PRO A 37 17.44 -11.75 2.81
CA PRO A 37 17.25 -12.80 1.77
C PRO A 37 16.66 -12.25 0.45
N PRO A 38 17.29 -12.51 -0.69
CA PRO A 38 16.79 -12.05 -2.02
C PRO A 38 15.33 -12.42 -2.27
N ASP A 39 14.85 -13.44 -1.61
CA ASP A 39 13.43 -13.85 -1.82
C ASP A 39 12.48 -12.81 -1.21
N GLN A 40 12.98 -11.97 -0.32
CA GLN A 40 12.11 -10.94 0.32
C GLN A 40 12.58 -9.53 -0.09
N GLN A 41 12.81 -9.33 -1.36
CA GLN A 41 13.28 -7.99 -1.85
C GLN A 41 12.40 -7.53 -3.02
N ARG A 42 11.90 -6.32 -2.96
CA ARG A 42 11.03 -5.81 -4.07
C ARG A 42 11.57 -4.46 -4.54
N LEU A 43 12.70 -4.45 -5.21
CA LEU A 43 13.25 -3.16 -5.70
C LEU A 43 12.19 -2.43 -6.52
N ILE A 44 12.25 -1.12 -6.56
CA ILE A 44 11.24 -0.35 -7.36
C ILE A 44 11.92 0.85 -8.01
N PHE A 45 11.78 1.00 -9.30
CA PHE A 45 12.40 2.16 -10.00
C PHE A 45 11.43 2.73 -11.04
N ALA A 46 11.06 3.97 -10.90
CA ALA A 46 10.12 4.59 -11.88
C ALA A 46 8.79 3.86 -11.82
N GLY A 47 8.44 3.33 -10.68
CA GLY A 47 7.14 2.62 -10.56
C GLY A 47 7.18 1.35 -11.42
N LYS A 48 8.33 0.74 -11.55
CA LYS A 48 8.43 -0.52 -12.37
C LYS A 48 9.19 -1.58 -11.58
N GLN A 49 8.65 -2.77 -11.49
CA GLN A 49 9.35 -3.86 -10.74
C GLN A 49 10.44 -4.45 -11.62
N LEU A 50 11.64 -3.96 -11.49
CA LEU A 50 12.76 -4.49 -12.32
C LEU A 50 12.74 -6.03 -12.30
N GLU A 51 13.10 -6.65 -13.38
CA GLU A 51 13.09 -8.15 -13.43
C GLU A 51 14.46 -8.68 -12.99
N ASP A 52 14.59 -9.98 -12.88
CA ASP A 52 15.91 -10.56 -12.46
C ASP A 52 16.67 -11.07 -13.68
N GLY A 53 16.07 -10.98 -14.85
CA GLY A 53 16.77 -11.46 -16.09
C GLY A 53 17.24 -10.27 -16.92
N ARG A 54 17.18 -9.07 -16.37
CA ARG A 54 17.62 -7.86 -17.14
C ARG A 54 18.76 -7.17 -16.38
N THR A 55 19.51 -6.34 -17.05
CA THR A 55 20.63 -5.62 -16.37
C THR A 55 20.16 -4.24 -15.95
N LEU A 56 21.06 -3.44 -15.42
CA LEU A 56 20.69 -2.07 -14.98
C LEU A 56 20.57 -1.15 -16.20
N SER A 57 21.40 -1.37 -17.19
CA SER A 57 21.36 -0.52 -18.40
C SER A 57 20.00 -0.72 -19.10
N ASP A 58 19.38 -1.85 -18.88
CA ASP A 58 18.07 -2.12 -19.51
C ASP A 58 17.06 -1.07 -19.07
N TYR A 59 17.12 -0.65 -17.83
CA TYR A 59 16.15 0.36 -17.33
C TYR A 59 16.72 1.76 -17.54
N ASN A 60 17.98 1.86 -17.86
CA ASN A 60 18.61 3.21 -18.10
C ASN A 60 18.97 3.86 -16.76
N ILE A 61 19.31 3.08 -15.77
CA ILE A 61 19.66 3.67 -14.45
C ILE A 61 21.07 4.28 -14.50
N GLN A 62 21.18 5.57 -14.31
CA GLN A 62 22.52 6.21 -14.36
C GLN A 62 23.18 6.13 -12.98
N LYS A 63 24.16 6.94 -12.73
CA LYS A 63 24.84 6.91 -11.42
C LYS A 63 24.08 7.79 -10.41
N GLU A 64 24.37 7.65 -9.15
CA GLU A 64 23.66 8.49 -8.13
C GLU A 64 22.14 8.28 -8.26
N SER A 65 21.71 7.10 -8.58
CA SER A 65 20.23 6.84 -8.72
C SER A 65 19.68 6.29 -7.39
N THR A 66 18.40 6.49 -7.14
CA THR A 66 17.80 5.98 -5.87
C THR A 66 16.69 4.96 -6.18
N LEU A 67 16.68 3.84 -5.49
CA LEU A 67 15.62 2.81 -5.75
C LEU A 67 14.92 2.45 -4.43
N HIS A 68 13.61 2.45 -4.42
CA HIS A 68 12.88 2.10 -3.17
C HIS A 68 13.00 0.60 -2.91
N LEU A 69 12.82 0.17 -1.68
CA LEU A 69 12.92 -1.29 -1.37
C LEU A 69 11.72 -1.72 -0.52
N VAL A 70 10.86 -2.57 -1.06
CA VAL A 70 9.67 -3.03 -0.28
C VAL A 70 9.99 -4.39 0.41
N LEU A 71 9.08 -5.29 0.51
CA LEU A 71 9.38 -6.60 1.17
C LEU A 71 8.14 -7.49 1.07
N ARG A 72 8.30 -8.74 0.71
CA ARG A 72 7.13 -9.66 0.60
C ARG A 72 7.27 -10.85 1.55
N LEU A 73 8.27 -10.84 2.42
CA LEU A 73 8.41 -12.00 3.35
C LEU A 73 9.08 -11.58 4.66
N ARG A 74 8.48 -11.96 5.75
CA ARG A 74 9.04 -11.63 7.09
C ARG A 74 8.92 -12.87 7.99
N GLY A 75 7.95 -13.69 7.73
CA GLY A 75 7.75 -14.91 8.55
C GLY A 75 6.27 -15.16 8.77
N CYS A 76 5.51 -15.24 7.71
CA CYS A 76 4.04 -15.47 7.85
C CYS A 76 3.81 -16.74 8.67
N ALA B 1 -16.40 16.44 15.73
CA ALA B 1 -16.81 15.53 16.83
C ALA B 1 -16.06 15.91 18.11
N LEU B 2 -16.12 15.07 19.11
CA LEU B 2 -15.42 15.38 20.40
C LEU B 2 -14.00 14.78 20.36
N PRO B 3 -13.08 15.35 21.11
CA PRO B 3 -11.66 14.85 21.17
C PRO B 3 -11.54 13.52 21.92
N SER B 4 -10.42 12.87 21.81
CA SER B 4 -10.23 11.57 22.51
C SER B 4 -11.03 10.49 21.79
N ALA B 5 -10.65 9.24 21.94
CA ALA B 5 -11.39 8.15 21.27
C ALA B 5 -10.88 6.80 21.78
N SER B 6 -11.71 5.79 21.78
CA SER B 6 -11.28 4.45 22.27
C SER B 6 -11.15 3.50 21.08
N GLU B 7 -10.68 2.30 21.32
CA GLU B 7 -10.52 1.33 20.22
C GLU B 7 -11.90 0.84 19.77
N GLU B 8 -12.90 1.06 20.58
CA GLU B 8 -14.27 0.62 20.21
C GLU B 8 -14.83 1.51 19.09
N GLN B 9 -14.55 2.78 19.14
CA GLN B 9 -15.07 3.71 18.09
C GLN B 9 -14.05 3.82 16.94
N VAL B 10 -12.86 3.32 17.14
CA VAL B 10 -11.83 3.38 16.06
C VAL B 10 -12.15 2.34 14.99
N ALA B 11 -12.70 1.22 15.38
CA ALA B 11 -13.03 0.16 14.38
C ALA B 11 -14.19 0.63 13.51
N GLN B 12 -15.00 1.51 14.01
CA GLN B 12 -16.14 2.01 13.20
C GLN B 12 -15.67 3.11 12.25
N ASP B 13 -14.79 3.96 12.72
CA ASP B 13 -14.30 5.06 11.84
C ASP B 13 -13.24 4.51 10.89
N THR B 14 -12.74 3.34 11.14
CA THR B 14 -11.71 2.74 10.25
C THR B 14 -12.39 2.14 9.00
N GLU B 15 -13.50 1.50 9.18
CA GLU B 15 -14.21 0.90 8.03
C GLU B 15 -14.88 2.01 7.20
N GLU B 16 -15.38 3.03 7.85
CA GLU B 16 -16.05 4.13 7.11
C GLU B 16 -15.00 4.96 6.35
N VAL B 17 -13.83 5.12 6.91
CA VAL B 17 -12.77 5.91 6.21
C VAL B 17 -12.06 5.00 5.21
N PHE B 18 -12.30 3.72 5.29
CA PHE B 18 -11.62 2.80 4.36
C PHE B 18 -12.29 2.87 2.99
N ARG B 19 -13.61 2.93 2.97
CA ARG B 19 -14.32 2.98 1.65
C ARG B 19 -14.44 4.44 1.19
N SER B 20 -14.77 5.34 2.08
CA SER B 20 -14.91 6.78 1.67
C SER B 20 -13.60 7.25 1.05
N TYR B 21 -12.50 6.64 1.41
CA TYR B 21 -11.20 7.06 0.83
C TYR B 21 -11.02 6.37 -0.51
N VAL B 22 -11.18 5.08 -0.55
CA VAL B 22 -11.03 4.35 -1.83
C VAL B 22 -12.10 4.84 -2.81
N PHE B 23 -13.21 5.33 -2.31
CA PHE B 23 -14.30 5.78 -3.23
C PHE B 23 -13.88 7.09 -3.90
N TYR B 24 -13.59 8.09 -3.12
CA TYR B 24 -13.18 9.40 -3.72
C TYR B 24 -11.90 9.20 -4.53
N ARG B 25 -11.16 8.17 -4.25
CA ARG B 25 -9.90 7.91 -5.02
C ARG B 25 -10.26 7.27 -6.37
N HIS B 26 -11.17 6.35 -6.39
CA HIS B 26 -11.54 5.69 -7.68
C HIS B 26 -12.50 6.60 -8.47
N GLN B 27 -13.23 7.44 -7.77
CA GLN B 27 -14.18 8.34 -8.47
C GLN B 27 -13.41 9.29 -9.38
N GLN B 28 -12.29 9.79 -8.93
CA GLN B 28 -11.49 10.71 -9.76
C GLN B 28 -10.68 9.89 -10.78
N GLU B 29 -10.19 8.75 -10.37
CA GLU B 29 -9.38 7.91 -11.31
C GLU B 29 -10.26 7.45 -12.48
N GLN B 30 -11.56 7.48 -12.32
CA GLN B 30 -12.46 7.04 -13.42
C GLN B 30 -12.38 8.04 -14.59
N GLU B 31 -12.14 9.29 -14.28
CA GLU B 31 -12.05 10.32 -15.36
C GLU B 31 -10.80 10.08 -16.21
N ALA B 32 -9.70 9.79 -15.57
CA ALA B 32 -8.44 9.54 -16.33
C ALA B 32 -8.51 8.16 -17.00
N GLU B 33 -8.57 7.11 -16.22
CA GLU B 33 -8.62 5.73 -16.79
C GLU B 33 -9.80 4.97 -16.18
N GLY B 34 -9.98 3.72 -16.52
CA GLY B 34 -11.10 2.92 -15.96
C GLY B 34 -10.56 1.63 -15.36
N VAL B 35 -9.27 1.56 -15.14
CA VAL B 35 -8.68 0.33 -14.55
C VAL B 35 -9.41 -0.01 -13.24
N ALA B 36 -9.81 -1.24 -13.07
CA ALA B 36 -10.52 -1.63 -11.82
C ALA B 36 -11.66 -0.65 -11.55
N ALA B 37 -12.28 -0.14 -12.57
CA ALA B 37 -13.40 0.84 -12.37
C ALA B 37 -14.54 0.15 -11.59
N PRO B 38 -15.43 0.94 -11.01
CA PRO B 38 -16.58 0.42 -10.22
C PRO B 38 -17.66 -0.22 -11.10
N ALA B 39 -18.74 -0.63 -10.51
CA ALA B 39 -19.82 -1.27 -11.32
C ALA B 39 -20.73 -0.19 -11.93
N ASP B 40 -20.14 0.83 -12.51
CA ASP B 40 -20.96 1.92 -13.12
C ASP B 40 -21.80 2.61 -12.03
N PRO B 41 -22.25 3.83 -12.29
CA PRO B 41 -23.07 4.61 -11.32
C PRO B 41 -24.51 4.07 -11.20
N GLU B 42 -24.72 3.15 -10.30
CA GLU B 42 -26.09 2.57 -10.12
C GLU B 42 -26.32 2.21 -8.65
N MET B 43 -27.19 1.27 -8.40
CA MET B 43 -27.46 0.87 -6.99
C MET B 43 -26.23 0.13 -6.45
N VAL B 44 -25.45 -0.45 -7.31
CA VAL B 44 -24.25 -1.20 -6.86
C VAL B 44 -23.14 -0.20 -6.53
N THR B 45 -23.46 1.06 -6.42
CA THR B 45 -22.42 2.08 -6.10
C THR B 45 -22.06 1.98 -4.62
N LEU B 46 -21.16 2.82 -4.15
CA LEU B 46 -20.78 2.78 -2.70
C LEU B 46 -21.48 3.93 -1.93
N PRO B 47 -22.62 3.68 -1.29
CA PRO B 47 -23.39 4.72 -0.52
C PRO B 47 -22.73 5.06 0.82
N LEU B 48 -21.77 5.96 0.81
CA LEU B 48 -21.07 6.33 2.07
C LEU B 48 -21.88 7.41 2.80
N GLN B 49 -21.43 7.84 3.97
CA GLN B 49 -22.19 8.89 4.73
C GLN B 49 -21.31 10.15 4.91
N PRO B 50 -21.26 11.01 3.91
CA PRO B 50 -20.44 12.27 3.96
C PRO B 50 -21.04 13.31 4.90
N SER B 51 -22.22 13.06 5.41
CA SER B 51 -22.84 14.04 6.33
C SER B 51 -22.09 14.04 7.66
N SER B 52 -21.23 13.07 7.86
CA SER B 52 -20.46 13.03 9.14
C SER B 52 -19.08 13.66 8.94
N THR B 53 -18.42 14.03 10.01
CA THR B 53 -17.08 14.68 9.89
C THR B 53 -16.10 13.70 9.24
N MET B 54 -16.33 12.42 9.37
CA MET B 54 -15.39 11.43 8.76
C MET B 54 -15.37 11.62 7.23
N GLY B 55 -16.36 12.27 6.69
CA GLY B 55 -16.39 12.48 5.20
C GLY B 55 -15.20 13.36 4.77
N GLN B 56 -14.81 14.30 5.59
CA GLN B 56 -13.67 15.21 5.22
C GLN B 56 -12.32 14.51 5.49
N VAL B 57 -12.32 13.47 6.27
CA VAL B 57 -11.02 12.78 6.57
C VAL B 57 -10.53 12.02 5.33
N GLY B 58 -11.42 11.45 4.57
CA GLY B 58 -11.01 10.70 3.34
C GLY B 58 -10.55 11.67 2.27
N ARG B 59 -11.26 12.75 2.10
CA ARG B 59 -10.86 13.72 1.04
C ARG B 59 -9.44 14.23 1.33
N GLN B 60 -9.13 14.52 2.57
CA GLN B 60 -7.75 15.01 2.89
C GLN B 60 -6.74 13.88 2.69
N LEU B 61 -6.95 12.75 3.31
CA LEU B 61 -5.98 11.61 3.15
C LEU B 61 -5.83 11.26 1.66
N ALA B 62 -6.82 11.55 0.87
CA ALA B 62 -6.74 11.23 -0.58
C ALA B 62 -5.88 12.29 -1.29
N ILE B 63 -5.58 13.36 -0.61
CA ILE B 63 -4.76 14.43 -1.24
C ILE B 63 -3.28 14.24 -0.86
N ILE B 64 -3.02 14.04 0.42
CA ILE B 64 -1.61 13.85 0.85
C ILE B 64 -1.05 12.56 0.25
N GLY B 65 -1.90 11.62 -0.05
CA GLY B 65 -1.41 10.34 -0.64
C GLY B 65 -1.91 10.22 -2.09
N ASP B 66 -1.77 11.27 -2.87
CA ASP B 66 -2.22 11.21 -4.28
C ASP B 66 -1.04 10.87 -5.20
N ASP B 67 0.01 11.65 -5.14
CA ASP B 67 1.20 11.37 -6.01
C ASP B 67 1.98 10.17 -5.46
N ILE B 68 2.14 10.10 -4.17
CA ILE B 68 2.88 8.96 -3.57
C ILE B 68 2.13 7.66 -3.85
N ASN B 69 0.86 7.75 -4.14
CA ASN B 69 0.07 6.53 -4.42
C ASN B 69 0.36 6.05 -5.85
N ARG B 70 0.25 6.94 -6.82
CA ARG B 70 0.51 6.53 -8.24
C ARG B 70 2.00 6.20 -8.43
N ARG B 71 2.84 6.76 -7.61
CA ARG B 71 4.29 6.50 -7.77
C ARG B 71 4.55 4.98 -7.83
N TYR B 72 4.12 4.25 -6.84
CA TYR B 72 4.32 2.76 -6.86
C TYR B 72 2.97 2.06 -6.98
N ASP B 73 2.18 2.39 -8.00
CA ASP B 73 0.86 1.70 -8.17
C ASP B 73 0.90 0.79 -9.40
N SER B 74 1.63 1.18 -10.41
CA SER B 74 1.69 0.34 -11.65
C SER B 74 2.43 -0.96 -11.35
N GLU B 75 3.23 -0.98 -10.33
CA GLU B 75 3.99 -2.22 -9.99
C GLU B 75 3.18 -3.04 -8.98
N PHE B 76 2.24 -2.42 -8.32
CA PHE B 76 1.42 -3.16 -7.33
C PHE B 76 0.53 -4.16 -8.04
N GLN B 77 -0.08 -3.76 -9.13
CA GLN B 77 -0.98 -4.69 -9.86
C GLN B 77 -0.14 -5.67 -10.68
N THR B 78 0.99 -5.24 -11.15
CA THR B 78 1.84 -6.15 -11.97
C THR B 78 2.23 -7.39 -11.13
N MET B 79 2.69 -7.19 -9.93
CA MET B 79 3.08 -8.36 -9.07
C MET B 79 1.82 -9.03 -8.51
N LEU B 80 0.76 -8.28 -8.35
CA LEU B 80 -0.49 -8.88 -7.80
C LEU B 80 -0.99 -9.96 -8.75
N GLN B 81 -0.81 -9.78 -10.02
CA GLN B 81 -1.29 -10.80 -11.00
C GLN B 81 -0.45 -12.07 -10.86
N HIS B 82 0.79 -11.94 -10.50
CA HIS B 82 1.66 -13.14 -10.35
C HIS B 82 1.31 -13.86 -9.04
N LEU B 83 0.47 -13.27 -8.23
CA LEU B 83 0.10 -13.93 -6.94
C LEU B 83 -1.06 -14.89 -7.19
N GLN B 84 -2.20 -14.39 -7.63
CA GLN B 84 -3.38 -15.27 -7.89
C GLN B 84 -3.79 -15.96 -6.58
N PRO B 85 -4.20 -15.21 -5.60
CA PRO B 85 -4.62 -15.75 -4.28
C PRO B 85 -5.98 -16.45 -4.34
N THR B 86 -6.45 -16.96 -3.24
CA THR B 86 -7.78 -17.66 -3.23
C THR B 86 -8.61 -17.17 -2.04
N ALA B 87 -9.86 -17.53 -1.98
CA ALA B 87 -10.72 -17.08 -0.85
C ALA B 87 -10.34 -17.86 0.40
N GLU B 88 -9.60 -18.92 0.26
CA GLU B 88 -9.21 -19.72 1.45
C GLU B 88 -7.89 -19.18 2.01
N ASN B 89 -7.05 -18.63 1.16
CA ASN B 89 -5.73 -18.08 1.63
C ASN B 89 -5.66 -16.58 1.31
N ALA B 90 -6.77 -15.91 1.28
CA ALA B 90 -6.76 -14.45 0.97
C ALA B 90 -6.11 -13.69 2.13
N TYR B 91 -6.43 -14.06 3.34
CA TYR B 91 -5.84 -13.35 4.52
C TYR B 91 -4.43 -13.87 4.78
N GLU B 92 -4.07 -14.96 4.18
CA GLU B 92 -2.70 -15.52 4.38
C GLU B 92 -1.70 -14.77 3.52
N TYR B 93 -2.18 -14.13 2.48
CA TYR B 93 -1.25 -13.37 1.60
C TYR B 93 -1.29 -11.90 1.97
N PHE B 94 -2.45 -11.36 2.19
CA PHE B 94 -2.55 -9.92 2.56
C PHE B 94 -1.83 -9.70 3.89
N THR B 95 -2.04 -10.56 4.85
CA THR B 95 -1.35 -10.40 6.18
C THR B 95 0.16 -10.49 5.99
N CYS B 96 0.61 -10.99 4.88
CA CYS B 96 2.08 -11.11 4.65
C CYS B 96 2.63 -9.79 4.13
N ILE B 97 2.00 -9.22 3.12
CA ILE B 97 2.51 -7.93 2.59
C ILE B 97 2.45 -6.88 3.69
N ALA B 98 1.34 -6.79 4.40
CA ALA B 98 1.24 -5.78 5.50
C ALA B 98 2.36 -6.00 6.51
N THR B 99 2.33 -7.12 7.21
CA THR B 99 3.39 -7.38 8.21
C THR B 99 4.75 -7.15 7.57
N SER B 100 4.85 -7.33 6.29
CA SER B 100 6.16 -7.11 5.60
C SER B 100 6.36 -5.61 5.33
N LEU B 101 5.31 -4.85 5.35
CA LEU B 101 5.43 -3.38 5.10
C LEU B 101 5.67 -2.64 6.43
N PHE B 102 4.83 -2.85 7.40
CA PHE B 102 5.02 -2.16 8.71
C PHE B 102 6.14 -2.85 9.51
N GLU B 103 6.76 -3.84 8.93
CA GLU B 103 7.84 -4.55 9.66
C GLU B 103 8.88 -3.55 10.13
N SER B 104 9.12 -2.51 9.36
CA SER B 104 10.13 -1.50 9.77
C SER B 104 9.54 -0.60 10.86
N GLY B 105 8.27 -0.31 10.79
CA GLY B 105 7.65 0.58 11.82
C GLY B 105 6.23 0.97 11.37
N ILE B 106 5.63 1.96 12.00
CA ILE B 106 4.24 2.38 11.61
C ILE B 106 4.22 3.89 11.38
N ASN B 107 3.59 4.33 10.31
CA ASN B 107 3.53 5.78 10.03
C ASN B 107 2.25 6.11 9.24
N TRP B 108 1.94 7.36 9.07
CA TRP B 108 0.70 7.74 8.32
C TRP B 108 0.85 7.28 6.86
N GLY B 109 2.05 7.28 6.35
CA GLY B 109 2.25 6.85 4.94
C GLY B 109 2.06 5.33 4.84
N ARG B 110 2.33 4.62 5.90
CA ARG B 110 2.18 3.13 5.87
C ARG B 110 0.71 2.77 6.05
N VAL B 111 -0.08 3.69 6.53
CA VAL B 111 -1.53 3.38 6.72
C VAL B 111 -2.28 3.65 5.42
N VAL B 112 -2.05 4.79 4.82
CA VAL B 112 -2.74 5.12 3.54
C VAL B 112 -2.31 4.14 2.47
N ALA B 113 -1.07 3.74 2.48
CA ALA B 113 -0.57 2.79 1.46
C ALA B 113 -1.29 1.45 1.64
N LEU B 114 -1.62 1.10 2.85
CA LEU B 114 -2.31 -0.21 3.08
C LEU B 114 -3.67 -0.19 2.39
N LEU B 115 -4.47 0.79 2.67
CA LEU B 115 -5.81 0.86 2.05
C LEU B 115 -5.66 1.00 0.53
N GLY B 116 -4.68 1.73 0.09
CA GLY B 116 -4.49 1.91 -1.38
C GLY B 116 -4.34 0.53 -2.06
N PHE B 117 -3.54 -0.34 -1.51
CA PHE B 117 -3.37 -1.69 -2.12
C PHE B 117 -4.37 -2.67 -1.49
N GLY B 118 -5.36 -2.17 -0.79
CA GLY B 118 -6.38 -3.07 -0.16
C GLY B 118 -7.69 -3.03 -0.96
N TYR B 119 -7.68 -2.41 -2.11
CA TYR B 119 -8.93 -2.33 -2.93
C TYR B 119 -8.86 -3.34 -4.07
N ARG B 120 -8.19 -3.00 -5.14
CA ARG B 120 -8.09 -3.95 -6.30
C ARG B 120 -7.96 -5.39 -5.78
N LEU B 121 -7.24 -5.58 -4.72
CA LEU B 121 -7.09 -6.95 -4.16
C LEU B 121 -8.48 -7.58 -3.97
N ALA B 122 -9.37 -6.90 -3.28
CA ALA B 122 -10.74 -7.46 -3.06
C ALA B 122 -11.53 -7.44 -4.37
N LEU B 123 -11.48 -6.35 -5.09
CA LEU B 123 -12.23 -6.26 -6.37
C LEU B 123 -11.69 -7.32 -7.33
N HIS B 124 -10.44 -7.64 -7.23
CA HIS B 124 -9.85 -8.67 -8.13
C HIS B 124 -10.65 -9.96 -8.01
N VAL B 125 -11.17 -10.22 -6.84
CA VAL B 125 -11.95 -11.47 -6.63
C VAL B 125 -13.38 -11.24 -7.14
N TYR B 126 -13.94 -10.10 -6.87
CA TYR B 126 -15.32 -9.83 -7.35
C TYR B 126 -15.43 -10.17 -8.83
N GLN B 127 -14.65 -9.53 -9.67
CA GLN B 127 -14.73 -9.83 -11.12
C GLN B 127 -14.49 -11.32 -11.35
N HIS B 128 -13.37 -11.85 -10.88
CA HIS B 128 -13.10 -13.31 -11.07
C HIS B 128 -14.42 -14.09 -11.11
N GLY B 129 -15.31 -13.85 -10.19
CA GLY B 129 -16.61 -14.57 -10.19
C GLY B 129 -17.08 -14.81 -8.75
N LEU B 130 -16.25 -14.51 -7.79
CA LEU B 130 -16.65 -14.72 -6.38
C LEU B 130 -17.46 -13.52 -5.87
N THR B 131 -18.69 -13.40 -6.31
CA THR B 131 -19.53 -12.25 -5.88
C THR B 131 -19.77 -12.34 -4.36
N GLY B 132 -19.67 -11.23 -3.67
CA GLY B 132 -19.89 -11.25 -2.19
C GLY B 132 -18.54 -11.26 -1.48
N PHE B 133 -17.65 -10.37 -1.84
CA PHE B 133 -16.31 -10.33 -1.18
C PHE B 133 -16.15 -9.02 -0.40
N LEU B 134 -16.87 -8.00 -0.79
CA LEU B 134 -16.78 -6.69 -0.07
C LEU B 134 -17.02 -6.89 1.43
N GLY B 135 -18.05 -7.61 1.78
CA GLY B 135 -18.33 -7.85 3.22
C GLY B 135 -17.22 -8.68 3.85
N GLN B 136 -16.59 -9.51 3.07
CA GLN B 136 -15.49 -10.36 3.64
C GLN B 136 -14.26 -9.49 3.93
N VAL B 137 -13.83 -8.70 2.98
CA VAL B 137 -12.62 -7.83 3.23
C VAL B 137 -12.87 -6.91 4.43
N THR B 138 -14.07 -6.45 4.61
CA THR B 138 -14.36 -5.56 5.77
C THR B 138 -14.21 -6.33 7.08
N ARG B 139 -15.03 -7.34 7.27
CA ARG B 139 -14.94 -8.14 8.54
C ARG B 139 -13.59 -8.88 8.60
N PHE B 140 -12.62 -8.45 7.83
CA PHE B 140 -11.27 -9.13 7.86
C PHE B 140 -10.22 -8.12 8.29
N VAL B 141 -10.22 -6.96 7.70
CA VAL B 141 -9.20 -5.94 8.07
C VAL B 141 -9.47 -5.44 9.49
N VAL B 142 -10.69 -5.04 9.77
CA VAL B 142 -11.01 -4.53 11.14
C VAL B 142 -10.48 -5.52 12.19
N ASP B 143 -10.55 -6.79 11.90
CA ASP B 143 -10.04 -7.80 12.88
C ASP B 143 -8.52 -7.72 12.95
N PHE B 144 -7.89 -7.54 11.83
CA PHE B 144 -6.40 -7.47 11.80
C PHE B 144 -5.94 -6.17 12.49
N MET B 145 -6.67 -5.11 12.31
CA MET B 145 -6.28 -3.81 12.96
C MET B 145 -6.42 -3.91 14.48
N LEU B 146 -7.44 -4.57 14.94
CA LEU B 146 -7.65 -4.71 16.41
C LEU B 146 -6.75 -5.82 16.96
N HIS B 147 -6.26 -6.67 16.11
CA HIS B 147 -5.38 -7.77 16.59
C HIS B 147 -3.93 -7.33 16.53
N HIS B 148 -3.60 -6.43 15.64
CA HIS B 148 -2.21 -5.95 15.55
C HIS B 148 -2.01 -4.71 16.43
N CYS B 149 -2.96 -4.42 17.29
CA CYS B 149 -2.81 -3.21 18.18
C CYS B 149 -2.79 -1.94 17.33
N ILE B 150 -3.34 -1.99 16.15
CA ILE B 150 -3.36 -0.77 15.29
C ILE B 150 -4.39 0.23 15.82
N ALA B 151 -5.50 -0.26 16.30
CA ALA B 151 -6.56 0.66 16.81
C ALA B 151 -5.98 1.53 17.95
N ARG B 152 -5.30 0.93 18.89
CA ARG B 152 -4.72 1.73 20.01
C ARG B 152 -3.87 2.87 19.45
N TRP B 153 -2.79 2.54 18.78
CA TRP B 153 -1.91 3.62 18.21
C TRP B 153 -2.76 4.75 17.64
N ILE B 154 -3.67 4.45 16.77
CA ILE B 154 -4.55 5.51 16.18
C ILE B 154 -5.20 6.31 17.31
N ALA B 155 -5.59 5.66 18.36
CA ALA B 155 -6.24 6.38 19.51
C ALA B 155 -5.21 7.31 20.16
N GLN B 156 -3.98 6.89 20.23
CA GLN B 156 -2.94 7.75 20.88
C GLN B 156 -2.56 8.89 19.93
N ARG B 157 -2.83 8.75 18.67
CA ARG B 157 -2.48 9.83 17.71
C ARG B 157 -3.58 10.90 17.69
N GLY B 158 -4.68 10.67 18.40
CA GLY B 158 -5.79 11.68 18.41
C GLY B 158 -6.98 11.16 17.61
N GLY B 159 -7.04 9.88 17.40
CA GLY B 159 -8.17 9.31 16.62
C GLY B 159 -8.07 9.76 15.15
N TRP B 160 -9.08 9.49 14.38
CA TRP B 160 -9.05 9.90 12.94
C TRP B 160 -9.35 11.38 12.82
N VAL B 161 -9.77 12.00 13.89
CA VAL B 161 -10.04 13.46 13.85
C VAL B 161 -8.72 14.23 13.78
N ALA B 162 -7.62 13.54 13.91
CA ALA B 162 -6.30 14.23 13.84
C ALA B 162 -5.91 14.45 12.38
N ALA B 163 -6.69 13.95 11.47
CA ALA B 163 -6.37 14.13 10.03
C ALA B 163 -6.48 15.61 9.65
N LEU B 164 -7.45 16.30 10.19
CA LEU B 164 -7.63 17.74 9.85
C LEU B 164 -6.45 18.53 10.40
N ASN B 165 -5.73 17.98 11.33
CA ASN B 165 -4.56 18.71 11.91
C ASN B 165 -3.28 18.28 11.20
N LEU B 166 -3.38 17.91 9.94
CA LEU B 166 -2.15 17.49 9.19
C LEU B 166 -1.71 18.63 8.24
N GLY B 167 -1.10 18.29 7.14
CA GLY B 167 -0.64 19.34 6.18
C GLY B 167 -1.84 20.16 5.70
N ASN B 168 -2.52 19.69 4.68
CA ASN B 168 -3.70 20.44 4.16
C ASN B 168 -4.81 20.43 5.21
N GLY B 169 -4.68 19.63 6.23
CA GLY B 169 -5.72 19.58 7.28
C GLY B 169 -7.10 19.45 6.63
N MET A 1 30.18 1.99 -11.38
CA MET A 1 29.59 3.30 -10.96
C MET A 1 29.05 3.16 -9.53
N GLN A 2 28.55 4.23 -8.98
CA GLN A 2 27.99 4.18 -7.59
C GLN A 2 26.50 4.53 -7.63
N ILE A 3 25.69 3.74 -6.97
CA ILE A 3 24.22 4.00 -6.95
C ILE A 3 23.78 4.18 -5.50
N PHE A 4 22.57 4.66 -5.29
CA PHE A 4 22.06 4.87 -3.91
C PHE A 4 20.70 4.17 -3.75
N VAL A 5 20.60 3.24 -2.85
CA VAL A 5 19.30 2.53 -2.64
C VAL A 5 18.57 3.17 -1.47
N LYS A 6 17.30 3.45 -1.64
CA LYS A 6 16.52 4.09 -0.54
C LYS A 6 15.60 3.05 0.10
N THR A 7 15.63 2.94 1.41
CA THR A 7 14.77 1.95 2.10
C THR A 7 13.49 2.63 2.58
N LEU A 8 12.60 1.87 3.16
CA LEU A 8 11.32 2.44 3.67
C LEU A 8 11.54 2.99 5.08
N THR A 9 12.73 2.83 5.62
CA THR A 9 13.02 3.34 6.98
C THR A 9 13.69 4.71 6.89
N GLY A 10 13.90 5.21 5.71
CA GLY A 10 14.56 6.54 5.56
C GLY A 10 16.08 6.37 5.58
N LYS A 11 16.54 5.15 5.45
CA LYS A 11 18.01 4.90 5.45
C LYS A 11 18.48 4.66 4.02
N THR A 12 19.50 5.34 3.59
CA THR A 12 20.01 5.15 2.20
C THR A 12 21.40 4.52 2.26
N ILE A 13 21.61 3.47 1.51
CA ILE A 13 22.93 2.78 1.50
C ILE A 13 23.55 2.86 0.11
N THR A 14 24.79 3.24 0.03
CA THR A 14 25.46 3.34 -1.29
C THR A 14 25.85 1.94 -1.79
N LEU A 15 26.12 1.79 -3.06
CA LEU A 15 26.51 0.45 -3.57
C LEU A 15 27.37 0.65 -4.83
N GLU A 16 28.46 -0.08 -4.95
CA GLU A 16 29.34 0.07 -6.14
C GLU A 16 29.09 -1.11 -7.09
N VAL A 17 28.47 -0.85 -8.21
CA VAL A 17 28.18 -1.93 -9.21
C VAL A 17 28.48 -1.43 -10.61
N GLU A 18 28.27 -2.26 -11.60
CA GLU A 18 28.55 -1.85 -13.01
C GLU A 18 27.32 -2.14 -13.90
N PRO A 19 27.13 -1.40 -14.97
CA PRO A 19 25.98 -1.61 -15.90
C PRO A 19 25.90 -3.04 -16.45
N SER A 20 26.97 -3.78 -16.38
CA SER A 20 26.97 -5.17 -16.89
C SER A 20 26.67 -6.14 -15.74
N ASP A 21 26.49 -5.64 -14.54
CA ASP A 21 26.21 -6.53 -13.39
C ASP A 21 24.77 -7.05 -13.47
N THR A 22 24.53 -8.26 -13.03
CA THR A 22 23.15 -8.81 -13.09
C THR A 22 22.39 -8.44 -11.82
N ILE A 23 21.09 -8.47 -11.87
CA ILE A 23 20.27 -8.13 -10.67
C ILE A 23 20.56 -9.16 -9.57
N GLU A 24 20.85 -10.37 -9.93
CA GLU A 24 21.15 -11.39 -8.89
C GLU A 24 22.41 -10.98 -8.13
N ASN A 25 23.34 -10.38 -8.80
CA ASN A 25 24.60 -9.98 -8.13
C ASN A 25 24.34 -8.80 -7.18
N VAL A 26 23.57 -7.83 -7.60
CA VAL A 26 23.32 -6.66 -6.70
C VAL A 26 22.59 -7.16 -5.45
N LYS A 27 21.68 -8.10 -5.60
CA LYS A 27 20.96 -8.63 -4.42
C LYS A 27 21.95 -9.30 -3.47
N ALA A 28 22.87 -10.06 -3.99
CA ALA A 28 23.87 -10.74 -3.12
C ALA A 28 24.70 -9.69 -2.39
N LYS A 29 25.03 -8.61 -3.04
CA LYS A 29 25.85 -7.57 -2.39
C LYS A 29 25.08 -6.95 -1.23
N ILE A 30 23.80 -6.75 -1.39
CA ILE A 30 22.99 -6.16 -0.29
C ILE A 30 23.00 -7.08 0.92
N GLN A 31 22.79 -8.34 0.70
CA GLN A 31 22.81 -9.30 1.84
C GLN A 31 24.22 -9.38 2.41
N ASP A 32 25.22 -9.26 1.57
CA ASP A 32 26.62 -9.35 2.05
C ASP A 32 26.98 -8.14 2.91
N LYS A 33 26.32 -7.04 2.69
CA LYS A 33 26.62 -5.80 3.46
C LYS A 33 25.42 -5.43 4.33
N GLU A 34 24.31 -6.14 4.22
CA GLU A 34 23.13 -5.80 5.07
C GLU A 34 22.62 -7.06 5.74
N GLY A 35 22.49 -8.13 5.00
CA GLY A 35 21.99 -9.40 5.61
C GLY A 35 20.51 -9.58 5.29
N ILE A 36 20.04 -8.99 4.23
CA ILE A 36 18.59 -9.14 3.88
C ILE A 36 18.45 -10.26 2.85
N PRO A 37 17.84 -11.38 3.18
CA PRO A 37 17.70 -12.52 2.22
C PRO A 37 17.13 -12.07 0.84
N PRO A 38 17.77 -12.41 -0.26
CA PRO A 38 17.27 -12.06 -1.62
C PRO A 38 15.81 -12.46 -1.85
N ASP A 39 15.32 -13.43 -1.12
CA ASP A 39 13.91 -13.87 -1.32
C ASP A 39 12.94 -12.80 -0.82
N GLN A 40 13.40 -11.89 0.01
CA GLN A 40 12.49 -10.83 0.55
C GLN A 40 12.92 -9.46 0.04
N GLN A 41 13.14 -9.31 -1.24
CA GLN A 41 13.56 -7.99 -1.81
C GLN A 41 12.69 -7.64 -3.02
N ARG A 42 12.17 -6.44 -3.07
CA ARG A 42 11.31 -6.02 -4.21
C ARG A 42 11.86 -4.71 -4.78
N LEU A 43 12.98 -4.75 -5.44
CA LEU A 43 13.53 -3.50 -6.01
C LEU A 43 12.48 -2.86 -6.93
N ILE A 44 12.52 -1.56 -7.08
CA ILE A 44 11.54 -0.89 -7.99
C ILE A 44 12.22 0.29 -8.69
N PHE A 45 12.06 0.36 -10.00
CA PHE A 45 12.65 1.52 -10.75
C PHE A 45 11.70 2.00 -11.85
N ALA A 46 11.32 3.25 -11.82
CA ALA A 46 10.38 3.76 -12.85
C ALA A 46 9.06 2.98 -12.73
N GLY A 47 8.73 2.51 -11.54
CA GLY A 47 7.46 1.75 -11.37
C GLY A 47 7.52 0.40 -12.08
N LYS A 48 8.68 -0.20 -12.16
CA LYS A 48 8.82 -1.52 -12.86
C LYS A 48 9.59 -2.53 -11.98
N GLN A 49 9.11 -3.74 -11.88
CA GLN A 49 9.83 -4.75 -11.04
C GLN A 49 10.96 -5.40 -11.85
N LEU A 50 12.17 -4.91 -11.72
CA LEU A 50 13.30 -5.53 -12.49
C LEU A 50 13.25 -7.05 -12.39
N GLU A 51 13.63 -7.72 -13.45
CA GLU A 51 13.64 -9.21 -13.42
C GLU A 51 15.02 -9.68 -12.93
N ASP A 52 15.18 -10.96 -12.71
CA ASP A 52 16.50 -11.48 -12.24
C ASP A 52 17.31 -12.05 -13.41
N GLY A 53 16.74 -12.03 -14.58
CA GLY A 53 17.46 -12.58 -15.77
C GLY A 53 17.94 -11.45 -16.69
N ARG A 54 17.87 -10.22 -16.24
CA ARG A 54 18.31 -9.07 -17.09
C ARG A 54 19.41 -8.28 -16.38
N THR A 55 20.16 -7.50 -17.12
CA THR A 55 21.26 -6.71 -16.50
C THR A 55 20.78 -5.27 -16.22
N LEU A 56 21.64 -4.42 -15.73
CA LEU A 56 21.24 -3.02 -15.44
C LEU A 56 21.14 -2.23 -16.75
N SER A 57 22.02 -2.52 -17.67
CA SER A 57 21.98 -1.80 -18.97
C SER A 57 20.64 -2.07 -19.65
N ASP A 58 20.05 -3.20 -19.37
CA ASP A 58 18.75 -3.54 -19.99
C ASP A 58 17.71 -2.47 -19.65
N TYR A 59 17.72 -1.95 -18.44
CA TYR A 59 16.74 -0.89 -18.10
C TYR A 59 17.34 0.47 -18.46
N ASN A 60 18.64 0.53 -18.65
CA ASN A 60 19.33 1.83 -18.97
C ASN A 60 19.64 2.57 -17.65
N ILE A 61 19.94 1.83 -16.61
CA ILE A 61 20.27 2.52 -15.31
C ILE A 61 21.64 3.19 -15.44
N GLN A 62 21.69 4.49 -15.32
CA GLN A 62 23.00 5.18 -15.39
C GLN A 62 23.60 5.23 -13.98
N LYS A 63 24.54 6.11 -13.74
CA LYS A 63 25.17 6.20 -12.40
C LYS A 63 24.36 7.14 -11.50
N GLU A 64 24.63 7.12 -10.22
CA GLU A 64 23.88 8.01 -9.27
C GLU A 64 22.37 7.79 -9.38
N SER A 65 21.93 6.58 -9.60
CA SER A 65 20.47 6.32 -9.71
C SER A 65 19.92 5.89 -8.34
N THR A 66 18.64 6.07 -8.12
CA THR A 66 18.02 5.68 -6.82
C THR A 66 16.93 4.64 -7.06
N LEU A 67 16.93 3.59 -6.27
CA LEU A 67 15.90 2.52 -6.46
C LEU A 67 15.19 2.26 -5.11
N HIS A 68 13.89 2.20 -5.11
CA HIS A 68 13.13 1.94 -3.82
C HIS A 68 13.22 0.45 -3.47
N LEU A 69 12.99 0.11 -2.23
CA LEU A 69 13.07 -1.32 -1.78
C LEU A 69 11.84 -1.67 -0.90
N VAL A 70 10.99 -2.58 -1.34
CA VAL A 70 9.79 -2.96 -0.50
C VAL A 70 10.14 -4.27 0.27
N LEU A 71 9.25 -5.18 0.54
CA LEU A 71 9.63 -6.39 1.33
C LEU A 71 8.43 -7.34 1.30
N ARG A 72 8.67 -8.60 1.04
CA ARG A 72 7.55 -9.59 0.98
C ARG A 72 7.73 -10.67 2.05
N LEU A 73 8.75 -10.56 2.88
CA LEU A 73 8.98 -11.59 3.93
C LEU A 73 9.12 -12.96 3.27
N ARG A 74 9.71 -13.90 3.95
CA ARG A 74 9.88 -15.25 3.35
C ARG A 74 8.51 -15.82 3.01
N GLY A 75 7.56 -15.70 3.90
CA GLY A 75 6.20 -16.24 3.63
C GLY A 75 5.34 -16.11 4.89
N CYS A 76 4.12 -16.57 4.83
CA CYS A 76 3.21 -16.48 6.02
C CYS A 76 3.17 -17.84 6.72
N ALA B 1 -16.91 16.29 16.10
CA ALA B 1 -17.31 15.38 17.20
C ALA B 1 -16.57 15.77 18.48
N LEU B 2 -16.62 14.95 19.50
CA LEU B 2 -15.93 15.30 20.77
C LEU B 2 -14.49 14.73 20.74
N PRO B 3 -13.56 15.30 21.49
CA PRO B 3 -12.16 14.79 21.52
C PRO B 3 -12.05 13.44 22.23
N SER B 4 -10.94 12.78 22.10
CA SER B 4 -10.75 11.46 22.78
C SER B 4 -11.56 10.37 22.06
N ALA B 5 -11.17 9.14 22.20
CA ALA B 5 -11.91 8.04 21.52
C ALA B 5 -11.40 6.69 22.04
N SER B 6 -12.24 5.70 22.05
CA SER B 6 -11.82 4.35 22.54
C SER B 6 -11.71 3.38 21.36
N GLU B 7 -11.22 2.19 21.62
CA GLU B 7 -11.07 1.21 20.51
C GLU B 7 -12.43 0.72 20.05
N GLU B 8 -13.45 0.94 20.85
CA GLU B 8 -14.81 0.48 20.46
C GLU B 8 -15.36 1.38 19.34
N GLN B 9 -15.06 2.65 19.41
CA GLN B 9 -15.56 3.60 18.36
C GLN B 9 -14.56 3.69 17.21
N VAL B 10 -13.34 3.27 17.43
CA VAL B 10 -12.32 3.33 16.34
C VAL B 10 -12.66 2.30 15.26
N ALA B 11 -13.16 1.16 15.66
CA ALA B 11 -13.50 0.10 14.66
C ALA B 11 -14.66 0.59 13.78
N GLN B 12 -15.48 1.45 14.29
CA GLN B 12 -16.63 1.95 13.49
C GLN B 12 -16.15 3.05 12.55
N ASP B 13 -15.29 3.91 13.03
CA ASP B 13 -14.79 5.02 12.17
C ASP B 13 -13.80 4.49 11.13
N THR B 14 -13.25 3.32 11.35
CA THR B 14 -12.25 2.76 10.38
C THR B 14 -12.93 2.19 9.13
N GLU B 15 -14.02 1.52 9.28
CA GLU B 15 -14.70 0.93 8.09
C GLU B 15 -15.35 2.02 7.22
N GLU B 16 -15.84 3.08 7.80
CA GLU B 16 -16.47 4.14 6.95
C GLU B 16 -15.39 4.95 6.22
N VAL B 17 -14.22 5.09 6.82
CA VAL B 17 -13.13 5.87 6.18
C VAL B 17 -12.37 4.95 5.20
N PHE B 18 -12.51 3.66 5.35
CA PHE B 18 -11.80 2.75 4.42
C PHE B 18 -12.44 2.86 3.04
N ARG B 19 -13.74 2.94 2.99
CA ARG B 19 -14.44 3.03 1.68
C ARG B 19 -14.52 4.48 1.22
N SER B 20 -14.79 5.39 2.12
CA SER B 20 -14.89 6.83 1.73
C SER B 20 -13.59 7.28 1.07
N TYR B 21 -12.47 6.72 1.46
CA TYR B 21 -11.19 7.13 0.81
C TYR B 21 -11.17 6.55 -0.60
N VAL B 22 -11.39 5.27 -0.67
CA VAL B 22 -11.33 4.56 -1.97
C VAL B 22 -12.40 5.06 -2.93
N PHE B 23 -13.50 5.55 -2.44
CA PHE B 23 -14.57 6.06 -3.36
C PHE B 23 -14.12 7.36 -4.01
N TYR B 24 -13.77 8.34 -3.22
CA TYR B 24 -13.33 9.63 -3.80
C TYR B 24 -12.07 9.44 -4.64
N ARG B 25 -11.28 8.45 -4.32
CA ARG B 25 -10.03 8.21 -5.10
C ARG B 25 -10.38 7.59 -6.46
N HIS B 26 -11.29 6.66 -6.47
CA HIS B 26 -11.67 6.00 -7.75
C HIS B 26 -12.62 6.90 -8.54
N GLN B 27 -13.36 7.73 -7.85
CA GLN B 27 -14.30 8.64 -8.57
C GLN B 27 -13.52 9.56 -9.49
N GLN B 28 -12.40 10.05 -9.02
CA GLN B 28 -11.58 10.96 -9.86
C GLN B 28 -10.79 10.14 -10.89
N GLU B 29 -10.28 9.00 -10.49
CA GLU B 29 -9.47 8.19 -11.45
C GLU B 29 -10.35 7.74 -12.62
N GLN B 30 -11.64 7.74 -12.44
CA GLN B 30 -12.57 7.31 -13.53
C GLN B 30 -12.49 8.29 -14.69
N GLU B 31 -12.31 9.55 -14.42
CA GLU B 31 -12.24 10.56 -15.52
C GLU B 31 -11.01 10.31 -16.37
N ALA B 32 -9.90 9.98 -15.77
CA ALA B 32 -8.66 9.74 -16.57
C ALA B 32 -8.73 8.37 -17.25
N GLU B 33 -8.80 7.31 -16.47
CA GLU B 33 -8.86 5.94 -17.05
C GLU B 33 -10.04 5.18 -16.43
N GLY B 34 -10.23 3.94 -16.83
CA GLY B 34 -11.35 3.12 -16.30
C GLY B 34 -10.80 1.82 -15.71
N VAL B 35 -9.51 1.75 -15.49
CA VAL B 35 -8.92 0.52 -14.93
C VAL B 35 -9.63 0.16 -13.62
N ALA B 36 -10.03 -1.07 -13.46
CA ALA B 36 -10.72 -1.47 -12.21
C ALA B 36 -11.86 -0.49 -11.91
N ALA B 37 -12.50 0.00 -12.94
CA ALA B 37 -13.63 0.96 -12.74
C ALA B 37 -14.75 0.28 -11.95
N PRO B 38 -15.61 1.07 -11.34
CA PRO B 38 -16.75 0.55 -10.52
C PRO B 38 -17.83 -0.10 -11.38
N ALA B 39 -18.91 -0.53 -10.79
CA ALA B 39 -19.98 -1.18 -11.59
C ALA B 39 -20.89 -0.10 -12.20
N ASP B 40 -20.30 0.90 -12.78
CA ASP B 40 -21.11 1.99 -13.41
C ASP B 40 -21.93 2.68 -12.32
N PRO B 41 -22.38 3.89 -12.57
CA PRO B 41 -23.19 4.67 -11.60
C PRO B 41 -24.62 4.12 -11.46
N GLU B 42 -24.83 3.20 -10.55
CA GLU B 42 -26.19 2.63 -10.38
C GLU B 42 -26.41 2.25 -8.90
N MET B 43 -27.30 1.33 -8.65
CA MET B 43 -27.55 0.90 -7.24
C MET B 43 -26.30 0.17 -6.71
N VAL B 44 -25.54 -0.44 -7.58
CA VAL B 44 -24.33 -1.17 -7.13
C VAL B 44 -23.21 -0.18 -6.81
N THR B 45 -23.53 1.08 -6.72
CA THR B 45 -22.49 2.09 -6.40
C THR B 45 -22.14 1.99 -4.92
N LEU B 46 -21.27 2.84 -4.43
CA LEU B 46 -20.89 2.78 -2.98
C LEU B 46 -21.55 3.94 -2.21
N PRO B 47 -22.65 3.70 -1.53
CA PRO B 47 -23.35 4.78 -0.76
C PRO B 47 -22.66 5.14 0.55
N LEU B 48 -21.70 6.03 0.52
CA LEU B 48 -21.02 6.42 1.79
C LEU B 48 -21.87 7.49 2.49
N GLN B 49 -21.40 7.97 3.62
CA GLN B 49 -22.14 9.02 4.38
C GLN B 49 -21.26 10.26 4.52
N PRO B 50 -21.21 11.11 3.51
CA PRO B 50 -20.37 12.35 3.56
C PRO B 50 -20.97 13.39 4.49
N SER B 51 -22.14 13.15 4.99
CA SER B 51 -22.77 14.12 5.91
C SER B 51 -21.98 14.14 7.22
N SER B 52 -21.12 13.17 7.42
CA SER B 52 -20.32 13.12 8.68
C SER B 52 -18.95 13.77 8.45
N THR B 53 -18.30 14.17 9.50
CA THR B 53 -16.96 14.82 9.37
C THR B 53 -15.98 13.88 8.68
N MET B 54 -16.17 12.58 8.84
CA MET B 54 -15.25 11.60 8.22
C MET B 54 -15.21 11.83 6.71
N GLY B 55 -16.21 12.49 6.19
CA GLY B 55 -16.26 12.76 4.72
C GLY B 55 -15.10 13.65 4.31
N GLN B 56 -14.76 14.61 5.14
CA GLN B 56 -13.64 15.53 4.81
C GLN B 56 -12.30 14.83 5.09
N VAL B 57 -12.31 13.84 5.94
CA VAL B 57 -11.05 13.14 6.27
C VAL B 57 -10.56 12.38 5.04
N GLY B 58 -11.44 11.71 4.35
CA GLY B 58 -11.01 10.95 3.15
C GLY B 58 -10.55 11.90 2.05
N ARG B 59 -11.26 12.98 1.87
CA ARG B 59 -10.86 13.96 0.81
C ARG B 59 -9.43 14.42 1.07
N GLN B 60 -9.06 14.68 2.30
CA GLN B 60 -7.66 15.12 2.57
C GLN B 60 -6.68 13.96 2.34
N LEU B 61 -6.91 12.83 2.94
CA LEU B 61 -5.95 11.70 2.77
C LEU B 61 -5.81 11.31 1.29
N ALA B 62 -6.83 11.52 0.50
CA ALA B 62 -6.73 11.16 -0.94
C ALA B 62 -5.86 12.19 -1.67
N ILE B 63 -5.51 13.26 -0.99
CA ILE B 63 -4.66 14.31 -1.64
C ILE B 63 -3.20 14.09 -1.24
N ILE B 64 -2.94 13.91 0.02
CA ILE B 64 -1.53 13.70 0.47
C ILE B 64 -0.98 12.41 -0.10
N GLY B 65 -1.83 11.44 -0.35
CA GLY B 65 -1.35 10.14 -0.91
C GLY B 65 -1.82 10.01 -2.36
N ASP B 66 -1.70 11.06 -3.13
CA ASP B 66 -2.15 10.99 -4.55
C ASP B 66 -0.97 10.63 -5.45
N ASP B 67 0.07 11.43 -5.42
CA ASP B 67 1.25 11.14 -6.28
C ASP B 67 2.04 9.94 -5.74
N ILE B 68 2.20 9.87 -4.44
CA ILE B 68 2.95 8.75 -3.84
C ILE B 68 2.20 7.44 -4.12
N ASN B 69 0.93 7.51 -4.35
CA ASN B 69 0.15 6.28 -4.63
C ASN B 69 0.46 5.80 -6.05
N ARG B 70 0.37 6.68 -7.01
CA ARG B 70 0.64 6.29 -8.42
C ARG B 70 2.12 5.93 -8.61
N ARG B 71 3.00 6.52 -7.83
CA ARG B 71 4.45 6.24 -8.00
C ARG B 71 4.71 4.73 -8.08
N TYR B 72 4.28 3.97 -7.10
CA TYR B 72 4.51 2.50 -7.14
C TYR B 72 3.16 1.78 -7.25
N ASP B 73 2.37 2.14 -8.24
CA ASP B 73 1.04 1.48 -8.41
C ASP B 73 1.09 0.56 -9.63
N SER B 74 1.80 0.96 -10.65
CA SER B 74 1.88 0.11 -11.87
C SER B 74 2.56 -1.21 -11.52
N GLU B 75 3.34 -1.22 -10.47
CA GLU B 75 4.05 -2.46 -10.07
C GLU B 75 3.22 -3.24 -9.05
N PHE B 76 2.32 -2.62 -8.35
CA PHE B 76 1.54 -3.39 -7.35
C PHE B 76 0.65 -4.40 -8.08
N GLN B 77 -0.01 -3.97 -9.12
CA GLN B 77 -0.91 -4.88 -9.87
C GLN B 77 -0.09 -5.90 -10.67
N THR B 78 1.04 -5.48 -11.18
CA THR B 78 1.88 -6.41 -12.00
C THR B 78 2.25 -7.63 -11.15
N MET B 79 2.71 -7.42 -9.95
CA MET B 79 3.07 -8.56 -9.08
C MET B 79 1.82 -9.25 -8.55
N LEU B 80 0.76 -8.54 -8.35
CA LEU B 80 -0.48 -9.16 -7.81
C LEU B 80 -0.96 -10.24 -8.79
N GLN B 81 -0.78 -10.02 -10.07
CA GLN B 81 -1.23 -11.01 -11.07
C GLN B 81 -0.39 -12.28 -10.94
N HIS B 82 0.87 -12.11 -10.65
CA HIS B 82 1.77 -13.30 -10.52
C HIS B 82 1.43 -14.00 -9.22
N LEU B 83 0.64 -13.38 -8.39
CA LEU B 83 0.28 -14.00 -7.10
C LEU B 83 -0.92 -14.93 -7.31
N GLN B 84 -2.03 -14.40 -7.76
CA GLN B 84 -3.22 -15.27 -8.01
C GLN B 84 -3.63 -15.98 -6.71
N PRO B 85 -4.10 -15.23 -5.75
CA PRO B 85 -4.53 -15.79 -4.44
C PRO B 85 -5.90 -16.48 -4.51
N THR B 86 -6.37 -16.99 -3.40
CA THR B 86 -7.68 -17.69 -3.40
C THR B 86 -8.47 -17.24 -2.16
N ALA B 87 -9.72 -17.62 -2.08
CA ALA B 87 -10.56 -17.20 -0.92
C ALA B 87 -10.17 -17.96 0.34
N GLU B 88 -9.46 -19.04 0.19
CA GLU B 88 -9.05 -19.84 1.39
C GLU B 88 -7.74 -19.28 1.95
N ASN B 89 -6.89 -18.75 1.12
CA ASN B 89 -5.58 -18.22 1.59
C ASN B 89 -5.49 -16.72 1.27
N ALA B 90 -6.60 -16.04 1.21
CA ALA B 90 -6.59 -14.58 0.89
C ALA B 90 -5.93 -13.79 2.03
N TYR B 91 -6.23 -14.15 3.25
CA TYR B 91 -5.64 -13.44 4.43
C TYR B 91 -4.22 -13.93 4.69
N GLU B 92 -3.86 -15.04 4.11
CA GLU B 92 -2.49 -15.58 4.29
C GLU B 92 -1.49 -14.83 3.39
N TYR B 93 -1.97 -14.19 2.36
CA TYR B 93 -1.04 -13.43 1.46
C TYR B 93 -1.08 -11.95 1.84
N PHE B 94 -2.25 -11.42 2.10
CA PHE B 94 -2.35 -9.98 2.44
C PHE B 94 -1.60 -9.73 3.75
N THR B 95 -1.77 -10.60 4.71
CA THR B 95 -1.08 -10.41 6.01
C THR B 95 0.43 -10.50 5.79
N CYS B 96 0.86 -11.02 4.67
CA CYS B 96 2.33 -11.13 4.42
C CYS B 96 2.87 -9.80 3.86
N ILE B 97 2.25 -9.25 2.86
CA ILE B 97 2.76 -7.95 2.32
C ILE B 97 2.70 -6.90 3.45
N ALA B 98 1.60 -6.85 4.16
CA ALA B 98 1.50 -5.83 5.26
C ALA B 98 2.61 -6.07 6.28
N THR B 99 2.63 -7.20 6.94
CA THR B 99 3.70 -7.47 7.93
C THR B 99 5.08 -7.23 7.30
N SER B 100 5.21 -7.42 6.02
CA SER B 100 6.53 -7.21 5.38
C SER B 100 6.74 -5.71 5.12
N LEU B 101 5.70 -4.93 5.17
CA LEU B 101 5.84 -3.46 4.92
C LEU B 101 6.10 -2.73 6.24
N PHE B 102 5.27 -2.94 7.23
CA PHE B 102 5.46 -2.25 8.53
C PHE B 102 6.59 -2.91 9.31
N GLU B 103 7.24 -3.88 8.72
CA GLU B 103 8.35 -4.56 9.43
C GLU B 103 9.37 -3.51 9.90
N SER B 104 9.60 -2.50 9.11
CA SER B 104 10.58 -1.46 9.51
C SER B 104 9.99 -0.57 10.59
N GLY B 105 8.72 -0.28 10.52
CA GLY B 105 8.08 0.60 11.54
C GLY B 105 6.66 0.98 11.09
N ILE B 106 6.06 1.97 11.71
CA ILE B 106 4.68 2.39 11.32
C ILE B 106 4.63 3.89 11.09
N ASN B 107 3.99 4.33 10.05
CA ASN B 107 3.91 5.80 9.77
C ASN B 107 2.63 6.11 8.96
N TRP B 108 2.30 7.36 8.84
CA TRP B 108 1.07 7.74 8.09
C TRP B 108 1.17 7.28 6.64
N GLY B 109 2.36 7.28 6.09
CA GLY B 109 2.54 6.84 4.69
C GLY B 109 2.34 5.33 4.59
N ARG B 110 2.67 4.61 5.63
CA ARG B 110 2.49 3.13 5.60
C ARG B 110 1.01 2.79 5.82
N VAL B 111 0.25 3.69 6.37
CA VAL B 111 -1.20 3.40 6.60
C VAL B 111 -1.97 3.65 5.30
N VAL B 112 -1.74 4.78 4.69
CA VAL B 112 -2.45 5.10 3.42
C VAL B 112 -2.01 4.10 2.35
N ALA B 113 -0.77 3.70 2.38
CA ALA B 113 -0.27 2.73 1.39
C ALA B 113 -1.00 1.40 1.57
N LEU B 114 -1.30 1.02 2.79
CA LEU B 114 -2.01 -0.28 2.99
C LEU B 114 -3.38 -0.23 2.32
N LEU B 115 -4.15 0.78 2.59
CA LEU B 115 -5.49 0.89 1.94
C LEU B 115 -5.32 1.02 0.42
N GLY B 116 -4.36 1.76 -0.03
CA GLY B 116 -4.22 1.93 -1.50
C GLY B 116 -4.11 0.55 -2.16
N PHE B 117 -3.37 -0.35 -1.58
CA PHE B 117 -3.24 -1.71 -2.19
C PHE B 117 -4.26 -2.66 -1.55
N GLY B 118 -5.24 -2.14 -0.85
CA GLY B 118 -6.27 -3.00 -0.20
C GLY B 118 -7.61 -2.91 -0.96
N TYR B 119 -7.64 -2.25 -2.08
CA TYR B 119 -8.92 -2.12 -2.85
C TYR B 119 -8.92 -3.08 -4.05
N ARG B 120 -8.25 -2.77 -5.13
CA ARG B 120 -8.22 -3.71 -6.29
C ARG B 120 -8.08 -5.15 -5.81
N LEU B 121 -7.39 -5.36 -4.73
CA LEU B 121 -7.22 -6.74 -4.21
C LEU B 121 -8.61 -7.37 -3.98
N ALA B 122 -9.49 -6.70 -3.30
CA ALA B 122 -10.86 -7.26 -3.07
C ALA B 122 -11.66 -7.26 -4.38
N LEU B 123 -11.60 -6.19 -5.12
CA LEU B 123 -12.37 -6.11 -6.40
C LEU B 123 -11.85 -7.19 -7.37
N HIS B 124 -10.61 -7.54 -7.25
CA HIS B 124 -10.03 -8.59 -8.16
C HIS B 124 -10.81 -9.90 -8.00
N VAL B 125 -11.21 -10.19 -6.80
CA VAL B 125 -11.99 -11.44 -6.52
C VAL B 125 -13.42 -11.27 -7.03
N TYR B 126 -14.00 -10.12 -6.79
CA TYR B 126 -15.39 -9.90 -7.26
C TYR B 126 -15.49 -10.23 -8.74
N GLN B 127 -14.71 -9.58 -9.58
CA GLN B 127 -14.80 -9.87 -11.03
C GLN B 127 -14.58 -11.35 -11.26
N HIS B 128 -13.51 -11.90 -10.72
CA HIS B 128 -13.25 -13.36 -10.88
C HIS B 128 -14.56 -14.13 -10.91
N GLY B 129 -15.46 -13.84 -9.99
CA GLY B 129 -16.76 -14.56 -9.99
C GLY B 129 -17.21 -14.82 -8.55
N LEU B 130 -16.39 -14.50 -7.58
CA LEU B 130 -16.78 -14.74 -6.17
C LEU B 130 -17.57 -13.52 -5.65
N THR B 131 -18.80 -13.40 -6.06
CA THR B 131 -19.65 -12.26 -5.60
C THR B 131 -19.87 -12.35 -4.09
N GLY B 132 -19.78 -11.24 -3.40
CA GLY B 132 -20.00 -11.27 -1.92
C GLY B 132 -18.65 -11.29 -1.20
N PHE B 133 -17.75 -10.42 -1.56
CA PHE B 133 -16.41 -10.37 -0.90
C PHE B 133 -16.25 -9.06 -0.13
N LEU B 134 -17.03 -8.06 -0.47
CA LEU B 134 -16.91 -6.75 0.25
C LEU B 134 -17.16 -6.94 1.74
N GLY B 135 -18.19 -7.66 2.10
CA GLY B 135 -18.47 -7.88 3.54
C GLY B 135 -17.32 -8.68 4.16
N GLN B 136 -16.69 -9.53 3.39
CA GLN B 136 -15.59 -10.35 3.95
C GLN B 136 -14.35 -9.49 4.23
N VAL B 137 -13.95 -8.67 3.30
CA VAL B 137 -12.74 -7.84 3.54
C VAL B 137 -12.97 -6.90 4.74
N THR B 138 -14.18 -6.43 4.92
CA THR B 138 -14.44 -5.50 6.07
C THR B 138 -14.28 -6.27 7.39
N ARG B 139 -15.08 -7.29 7.59
CA ARG B 139 -14.98 -8.09 8.85
C ARG B 139 -13.66 -8.84 8.91
N PHE B 140 -12.69 -8.46 8.11
CA PHE B 140 -11.37 -9.14 8.11
C PHE B 140 -10.31 -8.13 8.54
N VAL B 141 -10.31 -6.97 7.94
CA VAL B 141 -9.30 -5.96 8.30
C VAL B 141 -9.55 -5.46 9.72
N VAL B 142 -10.78 -5.12 10.04
CA VAL B 142 -11.08 -4.62 11.41
C VAL B 142 -10.54 -5.61 12.45
N ASP B 143 -10.63 -6.88 12.17
CA ASP B 143 -10.11 -7.88 13.14
C ASP B 143 -8.59 -7.80 13.21
N PHE B 144 -7.96 -7.64 12.08
CA PHE B 144 -6.47 -7.57 12.06
C PHE B 144 -6.00 -6.26 12.71
N MET B 145 -6.70 -5.19 12.50
CA MET B 145 -6.29 -3.89 13.10
C MET B 145 -6.44 -3.94 14.63
N LEU B 146 -7.47 -4.58 15.10
CA LEU B 146 -7.68 -4.68 16.58
C LEU B 146 -6.77 -5.78 17.13
N HIS B 147 -6.37 -6.70 16.28
CA HIS B 147 -5.48 -7.81 16.76
C HIS B 147 -4.04 -7.36 16.71
N HIS B 148 -3.74 -6.44 15.82
CA HIS B 148 -2.35 -5.96 15.70
C HIS B 148 -2.16 -4.71 16.57
N CYS B 149 -3.11 -4.42 17.45
CA CYS B 149 -2.97 -3.23 18.34
C CYS B 149 -2.94 -1.95 17.50
N ILE B 150 -3.47 -1.98 16.31
CA ILE B 150 -3.49 -0.76 15.44
C ILE B 150 -4.50 0.24 16.02
N ALA B 151 -5.59 -0.25 16.51
CA ALA B 151 -6.64 0.68 17.05
C ALA B 151 -6.05 1.54 18.17
N ARG B 152 -5.34 0.95 19.09
CA ARG B 152 -4.77 1.75 20.21
C ARG B 152 -3.92 2.90 19.65
N TRP B 153 -2.89 2.59 18.92
CA TRP B 153 -2.01 3.66 18.36
C TRP B 153 -2.86 4.79 17.78
N ILE B 154 -3.82 4.48 16.95
CA ILE B 154 -4.68 5.55 16.37
C ILE B 154 -5.34 6.33 17.51
N ALA B 155 -5.77 5.66 18.54
CA ALA B 155 -6.41 6.37 19.69
C ALA B 155 -5.38 7.29 20.35
N GLN B 156 -4.16 6.85 20.47
CA GLN B 156 -3.10 7.68 21.10
C GLN B 156 -2.74 8.85 20.18
N ARG B 157 -2.98 8.70 18.91
CA ARG B 157 -2.63 9.77 17.93
C ARG B 157 -3.71 10.86 17.95
N GLY B 158 -4.78 10.64 18.67
CA GLY B 158 -5.88 11.66 18.72
C GLY B 158 -7.08 11.16 17.91
N GLY B 159 -7.13 9.88 17.65
CA GLY B 159 -8.26 9.33 16.87
C GLY B 159 -8.18 9.78 15.41
N TRP B 160 -9.19 9.50 14.65
CA TRP B 160 -9.18 9.90 13.22
C TRP B 160 -9.45 11.41 13.12
N VAL B 161 -9.86 12.02 14.20
CA VAL B 161 -10.14 13.48 14.18
C VAL B 161 -8.81 14.25 14.10
N ALA B 162 -7.70 13.57 14.27
CA ALA B 162 -6.38 14.26 14.21
C ALA B 162 -5.99 14.50 12.75
N ALA B 163 -6.77 13.97 11.83
CA ALA B 163 -6.44 14.17 10.39
C ALA B 163 -6.54 15.65 10.02
N LEU B 164 -7.52 16.32 10.55
CA LEU B 164 -7.69 17.76 10.23
C LEU B 164 -6.50 18.55 10.75
N ASN B 165 -5.76 17.99 11.69
CA ASN B 165 -4.59 18.72 12.24
C ASN B 165 -3.31 18.31 11.53
N LEU B 166 -3.38 17.94 10.26
CA LEU B 166 -2.13 17.56 9.52
C LEU B 166 -1.71 18.69 8.58
N GLY B 167 -1.04 18.38 7.50
CA GLY B 167 -0.57 19.46 6.57
C GLY B 167 -1.76 20.30 6.09
N ASN B 168 -2.45 19.85 5.08
CA ASN B 168 -3.63 20.61 4.58
C ASN B 168 -4.75 20.59 5.60
N GLY B 169 -4.63 19.77 6.61
CA GLY B 169 -5.69 19.71 7.66
C GLY B 169 -7.07 19.58 7.02
N MET A 1 30.76 3.12 -9.72
CA MET A 1 30.13 4.38 -9.26
C MET A 1 29.49 4.14 -7.84
N GLN A 2 28.96 5.16 -7.21
CA GLN A 2 28.32 5.01 -5.86
C GLN A 2 26.82 5.36 -5.95
N ILE A 3 25.96 4.50 -5.45
CA ILE A 3 24.48 4.76 -5.52
C ILE A 3 23.93 4.90 -4.10
N PHE A 4 22.70 5.37 -3.96
CA PHE A 4 22.10 5.52 -2.59
C PHE A 4 20.73 4.84 -2.57
N VAL A 5 20.57 3.85 -1.73
CA VAL A 5 19.26 3.14 -1.66
C VAL A 5 18.45 3.70 -0.49
N LYS A 6 17.18 3.98 -0.70
CA LYS A 6 16.33 4.53 0.41
C LYS A 6 15.38 3.45 0.92
N THR A 7 15.34 3.25 2.21
CA THR A 7 14.44 2.22 2.78
C THR A 7 13.13 2.86 3.27
N LEU A 8 12.21 2.09 3.78
CA LEU A 8 10.92 2.66 4.26
C LEU A 8 11.05 3.11 5.72
N THR A 9 12.22 2.95 6.30
CA THR A 9 12.43 3.37 7.72
C THR A 9 13.11 4.75 7.77
N GLY A 10 13.40 5.31 6.62
CA GLY A 10 14.08 6.64 6.60
C GLY A 10 15.59 6.46 6.67
N LYS A 11 16.06 5.25 6.47
CA LYS A 11 17.54 5.00 6.53
C LYS A 11 18.10 4.86 5.12
N THR A 12 19.14 5.59 4.79
CA THR A 12 19.74 5.50 3.42
C THR A 12 21.12 4.86 3.50
N ILE A 13 21.36 3.84 2.71
CA ILE A 13 22.70 3.15 2.74
C ILE A 13 23.40 3.33 1.39
N THR A 14 24.64 3.72 1.41
CA THR A 14 25.38 3.92 0.13
C THR A 14 25.79 2.56 -0.45
N LEU A 15 26.14 2.51 -1.71
CA LEU A 15 26.54 1.20 -2.32
C LEU A 15 27.49 1.46 -3.50
N GLU A 16 28.58 0.72 -3.59
CA GLU A 16 29.54 0.92 -4.72
C GLU A 16 29.36 -0.20 -5.76
N VAL A 17 28.80 0.12 -6.90
CA VAL A 17 28.59 -0.91 -7.96
C VAL A 17 29.00 -0.36 -9.32
N GLU A 18 28.86 -1.14 -10.37
CA GLU A 18 29.24 -0.65 -11.73
C GLU A 18 28.07 -0.88 -12.72
N PRO A 19 27.91 -0.02 -13.72
CA PRO A 19 26.82 -0.15 -14.75
C PRO A 19 26.76 -1.55 -15.39
N SER A 20 27.84 -2.32 -15.30
CA SER A 20 27.86 -3.68 -15.91
C SER A 20 27.50 -4.74 -14.86
N ASP A 21 27.22 -4.32 -13.66
CA ASP A 21 26.87 -5.30 -12.58
C ASP A 21 25.44 -5.81 -12.80
N THR A 22 25.17 -7.04 -12.45
CA THR A 22 23.81 -7.58 -12.64
C THR A 22 22.97 -7.32 -11.38
N ILE A 23 21.67 -7.34 -11.51
CA ILE A 23 20.81 -7.07 -10.32
C ILE A 23 21.02 -8.19 -9.29
N GLU A 24 21.35 -9.38 -9.71
CA GLU A 24 21.56 -10.48 -8.73
C GLU A 24 22.81 -10.19 -7.89
N ASN A 25 23.77 -9.49 -8.45
CA ASN A 25 25.00 -9.18 -7.68
C ASN A 25 24.71 -8.06 -6.68
N VAL A 26 24.01 -7.02 -7.10
CA VAL A 26 23.71 -5.90 -6.16
C VAL A 26 22.90 -6.44 -4.97
N LYS A 27 21.97 -7.35 -5.22
CA LYS A 27 21.12 -7.91 -4.12
C LYS A 27 22.05 -8.66 -3.13
N ALA A 28 23.01 -9.38 -3.63
CA ALA A 28 23.95 -10.13 -2.72
C ALA A 28 24.74 -9.12 -1.85
N LYS A 29 25.05 -7.97 -2.37
CA LYS A 29 25.83 -6.96 -1.59
C LYS A 29 24.98 -6.41 -0.42
N ILE A 30 23.71 -6.20 -0.63
CA ILE A 30 22.86 -5.67 0.48
C ILE A 30 22.80 -6.67 1.64
N GLN A 31 22.60 -7.92 1.34
CA GLN A 31 22.52 -8.94 2.42
C GLN A 31 23.91 -9.10 3.07
N ASP A 32 24.94 -8.85 2.32
CA ASP A 32 26.31 -9.01 2.89
C ASP A 32 26.61 -7.85 3.84
N LYS A 33 25.95 -6.73 3.67
CA LYS A 33 26.20 -5.55 4.57
C LYS A 33 24.94 -5.24 5.41
N GLU A 34 23.85 -5.95 5.17
CA GLU A 34 22.60 -5.68 5.97
C GLU A 34 22.06 -6.99 6.53
N GLY A 35 21.96 -8.01 5.70
CA GLY A 35 21.43 -9.32 6.19
C GLY A 35 19.97 -9.50 5.74
N ILE A 36 19.58 -8.86 4.67
CA ILE A 36 18.17 -8.98 4.19
C ILE A 36 18.11 -10.04 3.05
N PRO A 37 17.49 -11.22 3.28
CA PRO A 37 17.39 -12.29 2.24
C PRO A 37 16.87 -11.79 0.85
N PRO A 38 17.54 -12.10 -0.25
CA PRO A 38 17.12 -11.63 -1.62
C PRO A 38 15.68 -12.03 -1.99
N ASP A 39 15.13 -13.05 -1.38
CA ASP A 39 13.72 -13.48 -1.70
C ASP A 39 12.70 -12.43 -1.18
N GLN A 40 13.09 -11.57 -0.28
CA GLN A 40 12.15 -10.52 0.27
C GLN A 40 12.62 -9.12 -0.14
N GLN A 41 12.93 -8.91 -1.39
CA GLN A 41 13.39 -7.56 -1.87
C GLN A 41 12.60 -7.12 -3.11
N ARG A 42 12.07 -5.92 -3.11
CA ARG A 42 11.27 -5.44 -4.28
C ARG A 42 11.79 -4.05 -4.73
N LEU A 43 12.96 -4.03 -5.32
CA LEU A 43 13.53 -2.72 -5.80
C LEU A 43 12.52 -2.00 -6.72
N ILE A 44 12.57 -0.69 -6.79
CA ILE A 44 11.62 0.08 -7.70
C ILE A 44 12.33 1.29 -8.31
N PHE A 45 12.28 1.43 -9.64
CA PHE A 45 12.93 2.61 -10.32
C PHE A 45 11.99 3.16 -11.41
N ALA A 46 11.58 4.40 -11.32
CA ALA A 46 10.70 4.98 -12.38
C ALA A 46 9.38 4.24 -12.42
N GLY A 47 8.96 3.73 -11.32
CA GLY A 47 7.67 2.99 -11.30
C GLY A 47 7.80 1.71 -12.15
N LYS A 48 8.98 1.12 -12.21
CA LYS A 48 9.15 -0.13 -13.02
C LYS A 48 9.88 -1.18 -12.18
N GLN A 49 9.35 -2.38 -12.14
CA GLN A 49 10.02 -3.45 -11.36
C GLN A 49 11.19 -4.04 -12.16
N LEU A 50 12.38 -3.52 -11.98
CA LEU A 50 13.56 -4.04 -12.73
C LEU A 50 13.55 -5.57 -12.70
N GLU A 51 14.00 -6.21 -13.76
CA GLU A 51 14.03 -7.70 -13.80
C GLU A 51 15.36 -8.20 -13.26
N ASP A 52 15.53 -9.50 -13.13
CA ASP A 52 16.82 -10.04 -12.61
C ASP A 52 17.69 -10.55 -13.78
N GLY A 53 17.19 -10.48 -14.99
CA GLY A 53 17.98 -10.96 -16.18
C GLY A 53 18.50 -9.75 -16.98
N ARG A 54 18.39 -8.56 -16.46
CA ARG A 54 18.87 -7.34 -17.21
C ARG A 54 19.95 -6.61 -16.38
N THR A 55 20.73 -5.77 -17.00
CA THR A 55 21.80 -5.02 -16.24
C THR A 55 21.28 -3.62 -15.87
N LEU A 56 22.13 -2.80 -15.28
CA LEU A 56 21.71 -1.42 -14.88
C LEU A 56 21.67 -0.50 -16.11
N SER A 57 22.57 -0.72 -17.03
CA SER A 57 22.58 0.12 -18.26
C SER A 57 21.28 -0.10 -19.05
N ASP A 58 20.65 -1.23 -18.84
CA ASP A 58 19.39 -1.52 -19.58
C ASP A 58 18.33 -0.47 -19.21
N TYR A 59 18.29 -0.03 -17.98
CA TYR A 59 17.27 0.99 -17.58
C TYR A 59 17.84 2.40 -17.79
N ASN A 60 19.12 2.51 -18.00
CA ASN A 60 19.74 3.87 -18.20
C ASN A 60 19.99 4.54 -16.82
N ILE A 61 20.25 3.77 -15.80
CA ILE A 61 20.50 4.40 -14.45
C ILE A 61 21.87 5.03 -14.42
N GLN A 62 21.94 6.31 -14.22
CA GLN A 62 23.25 6.98 -14.17
C GLN A 62 23.80 6.90 -12.75
N LYS A 63 24.73 7.74 -12.42
CA LYS A 63 25.34 7.73 -11.06
C LYS A 63 24.50 8.62 -10.11
N GLU A 64 24.70 8.49 -8.80
CA GLU A 64 23.91 9.33 -7.83
C GLU A 64 22.39 9.10 -8.03
N SER A 65 22.00 7.89 -8.35
CA SER A 65 20.54 7.59 -8.55
C SER A 65 19.91 7.04 -7.26
N THR A 66 18.61 7.21 -7.08
CA THR A 66 17.92 6.69 -5.83
C THR A 66 16.85 5.64 -6.21
N LEU A 67 16.78 4.53 -5.48
CA LEU A 67 15.74 3.48 -5.79
C LEU A 67 14.96 3.09 -4.52
N HIS A 68 13.64 3.06 -4.60
CA HIS A 68 12.82 2.68 -3.40
C HIS A 68 12.93 1.19 -3.12
N LEU A 69 12.65 0.76 -1.89
CA LEU A 69 12.75 -0.69 -1.54
C LEU A 69 11.48 -1.15 -0.77
N VAL A 70 10.67 -2.02 -1.35
CA VAL A 70 9.44 -2.50 -0.61
C VAL A 70 9.75 -3.81 0.11
N LEU A 71 8.83 -4.73 0.13
CA LEU A 71 9.08 -6.03 0.83
C LEU A 71 7.86 -6.93 0.65
N ARG A 72 8.07 -8.18 0.31
CA ARG A 72 6.93 -9.12 0.13
C ARG A 72 7.04 -10.29 1.12
N LEU A 73 7.97 -10.23 2.04
CA LEU A 73 8.11 -11.34 3.03
C LEU A 73 8.96 -10.85 4.22
N ARG A 74 9.57 -11.75 4.97
CA ARG A 74 10.38 -11.31 6.15
C ARG A 74 9.45 -10.76 7.22
N GLY A 75 9.39 -11.39 8.35
CA GLY A 75 8.48 -10.89 9.42
C GLY A 75 7.07 -11.39 9.13
N CYS A 76 6.94 -12.16 8.09
CA CYS A 76 5.60 -12.69 7.71
C CYS A 76 5.22 -13.83 8.67
N ALA B 1 -16.54 16.51 15.85
CA ALA B 1 -16.94 15.59 16.96
C ALA B 1 -16.19 15.97 18.24
N LEU B 2 -16.25 15.13 19.23
CA LEU B 2 -15.55 15.43 20.51
C LEU B 2 -14.13 14.84 20.48
N PRO B 3 -13.19 15.40 21.23
CA PRO B 3 -11.79 14.91 21.29
C PRO B 3 -11.66 13.58 22.04
N SER B 4 -10.53 12.94 21.92
CA SER B 4 -10.35 11.63 22.62
C SER B 4 -11.14 10.55 21.89
N ALA B 5 -10.76 9.31 22.04
CA ALA B 5 -11.49 8.21 21.36
C ALA B 5 -10.98 6.86 21.87
N SER B 6 -11.82 5.85 21.87
CA SER B 6 -11.39 4.50 22.35
C SER B 6 -11.25 3.55 21.15
N GLU B 7 -10.79 2.35 21.39
CA GLU B 7 -10.63 1.38 20.28
C GLU B 7 -12.00 0.89 19.84
N GLU B 8 -13.00 1.11 20.64
CA GLU B 8 -14.37 0.66 20.26
C GLU B 8 -14.93 1.55 19.15
N GLN B 9 -14.66 2.83 19.21
CA GLN B 9 -15.17 3.76 18.15
C GLN B 9 -14.16 3.87 17.00
N VAL B 10 -12.97 3.38 17.20
CA VAL B 10 -11.94 3.44 16.11
C VAL B 10 -12.26 2.41 15.03
N ALA B 11 -12.80 1.29 15.42
CA ALA B 11 -13.13 0.23 14.42
C ALA B 11 -14.28 0.70 13.54
N GLN B 12 -15.10 1.59 14.05
CA GLN B 12 -16.24 2.08 13.24
C GLN B 12 -15.77 3.19 12.30
N ASP B 13 -14.89 4.04 12.77
CA ASP B 13 -14.39 5.15 11.91
C ASP B 13 -13.34 4.61 10.95
N THR B 14 -12.83 3.43 11.21
CA THR B 14 -11.80 2.85 10.31
C THR B 14 -12.48 2.25 9.07
N GLU B 15 -13.59 1.60 9.26
CA GLU B 15 -14.30 0.98 8.12
C GLU B 15 -14.98 2.09 7.30
N GLU B 16 -15.49 3.09 7.97
CA GLU B 16 -16.16 4.18 7.24
C GLU B 16 -15.12 5.02 6.48
N VAL B 17 -13.95 5.18 7.05
CA VAL B 17 -12.90 5.97 6.38
C VAL B 17 -12.14 5.08 5.41
N PHE B 18 -12.37 3.79 5.47
CA PHE B 18 -11.68 2.87 4.54
C PHE B 18 -12.35 2.93 3.17
N ARG B 19 -13.66 2.99 3.15
CA ARG B 19 -14.39 3.03 1.85
C ARG B 19 -14.51 4.49 1.39
N SER B 20 -14.84 5.38 2.29
CA SER B 20 -14.97 6.81 1.89
C SER B 20 -13.67 7.29 1.26
N TYR B 21 -12.57 6.68 1.61
CA TYR B 21 -11.27 7.10 1.03
C TYR B 21 -11.08 6.43 -0.32
N VAL B 22 -11.22 5.13 -0.36
CA VAL B 22 -11.05 4.41 -1.65
C VAL B 22 -12.12 4.88 -2.65
N PHE B 23 -13.22 5.38 -2.15
CA PHE B 23 -14.30 5.84 -3.07
C PHE B 23 -13.88 7.17 -3.73
N TYR B 24 -13.59 8.16 -2.94
CA TYR B 24 -13.17 9.47 -3.54
C TYR B 24 -11.89 9.29 -4.36
N ARG B 25 -11.13 8.26 -4.08
CA ARG B 25 -9.88 8.02 -4.85
C ARG B 25 -10.22 7.39 -6.21
N HIS B 26 -11.13 6.47 -6.22
CA HIS B 26 -11.49 5.82 -7.52
C HIS B 26 -12.45 6.72 -8.31
N GLN B 27 -13.17 7.56 -7.62
CA GLN B 27 -14.12 8.45 -8.33
C GLN B 27 -13.34 9.40 -9.25
N GLN B 28 -12.22 9.90 -8.79
CA GLN B 28 -11.41 10.83 -9.64
C GLN B 28 -10.59 10.02 -10.65
N GLU B 29 -10.09 8.88 -10.26
CA GLU B 29 -9.28 8.04 -11.21
C GLU B 29 -10.16 7.59 -12.37
N GLN B 30 -11.45 7.62 -12.20
CA GLN B 30 -12.37 7.20 -13.31
C GLN B 30 -12.29 8.20 -14.46
N GLU B 31 -12.06 9.45 -14.16
CA GLU B 31 -11.97 10.49 -15.23
C GLU B 31 -10.71 10.25 -16.07
N ALA B 32 -9.62 9.95 -15.44
CA ALA B 32 -8.36 9.73 -16.21
C ALA B 32 -8.41 8.34 -16.88
N GLU B 33 -8.47 7.30 -16.10
CA GLU B 33 -8.52 5.91 -16.69
C GLU B 33 -9.69 5.15 -16.07
N GLY B 34 -9.85 3.90 -16.43
CA GLY B 34 -10.98 3.09 -15.87
C GLY B 34 -10.42 1.80 -15.28
N VAL B 35 -9.14 1.73 -15.06
CA VAL B 35 -8.54 0.49 -14.49
C VAL B 35 -9.27 0.15 -13.19
N ALA B 36 -9.66 -1.09 -13.03
CA ALA B 36 -10.37 -1.49 -11.77
C ALA B 36 -11.52 -0.51 -11.50
N ALA B 37 -12.14 0.01 -12.53
CA ALA B 37 -13.26 0.98 -12.33
C ALA B 37 -14.40 0.30 -11.55
N PRO B 38 -15.28 1.08 -10.97
CA PRO B 38 -16.43 0.55 -10.18
C PRO B 38 -17.51 -0.10 -11.07
N ALA B 39 -18.59 -0.51 -10.50
CA ALA B 39 -19.68 -1.15 -11.31
C ALA B 39 -20.57 -0.07 -11.92
N ASP B 40 -19.98 0.95 -12.50
CA ASP B 40 -20.81 2.03 -13.12
C ASP B 40 -21.66 2.73 -12.04
N PRO B 41 -22.09 3.95 -12.28
CA PRO B 41 -22.94 4.73 -11.31
C PRO B 41 -24.36 4.18 -11.20
N GLU B 42 -24.58 3.25 -10.29
CA GLU B 42 -25.95 2.67 -10.12
C GLU B 42 -26.16 2.29 -8.65
N MET B 43 -27.03 1.36 -8.40
CA MET B 43 -27.28 0.94 -6.99
C MET B 43 -26.06 0.19 -6.45
N VAL B 44 -25.27 -0.37 -7.33
CA VAL B 44 -24.06 -1.12 -6.88
C VAL B 44 -22.95 -0.12 -6.54
N THR B 45 -23.27 1.14 -6.42
CA THR B 45 -22.22 2.16 -6.09
C THR B 45 -21.85 2.04 -4.62
N LEU B 46 -20.96 2.89 -4.15
CA LEU B 46 -20.57 2.83 -2.71
C LEU B 46 -21.26 3.99 -1.92
N PRO B 47 -22.42 3.73 -1.29
CA PRO B 47 -23.17 4.76 -0.52
C PRO B 47 -22.51 5.10 0.83
N LEU B 48 -21.55 5.99 0.81
CA LEU B 48 -20.86 6.36 2.08
C LEU B 48 -21.68 7.42 2.81
N GLN B 49 -21.24 7.85 3.97
CA GLN B 49 -22.00 8.88 4.74
C GLN B 49 -21.11 10.14 4.92
N PRO B 50 -21.08 11.01 3.93
CA PRO B 50 -20.27 12.26 3.98
C PRO B 50 -20.86 13.30 4.92
N SER B 51 -22.02 13.04 5.43
CA SER B 51 -22.66 14.00 6.37
C SER B 51 -21.89 14.00 7.70
N SER B 52 -21.02 13.03 7.90
CA SER B 52 -20.26 12.97 9.17
C SER B 52 -18.86 13.62 8.97
N THR B 53 -18.20 13.97 10.05
CA THR B 53 -16.84 14.61 9.92
C THR B 53 -15.85 13.63 9.25
N MET B 54 -16.07 12.36 9.37
CA MET B 54 -15.15 11.37 8.75
C MET B 54 -15.13 11.54 7.23
N GLY B 55 -16.15 12.18 6.71
CA GLY B 55 -16.20 12.40 5.23
C GLY B 55 -15.05 13.29 4.81
N GLN B 56 -14.68 14.23 5.64
CA GLN B 56 -13.57 15.14 5.28
C GLN B 56 -12.23 14.45 5.56
N VAL B 57 -12.24 13.40 6.35
CA VAL B 57 -10.98 12.68 6.66
C VAL B 57 -10.50 11.93 5.42
N GLY B 58 -11.41 11.35 4.68
CA GLY B 58 -11.00 10.60 3.46
C GLY B 58 -10.53 11.57 2.38
N ARG B 59 -11.26 12.63 2.20
CA ARG B 59 -10.86 13.62 1.15
C ARG B 59 -9.45 14.12 1.44
N GLN B 60 -9.14 14.41 2.67
CA GLN B 60 -7.77 14.90 2.99
C GLN B 60 -6.74 13.77 2.79
N LEU B 61 -6.95 12.65 3.39
CA LEU B 61 -5.99 11.51 3.24
C LEU B 61 -5.82 11.18 1.75
N ALA B 62 -6.81 11.47 0.95
CA ALA B 62 -6.72 11.17 -0.51
C ALA B 62 -5.87 12.24 -1.22
N ILE B 63 -5.56 13.31 -0.54
CA ILE B 63 -4.74 14.40 -1.18
C ILE B 63 -3.27 14.23 -0.80
N ILE B 64 -2.99 14.03 0.47
CA ILE B 64 -1.57 13.86 0.91
C ILE B 64 -1.01 12.58 0.30
N GLY B 65 -1.86 11.64 -0.02
CA GLY B 65 -1.37 10.36 -0.62
C GLY B 65 -1.86 10.25 -2.06
N ASP B 66 -1.72 11.30 -2.82
CA ASP B 66 -2.19 11.23 -4.24
C ASP B 66 -1.00 10.90 -5.16
N ASP B 67 0.04 11.69 -5.11
CA ASP B 67 1.23 11.42 -5.97
C ASP B 67 2.01 10.21 -5.44
N ILE B 68 2.19 10.14 -4.15
CA ILE B 68 2.93 9.00 -3.55
C ILE B 68 2.19 7.70 -3.85
N ASN B 69 0.93 7.79 -4.14
CA ASN B 69 0.14 6.55 -4.43
C ASN B 69 0.44 6.10 -5.86
N ARG B 70 0.31 6.98 -6.82
CA ARG B 70 0.58 6.59 -8.25
C ARG B 70 2.07 6.26 -8.44
N ARG B 71 2.91 6.82 -7.62
CA ARG B 71 4.37 6.55 -7.79
C ARG B 71 4.62 5.04 -7.84
N TYR B 72 4.19 4.29 -6.86
CA TYR B 72 4.41 2.80 -6.87
C TYR B 72 3.05 2.07 -6.99
N ASP B 73 2.27 2.39 -8.00
CA ASP B 73 0.95 1.70 -8.18
C ASP B 73 0.98 0.78 -9.42
N SER B 74 1.70 1.16 -10.43
CA SER B 74 1.75 0.32 -11.65
C SER B 74 2.47 -1.00 -11.35
N GLU B 75 3.26 -1.03 -10.31
CA GLU B 75 4.00 -2.28 -9.96
C GLU B 75 3.20 -3.10 -8.94
N PHE B 76 2.24 -2.49 -8.27
CA PHE B 76 1.44 -3.25 -7.26
C PHE B 76 0.55 -4.26 -7.98
N GLN B 77 -0.07 -3.87 -9.06
CA GLN B 77 -0.97 -4.81 -9.80
C GLN B 77 -0.13 -5.79 -10.63
N THR B 78 0.98 -5.36 -11.10
CA THR B 78 1.83 -6.27 -11.92
C THR B 78 2.21 -7.51 -11.10
N MET B 79 2.68 -7.32 -9.89
CA MET B 79 3.05 -8.49 -9.04
C MET B 79 1.78 -9.16 -8.48
N LEU B 80 0.72 -8.41 -8.29
CA LEU B 80 -0.54 -9.02 -7.75
C LEU B 80 -1.03 -10.11 -8.70
N GLN B 81 -0.84 -9.92 -9.98
CA GLN B 81 -1.30 -10.94 -10.95
C GLN B 81 -0.46 -12.21 -10.82
N HIS B 82 0.80 -12.07 -10.47
CA HIS B 82 1.67 -13.26 -10.32
C HIS B 82 1.33 -14.00 -9.02
N LEU B 83 0.50 -13.41 -8.20
CA LEU B 83 0.12 -14.07 -6.92
C LEU B 83 -1.03 -15.02 -7.16
N GLN B 84 -2.16 -14.50 -7.60
CA GLN B 84 -3.33 -15.39 -7.85
C GLN B 84 -3.73 -16.09 -6.56
N PRO B 85 -4.15 -15.33 -5.56
CA PRO B 85 -4.56 -15.88 -4.25
C PRO B 85 -5.92 -16.56 -4.32
N THR B 86 -6.40 -17.07 -3.21
CA THR B 86 -7.72 -17.76 -3.21
C THR B 86 -8.55 -17.28 -2.02
N ALA B 87 -9.80 -17.64 -1.97
CA ALA B 87 -10.66 -17.20 -0.83
C ALA B 87 -10.27 -17.97 0.42
N GLU B 88 -9.54 -19.04 0.27
CA GLU B 88 -9.13 -19.83 1.46
C GLU B 88 -7.82 -19.28 2.01
N ASN B 89 -6.98 -18.73 1.16
CA ASN B 89 -5.66 -18.17 1.64
C ASN B 89 -5.59 -16.67 1.32
N ALA B 90 -6.69 -15.99 1.30
CA ALA B 90 -6.68 -14.52 1.00
C ALA B 90 -6.05 -13.75 2.15
N TYR B 91 -6.35 -14.13 3.37
CA TYR B 91 -5.78 -13.42 4.56
C TYR B 91 -4.36 -13.92 4.81
N GLU B 92 -4.00 -15.01 4.19
CA GLU B 92 -2.62 -15.56 4.40
C GLU B 92 -1.63 -14.78 3.53
N TYR B 93 -2.11 -14.13 2.50
CA TYR B 93 -1.19 -13.36 1.62
C TYR B 93 -1.22 -11.88 2.01
N PHE B 94 -2.40 -11.33 2.22
CA PHE B 94 -2.52 -9.89 2.60
C PHE B 94 -1.79 -9.66 3.92
N THR B 95 -1.99 -10.52 4.87
CA THR B 95 -1.32 -10.35 6.19
C THR B 95 0.19 -10.42 6.00
N CYS B 96 0.63 -10.91 4.88
CA CYS B 96 2.08 -11.03 4.63
C CYS B 96 2.64 -9.69 4.12
N ILE B 97 2.03 -9.13 3.11
CA ILE B 97 2.54 -7.83 2.58
C ILE B 97 2.49 -6.79 3.68
N ALA B 98 1.39 -6.71 4.39
CA ALA B 98 1.29 -5.70 5.47
C ALA B 98 2.43 -5.94 6.48
N THR B 99 2.40 -7.06 7.18
CA THR B 99 3.48 -7.33 8.17
C THR B 99 4.85 -7.09 7.52
N SER B 100 4.97 -7.27 6.24
CA SER B 100 6.30 -7.04 5.56
C SER B 100 6.49 -5.54 5.29
N LEU B 101 5.44 -4.80 5.31
CA LEU B 101 5.56 -3.32 5.07
C LEU B 101 5.81 -2.59 6.38
N PHE B 102 4.97 -2.80 7.35
CA PHE B 102 5.16 -2.13 8.66
C PHE B 102 6.27 -2.83 9.46
N GLU B 103 6.90 -3.82 8.88
CA GLU B 103 7.99 -4.54 9.61
C GLU B 103 9.04 -3.54 10.08
N SER B 104 9.25 -2.50 9.32
CA SER B 104 10.26 -1.50 9.72
C SER B 104 9.69 -0.58 10.80
N GLY B 105 8.42 -0.30 10.73
CA GLY B 105 7.79 0.59 11.76
C GLY B 105 6.37 0.97 11.31
N ILE B 106 5.78 1.96 11.94
CA ILE B 106 4.39 2.39 11.56
C ILE B 106 4.37 3.90 11.34
N ASN B 107 3.74 4.36 10.28
CA ASN B 107 3.67 5.82 10.00
C ASN B 107 2.40 6.14 9.22
N TRP B 108 2.08 7.40 9.07
CA TRP B 108 0.85 7.77 8.32
C TRP B 108 1.00 7.32 6.87
N GLY B 109 2.18 7.30 6.36
CA GLY B 109 2.37 6.86 4.97
C GLY B 109 2.16 5.34 4.87
N ARG B 110 2.43 4.62 5.93
CA ARG B 110 2.26 3.13 5.89
C ARG B 110 0.78 2.76 6.10
N VAL B 111 -0.03 3.66 6.59
CA VAL B 111 -1.48 3.33 6.78
C VAL B 111 -2.24 3.59 5.48
N VAL B 112 -2.01 4.74 4.88
CA VAL B 112 -2.72 5.06 3.61
C VAL B 112 -2.27 4.10 2.52
N ALA B 113 -1.03 3.68 2.56
CA ALA B 113 -0.54 2.73 1.53
C ALA B 113 -1.24 1.39 1.70
N LEU B 114 -1.58 1.04 2.91
CA LEU B 114 -2.27 -0.26 3.15
C LEU B 114 -3.64 -0.25 2.47
N LEU B 115 -4.45 0.75 2.77
CA LEU B 115 -5.81 0.81 2.14
C LEU B 115 -5.66 0.97 0.63
N GLY B 116 -4.69 1.70 0.19
CA GLY B 116 -4.50 1.90 -1.28
C GLY B 116 -4.36 0.53 -1.96
N PHE B 117 -3.56 -0.33 -1.42
CA PHE B 117 -3.38 -1.67 -2.03
C PHE B 117 -4.39 -2.67 -1.41
N GLY B 118 -5.38 -2.17 -0.71
CA GLY B 118 -6.40 -3.08 -0.08
C GLY B 118 -7.71 -3.03 -0.87
N TYR B 119 -7.71 -2.42 -2.03
CA TYR B 119 -8.97 -2.34 -2.85
C TYR B 119 -8.90 -3.35 -4.00
N ARG B 120 -8.23 -3.01 -5.08
CA ARG B 120 -8.12 -3.95 -6.24
C ARG B 120 -7.99 -5.39 -5.74
N LEU B 121 -7.26 -5.59 -4.68
CA LEU B 121 -7.11 -6.97 -4.14
C LEU B 121 -8.49 -7.60 -3.93
N ALA B 122 -9.39 -6.93 -3.26
CA ALA B 122 -10.76 -7.49 -3.04
C ALA B 122 -11.56 -7.47 -4.36
N LEU B 123 -11.50 -6.37 -5.07
CA LEU B 123 -12.25 -6.29 -6.35
C LEU B 123 -11.71 -7.35 -7.32
N HIS B 124 -10.45 -7.67 -7.21
CA HIS B 124 -9.86 -8.69 -8.12
C HIS B 124 -10.66 -9.97 -8.01
N VAL B 125 -11.19 -10.25 -6.84
CA VAL B 125 -11.97 -11.48 -6.65
C VAL B 125 -13.40 -11.27 -7.16
N TYR B 126 -13.97 -10.12 -6.88
CA TYR B 126 -15.35 -9.85 -7.35
C TYR B 126 -15.46 -10.18 -8.83
N GLN B 127 -14.69 -9.54 -9.66
CA GLN B 127 -14.77 -9.83 -11.12
C GLN B 127 -14.54 -11.32 -11.34
N HIS B 128 -13.43 -11.84 -10.88
CA HIS B 128 -13.13 -13.30 -11.06
C HIS B 128 -14.45 -14.10 -11.10
N GLY B 129 -15.35 -13.86 -10.17
CA GLY B 129 -16.66 -14.60 -10.18
C GLY B 129 -17.11 -14.85 -8.74
N LEU B 130 -16.29 -14.54 -7.79
CA LEU B 130 -16.70 -14.77 -6.37
C LEU B 130 -17.51 -13.57 -5.86
N THR B 131 -18.73 -13.45 -6.31
CA THR B 131 -19.58 -12.31 -5.87
C THR B 131 -19.81 -12.40 -4.36
N GLY B 132 -19.71 -11.29 -3.66
CA GLY B 132 -19.93 -11.32 -2.18
C GLY B 132 -18.57 -11.33 -1.47
N PHE B 133 -17.68 -10.43 -1.84
CA PHE B 133 -16.33 -10.39 -1.17
C PHE B 133 -16.18 -9.08 -0.40
N LEU B 134 -16.90 -8.06 -0.79
CA LEU B 134 -16.79 -6.75 -0.06
C LEU B 134 -17.04 -6.96 1.43
N GLY B 135 -18.06 -7.69 1.79
CA GLY B 135 -18.35 -7.92 3.23
C GLY B 135 -17.22 -8.75 3.84
N GLN B 136 -16.59 -9.58 3.07
CA GLN B 136 -15.50 -10.43 3.61
C GLN B 136 -14.26 -9.55 3.92
N VAL B 137 -13.83 -8.75 2.97
CA VAL B 137 -12.62 -7.87 3.21
C VAL B 137 -12.88 -6.96 4.41
N THR B 138 -14.09 -6.51 4.59
CA THR B 138 -14.39 -5.61 5.75
C THR B 138 -14.25 -6.38 7.06
N ARG B 139 -15.06 -7.38 7.26
CA ARG B 139 -14.97 -8.19 8.51
C ARG B 139 -13.63 -8.92 8.56
N PHE B 140 -12.66 -8.50 7.79
CA PHE B 140 -11.32 -9.17 7.80
C PHE B 140 -10.25 -8.17 8.22
N VAL B 141 -10.26 -6.99 7.64
CA VAL B 141 -9.24 -5.98 8.01
C VAL B 141 -9.51 -5.49 9.44
N VAL B 142 -10.72 -5.09 9.72
CA VAL B 142 -11.03 -4.59 11.08
C VAL B 142 -10.50 -5.58 12.13
N ASP B 143 -10.57 -6.85 11.83
CA ASP B 143 -10.06 -7.87 12.80
C ASP B 143 -8.53 -7.79 12.85
N PHE B 144 -7.90 -7.61 11.73
CA PHE B 144 -6.41 -7.54 11.72
C PHE B 144 -5.94 -6.25 12.40
N MET B 145 -6.67 -5.17 12.22
CA MET B 145 -6.27 -3.88 12.85
C MET B 145 -6.43 -3.97 14.38
N LEU B 146 -7.45 -4.65 14.84
CA LEU B 146 -7.65 -4.77 16.31
C LEU B 146 -6.74 -5.88 16.85
N HIS B 147 -6.25 -6.72 16.00
CA HIS B 147 -5.38 -7.83 16.46
C HIS B 147 -3.92 -7.39 16.40
N HIS B 148 -3.62 -6.49 15.52
CA HIS B 148 -2.22 -6.01 15.40
C HIS B 148 -2.02 -4.76 16.29
N CYS B 149 -2.97 -4.46 17.16
CA CYS B 149 -2.83 -3.24 18.06
C CYS B 149 -2.81 -1.96 17.21
N ILE B 150 -3.36 -1.99 16.05
CA ILE B 150 -3.39 -0.75 15.18
C ILE B 150 -4.42 0.24 15.72
N ALA B 151 -5.53 -0.27 16.20
CA ALA B 151 -6.58 0.65 16.71
C ALA B 151 -6.00 1.53 17.85
N ARG B 152 -5.32 0.92 18.78
CA ARG B 152 -4.74 1.71 19.91
C ARG B 152 -3.88 2.85 19.35
N TRP B 153 -2.79 2.54 18.67
CA TRP B 153 -1.90 3.61 18.10
C TRP B 153 -2.76 4.76 17.54
N ILE B 154 -3.67 4.45 16.65
CA ILE B 154 -4.55 5.53 16.08
C ILE B 154 -5.20 6.32 17.22
N ALA B 155 -5.58 5.66 18.27
CA ALA B 155 -6.21 6.38 19.42
C ALA B 155 -5.18 7.31 20.10
N GLN B 156 -3.95 6.89 20.16
CA GLN B 156 -2.90 7.74 20.80
C GLN B 156 -2.51 8.88 19.88
N ARG B 157 -2.77 8.74 18.61
CA ARG B 157 -2.42 9.82 17.65
C ARG B 157 -3.53 10.89 17.65
N GLY B 158 -4.62 10.64 18.34
CA GLY B 158 -5.73 11.64 18.37
C GLY B 158 -6.91 11.12 17.56
N GLY B 159 -6.97 9.84 17.35
CA GLY B 159 -8.10 9.27 16.57
C GLY B 159 -8.00 9.73 15.12
N TRP B 160 -9.01 9.46 14.33
CA TRP B 160 -8.98 9.86 12.90
C TRP B 160 -9.25 11.37 12.79
N VAL B 161 -9.67 11.99 13.86
CA VAL B 161 -9.95 13.45 13.82
C VAL B 161 -8.63 14.23 13.74
N ALA B 162 -7.52 13.55 13.88
CA ALA B 162 -6.20 14.25 13.81
C ALA B 162 -5.80 14.47 12.35
N ALA B 163 -6.58 13.99 11.43
CA ALA B 163 -6.27 14.17 9.99
C ALA B 163 -6.38 15.66 9.61
N LEU B 164 -7.36 16.34 10.16
CA LEU B 164 -7.53 17.78 9.84
C LEU B 164 -6.35 18.57 10.39
N ASN B 165 -5.63 18.01 11.32
CA ASN B 165 -4.46 18.74 11.91
C ASN B 165 -3.17 18.32 11.18
N LEU B 166 -3.26 17.96 9.92
CA LEU B 166 -2.04 17.53 9.16
C LEU B 166 -1.59 18.67 8.21
N GLY B 167 -0.99 18.34 7.09
CA GLY B 167 -0.52 19.40 6.14
C GLY B 167 -1.72 20.22 5.66
N ASN B 168 -2.40 19.76 4.64
CA ASN B 168 -3.58 20.51 4.12
C ASN B 168 -4.69 20.50 5.16
N GLY B 169 -4.55 19.69 6.17
CA GLY B 169 -5.60 19.62 7.21
C GLY B 169 -6.97 19.48 6.56
N MET A 1 30.76 2.59 -9.85
CA MET A 1 30.15 3.86 -9.36
C MET A 1 29.52 3.62 -7.99
N GLN A 2 28.98 4.65 -7.38
CA GLN A 2 28.35 4.50 -6.03
C GLN A 2 26.87 4.84 -6.12
N ILE A 3 26.02 3.97 -5.60
CA ILE A 3 24.54 4.24 -5.66
C ILE A 3 24.00 4.36 -4.23
N PHE A 4 22.78 4.82 -4.08
CA PHE A 4 22.18 4.96 -2.71
C PHE A 4 20.82 4.27 -2.68
N VAL A 5 20.66 3.26 -1.86
CA VAL A 5 19.35 2.56 -1.79
C VAL A 5 18.54 3.10 -0.61
N LYS A 6 17.26 3.37 -0.82
CA LYS A 6 16.42 3.91 0.28
C LYS A 6 15.48 2.82 0.79
N THR A 7 15.42 2.62 2.08
CA THR A 7 14.52 1.57 2.63
C THR A 7 13.21 2.21 3.11
N LEU A 8 12.29 1.42 3.60
CA LEU A 8 11.00 1.99 4.08
C LEU A 8 11.14 2.42 5.54
N THR A 9 12.29 2.25 6.11
CA THR A 9 12.49 2.65 7.53
C THR A 9 13.19 4.01 7.59
N GLY A 10 13.49 4.59 6.45
CA GLY A 10 14.17 5.92 6.43
C GLY A 10 15.69 5.72 6.51
N LYS A 11 16.17 4.52 6.28
CA LYS A 11 17.64 4.27 6.32
C LYS A 11 18.19 4.14 4.89
N THR A 12 19.22 4.87 4.58
CA THR A 12 19.80 4.80 3.20
C THR A 12 21.18 4.15 3.27
N ILE A 13 21.41 3.12 2.48
CA ILE A 13 22.73 2.43 2.49
C ILE A 13 23.42 2.63 1.15
N THR A 14 24.67 3.02 1.17
CA THR A 14 25.40 3.23 -0.12
C THR A 14 25.79 1.87 -0.71
N LEU A 15 26.14 1.83 -1.97
CA LEU A 15 26.53 0.55 -2.59
C LEU A 15 27.47 0.83 -3.77
N GLU A 16 28.55 0.09 -3.87
CA GLU A 16 29.49 0.32 -5.00
C GLU A 16 29.30 -0.78 -6.06
N VAL A 17 28.74 -0.45 -7.19
CA VAL A 17 28.51 -1.47 -8.25
C VAL A 17 28.91 -0.89 -9.61
N GLU A 18 28.76 -1.66 -10.67
CA GLU A 18 29.15 -1.15 -12.02
C GLU A 18 27.98 -1.37 -13.01
N PRO A 19 27.83 -0.50 -14.01
CA PRO A 19 26.73 -0.61 -15.03
C PRO A 19 26.68 -1.99 -15.69
N SER A 20 27.74 -2.74 -15.61
CA SER A 20 27.76 -4.09 -16.23
C SER A 20 27.40 -5.15 -15.18
N ASP A 21 27.12 -4.74 -13.98
CA ASP A 21 26.76 -5.71 -12.91
C ASP A 21 25.34 -6.20 -13.13
N THR A 22 25.06 -7.43 -12.79
CA THR A 22 23.69 -7.97 -12.98
C THR A 22 22.85 -7.69 -11.72
N ILE A 23 21.56 -7.70 -11.85
CA ILE A 23 20.68 -7.44 -10.67
C ILE A 23 20.88 -8.55 -9.63
N GLU A 24 21.19 -9.75 -10.07
CA GLU A 24 21.39 -10.87 -9.11
C GLU A 24 22.64 -10.61 -8.26
N ASN A 25 23.61 -9.95 -8.83
CA ASN A 25 24.85 -9.66 -8.07
C ASN A 25 24.57 -8.57 -7.05
N VAL A 26 23.86 -7.56 -7.45
CA VAL A 26 23.55 -6.45 -6.51
C VAL A 26 22.76 -7.00 -5.33
N LYS A 27 21.83 -7.90 -5.58
CA LYS A 27 21.04 -8.47 -4.46
C LYS A 27 21.96 -9.23 -3.50
N ALA A 28 22.92 -9.96 -4.02
CA ALA A 28 23.85 -10.71 -3.15
C ALA A 28 24.66 -9.73 -2.29
N LYS A 29 24.98 -8.58 -2.82
CA LYS A 29 25.76 -7.59 -2.04
C LYS A 29 24.92 -7.05 -0.89
N ILE A 30 23.65 -6.85 -1.11
CA ILE A 30 22.77 -6.33 -0.03
C ILE A 30 22.72 -7.34 1.12
N GLN A 31 22.52 -8.59 0.80
CA GLN A 31 22.46 -9.63 1.87
C GLN A 31 23.85 -9.81 2.49
N ASP A 32 24.89 -9.56 1.74
CA ASP A 32 26.26 -9.73 2.29
C ASP A 32 26.58 -8.57 3.24
N LYS A 33 25.93 -7.46 3.07
CA LYS A 33 26.19 -6.30 3.96
C LYS A 33 24.94 -5.98 4.78
N GLU A 34 23.86 -6.69 4.54
CA GLU A 34 22.60 -6.42 5.31
C GLU A 34 22.06 -7.73 5.87
N GLY A 35 21.96 -8.73 5.05
CA GLY A 35 21.44 -10.06 5.53
C GLY A 35 19.98 -10.23 5.09
N ILE A 36 19.60 -9.57 4.02
CA ILE A 36 18.19 -9.70 3.55
C ILE A 36 18.12 -10.74 2.40
N PRO A 37 17.49 -11.90 2.62
CA PRO A 37 17.39 -12.96 1.58
C PRO A 37 16.88 -12.42 0.21
N PRO A 38 17.59 -12.69 -0.87
CA PRO A 38 17.17 -12.23 -2.24
C PRO A 38 15.73 -12.62 -2.57
N ASP A 39 15.21 -13.64 -1.95
CA ASP A 39 13.81 -14.08 -2.25
C ASP A 39 12.81 -13.05 -1.71
N GLN A 40 13.22 -12.22 -0.78
CA GLN A 40 12.29 -11.18 -0.20
C GLN A 40 12.77 -9.78 -0.59
N GLN A 41 13.09 -9.58 -1.84
CA GLN A 41 13.55 -8.25 -2.29
C GLN A 41 12.75 -7.80 -3.51
N ARG A 42 12.20 -6.62 -3.47
CA ARG A 42 11.38 -6.13 -4.62
C ARG A 42 11.90 -4.75 -5.06
N LEU A 43 13.07 -4.71 -5.64
CA LEU A 43 13.65 -3.41 -6.09
C LEU A 43 12.64 -2.69 -6.99
N ILE A 44 12.70 -1.38 -7.04
CA ILE A 44 11.75 -0.61 -7.90
C ILE A 44 12.46 0.60 -8.50
N PHE A 45 12.42 0.75 -9.79
CA PHE A 45 13.08 1.91 -10.44
C PHE A 45 12.20 2.46 -11.56
N ALA A 46 11.81 3.71 -11.45
CA ALA A 46 10.94 4.30 -12.50
C ALA A 46 9.60 3.55 -12.53
N GLY A 47 9.20 3.02 -11.41
CA GLY A 47 7.91 2.28 -11.39
C GLY A 47 8.04 1.01 -12.24
N LYS A 48 9.21 0.42 -12.28
CA LYS A 48 9.39 -0.83 -13.09
C LYS A 48 10.11 -1.88 -12.24
N GLN A 49 9.60 -3.08 -12.19
CA GLN A 49 10.26 -4.16 -11.40
C GLN A 49 11.43 -4.74 -12.19
N LEU A 50 12.62 -4.22 -11.97
CA LEU A 50 13.79 -4.73 -12.72
C LEU A 50 13.79 -6.26 -12.69
N GLU A 51 14.24 -6.89 -13.74
CA GLU A 51 14.26 -8.38 -13.78
C GLU A 51 15.60 -8.88 -13.24
N ASP A 52 15.76 -10.18 -13.12
CA ASP A 52 17.04 -10.73 -12.60
C ASP A 52 17.90 -11.24 -13.77
N GLY A 53 17.38 -11.16 -14.97
CA GLY A 53 18.16 -11.63 -16.16
C GLY A 53 18.68 -10.42 -16.96
N ARG A 54 18.57 -9.24 -16.41
CA ARG A 54 19.05 -8.02 -17.15
C ARG A 54 20.11 -7.31 -16.31
N THR A 55 20.89 -6.46 -16.93
CA THR A 55 21.96 -5.73 -16.18
C THR A 55 21.45 -4.34 -15.80
N LEU A 56 22.28 -3.52 -15.20
CA LEU A 56 21.85 -2.15 -14.81
C LEU A 56 21.81 -1.24 -16.05
N SER A 57 22.71 -1.46 -16.97
CA SER A 57 22.73 -0.62 -18.21
C SER A 57 21.44 -0.85 -19.00
N ASP A 58 20.82 -1.98 -18.81
CA ASP A 58 19.56 -2.26 -19.55
C ASP A 58 18.51 -1.23 -19.19
N TYR A 59 18.47 -0.82 -17.95
CA TYR A 59 17.46 0.19 -17.52
C TYR A 59 18.02 1.59 -17.69
N ASN A 60 19.30 1.70 -17.93
CA ASN A 60 19.94 3.04 -18.13
C ASN A 60 20.19 3.70 -16.77
N ILE A 61 20.47 2.91 -15.76
CA ILE A 61 20.71 3.50 -14.41
C ILE A 61 22.11 4.12 -14.38
N GLN A 62 22.19 5.41 -14.17
CA GLN A 62 23.51 6.08 -14.13
C GLN A 62 24.07 6.00 -12.71
N LYS A 63 25.02 6.85 -12.39
CA LYS A 63 25.61 6.83 -11.02
C LYS A 63 24.77 7.70 -10.08
N GLU A 64 24.98 7.59 -8.79
CA GLU A 64 24.20 8.42 -7.82
C GLU A 64 22.69 8.21 -8.05
N SER A 65 22.30 7.02 -8.39
CA SER A 65 20.84 6.76 -8.63
C SER A 65 20.21 6.21 -7.34
N THR A 66 18.93 6.40 -7.16
CA THR A 66 18.24 5.88 -5.94
C THR A 66 17.18 4.86 -6.32
N LEU A 67 17.12 3.75 -5.62
CA LEU A 67 16.10 2.71 -5.93
C LEU A 67 15.32 2.33 -4.67
N HIS A 68 14.01 2.31 -4.74
CA HIS A 68 13.20 1.96 -3.53
C HIS A 68 13.31 0.45 -3.27
N LEU A 69 13.03 0.04 -2.07
CA LEU A 69 13.12 -1.42 -1.73
C LEU A 69 11.84 -1.85 -0.98
N VAL A 70 11.03 -2.70 -1.58
CA VAL A 70 9.79 -3.16 -0.86
C VAL A 70 10.09 -4.49 -0.17
N LEU A 71 9.16 -5.41 -0.18
CA LEU A 71 9.41 -6.72 0.49
C LEU A 71 8.19 -7.62 0.31
N ARG A 72 8.39 -8.86 -0.05
CA ARG A 72 7.24 -9.79 -0.25
C ARG A 72 7.34 -10.97 0.72
N LEU A 73 8.26 -10.96 1.64
CA LEU A 73 8.33 -12.13 2.58
C LEU A 73 8.99 -11.76 3.90
N ARG A 74 8.36 -12.13 4.99
CA ARG A 74 8.92 -11.86 6.33
C ARG A 74 8.79 -13.15 7.16
N GLY A 75 9.33 -14.23 6.67
CA GLY A 75 9.21 -15.51 7.42
C GLY A 75 7.83 -16.12 7.14
N CYS A 76 7.05 -15.48 6.31
CA CYS A 76 5.70 -16.02 5.98
C CYS A 76 5.80 -17.52 5.68
N ALA B 1 -16.72 16.38 15.81
CA ALA B 1 -17.13 15.47 16.92
C ALA B 1 -16.38 15.85 18.20
N LEU B 2 -16.43 15.01 19.20
CA LEU B 2 -15.73 15.32 20.48
C LEU B 2 -14.31 14.72 20.44
N PRO B 3 -13.39 15.28 21.21
CA PRO B 3 -11.98 14.80 21.27
C PRO B 3 -11.86 13.46 22.02
N SER B 4 -10.73 12.82 21.91
CA SER B 4 -10.55 11.51 22.61
C SER B 4 -11.35 10.43 21.88
N ALA B 5 -10.97 9.18 22.05
CA ALA B 5 -11.70 8.09 21.36
C ALA B 5 -11.18 6.74 21.88
N SER B 6 -12.03 5.73 21.88
CA SER B 6 -11.59 4.39 22.36
C SER B 6 -11.46 3.42 21.18
N GLU B 7 -11.00 2.23 21.42
CA GLU B 7 -10.84 1.26 20.31
C GLU B 7 -12.21 0.77 19.86
N GLU B 8 -13.22 0.99 20.66
CA GLU B 8 -14.58 0.53 20.27
C GLU B 8 -15.14 1.42 19.15
N GLN B 9 -14.86 2.70 19.20
CA GLN B 9 -15.38 3.63 18.15
C GLN B 9 -14.36 3.72 17.01
N VAL B 10 -13.17 3.22 17.21
CA VAL B 10 -12.13 3.27 16.13
C VAL B 10 -12.46 2.23 15.05
N ALA B 11 -13.00 1.12 15.44
CA ALA B 11 -13.33 0.05 14.45
C ALA B 11 -14.48 0.52 13.57
N GLN B 12 -15.30 1.40 14.06
CA GLN B 12 -16.44 1.90 13.25
C GLN B 12 -15.97 3.00 12.31
N ASP B 13 -15.07 3.85 12.77
CA ASP B 13 -14.58 4.94 11.90
C ASP B 13 -13.53 4.38 10.93
N THR B 14 -13.04 3.21 11.19
CA THR B 14 -12.02 2.63 10.28
C THR B 14 -12.70 2.02 9.05
N GLU B 15 -13.82 1.39 9.23
CA GLU B 15 -14.52 0.78 8.08
C GLU B 15 -15.21 1.89 7.26
N GLU B 16 -15.71 2.90 7.93
CA GLU B 16 -16.38 4.01 7.19
C GLU B 16 -15.35 4.84 6.43
N VAL B 17 -14.18 5.00 7.00
CA VAL B 17 -13.11 5.81 6.34
C VAL B 17 -12.35 4.91 5.36
N PHE B 18 -12.59 3.63 5.42
CA PHE B 18 -11.88 2.71 4.50
C PHE B 18 -12.56 2.78 3.13
N ARG B 19 -13.86 2.84 3.10
CA ARG B 19 -14.57 2.90 1.81
C ARG B 19 -14.69 4.37 1.35
N SER B 20 -15.01 5.26 2.24
CA SER B 20 -15.14 6.70 1.86
C SER B 20 -13.83 7.19 1.22
N TYR B 21 -12.73 6.59 1.60
CA TYR B 21 -11.41 7.00 1.04
C TYR B 21 -11.22 6.32 -0.30
N VAL B 22 -11.36 5.03 -0.34
CA VAL B 22 -11.19 4.28 -1.61
C VAL B 22 -12.25 4.75 -2.61
N PHE B 23 -13.35 5.25 -2.12
CA PHE B 23 -14.41 5.72 -3.05
C PHE B 23 -13.99 7.03 -3.71
N TYR B 24 -13.69 8.04 -2.93
CA TYR B 24 -13.27 9.34 -3.51
C TYR B 24 -11.98 9.15 -4.33
N ARG B 25 -11.22 8.13 -4.04
CA ARG B 25 -9.96 7.89 -4.80
C ARG B 25 -10.29 7.25 -6.15
N HIS B 26 -11.21 6.32 -6.18
CA HIS B 26 -11.57 5.67 -7.46
C HIS B 26 -12.51 6.57 -8.25
N GLN B 27 -13.23 7.42 -7.57
CA GLN B 27 -14.18 8.31 -8.27
C GLN B 27 -13.39 9.25 -9.20
N GLN B 28 -12.27 9.74 -8.74
CA GLN B 28 -11.47 10.67 -9.59
C GLN B 28 -10.64 9.85 -10.59
N GLU B 29 -10.14 8.71 -10.20
CA GLU B 29 -9.32 7.88 -11.13
C GLU B 29 -10.20 7.42 -12.30
N GLN B 30 -11.50 7.45 -12.13
CA GLN B 30 -12.41 7.02 -13.23
C GLN B 30 -12.32 8.02 -14.38
N GLU B 31 -12.09 9.27 -14.07
CA GLU B 31 -12.01 10.29 -15.16
C GLU B 31 -10.75 10.05 -16.00
N ALA B 32 -9.64 9.76 -15.37
CA ALA B 32 -8.38 9.52 -16.12
C ALA B 32 -8.44 8.14 -16.78
N GLU B 33 -8.49 7.10 -16.00
CA GLU B 33 -8.54 5.72 -16.57
C GLU B 33 -9.71 4.96 -15.96
N GLY B 34 -9.87 3.71 -16.31
CA GLY B 34 -11.00 2.89 -15.76
C GLY B 34 -10.44 1.60 -15.15
N VAL B 35 -9.16 1.55 -14.92
CA VAL B 35 -8.57 0.31 -14.34
C VAL B 35 -9.29 -0.03 -13.03
N ALA B 36 -9.68 -1.26 -12.87
CA ALA B 36 -10.39 -1.66 -11.62
C ALA B 36 -11.53 -0.67 -11.35
N ALA B 37 -12.14 -0.16 -12.37
CA ALA B 37 -13.26 0.81 -12.19
C ALA B 37 -14.40 0.13 -11.40
N PRO B 38 -15.28 0.92 -10.83
CA PRO B 38 -16.43 0.38 -10.04
C PRO B 38 -17.49 -0.26 -10.92
N ALA B 39 -18.59 -0.67 -10.34
CA ALA B 39 -19.66 -1.32 -11.15
C ALA B 39 -20.55 -0.24 -11.76
N ASP B 40 -19.97 0.77 -12.35
CA ASP B 40 -20.78 1.86 -12.97
C ASP B 40 -21.62 2.55 -11.88
N PRO B 41 -22.05 3.76 -12.15
CA PRO B 41 -22.88 4.55 -11.18
C PRO B 41 -24.31 4.00 -11.05
N GLU B 42 -24.52 3.09 -10.14
CA GLU B 42 -25.89 2.51 -9.98
C GLU B 42 -26.11 2.12 -8.51
N MET B 43 -26.97 1.19 -8.24
CA MET B 43 -27.24 0.77 -6.83
C MET B 43 -26.02 0.03 -6.28
N VAL B 44 -25.24 -0.56 -7.14
CA VAL B 44 -24.04 -1.30 -6.68
C VAL B 44 -22.92 -0.31 -6.36
N THR B 45 -23.25 0.96 -6.26
CA THR B 45 -22.20 1.97 -5.94
C THR B 45 -21.84 1.87 -4.45
N LEU B 46 -20.94 2.72 -3.99
CA LEU B 46 -20.54 2.67 -2.54
C LEU B 46 -21.26 3.82 -1.78
N PRO B 47 -22.40 3.57 -1.16
CA PRO B 47 -23.15 4.61 -0.37
C PRO B 47 -22.49 4.96 0.95
N LEU B 48 -21.53 5.85 0.93
CA LEU B 48 -20.84 6.23 2.20
C LEU B 48 -21.67 7.30 2.93
N GLN B 49 -21.21 7.74 4.08
CA GLN B 49 -21.98 8.78 4.84
C GLN B 49 -21.10 10.04 5.02
N PRO B 50 -21.06 10.90 4.02
CA PRO B 50 -20.25 12.15 4.07
C PRO B 50 -20.84 13.19 5.01
N SER B 51 -22.01 12.95 5.50
CA SER B 51 -22.65 13.92 6.43
C SER B 51 -21.88 13.92 7.75
N SER B 52 -21.03 12.96 7.96
CA SER B 52 -20.26 12.91 9.23
C SER B 52 -18.88 13.57 9.03
N THR B 53 -18.23 13.95 10.09
CA THR B 53 -16.89 14.59 9.96
C THR B 53 -15.91 13.62 9.30
N MET B 54 -16.16 12.35 9.42
CA MET B 54 -15.24 11.35 8.81
C MET B 54 -15.22 11.54 7.28
N GLY B 55 -16.22 12.18 6.74
CA GLY B 55 -16.25 12.39 5.26
C GLY B 55 -15.07 13.29 4.83
N GLN B 56 -14.69 14.21 5.65
CA GLN B 56 -13.55 15.12 5.29
C GLN B 56 -12.20 14.43 5.56
N VAL B 57 -12.20 13.39 6.35
CA VAL B 57 -10.91 12.69 6.66
C VAL B 57 -10.42 11.92 5.42
N GLY B 58 -11.32 11.35 4.66
CA GLY B 58 -10.91 10.60 3.44
C GLY B 58 -10.44 11.57 2.35
N ARG B 59 -11.15 12.65 2.17
CA ARG B 59 -10.76 13.62 1.12
C ARG B 59 -9.34 14.13 1.40
N GLN B 60 -9.03 14.42 2.63
CA GLN B 60 -7.66 14.92 2.95
C GLN B 60 -6.64 13.79 2.76
N LEU B 61 -6.86 12.66 3.38
CA LEU B 61 -5.89 11.52 3.23
C LEU B 61 -5.74 11.17 1.74
N ALA B 62 -6.73 11.46 0.93
CA ALA B 62 -6.64 11.14 -0.52
C ALA B 62 -5.81 12.20 -1.22
N ILE B 63 -5.50 13.27 -0.54
CA ILE B 63 -4.68 14.34 -1.18
C ILE B 63 -3.22 14.15 -0.79
N ILE B 64 -2.95 13.96 0.48
CA ILE B 64 -1.55 13.78 0.93
C ILE B 64 -0.98 12.50 0.33
N GLY B 65 -1.83 11.56 0.01
CA GLY B 65 -1.35 10.27 -0.59
C GLY B 65 -1.83 10.16 -2.03
N ASP B 66 -1.69 11.20 -2.80
CA ASP B 66 -2.15 11.14 -4.23
C ASP B 66 -0.97 10.80 -5.14
N ASP B 67 0.08 11.58 -5.09
CA ASP B 67 1.26 11.31 -5.95
C ASP B 67 2.04 10.10 -5.41
N ILE B 68 2.20 10.03 -4.12
CA ILE B 68 2.94 8.90 -3.51
C ILE B 68 2.19 7.60 -3.79
N ASN B 69 0.92 7.69 -4.09
CA ASN B 69 0.15 6.45 -4.39
C ASN B 69 0.43 5.98 -5.82
N ARG B 70 0.33 6.87 -6.78
CA ARG B 70 0.60 6.46 -8.20
C ARG B 70 2.09 6.15 -8.38
N ARG B 71 2.93 6.71 -7.57
CA ARG B 71 4.40 6.45 -7.72
C ARG B 71 4.65 4.94 -7.78
N TYR B 72 4.22 4.20 -6.79
CA TYR B 72 4.42 2.73 -6.82
C TYR B 72 3.08 2.02 -6.94
N ASP B 73 2.30 2.36 -7.94
CA ASP B 73 0.96 1.69 -8.11
C ASP B 73 0.99 0.77 -9.34
N SER B 74 1.70 1.16 -10.36
CA SER B 74 1.75 0.33 -11.58
C SER B 74 2.48 -0.98 -11.27
N GLU B 75 3.26 -1.01 -10.23
CA GLU B 75 3.99 -2.25 -9.88
C GLU B 75 3.18 -3.07 -8.87
N PHE B 76 2.23 -2.47 -8.22
CA PHE B 76 1.42 -3.23 -7.21
C PHE B 76 0.53 -4.24 -7.93
N GLN B 77 -0.08 -3.85 -9.02
CA GLN B 77 -0.96 -4.78 -9.76
C GLN B 77 -0.13 -5.76 -10.58
N THR B 78 0.99 -5.33 -11.07
CA THR B 78 1.83 -6.25 -11.88
C THR B 78 2.20 -7.47 -11.05
N MET B 79 2.66 -7.26 -9.86
CA MET B 79 3.04 -8.41 -8.98
C MET B 79 1.77 -9.08 -8.43
N LEU B 80 0.71 -8.33 -8.25
CA LEU B 80 -0.54 -8.94 -7.70
C LEU B 80 -1.05 -10.02 -8.66
N GLN B 81 -0.85 -9.85 -9.94
CA GLN B 81 -1.33 -10.86 -10.92
C GLN B 81 -0.50 -12.14 -10.78
N HIS B 82 0.76 -12.00 -10.43
CA HIS B 82 1.64 -13.19 -10.28
C HIS B 82 1.29 -13.92 -8.98
N LEU B 83 0.45 -13.33 -8.17
CA LEU B 83 0.06 -13.98 -6.89
C LEU B 83 -1.10 -14.94 -7.14
N GLN B 84 -2.22 -14.44 -7.58
CA GLN B 84 -3.40 -15.31 -7.83
C GLN B 84 -3.81 -16.00 -6.53
N PRO B 85 -4.22 -15.24 -5.53
CA PRO B 85 -4.63 -15.79 -4.22
C PRO B 85 -6.00 -16.48 -4.29
N THR B 86 -6.48 -16.99 -3.18
CA THR B 86 -7.80 -17.69 -3.18
C THR B 86 -8.63 -17.20 -2.00
N ALA B 87 -9.89 -17.55 -1.96
CA ALA B 87 -10.75 -17.11 -0.84
C ALA B 87 -10.37 -17.88 0.42
N GLU B 88 -9.63 -18.95 0.27
CA GLU B 88 -9.22 -19.75 1.46
C GLU B 88 -7.91 -19.19 2.02
N ASN B 89 -7.06 -18.65 1.17
CA ASN B 89 -5.75 -18.10 1.64
C ASN B 89 -5.67 -16.60 1.32
N ALA B 90 -6.79 -15.92 1.29
CA ALA B 90 -6.76 -14.46 0.97
C ALA B 90 -6.12 -13.69 2.14
N TYR B 91 -6.44 -14.06 3.35
CA TYR B 91 -5.86 -13.35 4.53
C TYR B 91 -4.43 -13.86 4.79
N GLU B 92 -4.07 -14.95 4.19
CA GLU B 92 -2.69 -15.50 4.40
C GLU B 92 -1.70 -14.74 3.53
N TYR B 93 -2.16 -14.09 2.50
CA TYR B 93 -1.25 -13.33 1.61
C TYR B 93 -1.27 -11.85 1.98
N PHE B 94 -2.44 -11.30 2.18
CA PHE B 94 -2.56 -9.87 2.56
C PHE B 94 -1.83 -9.63 3.89
N THR B 95 -2.04 -10.50 4.84
CA THR B 95 -1.36 -10.31 6.16
C THR B 95 0.16 -10.40 5.98
N CYS B 96 0.60 -10.90 4.85
CA CYS B 96 2.07 -11.02 4.62
C CYS B 96 2.61 -9.69 4.09
N ILE B 97 2.00 -9.13 3.09
CA ILE B 97 2.50 -7.83 2.56
C ILE B 97 2.45 -6.78 3.66
N ALA B 98 1.34 -6.68 4.37
CA ALA B 98 1.24 -5.67 5.46
C ALA B 98 2.36 -5.90 6.47
N THR B 99 2.32 -7.00 7.18
CA THR B 99 3.40 -7.27 8.18
C THR B 99 4.77 -7.03 7.55
N SER B 100 4.88 -7.21 6.27
CA SER B 100 6.21 -6.98 5.59
C SER B 100 6.40 -5.49 5.32
N LEU B 101 5.33 -4.73 5.34
CA LEU B 101 5.46 -3.27 5.08
C LEU B 101 5.70 -2.52 6.40
N PHE B 102 4.85 -2.74 7.38
CA PHE B 102 5.02 -2.04 8.69
C PHE B 102 6.14 -2.73 9.47
N GLU B 103 6.77 -3.71 8.90
CA GLU B 103 7.87 -4.42 9.63
C GLU B 103 8.91 -3.42 10.11
N SER B 104 9.13 -2.37 9.35
CA SER B 104 10.15 -1.36 9.75
C SER B 104 9.58 -0.45 10.83
N GLY B 105 8.30 -0.16 10.76
CA GLY B 105 7.68 0.74 11.79
C GLY B 105 6.27 1.12 11.34
N ILE B 106 5.69 2.12 11.96
CA ILE B 106 4.31 2.54 11.58
C ILE B 106 4.28 4.06 11.34
N ASN B 107 3.66 4.50 10.27
CA ASN B 107 3.60 5.96 9.99
C ASN B 107 2.33 6.28 9.18
N TRP B 108 2.03 7.54 9.01
CA TRP B 108 0.81 7.91 8.25
C TRP B 108 0.95 7.46 6.80
N GLY B 109 2.15 7.44 6.30
CA GLY B 109 2.35 7.00 4.88
C GLY B 109 2.15 5.48 4.79
N ARG B 110 2.42 4.76 5.85
CA ARG B 110 2.26 3.29 5.82
C ARG B 110 0.78 2.91 6.02
N VAL B 111 -0.02 3.82 6.51
CA VAL B 111 -1.46 3.49 6.70
C VAL B 111 -2.22 3.76 5.39
N VAL B 112 -1.99 4.89 4.78
CA VAL B 112 -2.69 5.21 3.51
C VAL B 112 -2.24 4.23 2.43
N ALA B 113 -1.00 3.82 2.46
CA ALA B 113 -0.51 2.87 1.44
C ALA B 113 -1.22 1.52 1.61
N LEU B 114 -1.55 1.16 2.83
CA LEU B 114 -2.23 -0.14 3.05
C LEU B 114 -3.61 -0.12 2.38
N LEU B 115 -4.41 0.87 2.67
CA LEU B 115 -5.76 0.94 2.04
C LEU B 115 -5.62 1.08 0.52
N GLY B 116 -4.64 1.81 0.08
CA GLY B 116 -4.46 2.00 -1.38
C GLY B 116 -4.32 0.62 -2.05
N PHE B 117 -3.52 -0.24 -1.50
CA PHE B 117 -3.34 -1.59 -2.10
C PHE B 117 -4.33 -2.59 -1.47
N GLY B 118 -5.33 -2.08 -0.78
CA GLY B 118 -6.36 -2.98 -0.14
C GLY B 118 -7.66 -2.94 -0.94
N TYR B 119 -7.66 -2.32 -2.09
CA TYR B 119 -8.92 -2.25 -2.91
C TYR B 119 -8.84 -3.28 -4.05
N ARG B 120 -8.18 -2.96 -5.13
CA ARG B 120 -8.09 -3.91 -6.28
C ARG B 120 -7.97 -5.35 -5.75
N LEU B 121 -7.25 -5.54 -4.68
CA LEU B 121 -7.11 -6.92 -4.14
C LEU B 121 -8.50 -7.55 -3.93
N ALA B 122 -9.39 -6.87 -3.26
CA ALA B 122 -10.76 -7.43 -3.05
C ALA B 122 -11.56 -7.42 -4.36
N LEU B 123 -11.51 -6.33 -5.07
CA LEU B 123 -12.26 -6.25 -6.36
C LEU B 123 -11.72 -7.31 -7.34
N HIS B 124 -10.46 -7.64 -7.23
CA HIS B 124 -9.87 -8.65 -8.14
C HIS B 124 -10.67 -9.95 -8.03
N VAL B 125 -11.20 -10.22 -6.87
CA VAL B 125 -11.97 -11.47 -6.66
C VAL B 125 -13.41 -11.25 -7.18
N TYR B 126 -13.97 -10.11 -6.91
CA TYR B 126 -15.35 -9.85 -7.40
C TYR B 126 -15.44 -10.21 -8.88
N GLN B 127 -14.67 -9.56 -9.71
CA GLN B 127 -14.75 -9.86 -11.17
C GLN B 127 -14.50 -11.35 -11.39
N HIS B 128 -13.38 -11.87 -10.92
CA HIS B 128 -13.10 -13.34 -11.11
C HIS B 128 -14.41 -14.12 -11.15
N GLY B 129 -15.30 -13.88 -10.22
CA GLY B 129 -16.61 -14.60 -10.21
C GLY B 129 -17.07 -14.84 -8.78
N LEU B 130 -16.25 -14.52 -7.82
CA LEU B 130 -16.64 -14.74 -6.40
C LEU B 130 -17.45 -13.53 -5.89
N THR B 131 -18.67 -13.41 -6.34
CA THR B 131 -19.52 -12.26 -5.90
C THR B 131 -19.76 -12.34 -4.38
N GLY B 132 -19.65 -11.23 -3.69
CA GLY B 132 -19.88 -11.25 -2.21
C GLY B 132 -18.52 -11.25 -1.48
N PHE B 133 -17.63 -10.36 -1.85
CA PHE B 133 -16.29 -10.31 -1.18
C PHE B 133 -16.14 -8.99 -0.40
N LEU B 134 -16.86 -7.97 -0.78
CA LEU B 134 -16.74 -6.66 -0.07
C LEU B 134 -16.98 -6.86 1.43
N GLY B 135 -18.01 -7.58 1.77
CA GLY B 135 -18.30 -7.82 3.22
C GLY B 135 -17.18 -8.64 3.83
N GLN B 136 -16.55 -9.48 3.06
CA GLN B 136 -15.45 -10.32 3.61
C GLN B 136 -14.22 -9.43 3.90
N VAL B 137 -13.79 -8.65 2.95
CA VAL B 137 -12.58 -7.79 3.19
C VAL B 137 -12.83 -6.86 4.39
N THR B 138 -14.03 -6.42 4.57
CA THR B 138 -14.33 -5.50 5.72
C THR B 138 -14.18 -6.28 7.03
N ARG B 139 -14.99 -7.29 7.23
CA ARG B 139 -14.90 -8.09 8.49
C ARG B 139 -13.55 -8.83 8.55
N PHE B 140 -12.57 -8.39 7.79
CA PHE B 140 -11.24 -9.06 7.82
C PHE B 140 -10.17 -8.05 8.25
N VAL B 141 -10.17 -6.89 7.65
CA VAL B 141 -9.15 -5.88 8.02
C VAL B 141 -9.41 -5.38 9.43
N VAL B 142 -10.63 -4.96 9.71
CA VAL B 142 -10.95 -4.46 11.07
C VAL B 142 -10.41 -5.44 12.11
N ASP B 143 -10.46 -6.71 11.82
CA ASP B 143 -9.95 -7.72 12.79
C ASP B 143 -8.43 -7.64 12.84
N PHE B 144 -7.80 -7.46 11.72
CA PHE B 144 -6.31 -7.38 11.70
C PHE B 144 -5.86 -6.09 12.38
N MET B 145 -6.58 -5.02 12.18
CA MET B 145 -6.19 -3.73 12.81
C MET B 145 -6.35 -3.81 14.34
N LEU B 146 -7.36 -4.49 14.80
CA LEU B 146 -7.57 -4.61 16.27
C LEU B 146 -6.66 -5.72 16.81
N HIS B 147 -6.17 -6.57 15.96
CA HIS B 147 -5.29 -7.68 16.43
C HIS B 147 -3.83 -7.24 16.38
N HIS B 148 -3.51 -6.33 15.50
CA HIS B 148 -2.12 -5.86 15.38
C HIS B 148 -1.92 -4.63 16.27
N CYS B 149 -2.87 -4.33 17.14
CA CYS B 149 -2.72 -3.13 18.03
C CYS B 149 -2.69 -1.85 17.18
N ILE B 150 -3.25 -1.89 16.00
CA ILE B 150 -3.25 -0.67 15.13
C ILE B 150 -4.29 0.31 15.66
N ALA B 151 -5.39 -0.19 16.15
CA ALA B 151 -6.45 0.73 16.66
C ALA B 151 -5.87 1.60 17.79
N ARG B 152 -5.19 1.00 18.73
CA ARG B 152 -4.60 1.80 19.85
C ARG B 152 -3.74 2.94 19.28
N TRP B 153 -2.65 2.61 18.63
CA TRP B 153 -1.77 3.68 18.05
C TRP B 153 -2.62 4.82 17.48
N ILE B 154 -3.52 4.52 16.61
CA ILE B 154 -4.39 5.58 16.02
C ILE B 154 -5.04 6.37 17.15
N ALA B 155 -5.43 5.72 18.21
CA ALA B 155 -6.06 6.43 19.36
C ALA B 155 -5.03 7.35 20.03
N GLN B 156 -3.80 6.93 20.10
CA GLN B 156 -2.75 7.77 20.76
C GLN B 156 -2.37 8.92 19.82
N ARG B 157 -2.62 8.77 18.56
CA ARG B 157 -2.27 9.85 17.60
C ARG B 157 -3.36 10.91 17.59
N GLY B 158 -4.45 10.67 18.29
CA GLY B 158 -5.56 11.67 18.31
C GLY B 158 -6.74 11.14 17.51
N GLY B 159 -6.80 9.86 17.30
CA GLY B 159 -7.92 9.28 16.52
C GLY B 159 -7.82 9.72 15.06
N TRP B 160 -8.82 9.45 14.28
CA TRP B 160 -8.80 9.83 12.85
C TRP B 160 -9.07 11.33 12.74
N VAL B 161 -9.48 11.95 13.82
CA VAL B 161 -9.75 13.41 13.77
C VAL B 161 -8.43 14.18 13.70
N ALA B 162 -7.33 13.49 13.85
CA ALA B 162 -6.01 14.19 13.78
C ALA B 162 -5.61 14.41 12.33
N ALA B 163 -6.40 13.91 11.41
CA ALA B 163 -6.06 14.09 9.97
C ALA B 163 -6.17 15.58 9.59
N LEU B 164 -7.14 16.26 10.14
CA LEU B 164 -7.32 17.71 9.81
C LEU B 164 -6.13 18.50 10.37
N ASN B 165 -5.42 17.93 11.30
CA ASN B 165 -4.25 18.67 11.88
C ASN B 165 -2.98 18.23 11.16
N LEU B 166 -3.06 17.86 9.91
CA LEU B 166 -1.85 17.43 9.15
C LEU B 166 -1.40 18.55 8.21
N GLY B 167 -0.79 18.21 7.10
CA GLY B 167 -0.33 19.25 6.15
C GLY B 167 -1.53 20.06 5.65
N ASN B 168 -2.20 19.60 4.64
CA ASN B 168 -3.38 20.34 4.11
C ASN B 168 -4.50 20.34 5.16
N GLY B 169 -4.36 19.54 6.17
CA GLY B 169 -5.40 19.48 7.23
C GLY B 169 -6.78 19.33 6.57
N MET A 1 29.29 2.37 -12.00
CA MET A 1 28.68 3.67 -11.58
C MET A 1 28.17 3.54 -10.14
N GLN A 2 27.66 4.62 -9.59
CA GLN A 2 27.15 4.58 -8.19
C GLN A 2 25.64 4.89 -8.19
N ILE A 3 24.85 4.07 -7.54
CA ILE A 3 23.39 4.31 -7.50
C ILE A 3 22.94 4.54 -6.04
N PHE A 4 21.74 5.00 -5.84
CA PHE A 4 21.25 5.28 -4.45
C PHE A 4 19.89 4.59 -4.24
N VAL A 5 19.82 3.66 -3.32
CA VAL A 5 18.53 2.93 -3.08
C VAL A 5 17.81 3.56 -1.90
N LYS A 6 16.52 3.80 -2.02
CA LYS A 6 15.76 4.42 -0.91
C LYS A 6 14.87 3.36 -0.23
N THR A 7 14.93 3.26 1.08
CA THR A 7 14.09 2.24 1.79
C THR A 7 12.81 2.91 2.31
N LEU A 8 11.96 2.15 2.96
CA LEU A 8 10.69 2.74 3.48
C LEU A 8 10.94 3.31 4.89
N THR A 9 12.15 3.21 5.39
CA THR A 9 12.45 3.75 6.75
C THR A 9 13.12 5.12 6.63
N GLY A 10 13.31 5.60 5.43
CA GLY A 10 13.96 6.92 5.25
C GLY A 10 15.48 6.76 5.23
N LYS A 11 15.96 5.54 5.10
CA LYS A 11 17.44 5.31 5.07
C LYS A 11 17.89 5.06 3.63
N THR A 12 18.88 5.77 3.18
CA THR A 12 19.36 5.58 1.77
C THR A 12 20.76 4.96 1.79
N ILE A 13 20.94 3.88 1.08
CA ILE A 13 22.29 3.22 1.05
C ILE A 13 22.87 3.30 -0.36
N THR A 14 24.11 3.72 -0.47
CA THR A 14 24.74 3.82 -1.83
C THR A 14 25.12 2.42 -2.32
N LEU A 15 25.37 2.28 -3.60
CA LEU A 15 25.76 0.95 -4.13
C LEU A 15 26.60 1.13 -5.40
N GLU A 16 27.68 0.41 -5.52
CA GLU A 16 28.55 0.55 -6.74
C GLU A 16 28.30 -0.64 -7.68
N VAL A 17 27.64 -0.42 -8.79
CA VAL A 17 27.36 -1.54 -9.74
C VAL A 17 27.64 -1.08 -11.18
N GLU A 18 27.43 -1.94 -12.15
CA GLU A 18 27.69 -1.55 -13.58
C GLU A 18 26.46 -1.88 -14.46
N PRO A 19 26.22 -1.12 -15.52
CA PRO A 19 25.05 -1.34 -16.43
C PRO A 19 24.97 -2.77 -16.98
N SER A 20 26.05 -3.51 -16.91
CA SER A 20 26.05 -4.91 -17.42
C SER A 20 25.79 -5.88 -16.26
N ASP A 21 25.59 -5.36 -15.08
CA ASP A 21 25.34 -6.25 -13.91
C ASP A 21 23.90 -6.78 -13.98
N THR A 22 23.68 -7.98 -13.51
CA THR A 22 22.31 -8.56 -13.56
C THR A 22 21.57 -8.18 -12.27
N ILE A 23 20.26 -8.20 -12.31
CA ILE A 23 19.48 -7.84 -11.08
C ILE A 23 19.78 -8.85 -9.97
N GLU A 24 20.10 -10.06 -10.32
CA GLU A 24 20.41 -11.08 -9.28
C GLU A 24 21.71 -10.71 -8.57
N ASN A 25 22.62 -10.06 -9.26
CA ASN A 25 23.91 -9.68 -8.62
C ASN A 25 23.69 -8.49 -7.69
N VAL A 26 22.95 -7.51 -8.14
CA VAL A 26 22.71 -6.32 -7.27
C VAL A 26 22.01 -6.77 -5.98
N LYS A 27 21.09 -7.70 -6.09
CA LYS A 27 20.38 -8.18 -4.87
C LYS A 27 21.39 -8.84 -3.91
N ALA A 28 22.32 -9.59 -4.45
CA ALA A 28 23.34 -10.25 -3.58
C ALA A 28 24.19 -9.18 -2.89
N LYS A 29 24.43 -8.10 -3.53
CA LYS A 29 25.25 -7.02 -2.92
C LYS A 29 24.49 -6.41 -1.75
N ILE A 30 23.20 -6.25 -1.89
CA ILE A 30 22.40 -5.65 -0.79
C ILE A 30 22.44 -6.55 0.45
N GLN A 31 22.24 -7.83 0.28
CA GLN A 31 22.28 -8.76 1.45
C GLN A 31 23.72 -8.87 1.97
N ASP A 32 24.68 -8.65 1.13
CA ASP A 32 26.11 -8.74 1.58
C ASP A 32 26.48 -7.50 2.40
N LYS A 33 25.80 -6.42 2.19
CA LYS A 33 26.11 -5.16 2.95
C LYS A 33 24.92 -4.79 3.84
N GLU A 34 23.84 -5.53 3.74
CA GLU A 34 22.64 -5.21 4.59
C GLU A 34 22.18 -6.47 5.30
N GLY A 35 22.04 -7.55 4.58
CA GLY A 35 21.58 -8.83 5.21
C GLY A 35 20.11 -9.06 4.89
N ILE A 36 19.62 -8.51 3.81
CA ILE A 36 18.19 -8.70 3.45
C ILE A 36 18.07 -9.84 2.41
N PRO A 37 17.48 -10.98 2.78
CA PRO A 37 17.31 -12.14 1.84
C PRO A 37 16.70 -11.74 0.49
N PRO A 38 17.33 -12.08 -0.62
CA PRO A 38 16.81 -11.76 -1.99
C PRO A 38 15.35 -12.20 -2.19
N ASP A 39 14.90 -13.17 -1.44
CA ASP A 39 13.49 -13.65 -1.59
C ASP A 39 12.51 -12.58 -1.06
N GLN A 40 12.99 -11.66 -0.25
CA GLN A 40 12.09 -10.58 0.30
C GLN A 40 12.50 -9.21 -0.25
N GLN A 41 12.72 -9.12 -1.54
CA GLN A 41 13.13 -7.81 -2.15
C GLN A 41 12.23 -7.50 -3.34
N ARG A 42 11.68 -6.31 -3.39
CA ARG A 42 10.77 -5.94 -4.51
C ARG A 42 11.24 -4.61 -5.12
N LEU A 43 12.36 -4.61 -5.78
CA LEU A 43 12.87 -3.35 -6.39
C LEU A 43 11.76 -2.72 -7.27
N ILE A 44 11.79 -1.43 -7.44
CA ILE A 44 10.75 -0.75 -8.29
C ILE A 44 11.38 0.41 -9.05
N PHE A 45 11.25 0.42 -10.38
CA PHE A 45 11.83 1.56 -11.16
C PHE A 45 10.81 1.99 -12.21
N ALA A 46 10.38 3.23 -12.18
CA ALA A 46 9.41 3.72 -13.21
C ALA A 46 8.11 2.95 -13.08
N GLY A 47 7.78 2.51 -11.90
CA GLY A 47 6.51 1.76 -11.70
C GLY A 47 6.59 0.41 -12.44
N LYS A 48 7.77 -0.17 -12.52
CA LYS A 48 7.91 -1.49 -13.22
C LYS A 48 8.72 -2.47 -12.36
N GLN A 49 8.23 -3.66 -12.17
CA GLN A 49 8.96 -4.66 -11.33
C GLN A 49 10.08 -5.29 -12.17
N LEU A 50 11.27 -4.76 -12.10
CA LEU A 50 12.40 -5.33 -12.89
C LEU A 50 12.42 -6.86 -12.73
N GLU A 51 12.80 -7.57 -13.75
CA GLU A 51 12.85 -9.07 -13.66
C GLU A 51 14.24 -9.50 -13.17
N ASP A 52 14.43 -10.78 -12.95
CA ASP A 52 15.77 -11.26 -12.49
C ASP A 52 16.55 -11.85 -13.67
N GLY A 53 15.95 -11.89 -14.84
CA GLY A 53 16.65 -12.46 -16.04
C GLY A 53 17.08 -11.32 -16.98
N ARG A 54 16.98 -10.09 -16.55
CA ARG A 54 17.37 -8.93 -17.42
C ARG A 54 18.49 -8.13 -16.74
N THR A 55 19.22 -7.33 -17.50
CA THR A 55 20.32 -6.51 -16.90
C THR A 55 19.81 -5.09 -16.61
N LEU A 56 20.69 -4.22 -16.16
CA LEU A 56 20.25 -2.82 -15.86
C LEU A 56 20.10 -2.03 -17.17
N SER A 57 20.93 -2.32 -18.14
CA SER A 57 20.84 -1.59 -19.43
C SER A 57 19.51 -1.91 -20.09
N ASP A 58 18.94 -3.04 -19.76
CA ASP A 58 17.64 -3.42 -20.37
C ASP A 58 16.60 -2.36 -20.01
N TYR A 59 16.65 -1.84 -18.82
CA TYR A 59 15.66 -0.81 -18.43
C TYR A 59 16.19 0.58 -18.77
N ASN A 60 17.44 0.68 -19.11
CA ASN A 60 18.04 2.01 -19.48
C ASN A 60 18.38 2.78 -18.20
N ILE A 61 18.74 2.09 -17.15
CA ILE A 61 19.09 2.80 -15.87
C ILE A 61 20.46 3.44 -16.00
N GLN A 62 20.52 4.75 -15.92
CA GLN A 62 21.84 5.44 -16.05
C GLN A 62 22.50 5.49 -14.66
N LYS A 63 23.45 6.37 -14.49
CA LYS A 63 24.15 6.48 -13.17
C LYS A 63 23.36 7.43 -12.25
N GLU A 64 23.67 7.44 -10.97
CA GLU A 64 22.95 8.34 -10.02
C GLU A 64 21.43 8.09 -10.09
N SER A 65 21.03 6.86 -10.30
CA SER A 65 19.57 6.55 -10.38
C SER A 65 19.04 6.12 -9.00
N THR A 66 17.76 6.30 -8.75
CA THR A 66 17.19 5.90 -7.41
C THR A 66 16.13 4.81 -7.62
N LEU A 67 16.14 3.79 -6.81
CA LEU A 67 15.12 2.70 -6.95
C LEU A 67 14.44 2.42 -5.59
N HIS A 68 13.13 2.39 -5.55
CA HIS A 68 12.41 2.13 -4.27
C HIS A 68 12.58 0.67 -3.86
N LEU A 69 12.42 0.36 -2.59
CA LEU A 69 12.58 -1.05 -2.13
C LEU A 69 11.39 -1.45 -1.23
N VAL A 70 10.56 -2.36 -1.67
CA VAL A 70 9.40 -2.79 -0.82
C VAL A 70 9.79 -4.03 -0.02
N LEU A 71 8.89 -4.97 0.14
CA LEU A 71 9.21 -6.21 0.92
C LEU A 71 8.00 -7.14 0.91
N ARG A 72 8.21 -8.41 0.67
CA ARG A 72 7.07 -9.38 0.64
C ARG A 72 7.29 -10.46 1.72
N LEU A 73 8.33 -10.29 2.50
CA LEU A 73 8.67 -11.28 3.59
C LEU A 73 8.16 -12.68 3.25
N ARG A 74 9.01 -13.51 2.69
CA ARG A 74 8.58 -14.89 2.31
C ARG A 74 8.14 -15.66 3.57
N GLY A 75 8.88 -15.55 4.63
CA GLY A 75 8.51 -16.29 5.87
C GLY A 75 7.12 -15.85 6.33
N CYS A 76 6.85 -14.58 6.23
CA CYS A 76 5.52 -14.06 6.67
C CYS A 76 5.32 -14.35 8.15
N ALA B 1 -16.70 16.30 16.03
CA ALA B 1 -17.11 15.38 17.14
C ALA B 1 -16.35 15.76 18.41
N LEU B 2 -16.41 14.94 19.42
CA LEU B 2 -15.69 15.25 20.69
C LEU B 2 -14.27 14.64 20.65
N PRO B 3 -13.34 15.22 21.41
CA PRO B 3 -11.93 14.72 21.46
C PRO B 3 -11.81 13.40 22.21
N SER B 4 -10.68 12.75 22.11
CA SER B 4 -10.49 11.45 22.80
C SER B 4 -11.29 10.36 22.09
N ALA B 5 -10.91 9.12 22.26
CA ALA B 5 -11.65 8.02 21.58
C ALA B 5 -11.14 6.67 22.09
N SER B 6 -11.98 5.66 22.11
CA SER B 6 -11.54 4.32 22.59
C SER B 6 -11.41 3.37 21.41
N GLU B 7 -10.95 2.17 21.65
CA GLU B 7 -10.80 1.20 20.55
C GLU B 7 -12.17 0.71 20.09
N GLU B 8 -13.16 0.95 20.88
CA GLU B 8 -14.52 0.51 20.50
C GLU B 8 -15.07 1.41 19.36
N GLN B 9 -14.78 2.71 19.39
CA GLN B 9 -15.29 3.64 18.33
C GLN B 9 -14.27 3.76 17.16
N VAL B 10 -13.07 3.26 17.34
CA VAL B 10 -12.07 3.36 16.21
C VAL B 10 -12.38 2.31 15.15
N ALA B 11 -12.93 1.20 15.55
CA ALA B 11 -13.26 0.12 14.56
C ALA B 11 -14.41 0.59 13.68
N GLN B 12 -15.22 1.46 14.19
CA GLN B 12 -16.36 1.96 13.39
C GLN B 12 -15.88 3.05 12.43
N ASP B 13 -15.00 3.90 12.90
CA ASP B 13 -14.49 5.00 12.01
C ASP B 13 -13.44 4.43 11.05
N THR B 14 -12.93 3.26 11.31
CA THR B 14 -11.90 2.66 10.40
C THR B 14 -12.57 2.05 9.16
N GLU B 15 -13.70 1.43 9.36
CA GLU B 15 -14.40 0.82 8.21
C GLU B 15 -15.08 1.92 7.38
N GLU B 16 -15.57 2.94 8.03
CA GLU B 16 -16.24 4.05 7.27
C GLU B 16 -15.21 4.88 6.49
N VAL B 17 -14.02 5.06 7.04
CA VAL B 17 -12.96 5.86 6.35
C VAL B 17 -12.19 4.97 5.37
N PHE B 18 -12.42 3.70 5.41
CA PHE B 18 -11.70 2.79 4.47
C PHE B 18 -12.37 2.86 3.09
N ARG B 19 -13.66 2.93 3.05
CA ARG B 19 -14.39 2.97 1.75
C ARG B 19 -14.52 4.43 1.24
N SER B 20 -14.86 5.34 2.09
CA SER B 20 -14.98 6.78 1.66
C SER B 20 -13.68 7.26 0.97
N TYR B 21 -12.58 6.66 1.28
CA TYR B 21 -11.30 7.11 0.63
C TYR B 21 -11.17 6.46 -0.75
N VAL B 22 -11.33 5.17 -0.81
CA VAL B 22 -11.17 4.44 -2.11
C VAL B 22 -12.25 4.92 -3.11
N PHE B 23 -13.34 5.45 -2.63
CA PHE B 23 -14.43 5.91 -3.57
C PHE B 23 -14.02 7.23 -4.24
N TYR B 24 -13.72 8.23 -3.47
CA TYR B 24 -13.31 9.54 -4.08
C TYR B 24 -12.04 9.35 -4.92
N ARG B 25 -11.29 8.32 -4.64
CA ARG B 25 -10.04 8.09 -5.41
C ARG B 25 -10.37 7.46 -6.77
N HIS B 26 -11.30 6.55 -6.79
CA HIS B 26 -11.67 5.88 -8.07
C HIS B 26 -12.64 6.78 -8.86
N GLN B 27 -13.36 7.62 -8.18
CA GLN B 27 -14.32 8.53 -8.89
C GLN B 27 -13.55 9.46 -9.82
N GLN B 28 -12.43 9.96 -9.37
CA GLN B 28 -11.64 10.88 -10.23
C GLN B 28 -10.82 10.06 -11.24
N GLU B 29 -10.32 8.93 -10.84
CA GLU B 29 -9.52 8.09 -11.78
C GLU B 29 -10.41 7.64 -12.95
N GLN B 30 -11.70 7.67 -12.78
CA GLN B 30 -12.62 7.25 -13.89
C GLN B 30 -12.54 8.24 -15.05
N GLU B 31 -12.31 9.49 -14.76
CA GLU B 31 -12.23 10.51 -15.85
C GLU B 31 -10.98 10.26 -16.70
N ALA B 32 -9.88 9.97 -16.08
CA ALA B 32 -8.63 9.72 -16.85
C ALA B 32 -8.70 8.34 -17.51
N GLU B 33 -8.74 7.29 -16.73
CA GLU B 33 -8.81 5.90 -17.31
C GLU B 33 -9.98 5.13 -16.69
N GLY B 34 -10.14 3.88 -17.05
CA GLY B 34 -11.27 3.07 -16.49
C GLY B 34 -10.71 1.78 -15.89
N VAL B 35 -9.44 1.71 -15.68
CA VAL B 35 -8.84 0.48 -15.11
C VAL B 35 -9.56 0.13 -13.80
N ALA B 36 -9.96 -1.10 -13.63
CA ALA B 36 -10.66 -1.49 -12.39
C ALA B 36 -11.81 -0.51 -12.11
N ALA B 37 -12.43 0.00 -13.15
CA ALA B 37 -13.55 0.96 -12.97
C ALA B 37 -14.69 0.29 -12.18
N PRO B 38 -15.58 1.07 -11.61
CA PRO B 38 -16.74 0.55 -10.82
C PRO B 38 -17.81 -0.09 -11.71
N ALA B 39 -18.91 -0.50 -11.13
CA ALA B 39 -19.99 -1.14 -11.94
C ALA B 39 -20.91 -0.06 -12.54
N ASP B 40 -20.34 0.95 -13.13
CA ASP B 40 -21.18 2.02 -13.75
C ASP B 40 -22.03 2.73 -12.67
N PRO B 41 -22.48 3.95 -12.92
CA PRO B 41 -23.32 4.74 -11.94
C PRO B 41 -24.76 4.19 -11.80
N GLU B 42 -24.98 3.29 -10.89
CA GLU B 42 -26.36 2.72 -10.71
C GLU B 42 -26.58 2.34 -9.22
N MET B 43 -27.46 1.40 -8.96
CA MET B 43 -27.72 0.99 -7.54
C MET B 43 -26.50 0.24 -6.99
N VAL B 44 -25.74 -0.35 -7.85
CA VAL B 44 -24.54 -1.10 -7.39
C VAL B 44 -23.41 -0.10 -7.09
N THR B 45 -23.74 1.16 -6.98
CA THR B 45 -22.69 2.18 -6.68
C THR B 45 -22.31 2.09 -5.20
N LEU B 46 -21.41 2.93 -4.75
CA LEU B 46 -20.99 2.90 -3.32
C LEU B 46 -21.67 4.06 -2.52
N PRO B 47 -22.79 3.82 -1.87
CA PRO B 47 -23.54 4.88 -1.09
C PRO B 47 -22.84 5.23 0.26
N LEU B 48 -21.88 6.14 0.26
CA LEU B 48 -21.17 6.53 1.54
C LEU B 48 -21.99 7.61 2.28
N GLN B 49 -21.55 8.06 3.44
CA GLN B 49 -22.31 9.11 4.23
C GLN B 49 -21.42 10.38 4.42
N PRO B 50 -21.41 11.26 3.45
CA PRO B 50 -20.58 12.51 3.49
C PRO B 50 -21.16 13.55 4.43
N SER B 51 -22.32 13.30 4.96
CA SER B 51 -22.94 14.28 5.88
C SER B 51 -22.17 14.29 7.21
N SER B 52 -21.28 13.33 7.42
CA SER B 52 -20.50 13.29 8.70
C SER B 52 -19.12 13.94 8.49
N THR B 53 -18.44 14.31 9.56
CA THR B 53 -17.09 14.95 9.42
C THR B 53 -16.10 13.98 8.77
N MET B 54 -16.34 12.71 8.91
CA MET B 54 -15.41 11.70 8.29
C MET B 54 -15.40 11.89 6.78
N GLY B 55 -16.41 12.53 6.25
CA GLY B 55 -16.46 12.74 4.79
C GLY B 55 -15.29 13.64 4.36
N GLN B 56 -14.92 14.60 5.19
CA GLN B 56 -13.80 15.52 4.82
C GLN B 56 -12.46 14.83 5.11
N VAL B 57 -12.46 13.80 5.91
CA VAL B 57 -11.19 13.08 6.23
C VAL B 57 -10.71 12.33 5.01
N GLY B 58 -11.60 11.75 4.27
CA GLY B 58 -11.19 11.00 3.05
C GLY B 58 -10.74 11.98 1.97
N ARG B 59 -11.45 13.05 1.80
CA ARG B 59 -11.05 14.02 0.75
C ARG B 59 -9.62 14.52 1.01
N GLN B 60 -9.29 14.80 2.24
CA GLN B 60 -7.91 15.29 2.57
C GLN B 60 -6.88 14.16 2.39
N LEU B 61 -7.08 13.03 3.02
CA LEU B 61 -6.11 11.88 2.86
C LEU B 61 -5.97 11.49 1.38
N ALA B 62 -6.96 11.77 0.60
CA ALA B 62 -6.88 11.43 -0.84
C ALA B 62 -6.04 12.48 -1.56
N ILE B 63 -5.72 13.54 -0.89
CA ILE B 63 -4.92 14.60 -1.53
C ILE B 63 -3.43 14.41 -1.14
N ILE B 64 -3.17 14.20 0.13
CA ILE B 64 -1.76 14.03 0.58
C ILE B 64 -1.19 12.73 -0.01
N GLY B 65 -2.05 11.78 -0.31
CA GLY B 65 -1.56 10.48 -0.89
C GLY B 65 -2.05 10.35 -2.33
N ASP B 66 -1.92 11.38 -3.11
CA ASP B 66 -2.38 11.31 -4.53
C ASP B 66 -1.19 10.95 -5.44
N ASP B 67 -0.15 11.73 -5.39
CA ASP B 67 1.04 11.44 -6.25
C ASP B 67 1.82 10.23 -5.71
N ILE B 68 1.99 10.16 -4.41
CA ILE B 68 2.74 9.02 -3.80
C ILE B 68 1.99 7.70 -4.08
N ASN B 69 0.72 7.79 -4.37
CA ASN B 69 -0.05 6.55 -4.65
C ASN B 69 0.23 6.07 -6.07
N ARG B 70 0.11 6.93 -7.04
CA ARG B 70 0.38 6.53 -8.46
C ARG B 70 1.87 6.19 -8.64
N ARG B 71 2.71 6.75 -7.82
CA ARG B 71 4.18 6.48 -7.96
C ARG B 71 4.44 4.96 -8.02
N TYR B 72 4.02 4.22 -7.02
CA TYR B 72 4.22 2.73 -7.03
C TYR B 72 2.87 2.02 -7.15
N ASP B 73 2.09 2.33 -8.14
CA ASP B 73 0.76 1.65 -8.30
C ASP B 73 0.78 0.74 -9.53
N SER B 74 1.51 1.11 -10.55
CA SER B 74 1.57 0.27 -11.78
C SER B 74 2.32 -1.04 -11.48
N GLU B 75 3.12 -1.06 -10.46
CA GLU B 75 3.88 -2.30 -10.11
C GLU B 75 3.10 -3.11 -9.08
N PHE B 76 2.16 -2.50 -8.43
CA PHE B 76 1.35 -3.24 -7.41
C PHE B 76 0.45 -4.25 -8.12
N GLN B 77 -0.16 -3.85 -9.20
CA GLN B 77 -1.06 -4.79 -9.93
C GLN B 77 -0.21 -5.78 -10.74
N THR B 78 0.92 -5.35 -11.23
CA THR B 78 1.78 -6.27 -12.03
C THR B 78 2.17 -7.50 -11.20
N MET B 79 2.64 -7.30 -10.00
CA MET B 79 3.03 -8.48 -9.14
C MET B 79 1.77 -9.14 -8.56
N LEU B 80 0.72 -8.39 -8.39
CA LEU B 80 -0.53 -8.98 -7.83
C LEU B 80 -1.03 -10.08 -8.77
N GLN B 81 -0.86 -9.91 -10.05
CA GLN B 81 -1.33 -10.93 -11.02
C GLN B 81 -0.49 -12.20 -10.86
N HIS B 82 0.76 -12.06 -10.52
CA HIS B 82 1.63 -13.25 -10.37
C HIS B 82 1.29 -13.98 -9.05
N LEU B 83 0.46 -13.38 -8.23
CA LEU B 83 0.09 -14.03 -6.95
C LEU B 83 -1.09 -14.98 -7.18
N GLN B 84 -2.20 -14.48 -7.62
CA GLN B 84 -3.40 -15.36 -7.86
C GLN B 84 -3.79 -16.06 -6.56
N PRO B 85 -4.20 -15.30 -5.57
CA PRO B 85 -4.61 -15.84 -4.24
C PRO B 85 -5.98 -16.53 -4.29
N THR B 86 -6.44 -17.03 -3.18
CA THR B 86 -7.76 -17.72 -3.17
C THR B 86 -8.58 -17.24 -1.97
N ALA B 87 -9.84 -17.60 -1.90
CA ALA B 87 -10.69 -17.16 -0.76
C ALA B 87 -10.31 -17.93 0.51
N GLU B 88 -9.57 -19.00 0.37
CA GLU B 88 -9.16 -19.78 1.58
C GLU B 88 -7.84 -19.23 2.14
N ASN B 89 -7.01 -18.68 1.29
CA ASN B 89 -5.70 -18.12 1.76
C ASN B 89 -5.61 -16.64 1.43
N ALA B 90 -6.72 -15.95 1.41
CA ALA B 90 -6.71 -14.49 1.09
C ALA B 90 -6.06 -13.71 2.25
N TYR B 91 -6.36 -14.08 3.46
CA TYR B 91 -5.77 -13.37 4.63
C TYR B 91 -4.36 -13.87 4.88
N GLU B 92 -4.00 -14.97 4.27
CA GLU B 92 -2.64 -15.52 4.47
C GLU B 92 -1.65 -14.76 3.59
N TYR B 93 -2.13 -14.11 2.57
CA TYR B 93 -1.20 -13.34 1.68
C TYR B 93 -1.24 -11.86 2.06
N PHE B 94 -2.41 -11.32 2.29
CA PHE B 94 -2.49 -9.88 2.65
C PHE B 94 -1.77 -9.64 3.99
N THR B 95 -1.97 -10.51 4.95
CA THR B 95 -1.29 -10.32 6.27
C THR B 95 0.23 -10.40 6.09
N CYS B 96 0.66 -10.92 4.96
CA CYS B 96 2.13 -11.02 4.73
C CYS B 96 2.67 -9.70 4.22
N ILE B 97 2.05 -9.13 3.21
CA ILE B 97 2.54 -7.82 2.68
C ILE B 97 2.51 -6.78 3.78
N ALA B 98 1.41 -6.68 4.49
CA ALA B 98 1.31 -5.68 5.56
C ALA B 98 2.45 -5.90 6.57
N THR B 99 2.43 -7.01 7.28
CA THR B 99 3.51 -7.28 8.26
C THR B 99 4.88 -7.03 7.62
N SER B 100 4.98 -7.21 6.33
CA SER B 100 6.30 -6.98 5.64
C SER B 100 6.50 -5.48 5.37
N LEU B 101 5.46 -4.73 5.40
CA LEU B 101 5.58 -3.25 5.15
C LEU B 101 5.85 -2.51 6.47
N PHE B 102 5.02 -2.71 7.45
CA PHE B 102 5.21 -2.02 8.77
C PHE B 102 6.33 -2.71 9.56
N GLU B 103 6.96 -3.69 8.98
CA GLU B 103 8.05 -4.41 9.72
C GLU B 103 9.10 -3.40 10.18
N SER B 104 9.33 -2.36 9.41
CA SER B 104 10.35 -1.35 9.81
C SER B 104 9.78 -0.44 10.89
N GLY B 105 8.51 -0.14 10.83
CA GLY B 105 7.89 0.75 11.85
C GLY B 105 6.48 1.13 11.41
N ILE B 106 5.89 2.14 12.03
CA ILE B 106 4.51 2.57 11.66
C ILE B 106 4.48 4.08 11.41
N ASN B 107 3.84 4.52 10.35
CA ASN B 107 3.77 5.97 10.07
C ASN B 107 2.49 6.29 9.27
N TRP B 108 2.17 7.54 9.11
CA TRP B 108 0.93 7.91 8.35
C TRP B 108 1.06 7.44 6.89
N GLY B 109 2.26 7.43 6.38
CA GLY B 109 2.46 6.99 4.96
C GLY B 109 2.27 5.47 4.86
N ARG B 110 2.55 4.75 5.91
CA ARG B 110 2.39 3.27 5.88
C ARG B 110 0.91 2.92 6.07
N VAL B 111 0.13 3.84 6.55
CA VAL B 111 -1.31 3.55 6.75
C VAL B 111 -2.07 3.81 5.44
N VAL B 112 -1.85 4.94 4.83
CA VAL B 112 -2.57 5.25 3.56
C VAL B 112 -2.12 4.27 2.47
N ALA B 113 -0.88 3.86 2.48
CA ALA B 113 -0.39 2.90 1.46
C ALA B 113 -1.10 1.55 1.64
N LEU B 114 -1.44 1.22 2.85
CA LEU B 114 -2.13 -0.08 3.09
C LEU B 114 -3.50 -0.07 2.43
N LEU B 115 -4.30 0.91 2.73
CA LEU B 115 -5.66 0.97 2.12
C LEU B 115 -5.51 1.11 0.60
N GLY B 116 -4.53 1.85 0.15
CA GLY B 116 -4.35 2.03 -1.31
C GLY B 116 -4.21 0.65 -1.97
N PHE B 117 -3.40 -0.21 -1.43
CA PHE B 117 -3.23 -1.57 -2.04
C PHE B 117 -4.24 -2.55 -1.40
N GLY B 118 -5.23 -2.05 -0.71
CA GLY B 118 -6.25 -2.94 -0.06
C GLY B 118 -7.56 -2.90 -0.85
N TYR B 119 -7.56 -2.29 -2.01
CA TYR B 119 -8.82 -2.22 -2.83
C TYR B 119 -8.74 -3.25 -3.98
N ARG B 120 -8.06 -2.95 -5.06
CA ARG B 120 -7.96 -3.89 -6.20
C ARG B 120 -7.84 -5.33 -5.67
N LEU B 121 -7.11 -5.51 -4.61
CA LEU B 121 -6.95 -6.88 -4.05
C LEU B 121 -8.34 -7.52 -3.84
N ALA B 122 -9.23 -6.84 -3.17
CA ALA B 122 -10.60 -7.40 -2.93
C ALA B 122 -11.41 -7.39 -4.23
N LEU B 123 -11.38 -6.30 -4.95
CA LEU B 123 -12.14 -6.22 -6.23
C LEU B 123 -11.61 -7.29 -7.20
N HIS B 124 -10.36 -7.63 -7.09
CA HIS B 124 -9.78 -8.65 -7.99
C HIS B 124 -10.59 -9.94 -7.87
N VAL B 125 -11.13 -10.21 -6.72
CA VAL B 125 -11.92 -11.45 -6.54
C VAL B 125 -13.35 -11.23 -7.05
N TYR B 126 -13.90 -10.08 -6.78
CA TYR B 126 -15.28 -9.81 -7.25
C TYR B 126 -15.40 -10.17 -8.72
N GLN B 127 -14.63 -9.52 -9.56
CA GLN B 127 -14.71 -9.83 -11.00
C GLN B 127 -14.48 -11.33 -11.21
N HIS B 128 -13.36 -11.84 -10.73
CA HIS B 128 -13.09 -13.30 -10.91
C HIS B 128 -14.40 -14.09 -10.93
N GLY B 129 -15.28 -13.84 -9.98
CA GLY B 129 -16.59 -14.55 -9.96
C GLY B 129 -17.05 -14.79 -8.51
N LEU B 130 -16.22 -14.47 -7.55
CA LEU B 130 -16.61 -14.67 -6.12
C LEU B 130 -17.45 -13.48 -5.63
N THR B 131 -18.68 -13.37 -6.06
CA THR B 131 -19.54 -12.23 -5.61
C THR B 131 -19.79 -12.31 -4.10
N GLY B 132 -19.70 -11.20 -3.40
CA GLY B 132 -19.92 -11.22 -1.93
C GLY B 132 -18.58 -11.23 -1.20
N PHE B 133 -17.70 -10.35 -1.56
CA PHE B 133 -16.35 -10.30 -0.93
C PHE B 133 -16.21 -9.00 -0.16
N LEU B 134 -16.95 -7.98 -0.53
CA LEU B 134 -16.83 -6.67 0.17
C LEU B 134 -17.09 -6.87 1.67
N GLY B 135 -18.11 -7.60 2.03
CA GLY B 135 -18.40 -7.83 3.47
C GLY B 135 -17.28 -8.66 4.10
N GLN B 136 -16.65 -9.51 3.32
CA GLN B 136 -15.55 -10.35 3.88
C GLN B 136 -14.32 -9.49 4.18
N VAL B 137 -13.90 -8.69 3.22
CA VAL B 137 -12.69 -7.83 3.45
C VAL B 137 -12.94 -6.90 4.65
N THR B 138 -14.15 -6.46 4.84
CA THR B 138 -14.45 -5.55 5.99
C THR B 138 -14.30 -6.33 7.32
N ARG B 139 -15.12 -7.33 7.53
CA ARG B 139 -15.03 -8.13 8.79
C ARG B 139 -13.68 -8.87 8.85
N PHE B 140 -12.71 -8.45 8.07
CA PHE B 140 -11.38 -9.13 8.08
C PHE B 140 -10.30 -8.14 8.50
N VAL B 141 -10.30 -6.98 7.91
CA VAL B 141 -9.27 -5.98 8.26
C VAL B 141 -9.53 -5.48 9.69
N VAL B 142 -10.73 -5.07 9.97
CA VAL B 142 -11.04 -4.57 11.34
C VAL B 142 -10.50 -5.55 12.39
N ASP B 143 -10.55 -6.83 12.11
CA ASP B 143 -10.03 -7.84 13.08
C ASP B 143 -8.49 -7.78 13.13
N PHE B 144 -7.88 -7.61 12.00
CA PHE B 144 -6.38 -7.54 11.97
C PHE B 144 -5.91 -6.25 12.65
N MET B 145 -6.63 -5.19 12.47
CA MET B 145 -6.22 -3.90 13.10
C MET B 145 -6.36 -4.00 14.63
N LEU B 146 -7.37 -4.67 15.10
CA LEU B 146 -7.57 -4.80 16.57
C LEU B 146 -6.66 -5.91 17.13
N HIS B 147 -6.17 -6.77 16.28
CA HIS B 147 -5.29 -7.89 16.77
C HIS B 147 -3.83 -7.45 16.70
N HIS B 148 -3.52 -6.56 15.82
CA HIS B 148 -2.11 -6.09 15.71
C HIS B 148 -1.91 -4.86 16.59
N CYS B 149 -2.85 -4.57 17.46
CA CYS B 149 -2.70 -3.37 18.35
C CYS B 149 -2.68 -2.10 17.50
N ILE B 150 -3.25 -2.15 16.34
CA ILE B 150 -3.27 -0.94 15.47
C ILE B 150 -4.30 0.04 16.01
N ALA B 151 -5.40 -0.46 16.50
CA ALA B 151 -6.46 0.44 17.02
C ALA B 151 -5.88 1.30 18.15
N ARG B 152 -5.20 0.71 19.09
CA ARG B 152 -4.62 1.51 20.21
C ARG B 152 -3.76 2.63 19.64
N TRP B 153 -2.67 2.31 18.97
CA TRP B 153 -1.79 3.37 18.38
C TRP B 153 -2.64 4.51 17.82
N ILE B 154 -3.56 4.20 16.94
CA ILE B 154 -4.44 5.26 16.37
C ILE B 154 -5.08 6.05 17.50
N ALA B 155 -5.46 5.40 18.56
CA ALA B 155 -6.09 6.11 19.71
C ALA B 155 -5.06 7.04 20.38
N GLN B 156 -3.83 6.62 20.43
CA GLN B 156 -2.77 7.46 21.08
C GLN B 156 -2.40 8.59 20.14
N ARG B 157 -2.66 8.44 18.88
CA ARG B 157 -2.31 9.50 17.91
C ARG B 157 -3.41 10.57 17.90
N GLY B 158 -4.50 10.33 18.60
CA GLY B 158 -5.62 11.33 18.63
C GLY B 158 -6.80 10.79 17.84
N GLY B 159 -6.87 9.51 17.64
CA GLY B 159 -8.00 8.94 16.88
C GLY B 159 -7.90 9.36 15.41
N TRP B 160 -8.91 9.08 14.64
CA TRP B 160 -8.90 9.47 13.22
C TRP B 160 -9.18 10.97 13.10
N VAL B 161 -9.59 11.59 14.17
CA VAL B 161 -9.86 13.04 14.13
C VAL B 161 -8.54 13.81 14.04
N ALA B 162 -7.43 13.13 14.18
CA ALA B 162 -6.11 13.82 14.11
C ALA B 162 -5.72 14.03 12.64
N ALA B 163 -6.51 13.53 11.73
CA ALA B 163 -6.19 13.70 10.29
C ALA B 163 -6.31 15.18 9.91
N LEU B 164 -7.28 15.85 10.45
CA LEU B 164 -7.45 17.29 10.12
C LEU B 164 -6.27 18.08 10.66
N ASN B 165 -5.54 17.53 11.60
CA ASN B 165 -4.38 18.25 12.17
C ASN B 165 -3.09 17.81 11.45
N LEU B 166 -3.19 17.45 10.19
CA LEU B 166 -1.97 17.01 9.43
C LEU B 166 -1.53 18.13 8.47
N GLY B 167 -0.92 17.79 7.36
CA GLY B 167 -0.47 18.83 6.40
C GLY B 167 -1.66 19.65 5.91
N ASN B 168 -2.35 19.17 4.90
CA ASN B 168 -3.53 19.93 4.38
C ASN B 168 -4.63 19.91 5.43
N GLY B 169 -4.49 19.11 6.44
CA GLY B 169 -5.53 19.06 7.50
C GLY B 169 -6.91 18.91 6.85
N MET A 1 30.12 2.52 -10.76
CA MET A 1 29.57 3.77 -10.19
C MET A 1 29.01 3.50 -8.79
N GLN A 2 28.53 4.51 -8.11
CA GLN A 2 27.98 4.31 -6.73
C GLN A 2 26.49 4.70 -6.72
N ILE A 3 25.65 3.83 -6.20
CA ILE A 3 24.18 4.14 -6.15
C ILE A 3 23.71 4.19 -4.68
N PHE A 4 22.52 4.69 -4.45
CA PHE A 4 22.00 4.77 -3.04
C PHE A 4 20.61 4.12 -2.95
N VAL A 5 20.47 3.08 -2.16
CA VAL A 5 19.15 2.41 -2.04
C VAL A 5 18.42 2.92 -0.80
N LYS A 6 17.15 3.25 -0.93
CA LYS A 6 16.39 3.75 0.25
C LYS A 6 15.44 2.67 0.75
N THR A 7 15.45 2.41 2.04
CA THR A 7 14.56 1.36 2.60
C THR A 7 13.31 2.03 3.18
N LEU A 8 12.40 1.25 3.70
CA LEU A 8 11.16 1.84 4.27
C LEU A 8 11.39 2.21 5.73
N THR A 9 12.58 2.00 6.23
CA THR A 9 12.88 2.35 7.65
C THR A 9 13.62 3.69 7.71
N GLY A 10 13.86 4.31 6.59
CA GLY A 10 14.57 5.61 6.59
C GLY A 10 16.09 5.38 6.57
N LYS A 11 16.51 4.18 6.28
CA LYS A 11 17.98 3.87 6.26
C LYS A 11 18.45 3.78 4.80
N THR A 12 19.49 4.50 4.45
CA THR A 12 20.01 4.47 3.04
C THR A 12 21.37 3.77 3.01
N ILE A 13 21.54 2.78 2.14
CA ILE A 13 22.85 2.07 2.05
C ILE A 13 23.48 2.30 0.67
N THR A 14 24.73 2.67 0.62
CA THR A 14 25.41 2.92 -0.67
C THR A 14 25.74 1.57 -1.34
N LEU A 15 26.02 1.59 -2.61
CA LEU A 15 26.35 0.31 -3.33
C LEU A 15 27.23 0.61 -4.54
N GLU A 16 28.29 -0.14 -4.73
CA GLU A 16 29.19 0.10 -5.91
C GLU A 16 28.92 -0.95 -6.99
N VAL A 17 28.31 -0.55 -8.08
CA VAL A 17 28.00 -1.52 -9.18
C VAL A 17 28.36 -0.90 -10.53
N GLU A 18 28.14 -1.61 -11.61
CA GLU A 18 28.46 -1.05 -12.96
C GLU A 18 27.25 -1.19 -13.91
N PRO A 19 27.06 -0.27 -14.85
CA PRO A 19 25.93 -0.32 -15.82
C PRO A 19 25.80 -1.68 -16.53
N SER A 20 26.85 -2.46 -16.54
CA SER A 20 26.80 -3.78 -17.23
C SER A 20 26.47 -4.87 -16.20
N ASP A 21 26.29 -4.50 -14.97
CA ASP A 21 25.96 -5.50 -13.91
C ASP A 21 24.51 -5.95 -14.08
N THR A 22 24.23 -7.19 -13.78
CA THR A 22 22.83 -7.68 -13.91
C THR A 22 22.07 -7.43 -12.61
N ILE A 23 20.77 -7.38 -12.67
CA ILE A 23 19.98 -7.14 -11.43
C ILE A 23 20.20 -8.29 -10.44
N GLU A 24 20.47 -9.46 -10.96
CA GLU A 24 20.70 -10.64 -10.07
C GLU A 24 22.00 -10.43 -9.29
N ASN A 25 22.96 -9.76 -9.86
CA ASN A 25 24.25 -9.55 -9.15
C ASN A 25 24.06 -8.47 -8.06
N VAL A 26 23.36 -7.42 -8.38
CA VAL A 26 23.15 -6.33 -7.37
C VAL A 26 22.40 -6.91 -6.16
N LYS A 27 21.44 -7.74 -6.39
CA LYS A 27 20.65 -8.35 -5.29
C LYS A 27 21.58 -9.20 -4.39
N ALA A 28 22.50 -9.93 -4.98
CA ALA A 28 23.44 -10.76 -4.18
C ALA A 28 24.32 -9.83 -3.32
N LYS A 29 24.64 -8.68 -3.82
CA LYS A 29 25.49 -7.74 -3.04
C LYS A 29 24.73 -7.23 -1.81
N ILE A 30 23.45 -6.98 -1.97
CA ILE A 30 22.64 -6.50 -0.81
C ILE A 30 22.61 -7.55 0.30
N GLN A 31 22.35 -8.78 -0.05
CA GLN A 31 22.30 -9.87 0.98
C GLN A 31 23.71 -10.10 1.53
N ASP A 32 24.71 -9.86 0.74
CA ASP A 32 26.10 -10.08 1.21
C ASP A 32 26.50 -8.99 2.21
N LYS A 33 25.86 -7.84 2.14
CA LYS A 33 26.19 -6.71 3.08
C LYS A 33 24.99 -6.41 4.01
N GLU A 34 23.88 -7.08 3.82
CA GLU A 34 22.69 -6.82 4.70
C GLU A 34 22.14 -8.15 5.25
N GLY A 35 21.96 -9.13 4.41
CA GLY A 35 21.43 -10.44 4.88
C GLY A 35 19.94 -10.57 4.52
N ILE A 36 19.51 -9.86 3.51
CA ILE A 36 18.07 -9.95 3.12
C ILE A 36 17.90 -10.94 1.95
N PRO A 37 17.26 -12.09 2.17
CA PRO A 37 17.06 -13.12 1.10
C PRO A 37 16.50 -12.54 -0.23
N PRO A 38 17.09 -12.86 -1.39
CA PRO A 38 16.63 -12.33 -2.73
C PRO A 38 15.17 -12.67 -3.03
N ASP A 39 14.66 -13.70 -2.43
CA ASP A 39 13.26 -14.08 -2.68
C ASP A 39 12.33 -13.03 -2.07
N GLN A 40 12.84 -12.24 -1.15
CA GLN A 40 11.99 -11.19 -0.48
C GLN A 40 12.49 -9.79 -0.86
N GLN A 41 12.74 -9.55 -2.13
CA GLN A 41 13.24 -8.19 -2.56
C GLN A 41 12.38 -7.68 -3.72
N ARG A 42 11.88 -6.46 -3.61
CA ARG A 42 11.02 -5.90 -4.70
C ARG A 42 11.56 -4.51 -5.13
N LEU A 43 12.69 -4.48 -5.77
CA LEU A 43 13.27 -3.17 -6.21
C LEU A 43 12.22 -2.38 -7.01
N ILE A 44 12.29 -1.05 -7.01
CA ILE A 44 11.32 -0.22 -7.81
C ILE A 44 12.04 0.99 -8.41
N PHE A 45 11.90 1.19 -9.69
CA PHE A 45 12.56 2.38 -10.33
C PHE A 45 11.62 3.00 -11.37
N ALA A 46 11.26 4.25 -11.20
CA ALA A 46 10.35 4.92 -12.18
C ALA A 46 9.00 4.21 -12.16
N GLY A 47 8.63 3.65 -11.04
CA GLY A 47 7.33 2.95 -10.97
C GLY A 47 7.37 1.71 -11.87
N LYS A 48 8.52 1.09 -12.01
CA LYS A 48 8.63 -0.12 -12.88
C LYS A 48 9.37 -1.23 -12.13
N GLN A 49 8.82 -2.41 -12.10
CA GLN A 49 9.51 -3.53 -11.38
C GLN A 49 10.61 -4.11 -12.28
N LEU A 50 11.82 -3.63 -12.12
CA LEU A 50 12.95 -4.15 -12.96
C LEU A 50 12.90 -5.68 -12.99
N GLU A 51 13.28 -6.27 -14.09
CA GLU A 51 13.26 -7.76 -14.20
C GLU A 51 14.61 -8.33 -13.76
N ASP A 52 14.75 -9.63 -13.70
CA ASP A 52 16.04 -10.23 -13.27
C ASP A 52 16.82 -10.71 -14.50
N GLY A 53 16.25 -10.57 -15.68
CA GLY A 53 16.95 -11.02 -16.93
C GLY A 53 17.46 -9.80 -17.71
N ARG A 54 17.42 -8.63 -17.12
CA ARG A 54 17.89 -7.40 -17.84
C ARG A 54 19.02 -6.75 -17.04
N THR A 55 19.80 -5.90 -17.67
CA THR A 55 20.92 -5.23 -16.95
C THR A 55 20.49 -3.85 -16.48
N LEU A 56 21.38 -3.09 -15.89
CA LEU A 56 21.02 -1.73 -15.42
C LEU A 56 20.95 -0.77 -16.61
N SER A 57 21.79 -0.97 -17.58
CA SER A 57 21.78 -0.08 -18.77
C SER A 57 20.46 -0.25 -19.49
N ASP A 58 19.82 -1.37 -19.31
CA ASP A 58 18.52 -1.61 -19.99
C ASP A 58 17.52 -0.55 -19.51
N TYR A 59 17.58 -0.19 -18.25
CA TYR A 59 16.64 0.83 -17.73
C TYR A 59 17.25 2.22 -17.92
N ASN A 60 18.52 2.31 -18.22
CA ASN A 60 19.17 3.65 -18.41
C ASN A 60 19.54 4.25 -17.03
N ILE A 61 19.84 3.41 -16.08
CA ILE A 61 20.19 3.93 -14.71
C ILE A 61 21.61 4.52 -14.74
N GLN A 62 21.73 5.80 -14.50
CA GLN A 62 23.08 6.43 -14.51
C GLN A 62 23.72 6.27 -13.12
N LYS A 63 24.71 7.08 -12.82
CA LYS A 63 25.38 6.97 -11.49
C LYS A 63 24.62 7.83 -10.47
N GLU A 64 24.90 7.66 -9.20
CA GLU A 64 24.20 8.47 -8.16
C GLU A 64 22.69 8.30 -8.29
N SER A 65 22.23 7.12 -8.66
CA SER A 65 20.77 6.89 -8.82
C SER A 65 20.19 6.30 -7.53
N THR A 66 18.92 6.52 -7.28
CA THR A 66 18.29 5.98 -6.03
C THR A 66 17.17 5.00 -6.38
N LEU A 67 17.11 3.86 -5.72
CA LEU A 67 16.04 2.84 -6.01
C LEU A 67 15.32 2.43 -4.71
N HIS A 68 14.00 2.44 -4.72
CA HIS A 68 13.24 2.06 -3.48
C HIS A 68 13.30 0.54 -3.27
N LEU A 69 13.05 0.07 -2.06
CA LEU A 69 13.09 -1.41 -1.78
C LEU A 69 11.84 -1.86 -0.96
N VAL A 70 10.95 -2.68 -1.54
CA VAL A 70 9.75 -3.15 -0.75
C VAL A 70 10.07 -4.49 -0.08
N LEU A 71 9.12 -5.39 -0.01
CA LEU A 71 9.36 -6.75 0.60
C LEU A 71 8.10 -7.60 0.40
N ARG A 72 8.24 -8.85 -0.01
CA ARG A 72 7.04 -9.73 -0.18
C ARG A 72 7.14 -10.95 0.74
N LEU A 73 8.09 -11.00 1.64
CA LEU A 73 8.17 -12.20 2.53
C LEU A 73 8.64 -11.84 3.95
N ARG A 74 7.73 -11.44 4.79
CA ARG A 74 8.10 -11.10 6.20
C ARG A 74 8.64 -12.38 6.85
N GLY A 75 7.99 -13.48 6.60
CA GLY A 75 8.42 -14.77 7.20
C GLY A 75 7.25 -15.73 7.18
N CYS A 76 6.18 -15.36 6.51
CA CYS A 76 4.99 -16.24 6.45
C CYS A 76 5.42 -17.68 6.17
N ALA B 1 -16.72 16.55 15.85
CA ALA B 1 -17.12 15.64 16.96
C ALA B 1 -16.37 16.03 18.23
N LEU B 2 -16.43 15.19 19.24
CA LEU B 2 -15.72 15.50 20.53
C LEU B 2 -14.31 14.89 20.49
N PRO B 3 -13.37 15.47 21.24
CA PRO B 3 -11.96 14.98 21.29
C PRO B 3 -11.84 13.64 22.04
N SER B 4 -10.70 12.99 21.93
CA SER B 4 -10.52 11.69 22.62
C SER B 4 -11.31 10.61 21.91
N ALA B 5 -10.94 9.37 22.06
CA ALA B 5 -11.67 8.26 21.38
C ALA B 5 -11.16 6.92 21.90
N SER B 6 -12.00 5.92 21.90
CA SER B 6 -11.57 4.57 22.38
C SER B 6 -11.44 3.61 21.20
N GLU B 7 -10.98 2.41 21.44
CA GLU B 7 -10.82 1.44 20.33
C GLU B 7 -12.21 0.95 19.88
N GLU B 8 -13.21 1.18 20.68
CA GLU B 8 -14.57 0.71 20.30
C GLU B 8 -15.13 1.62 19.20
N GLN B 9 -14.84 2.91 19.24
CA GLN B 9 -15.36 3.83 18.18
C GLN B 9 -14.35 3.93 17.03
N VAL B 10 -13.16 3.43 17.23
CA VAL B 10 -12.12 3.48 16.15
C VAL B 10 -12.46 2.45 15.08
N ALA B 11 -13.00 1.34 15.47
CA ALA B 11 -13.33 0.29 14.47
C ALA B 11 -14.49 0.78 13.59
N GLN B 12 -15.30 1.67 14.10
CA GLN B 12 -16.44 2.18 13.29
C GLN B 12 -15.98 3.29 12.34
N ASP B 13 -15.10 4.15 12.80
CA ASP B 13 -14.60 5.25 11.92
C ASP B 13 -13.55 4.72 10.97
N THR B 14 -13.04 3.53 11.22
CA THR B 14 -12.01 2.95 10.31
C THR B 14 -12.70 2.34 9.09
N GLU B 15 -13.81 1.70 9.27
CA GLU B 15 -14.50 1.09 8.11
C GLU B 15 -15.18 2.19 7.30
N GLU B 16 -15.67 3.21 7.96
CA GLU B 16 -16.33 4.32 7.23
C GLU B 16 -15.28 5.13 6.46
N VAL B 17 -14.10 5.31 7.03
CA VAL B 17 -13.03 6.09 6.35
C VAL B 17 -12.28 5.19 5.37
N PHE B 18 -12.49 3.91 5.44
CA PHE B 18 -11.79 2.98 4.51
C PHE B 18 -12.46 3.05 3.15
N ARG B 19 -13.77 3.13 3.13
CA ARG B 19 -14.48 3.18 1.83
C ARG B 19 -14.59 4.64 1.36
N SER B 20 -14.90 5.54 2.25
CA SER B 20 -15.03 6.96 1.83
C SER B 20 -13.72 7.43 1.19
N TYR B 21 -12.62 6.80 1.55
CA TYR B 21 -11.32 7.20 0.96
C TYR B 21 -11.14 6.48 -0.38
N VAL B 22 -11.29 5.18 -0.43
CA VAL B 22 -11.12 4.49 -1.74
C VAL B 22 -12.19 4.97 -2.72
N PHE B 23 -13.30 5.47 -2.21
CA PHE B 23 -14.38 5.94 -3.12
C PHE B 23 -13.97 7.25 -3.78
N TYR B 24 -13.67 8.26 -3.01
CA TYR B 24 -13.25 9.56 -3.62
C TYR B 24 -11.98 9.37 -4.45
N ARG B 25 -11.24 8.33 -4.18
CA ARG B 25 -9.98 8.08 -4.96
C ARG B 25 -10.33 7.45 -6.33
N HIS B 26 -11.24 6.52 -6.35
CA HIS B 26 -11.61 5.86 -7.64
C HIS B 26 -12.57 6.75 -8.43
N GLN B 27 -13.29 7.59 -7.75
CA GLN B 27 -14.24 8.50 -8.46
C GLN B 27 -13.47 9.44 -9.37
N GLN B 28 -12.35 9.93 -8.91
CA GLN B 28 -11.54 10.85 -9.77
C GLN B 28 -10.74 10.03 -10.76
N GLU B 29 -10.24 8.89 -10.35
CA GLU B 29 -9.44 8.04 -11.28
C GLU B 29 -10.32 7.58 -12.45
N GLN B 30 -11.61 7.60 -12.27
CA GLN B 30 -12.53 7.17 -13.38
C GLN B 30 -12.45 8.16 -14.54
N GLU B 31 -12.23 9.42 -14.24
CA GLU B 31 -12.15 10.44 -15.33
C GLU B 31 -10.90 10.20 -16.17
N ALA B 32 -9.80 9.90 -15.54
CA ALA B 32 -8.54 9.66 -16.32
C ALA B 32 -8.61 8.28 -16.98
N GLU B 33 -8.66 7.22 -16.20
CA GLU B 33 -8.73 5.85 -16.78
C GLU B 33 -9.88 5.08 -16.16
N GLY B 34 -10.06 3.83 -16.52
CA GLY B 34 -11.19 3.02 -15.96
C GLY B 34 -10.63 1.72 -15.36
N VAL B 35 -9.35 1.66 -15.14
CA VAL B 35 -8.77 0.42 -14.56
C VAL B 35 -9.48 0.08 -13.26
N ALA B 36 -9.88 -1.15 -13.09
CA ALA B 36 -10.59 -1.54 -11.84
C ALA B 36 -11.74 -0.57 -11.56
N ALA B 37 -12.36 -0.06 -12.60
CA ALA B 37 -13.48 0.90 -12.40
C ALA B 37 -14.61 0.23 -11.61
N PRO B 38 -15.50 1.00 -11.04
CA PRO B 38 -16.65 0.48 -10.23
C PRO B 38 -17.72 -0.17 -11.11
N ALA B 39 -18.82 -0.58 -10.53
CA ALA B 39 -19.90 -1.23 -11.33
C ALA B 39 -20.79 -0.15 -11.94
N ASP B 40 -20.21 0.86 -12.52
CA ASP B 40 -21.03 1.94 -13.16
C ASP B 40 -21.88 2.63 -12.08
N PRO B 41 -22.32 3.87 -12.32
CA PRO B 41 -23.14 4.64 -11.34
C PRO B 41 -24.57 4.08 -11.22
N GLU B 42 -24.79 3.17 -10.32
CA GLU B 42 -26.15 2.60 -10.14
C GLU B 42 -26.38 2.22 -8.68
N MET B 43 -27.25 1.28 -8.42
CA MET B 43 -27.50 0.87 -7.01
C MET B 43 -26.28 0.12 -6.48
N VAL B 44 -25.51 -0.47 -7.35
CA VAL B 44 -24.31 -1.21 -6.89
C VAL B 44 -23.19 -0.21 -6.57
N THR B 45 -23.52 1.05 -6.46
CA THR B 45 -22.48 2.07 -6.13
C THR B 45 -22.11 1.96 -4.65
N LEU B 46 -21.21 2.81 -4.18
CA LEU B 46 -20.83 2.76 -2.74
C LEU B 46 -21.53 3.90 -1.95
N PRO B 47 -22.68 3.64 -1.31
CA PRO B 47 -23.43 4.69 -0.53
C PRO B 47 -22.75 5.03 0.80
N LEU B 48 -21.80 5.91 0.79
CA LEU B 48 -21.10 6.28 2.05
C LEU B 48 -21.90 7.37 2.77
N GLN B 49 -21.43 7.82 3.92
CA GLN B 49 -22.17 8.88 4.68
C GLN B 49 -21.27 10.13 4.87
N PRO B 50 -21.21 11.01 3.88
CA PRO B 50 -20.38 12.25 3.94
C PRO B 50 -20.96 13.27 4.89
N SER B 51 -22.12 13.02 5.41
CA SER B 51 -22.75 13.99 6.34
C SER B 51 -21.97 13.99 7.67
N SER B 52 -21.11 13.02 7.86
CA SER B 52 -20.33 12.97 9.13
C SER B 52 -18.95 13.62 8.93
N THR B 53 -18.29 13.99 9.99
CA THR B 53 -16.95 14.64 9.85
C THR B 53 -15.96 13.66 9.20
N MET B 54 -16.20 12.40 9.33
CA MET B 54 -15.28 11.39 8.71
C MET B 54 -15.27 11.57 7.18
N GLY B 55 -16.29 12.20 6.67
CA GLY B 55 -16.35 12.42 5.19
C GLY B 55 -15.18 13.31 4.77
N GLN B 56 -14.83 14.25 5.60
CA GLN B 56 -13.72 15.17 5.23
C GLN B 56 -12.38 14.47 5.52
N VAL B 57 -12.39 13.44 6.32
CA VAL B 57 -11.13 12.72 6.63
C VAL B 57 -10.66 11.98 5.39
N GLY B 58 -11.56 11.39 4.66
CA GLY B 58 -11.15 10.64 3.44
C GLY B 58 -10.68 11.61 2.35
N ARG B 59 -11.39 12.69 2.17
CA ARG B 59 -10.98 13.66 1.12
C ARG B 59 -9.56 14.17 1.40
N GLN B 60 -9.24 14.45 2.63
CA GLN B 60 -7.87 14.94 2.95
C GLN B 60 -6.84 13.81 2.75
N LEU B 61 -7.04 12.70 3.38
CA LEU B 61 -6.07 11.58 3.21
C LEU B 61 -5.91 11.24 1.71
N ALA B 62 -6.90 11.56 0.92
CA ALA B 62 -6.80 11.25 -0.54
C ALA B 62 -5.96 12.31 -1.24
N ILE B 63 -5.65 13.38 -0.58
CA ILE B 63 -4.81 14.42 -1.24
C ILE B 63 -3.34 14.23 -0.84
N ILE B 64 -3.07 13.99 0.42
CA ILE B 64 -1.66 13.79 0.87
C ILE B 64 -1.10 12.49 0.26
N GLY B 65 -1.96 11.53 -0.05
CA GLY B 65 -1.46 10.24 -0.63
C GLY B 65 -1.95 10.10 -2.07
N ASP B 66 -1.81 11.13 -2.86
CA ASP B 66 -2.26 11.06 -4.28
C ASP B 66 -1.08 10.70 -5.19
N ASP B 67 -0.03 11.48 -5.12
CA ASP B 67 1.15 11.20 -5.99
C ASP B 67 1.93 9.99 -5.45
N ILE B 68 2.11 9.92 -4.16
CA ILE B 68 2.86 8.77 -3.57
C ILE B 68 2.11 7.47 -3.86
N ASN B 69 0.84 7.57 -4.16
CA ASN B 69 0.07 6.33 -4.44
C ASN B 69 0.35 5.86 -5.87
N ARG B 70 0.23 6.74 -6.83
CA ARG B 70 0.50 6.32 -8.25
C ARG B 70 1.98 5.99 -8.43
N ARG B 71 2.83 6.55 -7.62
CA ARG B 71 4.29 6.29 -7.77
C ARG B 71 4.55 4.77 -7.83
N TYR B 72 4.11 4.04 -6.84
CA TYR B 72 4.31 2.55 -6.85
C TYR B 72 2.96 1.84 -6.96
N ASP B 73 2.17 2.17 -7.96
CA ASP B 73 0.85 1.48 -8.13
C ASP B 73 0.88 0.58 -9.36
N SER B 74 1.61 0.96 -10.37
CA SER B 74 1.68 0.13 -11.60
C SER B 74 2.42 -1.18 -11.31
N GLU B 75 3.22 -1.20 -10.29
CA GLU B 75 3.99 -2.44 -9.94
C GLU B 75 3.18 -3.26 -8.94
N PHE B 76 2.23 -2.64 -8.29
CA PHE B 76 1.42 -3.38 -7.30
C PHE B 76 0.52 -4.39 -8.02
N GLN B 77 -0.09 -3.98 -9.09
CA GLN B 77 -0.98 -4.90 -9.84
C GLN B 77 -0.14 -5.89 -10.66
N THR B 78 0.98 -5.45 -11.14
CA THR B 78 1.83 -6.36 -11.97
C THR B 78 2.22 -7.60 -11.15
N MET B 79 2.69 -7.40 -9.95
CA MET B 79 3.08 -8.55 -9.08
C MET B 79 1.83 -9.24 -8.52
N LEU B 80 0.77 -8.49 -8.34
CA LEU B 80 -0.48 -9.08 -7.79
C LEU B 80 -0.99 -10.17 -8.74
N GLN B 81 -0.80 -9.98 -10.02
CA GLN B 81 -1.28 -10.98 -11.01
C GLN B 81 -0.44 -12.25 -10.86
N HIS B 82 0.81 -12.10 -10.53
CA HIS B 82 1.69 -13.29 -10.39
C HIS B 82 1.34 -14.00 -9.09
N LEU B 83 0.52 -13.40 -8.28
CA LEU B 83 0.14 -14.04 -6.99
C LEU B 83 -1.02 -15.01 -7.25
N GLN B 84 -2.14 -14.52 -7.73
CA GLN B 84 -3.33 -15.39 -7.99
C GLN B 84 -3.74 -16.10 -6.69
N PRO B 85 -4.14 -15.33 -5.70
CA PRO B 85 -4.56 -15.87 -4.37
C PRO B 85 -5.93 -16.55 -4.44
N THR B 86 -6.40 -17.06 -3.32
CA THR B 86 -7.72 -17.75 -3.30
C THR B 86 -8.54 -17.25 -2.11
N ALA B 87 -9.80 -17.60 -2.06
CA ALA B 87 -10.66 -17.15 -0.92
C ALA B 87 -10.26 -17.91 0.34
N GLU B 88 -9.53 -18.98 0.20
CA GLU B 88 -9.12 -19.76 1.39
C GLU B 88 -7.80 -19.21 1.95
N ASN B 89 -6.97 -18.66 1.11
CA ASN B 89 -5.65 -18.10 1.57
C ASN B 89 -5.57 -16.60 1.25
N ALA B 90 -6.69 -15.92 1.23
CA ALA B 90 -6.66 -14.45 0.92
C ALA B 90 -6.02 -13.68 2.08
N TYR B 91 -6.33 -14.04 3.29
CA TYR B 91 -5.74 -13.33 4.47
C TYR B 91 -4.33 -13.84 4.73
N GLU B 92 -3.97 -14.93 4.12
CA GLU B 92 -2.61 -15.49 4.34
C GLU B 92 -1.61 -14.72 3.48
N TYR B 93 -2.09 -14.07 2.44
CA TYR B 93 -1.17 -13.29 1.57
C TYR B 93 -1.21 -11.82 1.96
N PHE B 94 -2.38 -11.28 2.19
CA PHE B 94 -2.48 -9.85 2.57
C PHE B 94 -1.74 -9.62 3.90
N THR B 95 -1.95 -10.49 4.85
CA THR B 95 -1.27 -10.32 6.18
C THR B 95 0.26 -10.41 5.99
N CYS B 96 0.70 -10.93 4.87
CA CYS B 96 2.18 -11.04 4.64
C CYS B 96 2.72 -9.70 4.12
N ILE B 97 2.09 -9.14 3.12
CA ILE B 97 2.59 -7.84 2.59
C ILE B 97 2.54 -6.80 3.70
N ALA B 98 1.43 -6.71 4.40
CA ALA B 98 1.32 -5.70 5.50
C ALA B 98 2.46 -5.94 6.51
N THR B 99 2.43 -7.04 7.21
CA THR B 99 3.50 -7.32 8.20
C THR B 99 4.87 -7.06 7.56
N SER B 100 4.99 -7.25 6.27
CA SER B 100 6.31 -7.02 5.60
C SER B 100 6.50 -5.52 5.33
N LEU B 101 5.46 -4.76 5.34
CA LEU B 101 5.59 -3.29 5.09
C LEU B 101 5.84 -2.55 6.41
N PHE B 102 5.01 -2.75 7.39
CA PHE B 102 5.20 -2.06 8.70
C PHE B 102 6.30 -2.76 9.50
N GLU B 103 6.93 -3.74 8.93
CA GLU B 103 8.01 -4.46 9.66
C GLU B 103 9.04 -3.45 10.13
N SER B 104 9.26 -2.41 9.37
CA SER B 104 10.27 -1.40 9.77
C SER B 104 9.69 -0.50 10.86
N GLY B 105 8.41 -0.20 10.79
CA GLY B 105 7.78 0.68 11.82
C GLY B 105 6.36 1.06 11.38
N ILE B 106 5.76 2.05 12.01
CA ILE B 106 4.37 2.48 11.63
C ILE B 106 4.33 4.00 11.40
N ASN B 107 3.69 4.43 10.34
CA ASN B 107 3.62 5.90 10.07
C ASN B 107 2.34 6.21 9.28
N TRP B 108 2.03 7.47 9.12
CA TRP B 108 0.79 7.84 8.37
C TRP B 108 0.93 7.38 6.92
N GLY B 109 2.13 7.39 6.40
CA GLY B 109 2.33 6.95 5.00
C GLY B 109 2.13 5.43 4.89
N ARG B 110 2.42 4.71 5.95
CA ARG B 110 2.26 3.24 5.91
C ARG B 110 0.80 2.87 6.11
N VAL B 111 0.02 3.79 6.61
CA VAL B 111 -1.43 3.51 6.82
C VAL B 111 -2.19 3.77 5.52
N VAL B 112 -1.97 4.90 4.91
CA VAL B 112 -2.68 5.22 3.65
C VAL B 112 -2.23 4.25 2.57
N ALA B 113 -0.99 3.84 2.60
CA ALA B 113 -0.51 2.89 1.58
C ALA B 113 -1.22 1.54 1.76
N LEU B 114 -1.55 1.19 2.98
CA LEU B 114 -2.24 -0.10 3.20
C LEU B 114 -3.60 -0.09 2.51
N LEU B 115 -4.40 0.90 2.78
CA LEU B 115 -5.73 0.97 2.14
C LEU B 115 -5.56 1.08 0.62
N GLY B 116 -4.57 1.82 0.17
CA GLY B 116 -4.39 1.99 -1.29
C GLY B 116 -4.24 0.61 -1.97
N PHE B 117 -3.44 -0.25 -1.42
CA PHE B 117 -3.27 -1.60 -2.05
C PHE B 117 -4.28 -2.59 -1.41
N GLY B 118 -5.26 -2.08 -0.71
CA GLY B 118 -6.28 -2.98 -0.07
C GLY B 118 -7.60 -2.94 -0.86
N TYR B 119 -7.59 -2.32 -2.01
CA TYR B 119 -8.84 -2.24 -2.83
C TYR B 119 -8.78 -3.25 -3.98
N ARG B 120 -8.11 -2.91 -5.06
CA ARG B 120 -8.01 -3.86 -6.21
C ARG B 120 -7.89 -5.30 -5.69
N LEU B 121 -7.18 -5.49 -4.63
CA LEU B 121 -7.03 -6.87 -4.09
C LEU B 121 -8.42 -7.49 -3.88
N ALA B 122 -9.30 -6.81 -3.21
CA ALA B 122 -10.67 -7.37 -2.99
C ALA B 122 -11.47 -7.35 -4.31
N LEU B 123 -11.42 -6.27 -5.03
CA LEU B 123 -12.18 -6.17 -6.31
C LEU B 123 -11.65 -7.24 -7.28
N HIS B 124 -10.40 -7.57 -7.17
CA HIS B 124 -9.81 -8.59 -8.08
C HIS B 124 -10.62 -9.88 -7.97
N VAL B 125 -11.16 -10.15 -6.80
CA VAL B 125 -11.94 -11.39 -6.60
C VAL B 125 -13.38 -11.16 -7.11
N TYR B 126 -13.93 -10.00 -6.83
CA TYR B 126 -15.32 -9.74 -7.30
C TYR B 126 -15.42 -10.13 -8.78
N GLN B 127 -14.64 -9.49 -9.62
CA GLN B 127 -14.71 -9.79 -11.08
C GLN B 127 -14.48 -11.28 -11.31
N HIS B 128 -13.36 -11.81 -10.85
CA HIS B 128 -13.08 -13.28 -11.04
C HIS B 128 -14.40 -14.06 -11.08
N GLY B 129 -15.27 -13.81 -10.13
CA GLY B 129 -16.58 -14.53 -10.13
C GLY B 129 -17.03 -14.78 -8.69
N LEU B 130 -16.20 -14.47 -7.74
CA LEU B 130 -16.59 -14.69 -6.33
C LEU B 130 -17.42 -13.51 -5.84
N THR B 131 -18.65 -13.40 -6.28
CA THR B 131 -19.51 -12.26 -5.84
C THR B 131 -19.74 -12.36 -4.33
N GLY B 132 -19.66 -11.26 -3.63
CA GLY B 132 -19.88 -11.28 -2.15
C GLY B 132 -18.53 -11.31 -1.44
N PHE B 133 -17.64 -10.43 -1.81
CA PHE B 133 -16.29 -10.40 -1.17
C PHE B 133 -16.13 -9.08 -0.41
N LEU B 134 -16.86 -8.06 -0.78
CA LEU B 134 -16.76 -6.74 -0.10
C LEU B 134 -17.01 -6.93 1.40
N GLY B 135 -18.03 -7.66 1.76
CA GLY B 135 -18.31 -7.90 3.19
C GLY B 135 -17.17 -8.72 3.81
N GLN B 136 -16.54 -9.57 3.04
CA GLN B 136 -15.44 -10.41 3.60
C GLN B 136 -14.19 -9.54 3.89
N VAL B 137 -13.76 -8.74 2.95
CA VAL B 137 -12.56 -7.88 3.19
C VAL B 137 -12.81 -6.95 4.37
N THR B 138 -14.02 -6.50 4.56
CA THR B 138 -14.32 -5.58 5.71
C THR B 138 -14.17 -6.36 7.02
N ARG B 139 -14.98 -7.36 7.21
CA ARG B 139 -14.89 -8.17 8.47
C ARG B 139 -13.55 -8.91 8.53
N PHE B 140 -12.58 -8.48 7.75
CA PHE B 140 -11.25 -9.16 7.75
C PHE B 140 -10.18 -8.16 8.18
N VAL B 141 -10.19 -7.00 7.58
CA VAL B 141 -9.16 -5.99 7.95
C VAL B 141 -9.42 -5.49 9.37
N VAL B 142 -10.64 -5.10 9.65
CA VAL B 142 -10.96 -4.60 11.02
C VAL B 142 -10.44 -5.59 12.06
N ASP B 143 -10.50 -6.86 11.77
CA ASP B 143 -10.01 -7.87 12.75
C ASP B 143 -8.48 -7.80 12.80
N PHE B 144 -7.85 -7.63 11.67
CA PHE B 144 -6.36 -7.55 11.65
C PHE B 144 -5.90 -6.27 12.35
N MET B 145 -6.62 -5.20 12.17
CA MET B 145 -6.22 -3.90 12.78
C MET B 145 -6.37 -3.98 14.31
N LEU B 146 -7.39 -4.66 14.78
CA LEU B 146 -7.58 -4.78 16.25
C LEU B 146 -6.68 -5.89 16.79
N HIS B 147 -6.19 -6.74 15.95
CA HIS B 147 -5.31 -7.85 16.43
C HIS B 147 -3.86 -7.40 16.37
N HIS B 148 -3.55 -6.50 15.50
CA HIS B 148 -2.15 -6.03 15.38
C HIS B 148 -1.96 -4.80 16.27
N CYS B 149 -2.91 -4.50 17.13
CA CYS B 149 -2.76 -3.31 18.02
C CYS B 149 -2.74 -2.03 17.18
N ILE B 150 -3.30 -2.07 16.01
CA ILE B 150 -3.32 -0.85 15.14
C ILE B 150 -4.35 0.14 15.68
N ALA B 151 -5.45 -0.35 16.17
CA ALA B 151 -6.49 0.58 16.68
C ALA B 151 -5.92 1.44 17.81
N ARG B 152 -5.23 0.84 18.75
CA ARG B 152 -4.65 1.64 19.86
C ARG B 152 -3.79 2.78 19.28
N TRP B 153 -2.70 2.46 18.62
CA TRP B 153 -1.82 3.53 18.03
C TRP B 153 -2.67 4.67 17.46
N ILE B 154 -3.59 4.37 16.59
CA ILE B 154 -4.45 5.43 16.00
C ILE B 154 -5.10 6.22 17.14
N ALA B 155 -5.48 5.56 18.19
CA ALA B 155 -6.12 6.28 19.34
C ALA B 155 -5.09 7.21 20.00
N GLN B 156 -3.85 6.78 20.07
CA GLN B 156 -2.80 7.63 20.71
C GLN B 156 -2.41 8.78 19.78
N ARG B 157 -2.67 8.61 18.51
CA ARG B 157 -2.32 9.70 17.56
C ARG B 157 -3.42 10.77 17.55
N GLY B 158 -4.50 10.53 18.25
CA GLY B 158 -5.62 11.54 18.28
C GLY B 158 -6.80 11.01 17.47
N GLY B 159 -6.86 9.72 17.27
CA GLY B 159 -7.99 9.14 16.49
C GLY B 159 -7.88 9.59 15.03
N TRP B 160 -8.89 9.31 14.25
CA TRP B 160 -8.85 9.73 12.83
C TRP B 160 -9.12 11.22 12.73
N VAL B 161 -9.52 11.84 13.80
CA VAL B 161 -9.80 13.29 13.77
C VAL B 161 -8.47 14.06 13.70
N ALA B 162 -7.37 13.37 13.84
CA ALA B 162 -6.04 14.07 13.78
C ALA B 162 -5.66 14.29 12.31
N ALA B 163 -6.44 13.80 11.41
CA ALA B 163 -6.12 13.98 9.97
C ALA B 163 -6.23 15.46 9.59
N LEU B 164 -7.21 16.14 10.14
CA LEU B 164 -7.40 17.57 9.82
C LEU B 164 -6.22 18.38 10.36
N ASN B 165 -5.51 17.82 11.30
CA ASN B 165 -4.35 18.55 11.87
C ASN B 165 -3.07 18.13 11.15
N LEU B 166 -3.16 17.77 9.88
CA LEU B 166 -1.95 17.34 9.12
C LEU B 166 -1.51 18.47 8.18
N GLY B 167 -0.91 18.14 7.07
CA GLY B 167 -0.45 19.20 6.11
C GLY B 167 -1.65 20.02 5.63
N ASN B 168 -2.33 19.57 4.61
CA ASN B 168 -3.50 20.32 4.09
C ASN B 168 -4.62 20.32 5.14
N GLY B 169 -4.48 19.51 6.15
CA GLY B 169 -5.54 19.46 7.21
C GLY B 169 -6.92 19.33 6.56
N MET A 1 30.55 3.38 -9.41
CA MET A 1 29.91 4.65 -8.99
C MET A 1 29.23 4.46 -7.63
N GLN A 2 28.68 5.52 -7.09
CA GLN A 2 28.00 5.42 -5.77
C GLN A 2 26.52 5.76 -5.92
N ILE A 3 25.67 4.94 -5.37
CA ILE A 3 24.20 5.18 -5.45
C ILE A 3 23.62 5.33 -4.04
N PHE A 4 22.41 5.81 -3.95
CA PHE A 4 21.77 6.01 -2.61
C PHE A 4 20.42 5.28 -2.59
N VAL A 5 20.24 4.30 -1.74
CA VAL A 5 18.94 3.59 -1.68
C VAL A 5 18.09 4.18 -0.57
N LYS A 6 16.83 4.44 -0.83
CA LYS A 6 15.95 5.04 0.21
C LYS A 6 14.99 3.96 0.74
N THR A 7 14.91 3.81 2.04
CA THR A 7 14.00 2.79 2.63
C THR A 7 12.69 3.46 3.03
N LEU A 8 11.76 2.69 3.52
CA LEU A 8 10.44 3.26 3.93
C LEU A 8 10.53 3.78 5.37
N THR A 9 11.68 3.62 5.99
CA THR A 9 11.85 4.09 7.38
C THR A 9 12.51 5.47 7.40
N GLY A 10 12.80 6.01 6.25
CA GLY A 10 13.46 7.34 6.20
C GLY A 10 14.97 7.17 6.35
N LYS A 11 15.46 5.96 6.23
CA LYS A 11 16.93 5.71 6.35
C LYS A 11 17.51 5.51 4.95
N THR A 12 18.55 6.23 4.63
CA THR A 12 19.19 6.08 3.28
C THR A 12 20.58 5.45 3.44
N ILE A 13 20.85 4.42 2.69
CA ILE A 13 22.17 3.72 2.77
C ILE A 13 22.91 3.86 1.44
N THR A 14 24.15 4.26 1.48
CA THR A 14 24.92 4.42 0.21
C THR A 14 25.33 3.04 -0.31
N LEU A 15 25.70 2.96 -1.56
CA LEU A 15 26.11 1.64 -2.14
C LEU A 15 27.06 1.88 -3.32
N GLU A 16 28.15 1.17 -3.37
CA GLU A 16 29.13 1.35 -4.48
C GLU A 16 28.96 0.19 -5.48
N VAL A 17 28.43 0.48 -6.64
CA VAL A 17 28.22 -0.58 -7.67
C VAL A 17 28.65 -0.06 -9.05
N GLU A 18 28.53 -0.87 -10.08
CA GLU A 18 28.93 -0.41 -11.45
C GLU A 18 27.79 -0.68 -12.45
N PRO A 19 27.68 0.09 -13.52
CA PRO A 19 26.62 -0.11 -14.55
C PRO A 19 26.61 -1.52 -15.16
N SER A 20 27.68 -2.25 -15.03
CA SER A 20 27.72 -3.62 -15.60
C SER A 20 27.35 -4.64 -14.53
N ASP A 21 27.06 -4.17 -13.34
CA ASP A 21 26.69 -5.11 -12.23
C ASP A 21 25.26 -5.63 -12.45
N THR A 22 24.99 -6.84 -12.07
CA THR A 22 23.61 -7.39 -12.27
C THR A 22 22.73 -7.04 -11.05
N ILE A 23 21.43 -7.05 -11.24
CA ILE A 23 20.51 -6.73 -10.11
C ILE A 23 20.69 -7.79 -9.02
N GLU A 24 21.03 -8.99 -9.39
CA GLU A 24 21.24 -10.05 -8.37
C GLU A 24 22.43 -9.68 -7.49
N ASN A 25 23.43 -9.09 -8.06
CA ASN A 25 24.63 -8.73 -7.27
C ASN A 25 24.31 -7.57 -6.31
N VAL A 26 23.59 -6.57 -6.74
CA VAL A 26 23.31 -5.44 -5.80
C VAL A 26 22.46 -5.97 -4.63
N LYS A 27 21.55 -6.86 -4.89
CA LYS A 27 20.70 -7.40 -3.79
C LYS A 27 21.56 -8.14 -2.77
N ALA A 28 22.51 -8.90 -3.23
CA ALA A 28 23.40 -9.63 -2.29
C ALA A 28 24.15 -8.60 -1.43
N LYS A 29 24.51 -7.48 -2.02
CA LYS A 29 25.25 -6.45 -1.25
C LYS A 29 24.37 -5.88 -0.12
N ILE A 30 23.09 -5.68 -0.37
CA ILE A 30 22.23 -5.10 0.71
C ILE A 30 22.19 -6.08 1.88
N GLN A 31 22.01 -7.33 1.58
CA GLN A 31 21.95 -8.33 2.67
C GLN A 31 23.31 -8.43 3.37
N ASP A 32 24.36 -8.29 2.61
CA ASP A 32 25.71 -8.41 3.21
C ASP A 32 25.98 -7.23 4.14
N LYS A 33 25.31 -6.13 3.91
CA LYS A 33 25.52 -4.93 4.76
C LYS A 33 24.25 -4.59 5.53
N GLU A 34 23.17 -5.30 5.33
CA GLU A 34 21.91 -5.01 6.09
C GLU A 34 21.35 -6.29 6.68
N GLY A 35 21.30 -7.33 5.89
CA GLY A 35 20.77 -8.63 6.41
C GLY A 35 19.32 -8.83 5.95
N ILE A 36 18.92 -8.20 4.87
CA ILE A 36 17.51 -8.36 4.39
C ILE A 36 17.49 -9.46 3.32
N PRO A 37 16.88 -10.61 3.57
CA PRO A 37 16.86 -11.71 2.56
C PRO A 37 16.41 -11.21 1.16
N PRO A 38 17.15 -11.51 0.11
CA PRO A 38 16.76 -11.09 -1.27
C PRO A 38 15.32 -11.47 -1.63
N ASP A 39 14.77 -12.47 -0.97
CA ASP A 39 13.38 -12.89 -1.29
C ASP A 39 12.36 -11.83 -0.85
N GLN A 40 12.73 -10.95 0.03
CA GLN A 40 11.78 -9.89 0.50
C GLN A 40 12.29 -8.51 0.06
N GLN A 41 12.63 -8.37 -1.19
CA GLN A 41 13.12 -7.05 -1.70
C GLN A 41 12.35 -6.68 -2.96
N ARG A 42 11.81 -5.48 -2.99
CA ARG A 42 11.03 -5.02 -4.17
C ARG A 42 11.60 -3.69 -4.67
N LEU A 43 12.77 -3.71 -5.27
CA LEU A 43 13.35 -2.43 -5.77
C LEU A 43 12.36 -1.79 -6.76
N ILE A 44 12.36 -0.48 -6.86
CA ILE A 44 11.42 0.20 -7.80
C ILE A 44 12.18 1.34 -8.48
N PHE A 45 12.16 1.38 -9.79
CA PHE A 45 12.85 2.49 -10.50
C PHE A 45 11.99 2.98 -11.67
N ALA A 46 11.62 4.23 -11.65
CA ALA A 46 10.77 4.77 -12.75
C ALA A 46 9.44 4.00 -12.78
N GLY A 47 8.99 3.50 -11.66
CA GLY A 47 7.71 2.75 -11.63
C GLY A 47 7.86 1.44 -12.41
N LYS A 48 9.04 0.87 -12.41
CA LYS A 48 9.26 -0.40 -13.15
C LYS A 48 9.98 -1.40 -12.24
N GLN A 49 9.51 -2.61 -12.18
CA GLN A 49 10.16 -3.65 -11.32
C GLN A 49 11.34 -4.26 -12.06
N LEU A 50 12.52 -3.75 -11.82
CA LEU A 50 13.72 -4.29 -12.52
C LEU A 50 13.73 -5.81 -12.41
N GLU A 51 14.22 -6.47 -13.42
CA GLU A 51 14.26 -7.96 -13.40
C GLU A 51 15.58 -8.42 -12.81
N ASP A 52 15.75 -9.70 -12.59
CA ASP A 52 17.02 -10.21 -12.01
C ASP A 52 17.92 -10.74 -13.13
N GLY A 53 17.46 -10.68 -14.35
CA GLY A 53 18.28 -11.18 -15.50
C GLY A 53 18.81 -10.01 -16.34
N ARG A 54 18.69 -8.80 -15.85
CA ARG A 54 19.17 -7.60 -16.61
C ARG A 54 20.20 -6.82 -15.78
N THR A 55 20.99 -6.00 -16.43
CA THR A 55 22.02 -5.21 -15.70
C THR A 55 21.51 -3.80 -15.41
N LEU A 56 22.31 -2.97 -14.81
CA LEU A 56 21.87 -1.57 -14.50
C LEU A 56 21.88 -0.74 -15.79
N SER A 57 22.84 -0.98 -16.65
CA SER A 57 22.91 -0.23 -17.93
C SER A 57 21.64 -0.50 -18.74
N ASP A 58 21.06 -1.64 -18.54
CA ASP A 58 19.82 -1.99 -19.29
C ASP A 58 18.72 -0.97 -18.96
N TYR A 59 18.63 -0.54 -17.73
CA TYR A 59 17.57 0.44 -17.36
C TYR A 59 18.11 1.86 -17.55
N ASN A 60 19.39 1.99 -17.73
CA ASN A 60 20.02 3.34 -17.94
C ASN A 60 20.21 4.04 -16.60
N ILE A 61 20.41 3.31 -15.55
CA ILE A 61 20.62 3.96 -14.23
C ILE A 61 22.00 4.61 -14.16
N GLN A 62 22.04 5.90 -13.98
CA GLN A 62 23.35 6.60 -13.91
C GLN A 62 23.84 6.60 -12.46
N LYS A 63 24.75 7.48 -12.13
CA LYS A 63 25.28 7.53 -10.74
C LYS A 63 24.39 8.44 -9.89
N GLU A 64 24.53 8.36 -8.60
CA GLU A 64 23.70 9.23 -7.71
C GLU A 64 22.21 8.98 -7.97
N SER A 65 21.82 7.78 -8.28
CA SER A 65 20.39 7.50 -8.55
C SER A 65 19.72 7.00 -7.27
N THR A 66 18.43 7.17 -7.16
CA THR A 66 17.71 6.72 -5.93
C THR A 66 16.65 5.67 -6.30
N LEU A 67 16.57 4.60 -5.55
CA LEU A 67 15.58 3.52 -5.86
C LEU A 67 14.75 3.24 -4.62
N HIS A 68 13.45 3.16 -4.77
CA HIS A 68 12.58 2.86 -3.59
C HIS A 68 12.62 1.35 -3.29
N LEU A 69 12.27 0.97 -2.09
CA LEU A 69 12.30 -0.49 -1.71
C LEU A 69 11.04 -0.90 -0.94
N VAL A 70 10.23 -1.81 -1.46
CA VAL A 70 9.01 -2.25 -0.68
C VAL A 70 9.40 -3.51 0.13
N LEU A 71 8.53 -4.46 0.20
CA LEU A 71 8.83 -5.72 0.96
C LEU A 71 7.63 -6.66 0.77
N ARG A 72 7.86 -7.91 0.48
CA ARG A 72 6.72 -8.86 0.27
C ARG A 72 6.78 -10.02 1.29
N LEU A 73 7.68 -9.98 2.23
CA LEU A 73 7.75 -11.09 3.22
C LEU A 73 8.64 -10.72 4.41
N ARG A 74 8.40 -11.36 5.54
CA ARG A 74 9.21 -11.09 6.76
C ARG A 74 8.65 -11.90 7.93
N GLY A 75 9.13 -13.09 8.13
CA GLY A 75 8.64 -13.92 9.27
C GLY A 75 7.23 -14.47 8.95
N CYS A 76 6.82 -14.42 7.71
CA CYS A 76 5.47 -14.96 7.36
C CYS A 76 5.43 -16.45 7.67
N ALA B 1 -16.42 16.49 16.03
CA ALA B 1 -16.82 15.57 17.13
C ALA B 1 -16.08 15.95 18.42
N LEU B 2 -16.16 15.11 19.42
CA LEU B 2 -15.47 15.41 20.71
C LEU B 2 -14.05 14.82 20.68
N PRO B 3 -13.12 15.40 21.40
CA PRO B 3 -11.71 14.91 21.44
C PRO B 3 -11.59 13.58 22.18
N SER B 4 -10.46 12.93 22.05
CA SER B 4 -10.28 11.61 22.74
C SER B 4 -11.07 10.53 22.00
N ALA B 5 -10.69 9.29 22.15
CA ALA B 5 -11.41 8.19 21.47
C ALA B 5 -10.91 6.85 21.98
N SER B 6 -11.74 5.84 21.97
CA SER B 6 -11.32 4.49 22.46
C SER B 6 -11.18 3.54 21.27
N GLU B 7 -10.67 2.36 21.52
CA GLU B 7 -10.51 1.38 20.41
C GLU B 7 -11.88 0.92 19.94
N GLU B 8 -12.90 1.13 20.75
CA GLU B 8 -14.28 0.70 20.38
C GLU B 8 -14.81 1.59 19.25
N GLN B 9 -14.53 2.87 19.31
CA GLN B 9 -15.05 3.79 18.25
C GLN B 9 -14.04 3.88 17.11
N VAL B 10 -12.82 3.46 17.32
CA VAL B 10 -11.80 3.51 16.24
C VAL B 10 -12.15 2.49 15.15
N ALA B 11 -12.63 1.34 15.54
CA ALA B 11 -12.96 0.29 14.54
C ALA B 11 -14.12 0.76 13.65
N GLN B 12 -14.96 1.62 14.18
CA GLN B 12 -16.12 2.12 13.39
C GLN B 12 -15.63 3.22 12.44
N ASP B 13 -14.78 4.07 12.94
CA ASP B 13 -14.26 5.18 12.10
C ASP B 13 -13.20 4.64 11.16
N THR B 14 -12.64 3.50 11.46
CA THR B 14 -11.62 2.91 10.57
C THR B 14 -12.31 2.32 9.34
N GLU B 15 -13.40 1.62 9.55
CA GLU B 15 -14.14 1.02 8.41
C GLU B 15 -14.81 2.12 7.57
N GLU B 16 -15.37 3.10 8.22
CA GLU B 16 -16.03 4.22 7.49
C GLU B 16 -14.99 5.00 6.69
N VAL B 17 -13.84 5.18 7.25
CA VAL B 17 -12.76 5.94 6.56
C VAL B 17 -12.05 5.03 5.56
N PHE B 18 -12.25 3.75 5.68
CA PHE B 18 -11.63 2.77 4.75
C PHE B 18 -12.30 2.87 3.38
N ARG B 19 -13.60 2.89 3.39
CA ARG B 19 -14.36 2.92 2.10
C ARG B 19 -14.55 4.36 1.63
N SER B 20 -14.90 5.27 2.50
CA SER B 20 -15.07 6.68 2.07
C SER B 20 -13.79 7.13 1.38
N TYR B 21 -12.67 6.51 1.69
CA TYR B 21 -11.38 6.90 1.04
C TYR B 21 -11.21 6.22 -0.31
N VAL B 22 -11.33 4.93 -0.39
CA VAL B 22 -11.12 4.26 -1.71
C VAL B 22 -12.19 4.72 -2.70
N PHE B 23 -13.30 5.22 -2.23
CA PHE B 23 -14.34 5.69 -3.19
C PHE B 23 -13.90 6.99 -3.84
N TYR B 24 -13.55 7.98 -3.07
CA TYR B 24 -13.13 9.28 -3.66
C TYR B 24 -11.86 9.08 -4.50
N ARG B 25 -11.08 8.09 -4.20
CA ARG B 25 -9.83 7.86 -4.99
C ARG B 25 -10.20 7.25 -6.36
N HIS B 26 -11.10 6.31 -6.39
CA HIS B 26 -11.45 5.68 -7.70
C HIS B 26 -12.38 6.61 -8.49
N GLN B 27 -13.10 7.45 -7.80
CA GLN B 27 -14.04 8.37 -8.51
C GLN B 27 -13.25 9.32 -9.44
N GLN B 28 -12.16 9.85 -8.96
CA GLN B 28 -11.34 10.77 -9.80
C GLN B 28 -10.56 9.97 -10.84
N GLU B 29 -10.06 8.81 -10.48
CA GLU B 29 -9.27 8.00 -11.45
C GLU B 29 -10.18 7.56 -12.60
N GLN B 30 -11.47 7.53 -12.40
CA GLN B 30 -12.40 7.11 -13.48
C GLN B 30 -12.34 8.10 -14.64
N GLU B 31 -12.18 9.37 -14.35
CA GLU B 31 -12.13 10.39 -15.45
C GLU B 31 -10.90 10.16 -16.32
N ALA B 32 -9.78 9.85 -15.71
CA ALA B 32 -8.55 9.63 -16.51
C ALA B 32 -8.61 8.26 -17.20
N GLU B 33 -8.70 7.21 -16.43
CA GLU B 33 -8.78 5.84 -17.02
C GLU B 33 -9.96 5.09 -16.40
N GLY B 34 -10.17 3.87 -16.81
CA GLY B 34 -11.30 3.06 -16.28
C GLY B 34 -10.76 1.77 -15.67
N VAL B 35 -9.48 1.71 -15.44
CA VAL B 35 -8.89 0.48 -14.86
C VAL B 35 -9.62 0.15 -13.55
N ALA B 36 -10.04 -1.08 -13.39
CA ALA B 36 -10.76 -1.47 -12.15
C ALA B 36 -11.91 -0.50 -11.88
N ALA B 37 -12.53 -0.01 -12.93
CA ALA B 37 -13.66 0.95 -12.76
C ALA B 37 -14.81 0.28 -11.99
N PRO B 38 -15.69 1.06 -11.40
CA PRO B 38 -16.84 0.54 -10.60
C PRO B 38 -17.91 -0.09 -11.49
N ALA B 39 -19.02 -0.50 -10.91
CA ALA B 39 -20.09 -1.14 -11.72
C ALA B 39 -21.00 -0.06 -12.33
N ASP B 40 -20.42 0.95 -12.94
CA ASP B 40 -21.24 2.04 -13.57
C ASP B 40 -22.09 2.73 -12.49
N PRO B 41 -22.55 3.93 -12.76
CA PRO B 41 -23.38 4.71 -11.79
C PRO B 41 -24.81 4.16 -11.70
N GLU B 42 -25.04 3.23 -10.82
CA GLU B 42 -26.42 2.65 -10.68
C GLU B 42 -26.66 2.27 -9.21
N MET B 43 -27.55 1.36 -8.97
CA MET B 43 -27.82 0.93 -7.57
C MET B 43 -26.58 0.19 -7.03
N VAL B 44 -25.82 -0.39 -7.92
CA VAL B 44 -24.60 -1.13 -7.49
C VAL B 44 -23.48 -0.12 -7.19
N THR B 45 -23.81 1.14 -7.12
CA THR B 45 -22.77 2.17 -6.83
C THR B 45 -22.39 2.06 -5.35
N LEU B 46 -21.52 2.93 -4.90
CA LEU B 46 -21.10 2.86 -3.47
C LEU B 46 -21.77 4.00 -2.66
N PRO B 47 -22.89 3.76 -2.00
CA PRO B 47 -23.59 4.83 -1.22
C PRO B 47 -22.91 5.18 0.11
N LEU B 48 -21.97 6.09 0.06
CA LEU B 48 -21.27 6.51 1.29
C LEU B 48 -22.12 7.50 2.10
N GLN B 49 -21.64 7.91 3.25
CA GLN B 49 -22.39 8.91 4.08
C GLN B 49 -21.52 10.16 4.25
N PRO B 50 -21.45 11.01 3.25
CA PRO B 50 -20.60 12.23 3.29
C PRO B 50 -21.18 13.27 4.27
N SER B 51 -22.35 13.00 4.79
CA SER B 51 -22.97 13.95 5.75
C SER B 51 -22.19 13.93 7.05
N SER B 52 -21.35 12.94 7.24
CA SER B 52 -20.56 12.88 8.50
C SER B 52 -19.20 13.54 8.30
N THR B 53 -18.54 13.87 9.37
CA THR B 53 -17.20 14.50 9.27
C THR B 53 -16.22 13.54 8.60
N MET B 54 -16.43 12.27 8.75
CA MET B 54 -15.50 11.27 8.15
C MET B 54 -15.48 11.46 6.63
N GLY B 55 -16.51 12.06 6.10
CA GLY B 55 -16.59 12.30 4.62
C GLY B 55 -15.41 13.18 4.22
N GLN B 56 -15.08 14.12 5.06
CA GLN B 56 -13.95 15.05 4.74
C GLN B 56 -12.62 14.35 5.02
N VAL B 57 -12.64 13.36 5.87
CA VAL B 57 -11.37 12.65 6.19
C VAL B 57 -10.87 11.91 4.95
N GLY B 58 -11.76 11.25 4.25
CA GLY B 58 -11.33 10.48 3.04
C GLY B 58 -10.82 11.45 1.97
N ARG B 59 -11.48 12.57 1.81
CA ARG B 59 -11.05 13.54 0.77
C ARG B 59 -9.64 14.04 1.04
N GLN B 60 -9.33 14.34 2.27
CA GLN B 60 -7.97 14.86 2.58
C GLN B 60 -6.92 13.76 2.39
N LEU B 61 -7.15 12.60 2.96
CA LEU B 61 -6.18 11.49 2.79
C LEU B 61 -6.01 11.14 1.30
N ALA B 62 -7.03 11.39 0.51
CA ALA B 62 -6.93 11.07 -0.94
C ALA B 62 -6.06 12.12 -1.64
N ILE B 63 -5.73 13.17 -0.95
CA ILE B 63 -4.88 14.24 -1.56
C ILE B 63 -3.43 14.03 -1.14
N ILE B 64 -3.20 13.84 0.14
CA ILE B 64 -1.81 13.65 0.62
C ILE B 64 -1.24 12.36 0.03
N GLY B 65 -2.09 11.38 -0.20
CA GLY B 65 -1.60 10.09 -0.76
C GLY B 65 -2.07 9.99 -2.22
N ASP B 66 -1.95 11.05 -2.97
CA ASP B 66 -2.40 10.99 -4.41
C ASP B 66 -1.20 10.65 -5.30
N ASP B 67 -0.18 11.45 -5.26
CA ASP B 67 1.03 11.18 -6.10
C ASP B 67 1.79 9.98 -5.56
N ILE B 68 1.96 9.92 -4.27
CA ILE B 68 2.71 8.80 -3.66
C ILE B 68 1.97 7.49 -3.94
N ASN B 69 0.68 7.55 -4.15
CA ASN B 69 -0.07 6.30 -4.44
C ASN B 69 0.24 5.85 -5.86
N ARG B 70 0.15 6.76 -6.81
CA ARG B 70 0.45 6.39 -8.23
C ARG B 70 1.93 6.04 -8.42
N ARG B 71 2.81 6.63 -7.64
CA ARG B 71 4.27 6.37 -7.83
C ARG B 71 4.54 4.87 -7.90
N TYR B 72 4.08 4.11 -6.94
CA TYR B 72 4.30 2.64 -6.98
C TYR B 72 2.96 1.91 -7.13
N ASP B 73 2.19 2.28 -8.13
CA ASP B 73 0.88 1.60 -8.33
C ASP B 73 0.95 0.70 -9.57
N SER B 74 1.67 1.11 -10.57
CA SER B 74 1.76 0.27 -11.80
C SER B 74 2.43 -1.06 -11.46
N GLU B 75 3.22 -1.09 -10.42
CA GLU B 75 3.91 -2.37 -10.06
C GLU B 75 3.10 -3.17 -9.04
N PHE B 76 2.14 -2.57 -8.36
CA PHE B 76 1.37 -3.36 -7.37
C PHE B 76 0.50 -4.36 -8.13
N GLN B 77 -0.13 -3.91 -9.19
CA GLN B 77 -1.01 -4.83 -9.98
C GLN B 77 -0.16 -5.84 -10.76
N THR B 78 0.99 -5.42 -11.25
CA THR B 78 1.83 -6.33 -12.06
C THR B 78 2.23 -7.56 -11.23
N MET B 79 2.71 -7.34 -10.04
CA MET B 79 3.10 -8.49 -9.17
C MET B 79 1.85 -9.19 -8.63
N LEU B 80 0.78 -8.47 -8.42
CA LEU B 80 -0.46 -9.09 -7.87
C LEU B 80 -0.96 -10.17 -8.83
N GLN B 81 -0.84 -9.92 -10.11
CA GLN B 81 -1.30 -10.91 -11.11
C GLN B 81 -0.47 -12.19 -10.97
N HIS B 82 0.79 -12.03 -10.67
CA HIS B 82 1.68 -13.22 -10.52
C HIS B 82 1.33 -13.94 -9.21
N LEU B 83 0.52 -13.33 -8.38
CA LEU B 83 0.14 -13.99 -7.10
C LEU B 83 -1.01 -14.94 -7.39
N GLN B 84 -2.11 -14.41 -7.86
CA GLN B 84 -3.29 -15.28 -8.14
C GLN B 84 -3.70 -15.98 -6.84
N PRO B 85 -4.13 -15.22 -5.87
CA PRO B 85 -4.55 -15.76 -4.53
C PRO B 85 -5.92 -16.45 -4.59
N THR B 86 -6.39 -16.95 -3.48
CA THR B 86 -7.71 -17.65 -3.44
C THR B 86 -8.52 -17.14 -2.24
N ALA B 87 -9.78 -17.48 -2.20
CA ALA B 87 -10.65 -17.02 -1.07
C ALA B 87 -10.26 -17.78 0.21
N GLU B 88 -9.55 -18.87 0.06
CA GLU B 88 -9.14 -19.67 1.25
C GLU B 88 -7.85 -19.09 1.82
N ASN B 89 -7.02 -18.54 0.98
CA ASN B 89 -5.72 -17.97 1.43
C ASN B 89 -5.65 -16.48 1.12
N ALA B 90 -6.77 -15.81 1.07
CA ALA B 90 -6.76 -14.34 0.77
C ALA B 90 -6.11 -13.56 1.93
N TYR B 91 -6.42 -13.93 3.14
CA TYR B 91 -5.85 -13.22 4.32
C TYR B 91 -4.44 -13.72 4.60
N GLU B 92 -4.07 -14.84 4.04
CA GLU B 92 -2.70 -15.38 4.25
C GLU B 92 -1.72 -14.58 3.41
N TYR B 93 -2.19 -13.89 2.41
CA TYR B 93 -1.27 -13.08 1.57
C TYR B 93 -1.33 -11.63 2.02
N PHE B 94 -2.52 -11.12 2.26
CA PHE B 94 -2.65 -9.70 2.68
C PHE B 94 -1.89 -9.49 3.99
N THR B 95 -2.09 -10.35 4.94
CA THR B 95 -1.39 -10.18 6.24
C THR B 95 0.13 -10.27 6.04
N CYS B 96 0.57 -10.78 4.92
CA CYS B 96 2.04 -10.89 4.68
C CYS B 96 2.56 -9.56 4.13
N ILE B 97 1.95 -8.98 3.12
CA ILE B 97 2.47 -7.68 2.63
C ILE B 97 2.39 -6.68 3.79
N ALA B 98 1.28 -6.65 4.49
CA ALA B 98 1.18 -5.67 5.62
C ALA B 98 2.29 -5.92 6.63
N THR B 99 2.28 -7.05 7.30
CA THR B 99 3.36 -7.32 8.31
C THR B 99 4.73 -7.06 7.68
N SER B 100 4.85 -7.23 6.39
CA SER B 100 6.15 -7.00 5.71
C SER B 100 6.37 -5.51 5.44
N LEU B 101 5.33 -4.73 5.46
CA LEU B 101 5.49 -3.28 5.20
C LEU B 101 5.72 -2.53 6.51
N PHE B 102 4.88 -2.73 7.49
CA PHE B 102 5.05 -2.03 8.79
C PHE B 102 6.18 -2.69 9.59
N GLU B 103 6.85 -3.65 8.99
CA GLU B 103 7.95 -4.33 9.73
C GLU B 103 8.98 -3.30 10.21
N SER B 104 9.23 -2.29 9.43
CA SER B 104 10.24 -1.27 9.85
C SER B 104 9.66 -0.38 10.93
N GLY B 105 8.39 -0.10 10.88
CA GLY B 105 7.77 0.79 11.91
C GLY B 105 6.34 1.16 11.45
N ILE B 106 5.76 2.15 12.07
CA ILE B 106 4.38 2.58 11.69
C ILE B 106 4.35 4.09 11.47
N ASN B 107 3.71 4.53 10.41
CA ASN B 107 3.62 6.00 10.16
C ASN B 107 2.36 6.32 9.35
N TRP B 108 2.03 7.58 9.22
CA TRP B 108 0.81 7.94 8.46
C TRP B 108 0.94 7.47 7.02
N GLY B 109 2.15 7.47 6.49
CA GLY B 109 2.36 7.02 5.08
C GLY B 109 2.16 5.51 4.97
N ARG B 110 2.48 4.79 6.02
CA ARG B 110 2.32 3.32 5.99
C ARG B 110 0.86 2.96 6.21
N VAL B 111 0.10 3.86 6.77
CA VAL B 111 -1.34 3.56 6.99
C VAL B 111 -2.10 3.82 5.68
N VAL B 112 -1.88 4.97 5.08
CA VAL B 112 -2.58 5.28 3.80
C VAL B 112 -2.13 4.30 2.72
N ALA B 113 -0.89 3.91 2.75
CA ALA B 113 -0.39 2.95 1.74
C ALA B 113 -1.11 1.62 1.91
N LEU B 114 -1.43 1.26 3.13
CA LEU B 114 -2.13 -0.03 3.36
C LEU B 114 -3.51 0.00 2.70
N LEU B 115 -4.30 1.00 2.99
CA LEU B 115 -5.66 1.07 2.37
C LEU B 115 -5.54 1.20 0.85
N GLY B 116 -4.57 1.93 0.37
CA GLY B 116 -4.43 2.11 -1.10
C GLY B 116 -4.28 0.74 -1.80
N PHE B 117 -3.49 -0.14 -1.25
CA PHE B 117 -3.32 -1.47 -1.90
C PHE B 117 -4.32 -2.48 -1.29
N GLY B 118 -5.31 -1.97 -0.60
CA GLY B 118 -6.34 -2.86 0.01
C GLY B 118 -7.64 -2.82 -0.77
N TYR B 119 -7.66 -2.19 -1.92
CA TYR B 119 -8.93 -2.10 -2.71
C TYR B 119 -8.92 -3.13 -3.85
N ARG B 120 -8.26 -2.80 -4.94
CA ARG B 120 -8.21 -3.72 -6.12
C ARG B 120 -8.07 -5.17 -5.65
N LEU B 121 -7.37 -5.39 -4.58
CA LEU B 121 -7.22 -6.79 -4.08
C LEU B 121 -8.60 -7.40 -3.86
N ALA B 122 -9.48 -6.72 -3.17
CA ALA B 122 -10.85 -7.31 -2.95
C ALA B 122 -11.65 -7.30 -4.27
N LEU B 123 -11.59 -6.22 -5.00
CA LEU B 123 -12.34 -6.14 -6.30
C LEU B 123 -11.80 -7.18 -7.27
N HIS B 124 -10.55 -7.52 -7.14
CA HIS B 124 -9.93 -8.53 -8.04
C HIS B 124 -10.70 -9.85 -7.93
N VAL B 125 -11.14 -10.17 -6.73
CA VAL B 125 -11.88 -11.43 -6.53
C VAL B 125 -13.30 -11.23 -7.05
N TYR B 126 -13.86 -10.07 -6.80
CA TYR B 126 -15.24 -9.82 -7.27
C TYR B 126 -15.36 -10.11 -8.76
N GLN B 127 -14.58 -9.45 -9.60
CA GLN B 127 -14.69 -9.72 -11.06
C GLN B 127 -14.46 -11.20 -11.32
N HIS B 128 -13.40 -11.78 -10.79
CA HIS B 128 -13.14 -13.23 -11.00
C HIS B 128 -14.46 -14.00 -11.01
N GLY B 129 -15.36 -13.71 -10.11
CA GLY B 129 -16.67 -14.41 -10.09
C GLY B 129 -17.11 -14.66 -8.65
N LEU B 130 -16.28 -14.32 -7.70
CA LEU B 130 -16.68 -14.54 -6.28
C LEU B 130 -17.51 -13.35 -5.77
N THR B 131 -18.73 -13.25 -6.21
CA THR B 131 -19.59 -12.11 -5.75
C THR B 131 -19.82 -12.22 -4.24
N GLY B 132 -19.73 -11.12 -3.54
CA GLY B 132 -19.94 -11.15 -2.06
C GLY B 132 -18.59 -11.19 -1.33
N PHE B 133 -17.68 -10.32 -1.70
CA PHE B 133 -16.34 -10.29 -1.06
C PHE B 133 -16.17 -8.97 -0.29
N LEU B 134 -16.94 -7.98 -0.65
CA LEU B 134 -16.82 -6.66 0.04
C LEU B 134 -17.06 -6.87 1.54
N GLY B 135 -18.08 -7.61 1.88
CA GLY B 135 -18.35 -7.86 3.33
C GLY B 135 -17.19 -8.66 3.94
N GLN B 136 -16.56 -9.51 3.15
CA GLN B 136 -15.45 -10.34 3.72
C GLN B 136 -14.22 -9.48 4.02
N VAL B 137 -13.79 -8.65 3.09
CA VAL B 137 -12.60 -7.81 3.35
C VAL B 137 -12.84 -6.88 4.54
N THR B 138 -14.05 -6.40 4.72
CA THR B 138 -14.33 -5.49 5.87
C THR B 138 -14.17 -6.27 7.19
N ARG B 139 -14.95 -7.30 7.36
CA ARG B 139 -14.86 -8.12 8.62
C ARG B 139 -13.54 -8.87 8.68
N PHE B 140 -12.56 -8.47 7.88
CA PHE B 140 -11.24 -9.15 7.89
C PHE B 140 -10.18 -8.13 8.30
N VAL B 141 -10.19 -6.96 7.69
CA VAL B 141 -9.17 -5.94 8.07
C VAL B 141 -9.45 -5.44 9.48
N VAL B 142 -10.68 -5.14 9.80
CA VAL B 142 -10.99 -4.66 11.17
C VAL B 142 -10.48 -5.66 12.21
N ASP B 143 -10.62 -6.93 11.96
CA ASP B 143 -10.12 -7.93 12.94
C ASP B 143 -8.59 -7.85 13.00
N PHE B 144 -7.95 -7.67 11.88
CA PHE B 144 -6.46 -7.56 11.84
C PHE B 144 -5.99 -6.28 12.54
N MET B 145 -6.69 -5.20 12.33
CA MET B 145 -6.27 -3.90 12.95
C MET B 145 -6.39 -4.00 14.48
N LEU B 146 -7.40 -4.66 14.95
CA LEU B 146 -7.61 -4.79 16.41
C LEU B 146 -6.71 -5.90 16.95
N HIS B 147 -6.31 -6.83 16.11
CA HIS B 147 -5.43 -7.94 16.57
C HIS B 147 -3.98 -7.48 16.54
N HIS B 148 -3.68 -6.57 15.65
CA HIS B 148 -2.28 -6.07 15.55
C HIS B 148 -2.11 -4.85 16.44
N CYS B 149 -3.05 -4.54 17.30
CA CYS B 149 -2.90 -3.36 18.18
C CYS B 149 -2.85 -2.08 17.34
N ILE B 150 -3.35 -2.11 16.13
CA ILE B 150 -3.36 -0.89 15.28
C ILE B 150 -4.37 0.10 15.85
N ALA B 151 -5.47 -0.39 16.33
CA ALA B 151 -6.51 0.54 16.86
C ALA B 151 -5.93 1.39 18.00
N ARG B 152 -5.21 0.80 18.91
CA ARG B 152 -4.63 1.60 20.02
C ARG B 152 -3.78 2.74 19.46
N TRP B 153 -2.73 2.44 18.73
CA TRP B 153 -1.86 3.49 18.17
C TRP B 153 -2.71 4.64 17.59
N ILE B 154 -3.65 4.33 16.75
CA ILE B 154 -4.50 5.40 16.16
C ILE B 154 -5.15 6.20 17.30
N ALA B 155 -5.58 5.52 18.33
CA ALA B 155 -6.20 6.22 19.48
C ALA B 155 -5.18 7.15 20.15
N GLN B 156 -3.95 6.72 20.26
CA GLN B 156 -2.90 7.56 20.91
C GLN B 156 -2.52 8.72 19.98
N ARG B 157 -2.78 8.59 18.72
CA ARG B 157 -2.43 9.69 17.75
C ARG B 157 -3.53 10.76 17.76
N GLY B 158 -4.59 10.54 18.48
CA GLY B 158 -5.69 11.55 18.53
C GLY B 158 -6.88 11.04 17.70
N GLY B 159 -6.92 9.75 17.44
CA GLY B 159 -8.05 9.20 16.65
C GLY B 159 -7.96 9.64 15.19
N TRP B 160 -8.96 9.34 14.41
CA TRP B 160 -8.95 9.75 12.98
C TRP B 160 -9.23 11.25 12.89
N VAL B 161 -9.64 11.85 13.97
CA VAL B 161 -9.91 13.32 13.97
C VAL B 161 -8.58 14.07 13.90
N ALA B 162 -7.48 13.39 14.07
CA ALA B 162 -6.16 14.08 14.01
C ALA B 162 -5.77 14.31 12.55
N ALA B 163 -6.54 13.79 11.63
CA ALA B 163 -6.22 13.97 10.19
C ALA B 163 -6.33 15.47 9.83
N LEU B 164 -7.31 16.13 10.37
CA LEU B 164 -7.49 17.58 10.08
C LEU B 164 -6.29 18.36 10.62
N ASN B 165 -5.55 17.78 11.52
CA ASN B 165 -4.37 18.49 12.10
C ASN B 165 -3.09 18.05 11.38
N LEU B 166 -3.19 17.64 10.14
CA LEU B 166 -1.97 17.21 9.38
C LEU B 166 -1.54 18.34 8.44
N GLY B 167 -0.91 18.02 7.33
CA GLY B 167 -0.45 19.09 6.39
C GLY B 167 -1.66 19.91 5.90
N ASN B 168 -2.34 19.45 4.90
CA ASN B 168 -3.52 20.20 4.38
C ASN B 168 -4.63 20.18 5.42
N GLY B 169 -4.50 19.35 6.43
CA GLY B 169 -5.55 19.30 7.48
C GLY B 169 -6.92 19.14 6.83
N MET A 1 29.85 2.31 -11.50
CA MET A 1 29.28 3.57 -10.94
C MET A 1 28.78 3.31 -9.52
N GLN A 2 28.31 4.32 -8.85
CA GLN A 2 27.80 4.16 -7.46
C GLN A 2 26.31 4.52 -7.43
N ILE A 3 25.50 3.65 -6.87
CA ILE A 3 24.03 3.90 -6.79
C ILE A 3 23.63 4.00 -5.31
N PHE A 4 22.45 4.49 -5.04
CA PHE A 4 21.98 4.62 -3.62
C PHE A 4 20.60 3.97 -3.48
N VAL A 5 20.50 2.95 -2.67
CA VAL A 5 19.19 2.26 -2.48
C VAL A 5 18.50 2.80 -1.23
N LYS A 6 17.22 3.10 -1.33
CA LYS A 6 16.48 3.63 -0.15
C LYS A 6 15.59 2.54 0.45
N THR A 7 15.67 2.33 1.74
CA THR A 7 14.81 1.30 2.38
C THR A 7 13.58 1.96 2.99
N LEU A 8 12.69 1.18 3.57
CA LEU A 8 11.46 1.77 4.18
C LEU A 8 11.74 2.18 5.63
N THR A 9 12.94 1.98 6.09
CA THR A 9 13.27 2.36 7.50
C THR A 9 13.97 3.71 7.51
N GLY A 10 14.16 4.31 6.36
CA GLY A 10 14.84 5.63 6.32
C GLY A 10 16.35 5.43 6.27
N LYS A 11 16.79 4.22 6.01
CA LYS A 11 18.25 3.94 5.94
C LYS A 11 18.66 3.83 4.47
N THR A 12 19.68 4.56 4.09
CA THR A 12 20.15 4.54 2.67
C THR A 12 21.53 3.88 2.60
N ILE A 13 21.69 2.88 1.75
CA ILE A 13 23.00 2.19 1.63
C ILE A 13 23.58 2.39 0.22
N THR A 14 24.84 2.74 0.14
CA THR A 14 25.48 2.95 -1.19
C THR A 14 25.82 1.59 -1.83
N LEU A 15 26.06 1.58 -3.10
CA LEU A 15 26.40 0.29 -3.78
C LEU A 15 27.25 0.59 -5.03
N GLU A 16 28.33 -0.14 -5.22
CA GLU A 16 29.19 0.09 -6.41
C GLU A 16 28.90 -1.00 -7.44
N VAL A 17 28.26 -0.64 -8.52
CA VAL A 17 27.92 -1.63 -9.58
C VAL A 17 28.23 -1.05 -10.96
N GLU A 18 28.03 -1.80 -12.01
CA GLU A 18 28.33 -1.29 -13.38
C GLU A 18 27.09 -1.47 -14.27
N PRO A 19 26.90 -0.64 -15.26
CA PRO A 19 25.73 -0.76 -16.19
C PRO A 19 25.63 -2.13 -16.87
N SER A 20 26.69 -2.87 -16.90
CA SER A 20 26.65 -4.22 -17.55
C SER A 20 26.40 -5.29 -16.48
N ASP A 21 26.28 -4.89 -15.24
CA ASP A 21 26.04 -5.88 -14.16
C ASP A 21 24.60 -6.39 -14.23
N THR A 22 24.37 -7.63 -13.89
CA THR A 22 22.98 -8.18 -13.94
C THR A 22 22.27 -7.92 -12.60
N ILE A 23 20.96 -7.90 -12.62
CA ILE A 23 20.17 -7.65 -11.39
C ILE A 23 20.44 -8.80 -10.40
N GLU A 24 20.73 -9.97 -10.90
CA GLU A 24 21.02 -11.11 -9.99
C GLU A 24 22.33 -10.84 -9.21
N ASN A 25 23.25 -10.16 -9.84
CA ASN A 25 24.54 -9.85 -9.14
C ASN A 25 24.34 -8.78 -8.07
N VAL A 26 23.61 -7.74 -8.37
CA VAL A 26 23.44 -6.67 -7.34
C VAL A 26 22.70 -7.24 -6.11
N LYS A 27 21.73 -8.12 -6.27
CA LYS A 27 21.05 -8.62 -5.05
C LYS A 27 22.03 -9.45 -4.23
N ALA A 28 22.89 -10.18 -4.88
CA ALA A 28 23.89 -10.98 -4.10
C ALA A 28 24.76 -10.01 -3.31
N LYS A 29 25.05 -8.86 -3.86
CA LYS A 29 25.90 -7.87 -3.13
C LYS A 29 25.16 -7.37 -1.87
N ILE A 30 23.88 -7.13 -1.99
CA ILE A 30 23.11 -6.64 -0.80
C ILE A 30 23.13 -7.68 0.32
N GLN A 31 22.87 -8.92 0.01
CA GLN A 31 22.87 -9.94 1.09
C GLN A 31 24.31 -10.15 1.58
N ASP A 32 25.27 -9.93 0.73
CA ASP A 32 26.69 -10.12 1.14
C ASP A 32 27.13 -9.01 2.09
N LYS A 33 26.49 -7.87 2.01
CA LYS A 33 26.84 -6.72 2.89
C LYS A 33 25.68 -6.41 3.82
N GLU A 34 24.57 -7.11 3.68
CA GLU A 34 23.40 -6.84 4.57
C GLU A 34 22.89 -8.15 5.15
N GLY A 35 22.72 -9.14 4.32
CA GLY A 35 22.22 -10.45 4.82
C GLY A 35 20.73 -10.61 4.52
N ILE A 36 20.23 -9.93 3.52
CA ILE A 36 18.78 -10.06 3.19
C ILE A 36 18.60 -11.08 2.07
N PRO A 37 18.00 -12.22 2.33
CA PRO A 37 17.82 -13.26 1.28
C PRO A 37 17.18 -12.69 -0.01
N PRO A 38 17.75 -12.96 -1.19
CA PRO A 38 17.19 -12.45 -2.49
C PRO A 38 15.71 -12.80 -2.71
N ASP A 39 15.21 -13.82 -2.07
CA ASP A 39 13.79 -14.22 -2.26
C ASP A 39 12.83 -13.17 -1.67
N GLN A 40 13.29 -12.33 -0.77
CA GLN A 40 12.38 -11.30 -0.16
C GLN A 40 12.84 -9.90 -0.61
N GLN A 41 13.03 -9.71 -1.88
CA GLN A 41 13.47 -8.37 -2.41
C GLN A 41 12.55 -7.94 -3.55
N ARG A 42 12.01 -6.75 -3.45
CA ARG A 42 11.07 -6.24 -4.51
C ARG A 42 11.53 -4.84 -4.97
N LEU A 43 12.61 -4.79 -5.71
CA LEU A 43 13.13 -3.49 -6.22
C LEU A 43 12.03 -2.76 -7.00
N ILE A 44 12.07 -1.45 -7.02
CA ILE A 44 11.05 -0.67 -7.78
C ILE A 44 11.71 0.55 -8.43
N PHE A 45 11.52 0.73 -9.71
CA PHE A 45 12.11 1.90 -10.41
C PHE A 45 11.11 2.47 -11.41
N ALA A 46 10.76 3.72 -11.26
CA ALA A 46 9.79 4.35 -12.21
C ALA A 46 8.44 3.63 -12.12
N GLY A 47 8.11 3.10 -10.98
CA GLY A 47 6.81 2.40 -10.85
C GLY A 47 6.82 1.14 -11.72
N LYS A 48 7.97 0.55 -11.90
CA LYS A 48 8.06 -0.67 -12.76
C LYS A 48 8.86 -1.75 -12.03
N GLN A 49 8.35 -2.95 -11.97
CA GLN A 49 9.08 -4.04 -11.27
C GLN A 49 10.16 -4.63 -12.19
N LEU A 50 11.37 -4.15 -12.08
CA LEU A 50 12.48 -4.67 -12.94
C LEU A 50 12.43 -6.20 -12.95
N GLU A 51 12.74 -6.81 -14.07
CA GLU A 51 12.69 -8.30 -14.12
C GLU A 51 14.08 -8.83 -13.75
N ASP A 52 14.26 -10.13 -13.73
CA ASP A 52 15.59 -10.70 -13.37
C ASP A 52 16.33 -11.18 -14.61
N GLY A 53 15.73 -11.07 -15.77
CA GLY A 53 16.41 -11.52 -17.03
C GLY A 53 16.90 -10.34 -17.86
N ARG A 54 16.91 -9.16 -17.31
CA ARG A 54 17.37 -7.96 -18.09
C ARG A 54 18.50 -7.25 -17.34
N THR A 55 19.22 -6.39 -18.02
CA THR A 55 20.35 -5.66 -17.37
C THR A 55 19.89 -4.26 -16.91
N LEU A 56 20.78 -3.49 -16.36
CA LEU A 56 20.41 -2.10 -15.89
C LEU A 56 20.25 -1.18 -17.12
N SER A 57 21.06 -1.39 -18.13
CA SER A 57 20.99 -0.55 -19.34
C SER A 57 19.62 -0.74 -20.00
N ASP A 58 19.02 -1.88 -19.77
CA ASP A 58 17.68 -2.15 -20.38
C ASP A 58 16.68 -1.11 -19.88
N TYR A 59 16.76 -0.73 -18.64
CA TYR A 59 15.80 0.27 -18.12
C TYR A 59 16.36 1.68 -18.30
N ASN A 60 17.63 1.79 -18.62
CA ASN A 60 18.27 3.12 -18.84
C ASN A 60 18.65 3.73 -17.48
N ILE A 61 18.98 2.91 -16.52
CA ILE A 61 19.36 3.48 -15.19
C ILE A 61 20.77 4.07 -15.25
N GLN A 62 20.88 5.35 -15.01
CA GLN A 62 22.22 6.00 -15.05
C GLN A 62 22.91 5.89 -13.67
N LYS A 63 23.88 6.72 -13.42
CA LYS A 63 24.59 6.67 -12.10
C LYS A 63 23.84 7.54 -11.08
N GLU A 64 24.16 7.40 -9.82
CA GLU A 64 23.48 8.22 -8.77
C GLU A 64 21.97 8.03 -8.87
N SER A 65 21.53 6.85 -9.19
CA SER A 65 20.06 6.59 -9.29
C SER A 65 19.55 6.03 -7.97
N THR A 66 18.29 6.24 -7.68
CA THR A 66 17.72 5.73 -6.40
C THR A 66 16.59 4.74 -6.70
N LEU A 67 16.59 3.62 -6.01
CA LEU A 67 15.53 2.59 -6.24
C LEU A 67 14.87 2.20 -4.91
N HIS A 68 13.56 2.17 -4.89
CA HIS A 68 12.83 1.80 -3.64
C HIS A 68 12.90 0.28 -3.42
N LEU A 69 12.70 -0.15 -2.20
CA LEU A 69 12.77 -1.62 -1.89
C LEU A 69 11.57 -2.04 -1.01
N VAL A 70 10.68 -2.89 -1.51
CA VAL A 70 9.54 -3.34 -0.64
C VAL A 70 9.93 -4.68 0.00
N LEU A 71 9.02 -5.59 0.11
CA LEU A 71 9.33 -6.91 0.74
C LEU A 71 8.10 -7.80 0.65
N ARG A 72 8.26 -9.04 0.27
CA ARG A 72 7.10 -9.96 0.16
C ARG A 72 7.25 -11.17 1.10
N LEU A 73 8.24 -11.17 1.95
CA LEU A 73 8.40 -12.32 2.87
C LEU A 73 9.13 -11.88 4.15
N ARG A 74 9.57 -12.83 4.94
CA ARG A 74 10.27 -12.51 6.22
C ARG A 74 9.22 -12.10 7.26
N GLY A 75 8.13 -11.56 6.80
CA GLY A 75 7.05 -11.14 7.75
C GLY A 75 6.05 -12.28 7.92
N CYS A 76 6.28 -13.38 7.24
CA CYS A 76 5.35 -14.54 7.36
C CYS A 76 5.92 -15.74 6.63
N ALA B 1 -16.82 16.55 15.72
CA ALA B 1 -17.23 15.64 16.82
C ALA B 1 -16.48 16.01 18.10
N LEU B 2 -16.55 15.17 19.09
CA LEU B 2 -15.86 15.46 20.38
C LEU B 2 -14.44 14.87 20.34
N PRO B 3 -13.52 15.44 21.09
CA PRO B 3 -12.11 14.93 21.13
C PRO B 3 -11.99 13.60 21.87
N SER B 4 -10.87 12.94 21.74
CA SER B 4 -10.68 11.62 22.43
C SER B 4 -11.49 10.55 21.70
N ALA B 5 -11.11 9.31 21.84
CA ALA B 5 -11.85 8.21 21.15
C ALA B 5 -11.34 6.86 21.67
N SER B 6 -12.19 5.86 21.67
CA SER B 6 -11.77 4.52 22.15
C SER B 6 -11.61 3.56 20.96
N GLU B 7 -11.13 2.38 21.21
CA GLU B 7 -10.96 1.41 20.10
C GLU B 7 -12.34 0.94 19.65
N GLU B 8 -13.34 1.16 20.45
CA GLU B 8 -14.71 0.73 20.09
C GLU B 8 -15.25 1.63 18.97
N GLN B 9 -14.96 2.91 19.02
CA GLN B 9 -15.47 3.83 17.98
C GLN B 9 -14.46 3.93 16.83
N VAL B 10 -13.26 3.45 17.03
CA VAL B 10 -12.24 3.52 15.94
C VAL B 10 -12.61 2.50 14.86
N ALA B 11 -13.16 1.38 15.24
CA ALA B 11 -13.51 0.34 14.24
C ALA B 11 -14.67 0.84 13.35
N GLN B 12 -15.48 1.73 13.86
CA GLN B 12 -16.63 2.21 13.03
C GLN B 12 -16.14 3.33 12.10
N ASP B 13 -15.25 4.18 12.55
CA ASP B 13 -14.76 5.27 11.66
C ASP B 13 -13.69 4.72 10.72
N THR B 14 -13.20 3.54 10.99
CA THR B 14 -12.18 2.93 10.10
C THR B 14 -12.87 2.33 8.88
N GLU B 15 -13.97 1.68 9.07
CA GLU B 15 -14.67 1.09 7.90
C GLU B 15 -15.35 2.20 7.09
N GLU B 16 -15.85 3.20 7.76
CA GLU B 16 -16.51 4.33 7.04
C GLU B 16 -15.46 5.14 6.27
N VAL B 17 -14.31 5.32 6.85
CA VAL B 17 -13.23 6.10 6.16
C VAL B 17 -12.50 5.19 5.17
N PHE B 18 -12.71 3.90 5.28
CA PHE B 18 -12.05 2.93 4.35
C PHE B 18 -12.71 3.02 2.97
N ARG B 19 -14.02 3.07 2.94
CA ARG B 19 -14.71 3.16 1.63
C ARG B 19 -14.79 4.62 1.18
N SER B 20 -15.08 5.52 2.10
CA SER B 20 -15.16 6.95 1.72
C SER B 20 -13.86 7.37 1.04
N TYR B 21 -12.77 6.75 1.42
CA TYR B 21 -11.46 7.12 0.84
C TYR B 21 -11.31 6.44 -0.51
N VAL B 22 -11.52 5.16 -0.55
CA VAL B 22 -11.39 4.42 -1.82
C VAL B 22 -12.48 4.89 -2.80
N PHE B 23 -13.58 5.37 -2.30
CA PHE B 23 -14.65 5.84 -3.22
C PHE B 23 -14.23 7.16 -3.87
N TYR B 24 -13.90 8.14 -3.08
CA TYR B 24 -13.47 9.46 -3.66
C TYR B 24 -12.19 9.28 -4.50
N ARG B 25 -11.42 8.28 -4.20
CA ARG B 25 -10.17 8.05 -4.98
C ARG B 25 -10.52 7.46 -6.34
N HIS B 26 -11.44 6.54 -6.38
CA HIS B 26 -11.83 5.91 -7.67
C HIS B 26 -12.77 6.83 -8.44
N GLN B 27 -13.50 7.66 -7.75
CA GLN B 27 -14.45 8.57 -8.44
C GLN B 27 -13.67 9.52 -9.36
N GLN B 28 -12.55 10.02 -8.88
CA GLN B 28 -11.73 10.95 -9.72
C GLN B 28 -10.94 10.13 -10.75
N GLU B 29 -10.45 8.99 -10.36
CA GLU B 29 -9.65 8.14 -11.31
C GLU B 29 -10.53 7.72 -12.49
N GLN B 30 -11.82 7.74 -12.29
CA GLN B 30 -12.76 7.35 -13.38
C GLN B 30 -12.66 8.34 -14.55
N GLU B 31 -12.47 9.60 -14.25
CA GLU B 31 -12.39 10.62 -15.32
C GLU B 31 -11.15 10.36 -16.18
N ALA B 32 -10.05 10.04 -15.56
CA ALA B 32 -8.81 9.80 -16.34
C ALA B 32 -8.88 8.42 -17.02
N GLU B 33 -8.96 7.37 -16.25
CA GLU B 33 -9.03 6.00 -16.83
C GLU B 33 -10.21 5.24 -16.21
N GLY B 34 -10.40 4.01 -16.60
CA GLY B 34 -11.53 3.20 -16.05
C GLY B 34 -10.98 1.90 -15.46
N VAL B 35 -9.70 1.82 -15.25
CA VAL B 35 -9.11 0.57 -14.68
C VAL B 35 -9.84 0.22 -13.37
N ALA B 36 -10.23 -1.01 -13.23
CA ALA B 36 -10.94 -1.42 -11.98
C ALA B 36 -12.09 -0.45 -11.71
N ALA B 37 -12.71 0.04 -12.74
CA ALA B 37 -13.84 1.01 -12.58
C ALA B 37 -15.00 0.33 -11.80
N PRO B 38 -15.86 1.12 -11.21
CA PRO B 38 -17.01 0.59 -10.40
C PRO B 38 -18.09 -0.05 -11.29
N ALA B 39 -19.18 -0.46 -10.72
CA ALA B 39 -20.26 -1.09 -11.52
C ALA B 39 -21.16 -0.02 -12.13
N ASP B 40 -20.58 1.00 -12.73
CA ASP B 40 -21.40 2.06 -13.37
C ASP B 40 -22.25 2.77 -12.30
N PRO B 41 -22.67 3.99 -12.53
CA PRO B 41 -23.50 4.77 -11.54
C PRO B 41 -24.92 4.22 -11.43
N GLU B 42 -25.16 3.30 -10.53
CA GLU B 42 -26.53 2.74 -10.38
C GLU B 42 -26.76 2.35 -8.92
N MET B 43 -27.64 1.42 -8.67
CA MET B 43 -27.90 0.99 -7.26
C MET B 43 -26.67 0.24 -6.73
N VAL B 44 -25.88 -0.33 -7.61
CA VAL B 44 -24.66 -1.06 -7.17
C VAL B 44 -23.54 -0.07 -6.86
N THR B 45 -23.86 1.19 -6.76
CA THR B 45 -22.81 2.21 -6.45
C THR B 45 -22.47 2.10 -4.97
N LEU B 46 -21.60 2.95 -4.48
CA LEU B 46 -21.21 2.88 -3.03
C LEU B 46 -21.90 4.02 -2.26
N PRO B 47 -23.03 3.78 -1.61
CA PRO B 47 -23.75 4.83 -0.84
C PRO B 47 -23.08 5.17 0.49
N LEU B 48 -22.11 6.06 0.46
CA LEU B 48 -21.40 6.45 1.71
C LEU B 48 -22.23 7.54 2.42
N GLN B 49 -21.76 8.00 3.55
CA GLN B 49 -22.49 9.07 4.31
C GLN B 49 -21.56 10.29 4.51
N PRO B 50 -21.46 11.14 3.50
CA PRO B 50 -20.60 12.36 3.57
C PRO B 50 -21.16 13.37 4.57
N SER B 51 -22.32 13.11 5.09
CA SER B 51 -22.94 14.06 6.05
C SER B 51 -22.13 14.04 7.35
N SER B 52 -21.27 13.07 7.53
CA SER B 52 -20.46 13.01 8.78
C SER B 52 -19.10 13.65 8.56
N THR B 53 -18.43 14.01 9.63
CA THR B 53 -17.08 14.64 9.52
C THR B 53 -16.10 13.68 8.84
N MET B 54 -16.31 12.40 8.98
CA MET B 54 -15.37 11.41 8.37
C MET B 54 -15.35 11.60 6.85
N GLY B 55 -16.38 12.23 6.32
CA GLY B 55 -16.44 12.48 4.86
C GLY B 55 -15.26 13.36 4.45
N GLN B 56 -14.89 14.30 5.28
CA GLN B 56 -13.77 15.21 4.95
C GLN B 56 -12.43 14.51 5.24
N VAL B 57 -12.45 13.51 6.06
CA VAL B 57 -11.19 12.79 6.39
C VAL B 57 -10.70 12.04 5.15
N GLY B 58 -11.59 11.41 4.44
CA GLY B 58 -11.18 10.64 3.23
C GLY B 58 -10.67 11.62 2.17
N ARG B 59 -11.35 12.72 2.00
CA ARG B 59 -10.93 13.73 0.98
C ARG B 59 -9.50 14.20 1.26
N GLN B 60 -9.16 14.47 2.49
CA GLN B 60 -7.78 14.94 2.77
C GLN B 60 -6.78 13.79 2.53
N LEU B 61 -7.02 12.65 3.11
CA LEU B 61 -6.08 11.50 2.94
C LEU B 61 -5.92 11.14 1.45
N ALA B 62 -6.94 11.38 0.67
CA ALA B 62 -6.87 11.04 -0.79
C ALA B 62 -6.01 12.09 -1.49
N ILE B 63 -5.68 13.14 -0.81
CA ILE B 63 -4.84 14.21 -1.42
C ILE B 63 -3.38 13.99 -1.00
N ILE B 64 -3.13 13.78 0.27
CA ILE B 64 -1.74 13.57 0.73
C ILE B 64 -1.18 12.29 0.14
N GLY B 65 -2.03 11.32 -0.14
CA GLY B 65 -1.56 10.03 -0.72
C GLY B 65 -2.03 9.91 -2.17
N ASP B 66 -1.89 10.96 -2.93
CA ASP B 66 -2.35 10.89 -4.36
C ASP B 66 -1.16 10.54 -5.27
N ASP B 67 -0.12 11.32 -5.22
CA ASP B 67 1.08 11.04 -6.07
C ASP B 67 1.83 9.82 -5.54
N ILE B 68 2.01 9.75 -4.25
CA ILE B 68 2.75 8.61 -3.65
C ILE B 68 2.01 7.31 -3.93
N ASN B 69 0.73 7.38 -4.16
CA ASN B 69 -0.05 6.14 -4.45
C ASN B 69 0.25 5.67 -5.86
N ARG B 70 0.16 6.55 -6.82
CA ARG B 70 0.44 6.17 -8.24
C ARG B 70 1.91 5.83 -8.43
N ARG B 71 2.79 6.39 -7.65
CA ARG B 71 4.25 6.12 -7.83
C ARG B 71 4.51 4.62 -7.89
N TYR B 72 4.05 3.86 -6.91
CA TYR B 72 4.26 2.39 -6.95
C TYR B 72 2.92 1.67 -7.08
N ASP B 73 2.13 2.04 -8.07
CA ASP B 73 0.82 1.36 -8.25
C ASP B 73 0.88 0.45 -9.48
N SER B 74 1.62 0.86 -10.49
CA SER B 74 1.73 0.05 -11.72
C SER B 74 2.49 -1.24 -11.44
N GLU B 75 3.35 -1.24 -10.45
CA GLU B 75 4.11 -2.46 -10.12
C GLU B 75 3.30 -3.28 -9.12
N PHE B 76 2.37 -2.64 -8.46
CA PHE B 76 1.54 -3.36 -7.47
C PHE B 76 0.64 -4.34 -8.20
N GLN B 77 0.00 -3.89 -9.24
CA GLN B 77 -0.90 -4.80 -10.00
C GLN B 77 -0.08 -5.81 -10.81
N THR B 78 1.06 -5.40 -11.30
CA THR B 78 1.90 -6.31 -12.14
C THR B 78 2.29 -7.55 -11.32
N MET B 79 2.77 -7.37 -10.11
CA MET B 79 3.16 -8.54 -9.28
C MET B 79 1.91 -9.23 -8.73
N LEU B 80 0.86 -8.50 -8.55
CA LEU B 80 -0.39 -9.12 -8.02
C LEU B 80 -0.88 -10.21 -8.97
N GLN B 81 -0.71 -9.99 -10.25
CA GLN B 81 -1.16 -10.98 -11.24
C GLN B 81 -0.32 -12.25 -11.10
N HIS B 82 0.93 -12.11 -10.76
CA HIS B 82 1.81 -13.30 -10.62
C HIS B 82 1.49 -14.01 -9.31
N LEU B 83 0.68 -13.40 -8.47
CA LEU B 83 0.35 -14.05 -7.18
C LEU B 83 -0.83 -14.98 -7.43
N GLN B 84 -1.95 -14.45 -7.87
CA GLN B 84 -3.13 -15.31 -8.14
C GLN B 84 -3.54 -16.02 -6.85
N PRO B 85 -3.97 -15.28 -5.87
CA PRO B 85 -4.39 -15.82 -4.55
C PRO B 85 -5.76 -16.51 -4.61
N THR B 86 -6.22 -17.03 -3.51
CA THR B 86 -7.55 -17.73 -3.50
C THR B 86 -8.36 -17.25 -2.31
N ALA B 87 -9.62 -17.59 -2.25
CA ALA B 87 -10.48 -17.15 -1.13
C ALA B 87 -10.09 -17.93 0.13
N GLU B 88 -9.37 -19.01 -0.02
CA GLU B 88 -8.97 -19.81 1.17
C GLU B 88 -7.65 -19.27 1.74
N ASN B 89 -6.82 -18.73 0.89
CA ASN B 89 -5.50 -18.18 1.35
C ASN B 89 -5.41 -16.69 1.04
N ALA B 90 -6.52 -16.01 0.99
CA ALA B 90 -6.50 -14.55 0.70
C ALA B 90 -5.85 -13.79 1.86
N TYR B 91 -6.17 -14.18 3.07
CA TYR B 91 -5.62 -13.50 4.28
C TYR B 91 -4.20 -14.01 4.56
N GLU B 92 -3.84 -15.12 3.99
CA GLU B 92 -2.48 -15.68 4.19
C GLU B 92 -1.48 -14.91 3.33
N TYR B 93 -1.95 -14.25 2.32
CA TYR B 93 -1.03 -13.47 1.44
C TYR B 93 -1.08 -12.00 1.85
N PHE B 94 -2.26 -11.47 2.09
CA PHE B 94 -2.37 -10.04 2.50
C PHE B 94 -1.64 -9.82 3.82
N THR B 95 -1.85 -10.68 4.79
CA THR B 95 -1.18 -10.52 6.10
C THR B 95 0.34 -10.60 5.92
N CYS B 96 0.79 -11.15 4.82
CA CYS B 96 2.26 -11.26 4.61
C CYS B 96 2.81 -9.93 4.10
N ILE B 97 2.18 -9.33 3.11
CA ILE B 97 2.69 -8.03 2.62
C ILE B 97 2.62 -7.01 3.77
N ALA B 98 1.52 -6.97 4.49
CA ALA B 98 1.42 -5.99 5.61
C ALA B 98 2.52 -6.26 6.64
N THR B 99 2.49 -7.37 7.30
CA THR B 99 3.55 -7.67 8.31
C THR B 99 4.92 -7.43 7.68
N SER B 100 5.03 -7.65 6.42
CA SER B 100 6.33 -7.46 5.74
C SER B 100 6.56 -5.96 5.47
N LEU B 101 5.50 -5.17 5.51
CA LEU B 101 5.63 -3.70 5.25
C LEU B 101 5.89 -2.95 6.57
N PHE B 102 5.05 -3.15 7.57
CA PHE B 102 5.25 -2.45 8.88
C PHE B 102 6.41 -3.11 9.63
N GLU B 103 7.07 -4.05 9.03
CA GLU B 103 8.17 -4.74 9.75
C GLU B 103 9.21 -3.72 10.23
N SER B 104 9.47 -2.71 9.44
CA SER B 104 10.48 -1.70 9.84
C SER B 104 9.91 -0.80 10.95
N GLY B 105 8.64 -0.50 10.89
CA GLY B 105 8.03 0.40 11.92
C GLY B 105 6.62 0.79 11.48
N ILE B 106 6.04 1.78 12.11
CA ILE B 106 4.66 2.21 11.73
C ILE B 106 4.63 3.74 11.50
N ASN B 107 4.00 4.17 10.44
CA ASN B 107 3.94 5.64 10.15
C ASN B 107 2.66 5.97 9.36
N TRP B 108 2.34 7.23 9.23
CA TRP B 108 1.13 7.62 8.47
C TRP B 108 1.27 7.17 7.02
N GLY B 109 2.46 7.13 6.51
CA GLY B 109 2.65 6.70 5.10
C GLY B 109 2.41 5.19 5.00
N ARG B 110 2.69 4.48 6.06
CA ARG B 110 2.51 3.00 6.03
C ARG B 110 1.04 2.63 6.24
N VAL B 111 0.23 3.52 6.79
CA VAL B 111 -1.20 3.12 6.99
C VAL B 111 -1.96 3.44 5.68
N VAL B 112 -1.70 4.57 5.06
CA VAL B 112 -2.39 4.91 3.79
C VAL B 112 -1.94 3.95 2.70
N ALA B 113 -0.69 3.57 2.72
CA ALA B 113 -0.19 2.63 1.69
C ALA B 113 -0.92 1.29 1.84
N LEU B 114 -1.24 0.91 3.06
CA LEU B 114 -1.93 -0.38 3.27
C LEU B 114 -3.29 -0.34 2.56
N LEU B 115 -4.04 0.70 2.81
CA LEU B 115 -5.39 0.87 2.18
C LEU B 115 -5.26 0.99 0.66
N GLY B 116 -4.27 1.71 0.18
CA GLY B 116 -4.13 1.87 -1.29
C GLY B 116 -3.99 0.51 -1.99
N PHE B 117 -3.20 -0.39 -1.47
CA PHE B 117 -3.08 -1.73 -2.14
C PHE B 117 -4.06 -2.71 -1.51
N GLY B 118 -5.04 -2.20 -0.80
CA GLY B 118 -6.06 -3.08 -0.16
C GLY B 118 -7.38 -3.03 -0.95
N TYR B 119 -7.38 -2.39 -2.09
CA TYR B 119 -8.64 -2.30 -2.89
C TYR B 119 -8.60 -3.31 -4.03
N ARG B 120 -7.93 -2.97 -5.11
CA ARG B 120 -7.84 -3.90 -6.27
C ARG B 120 -7.72 -5.33 -5.76
N LEU B 121 -7.01 -5.52 -4.71
CA LEU B 121 -6.86 -6.89 -4.14
C LEU B 121 -8.24 -7.51 -3.95
N ALA B 122 -9.11 -6.84 -3.23
CA ALA B 122 -10.47 -7.39 -3.01
C ALA B 122 -11.28 -7.36 -4.33
N LEU B 123 -11.21 -6.27 -5.05
CA LEU B 123 -11.95 -6.17 -6.35
C LEU B 123 -11.42 -7.24 -7.33
N HIS B 124 -10.17 -7.58 -7.20
CA HIS B 124 -9.57 -8.60 -8.11
C HIS B 124 -10.36 -9.91 -7.98
N VAL B 125 -10.84 -10.18 -6.81
CA VAL B 125 -11.61 -11.44 -6.58
C VAL B 125 -13.04 -11.23 -7.10
N TYR B 126 -13.59 -10.07 -6.87
CA TYR B 126 -14.97 -9.79 -7.35
C TYR B 126 -15.11 -10.11 -8.84
N GLN B 127 -14.34 -9.47 -9.68
CA GLN B 127 -14.47 -9.74 -11.14
C GLN B 127 -14.27 -11.22 -11.40
N HIS B 128 -13.21 -11.81 -10.87
CA HIS B 128 -12.95 -13.26 -11.06
C HIS B 128 -14.27 -14.01 -11.07
N GLY B 129 -15.16 -13.72 -10.14
CA GLY B 129 -16.48 -14.41 -10.15
C GLY B 129 -16.95 -14.65 -8.71
N LEU B 130 -16.14 -14.32 -7.73
CA LEU B 130 -16.54 -14.54 -6.31
C LEU B 130 -17.35 -13.34 -5.79
N THR B 131 -18.59 -13.23 -6.21
CA THR B 131 -19.44 -12.08 -5.74
C THR B 131 -19.69 -12.17 -4.23
N GLY B 132 -19.63 -11.06 -3.54
CA GLY B 132 -19.88 -11.08 -2.06
C GLY B 132 -18.54 -11.09 -1.33
N PHE B 133 -17.68 -10.18 -1.67
CA PHE B 133 -16.33 -10.08 -1.06
C PHE B 133 -16.20 -8.80 -0.23
N LEU B 134 -16.95 -7.79 -0.58
CA LEU B 134 -16.84 -6.49 0.13
C LEU B 134 -17.10 -6.70 1.62
N GLY B 135 -18.14 -7.40 1.96
CA GLY B 135 -18.43 -7.64 3.39
C GLY B 135 -17.31 -8.46 4.01
N GLN B 136 -16.67 -9.30 3.23
CA GLN B 136 -15.58 -10.14 3.79
C GLN B 136 -14.34 -9.28 4.08
N VAL B 137 -13.91 -8.46 3.15
CA VAL B 137 -12.70 -7.61 3.39
C VAL B 137 -12.92 -6.69 4.59
N THR B 138 -14.12 -6.22 4.79
CA THR B 138 -14.38 -5.31 5.94
C THR B 138 -14.21 -6.10 7.24
N ARG B 139 -14.99 -7.14 7.41
CA ARG B 139 -14.90 -7.95 8.65
C ARG B 139 -13.56 -8.69 8.70
N PHE B 140 -12.57 -8.28 7.94
CA PHE B 140 -11.25 -8.96 7.97
C PHE B 140 -10.19 -7.95 8.40
N VAL B 141 -10.16 -6.79 7.80
CA VAL B 141 -9.14 -5.78 8.17
C VAL B 141 -9.39 -5.30 9.59
N VAL B 142 -10.61 -4.97 9.90
CA VAL B 142 -10.93 -4.48 11.28
C VAL B 142 -10.39 -5.48 12.31
N ASP B 143 -10.49 -6.75 12.03
CA ASP B 143 -9.98 -7.76 13.01
C ASP B 143 -8.45 -7.65 13.08
N PHE B 144 -7.80 -7.47 11.96
CA PHE B 144 -6.31 -7.34 11.96
C PHE B 144 -5.87 -6.06 12.68
N MET B 145 -6.58 -4.99 12.47
CA MET B 145 -6.17 -3.70 13.11
C MET B 145 -6.33 -3.78 14.63
N LEU B 146 -7.35 -4.43 15.09
CA LEU B 146 -7.56 -4.56 16.55
C LEU B 146 -6.65 -5.67 17.10
N HIS B 147 -6.21 -6.55 16.23
CA HIS B 147 -5.34 -7.66 16.69
C HIS B 147 -3.88 -7.20 16.64
N HIS B 148 -3.58 -6.30 15.76
CA HIS B 148 -2.19 -5.81 15.65
C HIS B 148 -2.00 -4.57 16.54
N CYS B 149 -2.94 -4.27 17.40
CA CYS B 149 -2.80 -3.08 18.29
C CYS B 149 -2.75 -1.79 17.45
N ILE B 150 -3.27 -1.82 16.25
CA ILE B 150 -3.27 -0.60 15.39
C ILE B 150 -4.28 0.39 15.94
N ALA B 151 -5.39 -0.09 16.42
CA ALA B 151 -6.43 0.84 16.93
C ALA B 151 -5.85 1.68 18.07
N ARG B 152 -5.15 1.08 18.98
CA ARG B 152 -4.57 1.87 20.11
C ARG B 152 -3.71 3.02 19.54
N TRP B 153 -2.67 2.70 18.83
CA TRP B 153 -1.78 3.77 18.26
C TRP B 153 -2.63 4.90 17.67
N ILE B 154 -3.57 4.59 16.83
CA ILE B 154 -4.43 5.66 16.25
C ILE B 154 -5.09 6.44 17.38
N ALA B 155 -5.50 5.75 18.42
CA ALA B 155 -6.15 6.45 19.57
C ALA B 155 -5.12 7.37 20.24
N GLN B 156 -3.90 6.92 20.34
CA GLN B 156 -2.83 7.74 20.98
C GLN B 156 -2.46 8.90 20.05
N ARG B 157 -2.71 8.75 18.78
CA ARG B 157 -2.37 9.81 17.80
C ARG B 157 -3.47 10.89 17.80
N GLY B 158 -4.56 10.64 18.48
CA GLY B 158 -5.66 11.65 18.53
C GLY B 158 -6.85 11.14 17.71
N GLY B 159 -6.89 9.86 17.47
CA GLY B 159 -8.02 9.30 16.69
C GLY B 159 -7.92 9.74 15.21
N TRP B 160 -8.93 9.46 14.44
CA TRP B 160 -8.92 9.87 13.02
C TRP B 160 -9.21 11.37 12.92
N VAL B 161 -9.62 11.96 14.01
CA VAL B 161 -9.89 13.42 13.99
C VAL B 161 -8.57 14.18 13.93
N ALA B 162 -7.46 13.50 14.07
CA ALA B 162 -6.15 14.19 14.02
C ALA B 162 -5.76 14.41 12.55
N ALA B 163 -6.54 13.91 11.64
CA ALA B 163 -6.22 14.09 10.20
C ALA B 163 -6.35 15.58 9.84
N LEU B 164 -7.33 16.24 10.37
CA LEU B 164 -7.52 17.68 10.07
C LEU B 164 -6.32 18.47 10.61
N ASN B 165 -5.61 17.89 11.55
CA ASN B 165 -4.44 18.62 12.13
C ASN B 165 -3.16 18.18 11.40
N LEU B 166 -3.27 17.81 10.16
CA LEU B 166 -2.06 17.37 9.38
C LEU B 166 -1.62 18.51 8.45
N GLY B 167 -1.02 18.18 7.34
CA GLY B 167 -0.56 19.23 6.39
C GLY B 167 -1.75 20.06 5.90
N ASN B 168 -2.43 19.60 4.88
CA ASN B 168 -3.60 20.37 4.36
C ASN B 168 -4.71 20.36 5.40
N GLY B 169 -4.59 19.55 6.42
CA GLY B 169 -5.63 19.50 7.46
C GLY B 169 -7.02 19.38 6.82
N MET A 1 29.57 4.14 -10.24
CA MET A 1 28.81 5.38 -9.91
C MET A 1 28.21 5.24 -8.51
N GLN A 2 27.56 6.27 -8.02
CA GLN A 2 26.94 6.20 -6.66
C GLN A 2 25.42 6.38 -6.78
N ILE A 3 24.66 5.49 -6.16
CA ILE A 3 23.17 5.59 -6.22
C ILE A 3 22.60 5.80 -4.81
N PHE A 4 21.34 6.15 -4.71
CA PHE A 4 20.73 6.37 -3.36
C PHE A 4 19.45 5.54 -3.23
N VAL A 5 19.39 4.63 -2.31
CA VAL A 5 18.16 3.81 -2.14
C VAL A 5 17.29 4.39 -1.03
N LYS A 6 16.01 4.50 -1.25
CA LYS A 6 15.10 5.07 -0.20
C LYS A 6 14.28 3.96 0.43
N THR A 7 14.24 3.88 1.75
CA THR A 7 13.45 2.81 2.42
C THR A 7 12.08 3.36 2.84
N LEU A 8 11.26 2.55 3.43
CA LEU A 8 9.90 3.02 3.84
C LEU A 8 9.99 3.63 5.24
N THR A 9 11.15 3.65 5.83
CA THR A 9 11.31 4.23 7.20
C THR A 9 11.84 5.67 7.09
N GLY A 10 12.07 6.14 5.90
CA GLY A 10 12.60 7.52 5.74
C GLY A 10 14.12 7.50 5.83
N LYS A 11 14.72 6.34 5.76
CA LYS A 11 16.21 6.24 5.83
C LYS A 11 16.77 6.03 4.44
N THR A 12 17.73 6.82 4.04
CA THR A 12 18.33 6.65 2.68
C THR A 12 19.78 6.17 2.81
N ILE A 13 20.12 5.10 2.13
CA ILE A 13 21.52 4.57 2.23
C ILE A 13 22.21 4.68 0.86
N THR A 14 23.40 5.22 0.83
CA THR A 14 24.10 5.37 -0.47
C THR A 14 24.65 4.00 -0.90
N LEU A 15 25.01 3.86 -2.14
CA LEU A 15 25.54 2.56 -2.63
C LEU A 15 26.46 2.80 -3.83
N GLU A 16 27.61 2.19 -3.85
CA GLU A 16 28.54 2.39 -5.01
C GLU A 16 28.48 1.16 -5.93
N VAL A 17 27.89 1.31 -7.09
CA VAL A 17 27.79 0.16 -8.04
C VAL A 17 28.13 0.62 -9.45
N GLU A 18 28.08 -0.27 -10.42
CA GLU A 18 28.41 0.12 -11.83
C GLU A 18 27.28 -0.33 -12.79
N PRO A 19 27.05 0.40 -13.89
CA PRO A 19 25.97 0.06 -14.89
C PRO A 19 26.07 -1.38 -15.40
N SER A 20 27.21 -2.01 -15.23
CA SER A 20 27.38 -3.42 -15.70
C SER A 20 27.12 -4.39 -14.55
N ASP A 21 26.79 -3.87 -13.39
CA ASP A 21 26.53 -4.77 -12.22
C ASP A 21 25.16 -5.43 -12.37
N THR A 22 25.01 -6.63 -11.89
CA THR A 22 23.71 -7.34 -12.01
C THR A 22 22.84 -7.04 -10.78
N ILE A 23 21.54 -7.18 -10.89
CA ILE A 23 20.63 -6.89 -9.74
C ILE A 23 20.93 -7.85 -8.58
N GLU A 24 21.37 -9.05 -8.87
CA GLU A 24 21.68 -10.01 -7.76
C GLU A 24 22.88 -9.53 -6.97
N ASN A 25 23.77 -8.82 -7.61
CA ASN A 25 24.97 -8.30 -6.90
C ASN A 25 24.57 -7.14 -6.00
N VAL A 26 23.76 -6.25 -6.52
CA VAL A 26 23.33 -5.09 -5.71
C VAL A 26 22.60 -5.59 -4.47
N LYS A 27 21.77 -6.59 -4.61
CA LYS A 27 21.04 -7.12 -3.42
C LYS A 27 22.03 -7.66 -2.39
N ALA A 28 23.07 -8.32 -2.84
CA ALA A 28 24.08 -8.86 -1.88
C ALA A 28 24.77 -7.71 -1.15
N LYS A 29 24.98 -6.60 -1.81
CA LYS A 29 25.65 -5.44 -1.16
C LYS A 29 24.75 -4.86 -0.07
N ILE A 30 23.46 -4.82 -0.31
CA ILE A 30 22.54 -4.25 0.72
C ILE A 30 22.57 -5.14 1.98
N GLN A 31 22.51 -6.43 1.80
CA GLN A 31 22.54 -7.35 2.97
C GLN A 31 23.94 -7.30 3.61
N ASP A 32 24.95 -7.03 2.84
CA ASP A 32 26.34 -7.00 3.39
C ASP A 32 26.52 -5.72 4.21
N LYS A 33 25.75 -4.71 3.93
CA LYS A 33 25.89 -3.43 4.69
C LYS A 33 24.61 -3.15 5.48
N GLU A 34 23.60 -4.00 5.32
CA GLU A 34 22.32 -3.78 6.07
C GLU A 34 21.92 -5.07 6.77
N GLY A 35 21.94 -6.16 6.07
CA GLY A 35 21.54 -7.46 6.70
C GLY A 35 20.12 -7.83 6.28
N ILE A 36 19.67 -7.34 5.16
CA ILE A 36 18.28 -7.68 4.70
C ILE A 36 18.34 -8.84 3.69
N PRO A 37 17.84 -10.03 4.04
CA PRO A 37 17.86 -11.22 3.11
C PRO A 37 17.31 -10.90 1.68
N PRO A 38 18.05 -11.25 0.60
CA PRO A 38 17.60 -10.97 -0.81
C PRO A 38 16.22 -11.56 -1.11
N ASP A 39 15.82 -12.56 -0.38
CA ASP A 39 14.48 -13.17 -0.64
C ASP A 39 13.38 -12.19 -0.21
N GLN A 40 13.71 -11.22 0.61
CA GLN A 40 12.68 -10.24 1.08
C GLN A 40 13.01 -8.84 0.53
N GLN A 41 13.31 -8.74 -0.74
CA GLN A 41 13.65 -7.41 -1.34
C GLN A 41 12.81 -7.19 -2.60
N ARG A 42 12.14 -6.06 -2.71
CA ARG A 42 11.27 -5.78 -3.90
C ARG A 42 11.63 -4.40 -4.49
N LEU A 43 12.79 -4.30 -5.08
CA LEU A 43 13.22 -2.99 -5.68
C LEU A 43 12.15 -2.49 -6.67
N ILE A 44 12.07 -1.18 -6.87
CA ILE A 44 11.05 -0.63 -7.84
C ILE A 44 11.64 0.57 -8.58
N PHE A 45 11.57 0.56 -9.89
CA PHE A 45 12.09 1.72 -10.68
C PHE A 45 11.16 2.04 -11.84
N ALA A 46 10.62 3.23 -11.90
CA ALA A 46 9.69 3.61 -13.01
C ALA A 46 8.45 2.71 -12.97
N GLY A 47 8.07 2.26 -11.81
CA GLY A 47 6.87 1.39 -11.70
C GLY A 47 7.12 0.05 -12.41
N LYS A 48 8.34 -0.43 -12.41
CA LYS A 48 8.64 -1.75 -13.09
C LYS A 48 9.49 -2.62 -12.16
N GLN A 49 9.11 -3.85 -11.99
CA GLN A 49 9.89 -4.76 -11.10
C GLN A 49 11.12 -5.28 -11.85
N LEU A 50 12.24 -4.61 -11.73
CA LEU A 50 13.49 -5.09 -12.44
C LEU A 50 13.64 -6.60 -12.25
N GLU A 51 14.17 -7.28 -13.22
CA GLU A 51 14.36 -8.75 -13.11
C GLU A 51 15.75 -9.03 -12.51
N ASP A 52 16.04 -10.28 -12.24
CA ASP A 52 17.38 -10.63 -11.67
C ASP A 52 18.31 -11.16 -12.77
N GLY A 53 17.81 -11.27 -13.97
CA GLY A 53 18.64 -11.79 -15.10
C GLY A 53 19.04 -10.63 -16.03
N ARG A 54 18.81 -9.40 -15.62
CA ARG A 54 19.17 -8.22 -16.48
C ARG A 54 20.14 -7.30 -15.74
N THR A 55 20.85 -6.46 -16.45
CA THR A 55 21.82 -5.54 -15.79
C THR A 55 21.17 -4.17 -15.56
N LEU A 56 21.92 -3.22 -15.06
CA LEU A 56 21.35 -1.86 -14.81
C LEU A 56 21.23 -1.11 -16.15
N SER A 57 22.16 -1.33 -17.05
CA SER A 57 22.11 -0.65 -18.36
C SER A 57 20.87 -1.09 -19.10
N ASP A 58 20.37 -2.27 -18.80
CA ASP A 58 19.17 -2.77 -19.50
C ASP A 58 18.01 -1.82 -19.24
N TYR A 59 17.93 -1.29 -18.05
CA TYR A 59 16.82 -0.35 -17.73
C TYR A 59 17.26 1.08 -18.07
N ASN A 60 18.53 1.30 -18.31
CA ASN A 60 19.01 2.67 -18.65
C ASN A 60 19.17 3.50 -17.36
N ILE A 61 19.51 2.86 -16.27
CA ILE A 61 19.69 3.63 -14.98
C ILE A 61 21.01 4.41 -15.03
N GLN A 62 20.94 5.71 -14.95
CA GLN A 62 22.19 6.52 -14.99
C GLN A 62 22.74 6.66 -13.56
N LYS A 63 23.57 7.63 -13.33
CA LYS A 63 24.15 7.82 -11.97
C LYS A 63 23.21 8.69 -11.12
N GLU A 64 23.42 8.73 -9.81
CA GLU A 64 22.54 9.58 -8.93
C GLU A 64 21.06 9.19 -9.11
N SER A 65 20.79 7.92 -9.31
CA SER A 65 19.37 7.46 -9.49
C SER A 65 18.79 7.00 -8.14
N THR A 66 17.48 7.06 -7.98
CA THR A 66 16.85 6.62 -6.68
C THR A 66 15.90 5.44 -6.94
N LEU A 67 15.95 4.41 -6.10
CA LEU A 67 15.05 3.23 -6.31
C LEU A 67 14.28 2.94 -5.00
N HIS A 68 12.97 2.77 -5.06
CA HIS A 68 12.17 2.47 -3.82
C HIS A 68 12.45 1.04 -3.38
N LEU A 69 12.22 0.73 -2.12
CA LEU A 69 12.45 -0.67 -1.62
C LEU A 69 11.24 -1.15 -0.80
N VAL A 70 10.53 -2.14 -1.28
CA VAL A 70 9.35 -2.66 -0.50
C VAL A 70 9.78 -3.87 0.36
N LEU A 71 8.97 -4.87 0.46
CA LEU A 71 9.34 -6.06 1.29
C LEU A 71 8.22 -7.09 1.21
N ARG A 72 8.56 -8.35 0.99
CA ARG A 72 7.52 -9.43 0.92
C ARG A 72 7.76 -10.47 2.02
N LEU A 73 8.69 -10.21 2.91
CA LEU A 73 9.00 -11.15 4.03
C LEU A 73 8.74 -12.61 3.63
N ARG A 74 9.45 -13.11 2.66
CA ARG A 74 9.24 -14.51 2.22
C ARG A 74 9.42 -15.47 3.41
N GLY A 75 8.61 -16.49 3.48
CA GLY A 75 8.71 -17.45 4.61
C GLY A 75 7.48 -17.30 5.51
N CYS A 76 6.52 -16.53 5.05
CA CYS A 76 5.27 -16.33 5.85
C CYS A 76 4.82 -17.66 6.45
N ALA B 1 -16.81 16.53 15.74
CA ALA B 1 -17.22 15.62 16.85
C ALA B 1 -16.46 15.98 18.12
N LEU B 2 -16.51 15.15 19.12
CA LEU B 2 -15.80 15.44 20.39
C LEU B 2 -14.38 14.85 20.35
N PRO B 3 -13.46 15.41 21.11
CA PRO B 3 -12.05 14.93 21.17
C PRO B 3 -11.92 13.59 21.90
N SER B 4 -10.79 12.94 21.79
CA SER B 4 -10.60 11.64 22.49
C SER B 4 -11.40 10.56 21.76
N ALA B 5 -11.00 9.31 21.91
CA ALA B 5 -11.75 8.22 21.22
C ALA B 5 -11.24 6.86 21.73
N SER B 6 -12.07 5.85 21.73
CA SER B 6 -11.63 4.50 22.21
C SER B 6 -11.49 3.56 21.01
N GLU B 7 -11.03 2.36 21.26
CA GLU B 7 -10.88 1.40 20.14
C GLU B 7 -12.24 0.91 19.70
N GLU B 8 -13.24 1.13 20.51
CA GLU B 8 -14.61 0.67 20.13
C GLU B 8 -15.17 1.57 19.02
N GLN B 9 -14.90 2.86 19.07
CA GLN B 9 -15.42 3.78 18.03
C GLN B 9 -14.40 3.90 16.88
N VAL B 10 -13.21 3.40 17.07
CA VAL B 10 -12.19 3.47 15.98
C VAL B 10 -12.51 2.44 14.91
N ALA B 11 -13.05 1.31 15.29
CA ALA B 11 -13.37 0.25 14.29
C ALA B 11 -14.53 0.73 13.42
N GLN B 12 -15.33 1.61 13.92
CA GLN B 12 -16.47 2.11 13.12
C GLN B 12 -15.98 3.21 12.16
N ASP B 13 -15.10 4.06 12.63
CA ASP B 13 -14.60 5.16 11.74
C ASP B 13 -13.53 4.62 10.78
N THR B 14 -13.03 3.44 11.03
CA THR B 14 -12.00 2.87 10.10
C THR B 14 -12.68 2.28 8.87
N GLU B 15 -13.80 1.65 9.05
CA GLU B 15 -14.52 1.05 7.91
C GLU B 15 -15.19 2.16 7.09
N GLU B 16 -15.69 3.18 7.76
CA GLU B 16 -16.36 4.29 7.04
C GLU B 16 -15.33 5.13 6.27
N VAL B 17 -14.15 5.30 6.82
CA VAL B 17 -13.10 6.11 6.12
C VAL B 17 -12.35 5.23 5.15
N PHE B 18 -12.57 3.93 5.21
CA PHE B 18 -11.88 3.02 4.28
C PHE B 18 -12.55 3.06 2.92
N ARG B 19 -13.86 3.12 2.91
CA ARG B 19 -14.58 3.16 1.61
C ARG B 19 -14.71 4.61 1.16
N SER B 20 -15.03 5.49 2.06
CA SER B 20 -15.17 6.92 1.66
C SER B 20 -13.86 7.39 1.03
N TYR B 21 -12.77 6.77 1.39
CA TYR B 21 -11.46 7.18 0.82
C TYR B 21 -11.27 6.49 -0.53
N VAL B 22 -11.42 5.19 -0.57
CA VAL B 22 -11.26 4.46 -1.86
C VAL B 22 -12.33 4.94 -2.84
N PHE B 23 -13.44 5.42 -2.33
CA PHE B 23 -14.51 5.90 -3.25
C PHE B 23 -14.10 7.21 -3.91
N TYR B 24 -13.79 8.21 -3.12
CA TYR B 24 -13.36 9.51 -3.71
C TYR B 24 -12.09 9.32 -4.54
N ARG B 25 -11.34 8.30 -4.28
CA ARG B 25 -10.09 8.07 -5.07
C ARG B 25 -10.43 7.44 -6.43
N HIS B 26 -11.35 6.52 -6.45
CA HIS B 26 -11.71 5.87 -7.74
C HIS B 26 -12.67 6.77 -8.53
N GLN B 27 -13.39 7.62 -7.85
CA GLN B 27 -14.34 8.52 -8.56
C GLN B 27 -13.55 9.46 -9.48
N GLN B 28 -12.42 9.95 -9.03
CA GLN B 28 -11.62 10.88 -9.88
C GLN B 28 -10.80 10.07 -10.89
N GLU B 29 -10.30 8.93 -10.50
CA GLU B 29 -9.49 8.10 -11.44
C GLU B 29 -10.36 7.64 -12.60
N GLN B 30 -11.66 7.66 -12.43
CA GLN B 30 -12.58 7.24 -13.53
C GLN B 30 -12.50 8.24 -14.68
N GLU B 31 -12.27 9.49 -14.36
CA GLU B 31 -12.19 10.51 -15.45
C GLU B 31 -10.94 10.28 -16.30
N ALA B 32 -9.84 9.98 -15.66
CA ALA B 32 -8.59 9.75 -16.43
C ALA B 32 -8.64 8.36 -17.10
N GLU B 33 -8.69 7.31 -16.31
CA GLU B 33 -8.74 5.93 -16.90
C GLU B 33 -9.90 5.16 -16.27
N GLY B 34 -10.07 3.92 -16.65
CA GLY B 34 -11.19 3.10 -16.07
C GLY B 34 -10.63 1.80 -15.48
N VAL B 35 -9.35 1.73 -15.27
CA VAL B 35 -8.75 0.49 -14.70
C VAL B 35 -9.48 0.14 -13.39
N ALA B 36 -9.86 -1.09 -13.22
CA ALA B 36 -10.57 -1.50 -11.97
C ALA B 36 -11.71 -0.52 -11.68
N ALA B 37 -12.34 -0.01 -12.71
CA ALA B 37 -13.46 0.95 -12.51
C ALA B 37 -14.59 0.27 -11.72
N PRO B 38 -15.48 1.05 -11.13
CA PRO B 38 -16.62 0.52 -10.33
C PRO B 38 -17.69 -0.13 -11.21
N ALA B 39 -18.77 -0.56 -10.63
CA ALA B 39 -19.85 -1.20 -11.43
C ALA B 39 -20.75 -0.12 -12.05
N ASP B 40 -20.17 0.89 -12.62
CA ASP B 40 -21.00 1.98 -13.23
C ASP B 40 -21.85 2.67 -12.14
N PRO B 41 -22.29 3.88 -12.39
CA PRO B 41 -23.12 4.66 -11.41
C PRO B 41 -24.55 4.11 -11.29
N GLU B 42 -24.77 3.18 -10.38
CA GLU B 42 -26.14 2.59 -10.21
C GLU B 42 -26.35 2.21 -8.74
N MET B 43 -27.22 1.26 -8.48
CA MET B 43 -27.47 0.85 -7.07
C MET B 43 -26.25 0.11 -6.54
N VAL B 44 -25.48 -0.47 -7.43
CA VAL B 44 -24.28 -1.21 -6.96
C VAL B 44 -23.16 -0.22 -6.65
N THR B 45 -23.48 1.05 -6.53
CA THR B 45 -22.44 2.06 -6.21
C THR B 45 -22.06 1.96 -4.73
N LEU B 46 -21.17 2.80 -4.26
CA LEU B 46 -20.77 2.73 -2.81
C LEU B 46 -21.48 3.88 -2.02
N PRO B 47 -22.63 3.62 -1.38
CA PRO B 47 -23.37 4.66 -0.60
C PRO B 47 -22.70 4.99 0.74
N LEU B 48 -21.74 5.89 0.73
CA LEU B 48 -21.04 6.26 1.99
C LEU B 48 -21.86 7.31 2.73
N GLN B 49 -21.41 7.74 3.89
CA GLN B 49 -22.16 8.78 4.67
C GLN B 49 -21.28 10.03 4.84
N PRO B 50 -21.25 10.91 3.85
CA PRO B 50 -20.43 12.16 3.91
C PRO B 50 -21.01 13.19 4.86
N SER B 51 -22.17 12.93 5.38
CA SER B 51 -22.80 13.90 6.31
C SER B 51 -22.03 13.89 7.64
N SER B 52 -21.16 12.92 7.84
CA SER B 52 -20.38 12.85 9.11
C SER B 52 -19.01 13.51 8.91
N THR B 53 -18.35 13.88 9.97
CA THR B 53 -17.00 14.52 9.86
C THR B 53 -16.02 13.56 9.19
N MET B 54 -16.25 12.28 9.33
CA MET B 54 -15.32 11.28 8.71
C MET B 54 -15.32 11.47 7.18
N GLY B 55 -16.32 12.11 6.65
CA GLY B 55 -16.39 12.33 5.19
C GLY B 55 -15.23 13.23 4.76
N GLN B 56 -14.86 14.17 5.60
CA GLN B 56 -13.75 15.09 5.24
C GLN B 56 -12.41 14.39 5.51
N VAL B 57 -12.42 13.35 6.31
CA VAL B 57 -11.16 12.62 6.61
C VAL B 57 -10.67 11.88 5.37
N GLY B 58 -11.58 11.29 4.63
CA GLY B 58 -11.17 10.55 3.41
C GLY B 58 -10.71 11.53 2.33
N ARG B 59 -11.42 12.59 2.15
CA ARG B 59 -11.02 13.59 1.12
C ARG B 59 -9.60 14.09 1.39
N GLN B 60 -9.28 14.38 2.62
CA GLN B 60 -7.90 14.87 2.94
C GLN B 60 -6.87 13.75 2.72
N LEU B 61 -7.08 12.62 3.33
CA LEU B 61 -6.11 11.50 3.17
C LEU B 61 -5.95 11.16 1.67
N ALA B 62 -6.94 11.45 0.88
CA ALA B 62 -6.86 11.14 -0.57
C ALA B 62 -6.02 12.20 -1.27
N ILE B 63 -5.72 13.27 -0.60
CA ILE B 63 -4.90 14.34 -1.23
C ILE B 63 -3.42 14.15 -0.85
N ILE B 64 -3.14 13.93 0.41
CA ILE B 64 -1.73 13.75 0.86
C ILE B 64 -1.17 12.47 0.25
N GLY B 65 -2.02 11.51 -0.05
CA GLY B 65 -1.53 10.24 -0.65
C GLY B 65 -2.03 10.12 -2.08
N ASP B 66 -1.90 11.17 -2.85
CA ASP B 66 -2.36 11.12 -4.27
C ASP B 66 -1.17 10.77 -5.19
N ASP B 67 -0.11 11.56 -5.13
CA ASP B 67 1.06 11.29 -6.00
C ASP B 67 1.85 10.09 -5.46
N ILE B 68 2.03 10.03 -4.16
CA ILE B 68 2.79 8.88 -3.57
C ILE B 68 2.04 7.58 -3.85
N ASN B 69 0.78 7.67 -4.13
CA ASN B 69 0.00 6.44 -4.41
C ASN B 69 0.29 5.98 -5.84
N ARG B 70 0.17 6.86 -6.80
CA ARG B 70 0.43 6.46 -8.23
C ARG B 70 1.93 6.12 -8.41
N ARG B 71 2.77 6.67 -7.60
CA ARG B 71 4.24 6.38 -7.76
C ARG B 71 4.50 4.86 -7.83
N TYR B 72 4.06 4.10 -6.84
CA TYR B 72 4.28 2.60 -6.87
C TYR B 72 2.94 1.87 -6.99
N ASP B 73 2.14 2.20 -8.00
CA ASP B 73 0.83 1.49 -8.17
C ASP B 73 0.87 0.58 -9.41
N SER B 74 1.59 0.98 -10.43
CA SER B 74 1.65 0.16 -11.67
C SER B 74 2.40 -1.14 -11.38
N GLU B 75 3.22 -1.14 -10.36
CA GLU B 75 3.98 -2.39 -10.03
C GLU B 75 3.19 -3.19 -9.01
N PHE B 76 2.25 -2.57 -8.35
CA PHE B 76 1.45 -3.31 -7.36
C PHE B 76 0.55 -4.31 -8.07
N GLN B 77 -0.07 -3.91 -9.15
CA GLN B 77 -0.97 -4.84 -9.88
C GLN B 77 -0.15 -5.83 -10.70
N THR B 78 0.98 -5.40 -11.16
CA THR B 78 1.82 -6.30 -11.97
C THR B 78 2.19 -7.54 -11.14
N MET B 79 2.65 -7.35 -9.93
CA MET B 79 3.03 -8.52 -9.08
C MET B 79 1.77 -9.21 -8.50
N LEU B 80 0.71 -8.47 -8.31
CA LEU B 80 -0.54 -9.09 -7.74
C LEU B 80 -1.04 -10.17 -8.71
N GLN B 81 -0.85 -9.98 -9.99
CA GLN B 81 -1.33 -10.99 -10.97
C GLN B 81 -0.49 -12.27 -10.83
N HIS B 82 0.76 -12.12 -10.48
CA HIS B 82 1.64 -13.31 -10.34
C HIS B 82 1.30 -14.03 -9.03
N LEU B 83 0.48 -13.44 -8.22
CA LEU B 83 0.11 -14.09 -6.93
C LEU B 83 -1.06 -15.05 -7.18
N GLN B 84 -2.19 -14.54 -7.60
CA GLN B 84 -3.37 -15.41 -7.86
C GLN B 84 -3.76 -16.12 -6.56
N PRO B 85 -4.18 -15.36 -5.57
CA PRO B 85 -4.59 -15.91 -4.25
C PRO B 85 -5.95 -16.60 -4.30
N THR B 86 -6.42 -17.12 -3.19
CA THR B 86 -7.74 -17.80 -3.18
C THR B 86 -8.56 -17.32 -1.98
N ALA B 87 -9.81 -17.68 -1.93
CA ALA B 87 -10.67 -17.24 -0.79
C ALA B 87 -10.28 -18.01 0.47
N GLU B 88 -9.54 -19.07 0.32
CA GLU B 88 -9.13 -19.87 1.51
C GLU B 88 -7.81 -19.32 2.06
N ASN B 89 -6.97 -18.76 1.22
CA ASN B 89 -5.66 -18.20 1.69
C ASN B 89 -5.58 -16.71 1.37
N ALA B 90 -6.70 -16.02 1.35
CA ALA B 90 -6.68 -14.55 1.06
C ALA B 90 -6.04 -13.78 2.22
N TYR B 91 -6.34 -14.16 3.43
CA TYR B 91 -5.76 -13.44 4.60
C TYR B 91 -4.34 -13.95 4.86
N GLU B 92 -3.97 -15.04 4.24
CA GLU B 92 -2.61 -15.59 4.45
C GLU B 92 -1.62 -14.81 3.58
N TYR B 93 -2.10 -14.15 2.56
CA TYR B 93 -1.18 -13.39 1.68
C TYR B 93 -1.22 -11.91 2.06
N PHE B 94 -2.39 -11.37 2.28
CA PHE B 94 -2.48 -9.94 2.66
C PHE B 94 -1.76 -9.71 3.98
N THR B 95 -1.95 -10.57 4.94
CA THR B 95 -1.28 -10.40 6.26
C THR B 95 0.24 -10.48 6.07
N CYS B 96 0.69 -10.98 4.95
CA CYS B 96 2.16 -11.08 4.72
C CYS B 96 2.69 -9.75 4.20
N ILE B 97 2.06 -9.18 3.20
CA ILE B 97 2.55 -7.87 2.68
C ILE B 97 2.50 -6.83 3.79
N ALA B 98 1.41 -6.75 4.50
CA ALA B 98 1.31 -5.74 5.59
C ALA B 98 2.44 -5.99 6.59
N THR B 99 2.43 -7.10 7.29
CA THR B 99 3.50 -7.37 8.29
C THR B 99 4.86 -7.13 7.64
N SER B 100 4.98 -7.30 6.34
CA SER B 100 6.31 -7.06 5.67
C SER B 100 6.50 -5.55 5.41
N LEU B 101 5.45 -4.81 5.45
CA LEU B 101 5.56 -3.34 5.20
C LEU B 101 5.83 -2.60 6.53
N PHE B 102 5.00 -2.82 7.51
CA PHE B 102 5.20 -2.12 8.81
C PHE B 102 6.33 -2.81 9.59
N GLU B 103 6.96 -3.79 9.01
CA GLU B 103 8.04 -4.51 9.73
C GLU B 103 9.08 -3.49 10.20
N SER B 104 9.30 -2.44 9.43
CA SER B 104 10.30 -1.44 9.84
C SER B 104 9.73 -0.53 10.92
N GLY B 105 8.44 -0.24 10.86
CA GLY B 105 7.82 0.65 11.88
C GLY B 105 6.39 1.03 11.44
N ILE B 106 5.80 2.03 12.06
CA ILE B 106 4.40 2.45 11.69
C ILE B 106 4.36 3.97 11.47
N ASN B 107 3.74 4.42 10.40
CA ASN B 107 3.67 5.88 10.12
C ASN B 107 2.39 6.21 9.34
N TRP B 108 2.07 7.47 9.18
CA TRP B 108 0.84 7.86 8.44
C TRP B 108 0.98 7.42 6.98
N GLY B 109 2.17 7.43 6.46
CA GLY B 109 2.38 7.01 5.05
C GLY B 109 2.19 5.50 4.93
N ARG B 110 2.47 4.78 5.98
CA ARG B 110 2.32 3.31 5.95
C ARG B 110 0.84 2.95 6.15
N VAL B 111 0.07 3.86 6.65
CA VAL B 111 -1.38 3.56 6.85
C VAL B 111 -2.14 3.82 5.55
N VAL B 112 -1.91 4.95 4.94
CA VAL B 112 -2.62 5.27 3.67
C VAL B 112 -2.17 4.30 2.58
N ALA B 113 -0.92 3.89 2.60
CA ALA B 113 -0.43 2.95 1.57
C ALA B 113 -1.13 1.61 1.74
N LEU B 114 -1.46 1.25 2.95
CA LEU B 114 -2.14 -0.06 3.18
C LEU B 114 -3.50 -0.05 2.51
N LEU B 115 -4.30 0.94 2.81
CA LEU B 115 -5.65 1.03 2.18
C LEU B 115 -5.51 1.18 0.66
N GLY B 116 -4.53 1.92 0.21
CA GLY B 116 -4.35 2.11 -1.26
C GLY B 116 -4.21 0.74 -1.95
N PHE B 117 -3.41 -0.15 -1.41
CA PHE B 117 -3.25 -1.50 -2.03
C PHE B 117 -4.26 -2.50 -1.42
N GLY B 118 -5.25 -2.00 -0.72
CA GLY B 118 -6.29 -2.91 -0.09
C GLY B 118 -7.60 -2.87 -0.89
N TYR B 119 -7.61 -2.25 -2.04
CA TYR B 119 -8.87 -2.17 -2.88
C TYR B 119 -8.82 -3.20 -4.05
N ARG B 120 -8.17 -2.89 -5.15
CA ARG B 120 -8.07 -3.84 -6.31
C ARG B 120 -7.93 -5.28 -5.81
N LEU B 121 -7.23 -5.48 -4.74
CA LEU B 121 -7.07 -6.87 -4.21
C LEU B 121 -8.47 -7.51 -4.00
N ALA B 122 -9.36 -6.83 -3.32
CA ALA B 122 -10.73 -7.41 -3.11
C ALA B 122 -11.54 -7.40 -4.41
N LEU B 123 -11.50 -6.31 -5.14
CA LEU B 123 -12.26 -6.22 -6.42
C LEU B 123 -11.73 -7.27 -7.40
N HIS B 124 -10.47 -7.60 -7.30
CA HIS B 124 -9.88 -8.62 -8.22
C HIS B 124 -10.67 -9.91 -8.10
N VAL B 125 -11.20 -10.18 -6.93
CA VAL B 125 -11.98 -11.43 -6.73
C VAL B 125 -13.41 -11.21 -7.22
N TYR B 126 -13.96 -10.06 -6.94
CA TYR B 126 -15.36 -9.80 -7.40
C TYR B 126 -15.47 -10.14 -8.89
N GLN B 127 -14.69 -9.49 -9.72
CA GLN B 127 -14.79 -9.79 -11.18
C GLN B 127 -14.54 -11.28 -11.42
N HIS B 128 -13.44 -11.81 -10.95
CA HIS B 128 -13.14 -13.27 -11.15
C HIS B 128 -14.45 -14.07 -11.18
N GLY B 129 -15.34 -13.83 -10.25
CA GLY B 129 -16.65 -14.55 -10.25
C GLY B 129 -17.11 -14.82 -8.82
N LEU B 130 -16.29 -14.51 -7.86
CA LEU B 130 -16.68 -14.74 -6.45
C LEU B 130 -17.49 -13.54 -5.95
N THR B 131 -18.73 -13.43 -6.38
CA THR B 131 -19.58 -12.30 -5.94
C THR B 131 -19.81 -12.39 -4.42
N GLY B 132 -19.72 -11.29 -3.72
CA GLY B 132 -19.93 -11.31 -2.25
C GLY B 132 -18.59 -11.34 -1.54
N PHE B 133 -17.70 -10.45 -1.91
CA PHE B 133 -16.34 -10.41 -1.26
C PHE B 133 -16.19 -9.10 -0.49
N LEU B 134 -16.93 -8.08 -0.85
CA LEU B 134 -16.82 -6.78 -0.14
C LEU B 134 -17.07 -6.99 1.36
N GLY B 135 -18.09 -7.71 1.71
CA GLY B 135 -18.38 -7.97 3.15
C GLY B 135 -17.23 -8.77 3.80
N GLN B 136 -16.57 -9.58 3.03
CA GLN B 136 -15.44 -10.40 3.59
C GLN B 136 -14.20 -9.51 3.90
N VAL B 137 -13.77 -8.70 2.97
CA VAL B 137 -12.56 -7.82 3.22
C VAL B 137 -12.80 -6.88 4.43
N THR B 138 -14.01 -6.42 4.63
CA THR B 138 -14.25 -5.53 5.81
C THR B 138 -14.12 -6.31 7.12
N ARG B 139 -14.95 -7.33 7.33
CA ARG B 139 -14.85 -8.14 8.58
C ARG B 139 -13.51 -8.88 8.63
N PHE B 140 -12.55 -8.45 7.85
CA PHE B 140 -11.22 -9.13 7.85
C PHE B 140 -10.16 -8.13 8.28
N VAL B 141 -10.17 -6.97 7.68
CA VAL B 141 -9.14 -5.97 8.05
C VAL B 141 -9.41 -5.47 9.47
N VAL B 142 -10.63 -5.08 9.76
CA VAL B 142 -10.94 -4.59 11.14
C VAL B 142 -10.40 -5.58 12.17
N ASP B 143 -10.47 -6.85 11.88
CA ASP B 143 -9.96 -7.86 12.85
C ASP B 143 -8.43 -7.78 12.90
N PHE B 144 -7.80 -7.59 11.78
CA PHE B 144 -6.31 -7.52 11.74
C PHE B 144 -5.83 -6.22 12.43
N MET B 145 -6.55 -5.15 12.26
CA MET B 145 -6.16 -3.85 12.90
C MET B 145 -6.29 -3.96 14.43
N LEU B 146 -7.30 -4.62 14.89
CA LEU B 146 -7.49 -4.76 16.36
C LEU B 146 -6.58 -5.87 16.91
N HIS B 147 -6.10 -6.71 16.05
CA HIS B 147 -5.22 -7.83 16.51
C HIS B 147 -3.76 -7.38 16.46
N HIS B 148 -3.45 -6.48 15.58
CA HIS B 148 -2.06 -5.99 15.47
C HIS B 148 -1.85 -4.76 16.36
N CYS B 149 -2.80 -4.46 17.23
CA CYS B 149 -2.65 -3.27 18.13
C CYS B 149 -2.63 -1.98 17.29
N ILE B 150 -3.19 -2.03 16.11
CA ILE B 150 -3.21 -0.80 15.25
C ILE B 150 -4.24 0.18 15.80
N ALA B 151 -5.34 -0.32 16.27
CA ALA B 151 -6.39 0.61 16.79
C ALA B 151 -5.82 1.47 17.92
N ARG B 152 -5.13 0.88 18.85
CA ARG B 152 -4.55 1.67 19.98
C ARG B 152 -3.69 2.81 19.41
N TRP B 153 -2.60 2.49 18.73
CA TRP B 153 -1.71 3.57 18.15
C TRP B 153 -2.57 4.71 17.59
N ILE B 154 -3.48 4.40 16.71
CA ILE B 154 -4.35 5.47 16.14
C ILE B 154 -5.00 6.27 17.28
N ALA B 155 -5.38 5.60 18.32
CA ALA B 155 -6.01 6.31 19.47
C ALA B 155 -4.98 7.23 20.13
N GLN B 156 -3.74 6.82 20.19
CA GLN B 156 -2.69 7.66 20.84
C GLN B 156 -2.31 8.81 19.91
N ARG B 157 -2.58 8.68 18.65
CA ARG B 157 -2.23 9.76 17.69
C ARG B 157 -3.33 10.82 17.69
N GLY B 158 -4.42 10.58 18.39
CA GLY B 158 -5.54 11.58 18.42
C GLY B 158 -6.72 11.05 17.62
N GLY B 159 -6.77 9.78 17.41
CA GLY B 159 -7.90 9.20 16.63
C GLY B 159 -7.81 9.65 15.17
N TRP B 160 -8.82 9.38 14.39
CA TRP B 160 -8.78 9.78 12.96
C TRP B 160 -9.07 11.28 12.86
N VAL B 161 -9.47 11.89 13.93
CA VAL B 161 -9.74 13.35 13.91
C VAL B 161 -8.42 14.14 13.83
N ALA B 162 -7.31 13.45 13.95
CA ALA B 162 -5.99 14.16 13.89
C ALA B 162 -5.60 14.38 12.42
N ALA B 163 -6.39 13.89 11.51
CA ALA B 163 -6.07 14.09 10.06
C ALA B 163 -6.19 15.57 9.70
N LEU B 164 -7.15 16.25 10.25
CA LEU B 164 -7.32 17.69 9.91
C LEU B 164 -6.13 18.48 10.46
N ASN B 165 -5.39 17.92 11.38
CA ASN B 165 -4.22 18.64 11.95
C ASN B 165 -2.93 18.21 11.23
N LEU B 166 -3.02 17.86 9.96
CA LEU B 166 -1.80 17.43 9.19
C LEU B 166 -1.35 18.57 8.25
N GLY B 167 -0.75 18.26 7.13
CA GLY B 167 -0.28 19.31 6.17
C GLY B 167 -1.49 20.14 5.69
N ASN B 168 -2.17 19.67 4.68
CA ASN B 168 -3.35 20.43 4.17
C ASN B 168 -4.46 20.40 5.21
N GLY B 169 -4.32 19.59 6.21
CA GLY B 169 -5.37 19.53 7.28
C GLY B 169 -6.74 19.39 6.63
N MET A 1 29.77 2.66 -11.64
CA MET A 1 29.18 3.90 -11.10
C MET A 1 28.66 3.65 -9.67
N GLN A 2 28.19 4.68 -9.03
CA GLN A 2 27.64 4.52 -7.64
C GLN A 2 26.15 4.85 -7.62
N ILE A 3 25.35 3.97 -7.07
CA ILE A 3 23.87 4.20 -6.99
C ILE A 3 23.47 4.22 -5.50
N PHE A 4 22.28 4.68 -5.22
CA PHE A 4 21.81 4.75 -3.79
C PHE A 4 20.46 4.04 -3.66
N VAL A 5 20.37 3.03 -2.83
CA VAL A 5 19.08 2.33 -2.66
C VAL A 5 18.38 2.86 -1.42
N LYS A 6 17.11 3.15 -1.51
CA LYS A 6 16.36 3.70 -0.34
C LYS A 6 15.45 2.62 0.23
N THR A 7 15.45 2.45 1.53
CA THR A 7 14.58 1.43 2.17
C THR A 7 13.36 2.12 2.79
N LEU A 8 12.49 1.37 3.39
CA LEU A 8 11.26 1.98 4.00
C LEU A 8 11.56 2.41 5.44
N THR A 9 12.76 2.21 5.89
CA THR A 9 13.12 2.61 7.28
C THR A 9 13.81 3.98 7.27
N GLY A 10 13.99 4.56 6.10
CA GLY A 10 14.65 5.89 6.03
C GLY A 10 16.17 5.70 5.96
N LYS A 11 16.60 4.49 5.70
CA LYS A 11 18.07 4.22 5.61
C LYS A 11 18.47 4.07 4.14
N THR A 12 19.51 4.76 3.74
CA THR A 12 19.99 4.67 2.31
C THR A 12 21.37 4.03 2.27
N ILE A 13 21.55 3.07 1.40
CA ILE A 13 22.87 2.37 1.29
C ILE A 13 23.44 2.58 -0.11
N THR A 14 24.69 2.99 -0.20
CA THR A 14 25.32 3.20 -1.53
C THR A 14 25.67 1.85 -2.15
N LEU A 15 25.90 1.80 -3.43
CA LEU A 15 26.25 0.50 -4.08
C LEU A 15 27.12 0.76 -5.31
N GLU A 16 28.18 0.01 -5.49
CA GLU A 16 29.06 0.22 -6.68
C GLU A 16 28.78 -0.86 -7.72
N VAL A 17 28.18 -0.50 -8.82
CA VAL A 17 27.88 -1.50 -9.90
C VAL A 17 28.21 -0.85 -11.26
N GLU A 18 28.04 -1.59 -12.33
CA GLU A 18 28.36 -1.03 -13.69
C GLU A 18 27.13 -1.22 -14.60
N PRO A 19 26.97 -0.41 -15.62
CA PRO A 19 25.83 -0.55 -16.55
C PRO A 19 25.79 -1.92 -17.24
N SER A 20 26.89 -2.61 -17.30
CA SER A 20 26.89 -3.95 -17.94
C SER A 20 26.61 -5.03 -16.89
N ASP A 21 26.50 -4.63 -15.64
CA ASP A 21 26.23 -5.64 -14.57
C ASP A 21 24.80 -6.15 -14.68
N THR A 22 24.57 -7.38 -14.34
CA THR A 22 23.19 -7.93 -14.41
C THR A 22 22.46 -7.70 -13.09
N ILE A 23 21.16 -7.65 -13.12
CA ILE A 23 20.38 -7.44 -11.88
C ILE A 23 20.68 -8.56 -10.88
N GLU A 24 20.92 -9.73 -11.37
CA GLU A 24 21.23 -10.86 -10.45
C GLU A 24 22.53 -10.54 -9.69
N ASN A 25 23.50 -9.96 -10.37
CA ASN A 25 24.79 -9.64 -9.69
C ASN A 25 24.64 -8.54 -8.64
N VAL A 26 23.87 -7.50 -8.90
CA VAL A 26 23.75 -6.42 -7.86
C VAL A 26 22.99 -7.00 -6.66
N LYS A 27 22.08 -7.91 -6.91
CA LYS A 27 21.31 -8.52 -5.80
C LYS A 27 22.29 -9.34 -4.93
N ALA A 28 23.16 -10.07 -5.56
CA ALA A 28 24.16 -10.86 -4.78
C ALA A 28 25.03 -9.91 -3.97
N LYS A 29 25.44 -8.82 -4.55
CA LYS A 29 26.31 -7.85 -3.81
C LYS A 29 25.56 -7.32 -2.58
N ILE A 30 24.29 -7.02 -2.72
CA ILE A 30 23.53 -6.50 -1.55
C ILE A 30 23.53 -7.56 -0.45
N GLN A 31 23.28 -8.79 -0.80
CA GLN A 31 23.27 -9.87 0.23
C GLN A 31 24.70 -10.04 0.77
N ASP A 32 25.68 -9.87 -0.07
CA ASP A 32 27.09 -10.01 0.38
C ASP A 32 27.45 -8.90 1.35
N LYS A 33 26.83 -7.75 1.22
CA LYS A 33 27.16 -6.60 2.13
C LYS A 33 25.99 -6.31 3.09
N GLU A 34 24.90 -7.02 2.95
CA GLU A 34 23.72 -6.76 3.85
C GLU A 34 23.21 -8.09 4.44
N GLY A 35 23.06 -9.10 3.61
CA GLY A 35 22.57 -10.42 4.14
C GLY A 35 21.07 -10.57 3.86
N ILE A 36 20.55 -9.89 2.87
CA ILE A 36 19.09 -10.03 2.56
C ILE A 36 18.93 -11.09 1.45
N PRO A 37 18.32 -12.24 1.72
CA PRO A 37 18.15 -13.30 0.68
C PRO A 37 17.54 -12.76 -0.63
N PRO A 38 18.10 -13.10 -1.79
CA PRO A 38 17.53 -12.65 -3.10
C PRO A 38 16.04 -12.95 -3.27
N ASP A 39 15.55 -13.96 -2.61
CA ASP A 39 14.12 -14.36 -2.78
C ASP A 39 13.15 -13.32 -2.20
N GLN A 40 13.58 -12.45 -1.30
CA GLN A 40 12.61 -11.46 -0.73
C GLN A 40 13.01 -10.03 -1.11
N GLN A 41 13.21 -9.79 -2.40
CA GLN A 41 13.58 -8.43 -2.88
C GLN A 41 12.60 -7.99 -3.98
N ARG A 42 12.08 -6.79 -3.85
CA ARG A 42 11.11 -6.26 -4.85
C ARG A 42 11.58 -4.84 -5.24
N LEU A 43 12.59 -4.75 -6.07
CA LEU A 43 13.12 -3.42 -6.49
C LEU A 43 12.07 -2.68 -7.33
N ILE A 44 12.11 -1.38 -7.31
CA ILE A 44 11.13 -0.59 -8.12
C ILE A 44 11.82 0.66 -8.67
N PHE A 45 11.69 0.87 -9.95
CA PHE A 45 12.31 2.07 -10.59
C PHE A 45 11.32 2.65 -11.60
N ALA A 46 11.00 3.91 -11.47
CA ALA A 46 10.05 4.54 -12.43
C ALA A 46 8.70 3.80 -12.37
N GLY A 47 8.35 3.26 -11.25
CA GLY A 47 7.05 2.54 -11.13
C GLY A 47 7.09 1.27 -11.98
N LYS A 48 8.26 0.70 -12.18
CA LYS A 48 8.38 -0.54 -13.00
C LYS A 48 9.19 -1.58 -12.23
N GLN A 49 8.71 -2.80 -12.17
CA GLN A 49 9.47 -3.86 -11.46
C GLN A 49 10.56 -4.42 -12.37
N LEU A 50 11.76 -3.93 -12.23
CA LEU A 50 12.87 -4.42 -13.10
C LEU A 50 12.89 -5.94 -13.10
N GLU A 51 13.25 -6.54 -14.21
CA GLU A 51 13.30 -8.03 -14.30
C GLU A 51 14.69 -8.51 -13.91
N ASP A 52 14.85 -9.81 -13.76
CA ASP A 52 16.18 -10.34 -13.37
C ASP A 52 16.94 -10.80 -14.62
N GLY A 53 16.32 -10.68 -15.77
CA GLY A 53 16.98 -11.10 -17.04
C GLY A 53 17.41 -9.89 -17.86
N ARG A 54 17.34 -8.71 -17.28
CA ARG A 54 17.72 -7.47 -18.03
C ARG A 54 18.85 -6.73 -17.30
N THR A 55 19.58 -5.91 -18.00
CA THR A 55 20.70 -5.15 -17.36
C THR A 55 20.23 -3.75 -16.96
N LEU A 56 21.09 -2.98 -16.35
CA LEU A 56 20.70 -1.60 -15.93
C LEU A 56 20.54 -0.71 -17.17
N SER A 57 21.39 -0.89 -18.15
CA SER A 57 21.29 -0.05 -19.38
C SER A 57 19.95 -0.31 -20.07
N ASP A 58 19.35 -1.44 -19.84
CA ASP A 58 18.04 -1.75 -20.47
C ASP A 58 17.00 -0.74 -19.94
N TYR A 59 17.08 -0.39 -18.68
CA TYR A 59 16.10 0.58 -18.13
C TYR A 59 16.65 2.00 -18.29
N ASN A 60 17.90 2.10 -18.67
CA ASN A 60 18.56 3.44 -18.88
C ASN A 60 18.88 4.07 -17.53
N ILE A 61 19.21 3.29 -16.54
CA ILE A 61 19.54 3.88 -15.21
C ILE A 61 20.95 4.49 -15.26
N GLN A 62 21.05 5.76 -14.99
CA GLN A 62 22.38 6.44 -15.02
C GLN A 62 23.04 6.38 -13.65
N LYS A 63 24.02 7.22 -13.44
CA LYS A 63 24.73 7.25 -12.12
C LYS A 63 23.99 8.14 -11.14
N GLU A 64 24.25 7.98 -9.87
CA GLU A 64 23.55 8.80 -8.84
C GLU A 64 22.03 8.59 -8.99
N SER A 65 21.63 7.41 -9.35
CA SER A 65 20.18 7.13 -9.49
C SER A 65 19.66 6.54 -8.18
N THR A 66 18.38 6.68 -7.91
CA THR A 66 17.82 6.12 -6.64
C THR A 66 16.76 5.07 -6.97
N LEU A 67 16.78 3.96 -6.26
CA LEU A 67 15.76 2.89 -6.52
C LEU A 67 15.09 2.49 -5.21
N HIS A 68 13.78 2.31 -5.22
CA HIS A 68 13.06 1.91 -3.97
C HIS A 68 13.13 0.38 -3.79
N LEU A 69 12.85 -0.09 -2.60
CA LEU A 69 12.92 -1.56 -2.33
C LEU A 69 11.74 -1.97 -1.43
N VAL A 70 10.81 -2.76 -1.93
CA VAL A 70 9.66 -3.20 -1.06
C VAL A 70 10.06 -4.54 -0.44
N LEU A 71 9.14 -5.46 -0.27
CA LEU A 71 9.52 -6.77 0.34
C LEU A 71 8.34 -7.74 0.23
N ARG A 72 8.58 -8.98 -0.16
CA ARG A 72 7.45 -9.96 -0.28
C ARG A 72 7.65 -11.13 0.68
N LEU A 73 8.67 -11.10 1.50
CA LEU A 73 8.93 -12.22 2.45
C LEU A 73 9.21 -13.51 1.66
N ARG A 74 10.23 -14.23 2.05
CA ARG A 74 10.59 -15.49 1.33
C ARG A 74 9.50 -16.54 1.56
N GLY A 75 9.12 -17.24 0.52
CA GLY A 75 8.07 -18.29 0.67
C GLY A 75 6.68 -17.68 0.52
N CYS A 76 6.59 -16.39 0.37
CA CYS A 76 5.26 -15.73 0.23
C CYS A 76 4.97 -15.48 -1.25
N ALA B 1 -17.22 16.11 15.88
CA ALA B 1 -17.63 15.19 16.99
C ALA B 1 -16.91 15.56 18.27
N LEU B 2 -16.99 14.74 19.27
CA LEU B 2 -16.31 15.03 20.58
C LEU B 2 -14.89 14.45 20.54
N PRO B 3 -13.96 15.05 21.25
CA PRO B 3 -12.55 14.56 21.30
C PRO B 3 -12.43 13.23 22.04
N SER B 4 -11.32 12.55 21.90
CA SER B 4 -11.14 11.24 22.60
C SER B 4 -11.95 10.15 21.89
N ALA B 5 -11.53 8.92 22.01
CA ALA B 5 -12.27 7.82 21.33
C ALA B 5 -11.77 6.47 21.86
N SER B 6 -12.62 5.47 21.86
CA SER B 6 -12.20 4.12 22.35
C SER B 6 -12.08 3.15 21.17
N GLU B 7 -11.54 2.00 21.40
CA GLU B 7 -11.39 1.01 20.30
C GLU B 7 -12.78 0.57 19.80
N GLU B 8 -13.78 0.72 20.64
CA GLU B 8 -15.15 0.30 20.25
C GLU B 8 -15.67 1.17 19.11
N GLN B 9 -15.42 2.45 19.14
CA GLN B 9 -15.91 3.34 18.06
C GLN B 9 -14.88 3.39 16.92
N VAL B 10 -13.67 3.01 17.20
CA VAL B 10 -12.64 3.03 16.11
C VAL B 10 -12.99 2.00 15.05
N ALA B 11 -13.42 0.83 15.45
CA ALA B 11 -13.76 -0.22 14.46
C ALA B 11 -14.90 0.27 13.55
N GLN B 12 -15.73 1.15 14.03
CA GLN B 12 -16.86 1.65 13.20
C GLN B 12 -16.37 2.75 12.24
N ASP B 13 -15.55 3.65 12.70
CA ASP B 13 -15.06 4.73 11.80
C ASP B 13 -13.98 4.17 10.87
N THR B 14 -13.41 3.05 11.21
CA THR B 14 -12.38 2.44 10.32
C THR B 14 -13.07 1.90 9.07
N GLU B 15 -14.15 1.21 9.24
CA GLU B 15 -14.88 0.65 8.09
C GLU B 15 -15.49 1.79 7.25
N GLU B 16 -16.03 2.79 7.88
CA GLU B 16 -16.66 3.92 7.11
C GLU B 16 -15.59 4.71 6.34
N VAL B 17 -14.45 4.95 6.94
CA VAL B 17 -13.39 5.74 6.24
C VAL B 17 -12.63 4.86 5.24
N PHE B 18 -12.74 3.56 5.39
CA PHE B 18 -12.03 2.64 4.45
C PHE B 18 -12.66 2.73 3.07
N ARG B 19 -13.97 2.82 3.01
CA ARG B 19 -14.66 2.89 1.70
C ARG B 19 -14.72 4.35 1.24
N SER B 20 -14.88 5.27 2.14
CA SER B 20 -14.97 6.68 1.71
C SER B 20 -13.69 7.12 0.99
N TYR B 21 -12.54 6.62 1.40
CA TYR B 21 -11.28 7.07 0.72
C TYR B 21 -11.23 6.51 -0.72
N VAL B 22 -11.42 5.23 -0.87
CA VAL B 22 -11.34 4.59 -2.22
C VAL B 22 -12.44 5.12 -3.14
N PHE B 23 -13.55 5.54 -2.60
CA PHE B 23 -14.61 6.08 -3.51
C PHE B 23 -14.13 7.38 -4.13
N TYR B 24 -13.69 8.31 -3.33
CA TYR B 24 -13.21 9.60 -3.89
C TYR B 24 -11.95 9.38 -4.74
N ARG B 25 -11.13 8.44 -4.36
CA ARG B 25 -9.88 8.20 -5.14
C ARG B 25 -10.24 7.59 -6.49
N HIS B 26 -11.15 6.65 -6.51
CA HIS B 26 -11.55 6.03 -7.80
C HIS B 26 -12.48 6.96 -8.55
N GLN B 27 -13.21 7.81 -7.86
CA GLN B 27 -14.13 8.73 -8.57
C GLN B 27 -13.33 9.66 -9.48
N GLN B 28 -12.21 10.17 -9.02
CA GLN B 28 -11.41 11.07 -9.88
C GLN B 28 -10.59 10.24 -10.89
N GLU B 29 -10.11 9.10 -10.47
CA GLU B 29 -9.31 8.24 -11.39
C GLU B 29 -10.19 7.79 -12.57
N GLN B 30 -11.46 7.70 -12.34
CA GLN B 30 -12.38 7.27 -13.43
C GLN B 30 -12.29 8.24 -14.60
N GLU B 31 -12.19 9.52 -14.32
CA GLU B 31 -12.13 10.53 -15.42
C GLU B 31 -10.89 10.28 -16.30
N ALA B 32 -9.77 9.98 -15.70
CA ALA B 32 -8.53 9.76 -16.51
C ALA B 32 -8.60 8.39 -17.18
N GLU B 33 -8.71 7.35 -16.42
CA GLU B 33 -8.77 5.96 -16.98
C GLU B 33 -9.94 5.20 -16.35
N GLY B 34 -10.15 3.98 -16.76
CA GLY B 34 -11.27 3.16 -16.20
C GLY B 34 -10.72 1.88 -15.58
N VAL B 35 -9.45 1.84 -15.30
CA VAL B 35 -8.84 0.62 -14.70
C VAL B 35 -9.55 0.31 -13.38
N ALA B 36 -9.96 -0.92 -13.19
CA ALA B 36 -10.65 -1.29 -11.93
C ALA B 36 -11.76 -0.27 -11.65
N ALA B 37 -12.40 0.21 -12.69
CA ALA B 37 -13.48 1.22 -12.49
C ALA B 37 -14.64 0.59 -11.70
N PRO B 38 -15.51 1.38 -11.10
CA PRO B 38 -16.64 0.84 -10.29
C PRO B 38 -17.69 0.15 -11.16
N ALA B 39 -18.76 -0.32 -10.58
CA ALA B 39 -19.81 -1.00 -11.37
C ALA B 39 -20.73 0.07 -11.99
N ASP B 40 -20.15 1.06 -12.61
CA ASP B 40 -20.96 2.15 -13.24
C ASP B 40 -21.80 2.84 -12.15
N PRO B 41 -22.26 4.05 -12.42
CA PRO B 41 -23.09 4.83 -11.45
C PRO B 41 -24.51 4.28 -11.34
N GLU B 42 -24.74 3.36 -10.43
CA GLU B 42 -26.12 2.80 -10.27
C GLU B 42 -26.33 2.41 -8.81
N MET B 43 -27.21 1.48 -8.56
CA MET B 43 -27.46 1.06 -7.15
C MET B 43 -26.23 0.32 -6.64
N VAL B 44 -25.46 -0.26 -7.52
CA VAL B 44 -24.24 -1.00 -7.08
C VAL B 44 -23.11 0.00 -6.80
N THR B 45 -23.41 1.27 -6.76
CA THR B 45 -22.36 2.28 -6.46
C THR B 45 -22.01 2.16 -4.98
N LEU B 46 -21.19 3.05 -4.47
CA LEU B 46 -20.81 2.99 -3.02
C LEU B 46 -21.46 4.16 -2.27
N PRO B 47 -22.58 3.95 -1.59
CA PRO B 47 -23.27 5.04 -0.84
C PRO B 47 -22.55 5.42 0.47
N LEU B 48 -21.61 6.31 0.40
CA LEU B 48 -20.90 6.72 1.65
C LEU B 48 -21.71 7.83 2.33
N GLN B 49 -21.22 8.34 3.43
CA GLN B 49 -21.97 9.41 4.15
C GLN B 49 -21.08 10.67 4.27
N PRO B 50 -21.04 11.49 3.25
CA PRO B 50 -20.20 12.73 3.28
C PRO B 50 -20.79 13.77 4.22
N SER B 51 -21.97 13.53 4.70
CA SER B 51 -22.61 14.49 5.63
C SER B 51 -21.83 14.48 6.94
N SER B 52 -21.00 13.48 7.14
CA SER B 52 -20.21 13.41 8.39
C SER B 52 -18.83 14.03 8.15
N THR B 53 -18.17 14.43 9.20
CA THR B 53 -16.83 15.09 9.05
C THR B 53 -15.83 14.15 8.37
N MET B 54 -16.02 12.87 8.48
CA MET B 54 -15.05 11.93 7.85
C MET B 54 -15.04 12.14 6.33
N GLY B 55 -16.06 12.77 5.80
CA GLY B 55 -16.11 13.03 4.34
C GLY B 55 -14.92 13.92 3.95
N GLN B 56 -14.63 14.89 4.77
CA GLN B 56 -13.49 15.81 4.47
C GLN B 56 -12.17 15.10 4.78
N VAL B 57 -12.18 14.18 5.71
CA VAL B 57 -10.93 13.47 6.07
C VAL B 57 -10.42 12.70 4.84
N GLY B 58 -11.29 11.98 4.18
CA GLY B 58 -10.85 11.20 2.98
C GLY B 58 -10.33 12.16 1.91
N ARG B 59 -10.97 13.29 1.76
CA ARG B 59 -10.55 14.27 0.73
C ARG B 59 -9.11 14.74 1.01
N GLN B 60 -8.80 15.03 2.23
CA GLN B 60 -7.42 15.51 2.55
C GLN B 60 -6.40 14.40 2.33
N LEU B 61 -6.69 13.21 2.79
CA LEU B 61 -5.74 12.09 2.63
C LEU B 61 -5.64 11.67 1.17
N ALA B 62 -6.70 11.80 0.41
CA ALA B 62 -6.64 11.38 -1.02
C ALA B 62 -5.75 12.36 -1.79
N ILE B 63 -5.40 13.45 -1.17
CA ILE B 63 -4.52 14.46 -1.82
C ILE B 63 -3.07 14.20 -1.41
N ILE B 64 -2.84 13.91 -0.16
CA ILE B 64 -1.46 13.65 0.30
C ILE B 64 -0.93 12.33 -0.29
N GLY B 65 -1.76 11.32 -0.39
CA GLY B 65 -1.27 10.01 -0.93
C GLY B 65 -1.74 9.83 -2.37
N ASP B 66 -1.61 10.84 -3.19
CA ASP B 66 -2.03 10.73 -4.60
C ASP B 66 -0.83 10.37 -5.49
N ASP B 67 0.16 11.20 -5.52
CA ASP B 67 1.37 10.92 -6.36
C ASP B 67 2.12 9.71 -5.80
N ILE B 68 2.29 9.65 -4.51
CA ILE B 68 3.04 8.51 -3.90
C ILE B 68 2.28 7.20 -4.15
N ASN B 69 0.99 7.28 -4.33
CA ASN B 69 0.20 6.05 -4.58
C ASN B 69 0.50 5.56 -6.00
N ARG B 70 0.40 6.44 -6.96
CA ARG B 70 0.66 6.06 -8.37
C ARG B 70 2.14 5.67 -8.58
N ARG B 71 3.02 6.28 -7.85
CA ARG B 71 4.49 5.99 -8.03
C ARG B 71 4.74 4.48 -8.10
N TYR B 72 4.21 3.73 -7.15
CA TYR B 72 4.41 2.24 -7.16
C TYR B 72 3.06 1.55 -7.32
N ASP B 73 2.28 1.99 -8.28
CA ASP B 73 0.95 1.35 -8.51
C ASP B 73 1.01 0.45 -9.74
N SER B 74 1.72 0.84 -10.76
CA SER B 74 1.78 -0.01 -11.98
C SER B 74 2.47 -1.33 -11.63
N GLU B 75 3.26 -1.35 -10.60
CA GLU B 75 3.95 -2.60 -10.21
C GLU B 75 3.12 -3.42 -9.23
N PHE B 76 2.16 -2.81 -8.57
CA PHE B 76 1.36 -3.60 -7.60
C PHE B 76 0.45 -4.57 -8.36
N GLN B 77 -0.20 -4.09 -9.40
CA GLN B 77 -1.11 -4.99 -10.16
C GLN B 77 -0.29 -5.99 -10.97
N THR B 78 0.86 -5.59 -11.43
CA THR B 78 1.70 -6.51 -12.25
C THR B 78 2.09 -7.73 -11.41
N MET B 79 2.53 -7.52 -10.20
CA MET B 79 2.92 -8.70 -9.36
C MET B 79 1.68 -9.38 -8.81
N LEU B 80 0.61 -8.65 -8.65
CA LEU B 80 -0.64 -9.27 -8.13
C LEU B 80 -1.07 -10.35 -9.13
N GLN B 81 -0.98 -10.07 -10.40
CA GLN B 81 -1.38 -11.08 -11.42
C GLN B 81 -0.48 -12.32 -11.26
N HIS B 82 0.78 -12.12 -11.00
CA HIS B 82 1.71 -13.28 -10.82
C HIS B 82 1.40 -13.98 -9.49
N LEU B 83 0.68 -13.31 -8.62
CA LEU B 83 0.35 -13.96 -7.31
C LEU B 83 -0.86 -14.87 -7.54
N GLN B 84 -1.93 -14.32 -8.06
CA GLN B 84 -3.14 -15.15 -8.32
C GLN B 84 -3.58 -15.84 -7.03
N PRO B 85 -4.02 -15.07 -6.07
CA PRO B 85 -4.47 -15.60 -4.74
C PRO B 85 -5.85 -16.26 -4.82
N THR B 86 -6.32 -16.79 -3.72
CA THR B 86 -7.65 -17.46 -3.70
C THR B 86 -8.46 -16.96 -2.50
N ALA B 87 -9.71 -17.27 -2.44
CA ALA B 87 -10.55 -16.82 -1.29
C ALA B 87 -10.13 -17.57 -0.02
N GLU B 88 -9.42 -18.65 -0.17
CA GLU B 88 -9.00 -19.43 1.03
C GLU B 88 -7.68 -18.87 1.59
N ASN B 89 -6.85 -18.31 0.74
CA ASN B 89 -5.53 -17.74 1.22
C ASN B 89 -5.44 -16.25 0.86
N ALA B 90 -6.56 -15.60 0.71
CA ALA B 90 -6.52 -14.15 0.36
C ALA B 90 -5.85 -13.37 1.50
N TYR B 91 -6.15 -13.74 2.72
CA TYR B 91 -5.58 -13.04 3.91
C TYR B 91 -4.15 -13.53 4.17
N GLU B 92 -3.81 -14.69 3.68
CA GLU B 92 -2.43 -15.23 3.89
C GLU B 92 -1.42 -14.45 3.04
N TYR B 93 -1.88 -13.82 1.98
CA TYR B 93 -0.95 -13.04 1.11
C TYR B 93 -1.01 -11.56 1.49
N PHE B 94 -2.19 -11.06 1.72
CA PHE B 94 -2.32 -9.62 2.11
C PHE B 94 -1.56 -9.38 3.42
N THR B 95 -1.79 -10.22 4.39
CA THR B 95 -1.08 -10.06 5.69
C THR B 95 0.43 -10.16 5.47
N CYS B 96 0.83 -10.86 4.43
CA CYS B 96 2.30 -11.01 4.18
C CYS B 96 2.86 -9.68 3.69
N ILE B 97 2.26 -9.07 2.70
CA ILE B 97 2.76 -7.76 2.22
C ILE B 97 2.63 -6.74 3.35
N ALA B 98 1.53 -6.72 4.03
CA ALA B 98 1.37 -5.72 5.13
C ALA B 98 2.46 -5.94 6.19
N THR B 99 2.46 -7.06 6.84
CA THR B 99 3.50 -7.31 7.89
C THR B 99 4.88 -7.03 7.28
N SER B 100 4.99 -7.19 6.01
CA SER B 100 6.31 -6.96 5.34
C SER B 100 6.52 -5.46 5.09
N LEU B 101 5.47 -4.69 5.12
CA LEU B 101 5.61 -3.21 4.88
C LEU B 101 5.84 -2.49 6.21
N PHE B 102 5.03 -2.76 7.21
CA PHE B 102 5.19 -2.08 8.53
C PHE B 102 6.37 -2.71 9.27
N GLU B 103 7.05 -3.62 8.64
CA GLU B 103 8.19 -4.29 9.35
C GLU B 103 9.18 -3.22 9.80
N SER B 104 9.44 -2.25 8.96
CA SER B 104 10.39 -1.17 9.35
C SER B 104 9.78 -0.26 10.43
N GLY B 105 8.50 0.01 10.37
CA GLY B 105 7.87 0.90 11.38
C GLY B 105 6.44 1.27 10.95
N ILE B 106 5.86 2.27 11.58
CA ILE B 106 4.47 2.69 11.22
C ILE B 106 4.42 4.20 10.98
N ASN B 107 3.75 4.63 9.94
CA ASN B 107 3.65 6.08 9.66
C ASN B 107 2.37 6.37 8.84
N TRP B 108 2.01 7.61 8.71
CA TRP B 108 0.77 7.97 7.94
C TRP B 108 0.90 7.48 6.50
N GLY B 109 2.09 7.48 5.96
CA GLY B 109 2.30 7.00 4.56
C GLY B 109 2.07 5.50 4.49
N ARG B 110 2.44 4.78 5.52
CA ARG B 110 2.28 3.30 5.51
C ARG B 110 0.81 2.93 5.71
N VAL B 111 0.06 3.76 6.37
CA VAL B 111 -1.38 3.45 6.57
C VAL B 111 -2.13 3.67 5.26
N VAL B 112 -1.89 4.80 4.64
CA VAL B 112 -2.56 5.10 3.35
C VAL B 112 -2.12 4.09 2.29
N ALA B 113 -0.84 3.80 2.24
CA ALA B 113 -0.34 2.84 1.22
C ALA B 113 -1.03 1.49 1.41
N LEU B 114 -1.24 1.06 2.63
CA LEU B 114 -1.90 -0.25 2.84
C LEU B 114 -3.30 -0.20 2.22
N LEU B 115 -4.06 0.82 2.53
CA LEU B 115 -5.43 0.93 1.95
C LEU B 115 -5.35 1.02 0.43
N GLY B 116 -4.40 1.73 -0.09
CA GLY B 116 -4.30 1.86 -1.57
C GLY B 116 -4.18 0.48 -2.20
N PHE B 117 -3.51 -0.44 -1.55
CA PHE B 117 -3.37 -1.80 -2.14
C PHE B 117 -4.43 -2.72 -1.52
N GLY B 118 -5.42 -2.16 -0.86
CA GLY B 118 -6.47 -3.01 -0.23
C GLY B 118 -7.81 -3.00 -0.99
N TYR B 119 -7.93 -2.38 -2.15
CA TYR B 119 -9.28 -2.43 -2.84
C TYR B 119 -9.24 -3.41 -4.02
N ARG B 120 -8.41 -3.18 -5.01
CA ARG B 120 -8.37 -4.12 -6.16
C ARG B 120 -8.24 -5.55 -5.65
N LEU B 121 -7.59 -5.74 -4.54
CA LEU B 121 -7.45 -7.12 -4.00
C LEU B 121 -8.85 -7.70 -3.78
N ALA B 122 -9.71 -6.99 -3.11
CA ALA B 122 -11.08 -7.52 -2.88
C ALA B 122 -11.84 -7.56 -4.21
N LEU B 123 -11.72 -6.55 -5.02
CA LEU B 123 -12.43 -6.53 -6.33
C LEU B 123 -11.90 -7.62 -7.24
N HIS B 124 -10.64 -7.99 -7.09
CA HIS B 124 -10.06 -9.05 -7.96
C HIS B 124 -10.83 -10.35 -7.74
N VAL B 125 -11.16 -10.66 -6.53
CA VAL B 125 -11.91 -11.91 -6.28
C VAL B 125 -13.35 -11.70 -6.74
N TYR B 126 -13.87 -10.52 -6.59
CA TYR B 126 -15.28 -10.26 -7.01
C TYR B 126 -15.40 -10.57 -8.51
N GLN B 127 -14.55 -9.99 -9.31
CA GLN B 127 -14.63 -10.26 -10.78
C GLN B 127 -14.40 -11.74 -11.05
N HIS B 128 -13.47 -12.35 -10.37
CA HIS B 128 -13.23 -13.80 -10.59
C HIS B 128 -14.56 -14.54 -10.52
N GLY B 129 -15.44 -14.17 -9.62
CA GLY B 129 -16.77 -14.87 -9.56
C GLY B 129 -17.19 -15.08 -8.10
N LEU B 130 -16.37 -14.71 -7.15
CA LEU B 130 -16.75 -14.93 -5.73
C LEU B 130 -17.57 -13.73 -5.24
N THR B 131 -18.80 -13.64 -5.65
CA THR B 131 -19.67 -12.51 -5.22
C THR B 131 -19.91 -12.60 -3.71
N GLY B 132 -19.81 -11.49 -3.01
CA GLY B 132 -20.04 -11.52 -1.54
C GLY B 132 -18.68 -11.56 -0.81
N PHE B 133 -17.76 -10.69 -1.21
CA PHE B 133 -16.42 -10.68 -0.56
C PHE B 133 -16.21 -9.36 0.20
N LEU B 134 -17.01 -8.37 -0.10
CA LEU B 134 -16.88 -7.04 0.60
C LEU B 134 -17.13 -7.25 2.09
N GLY B 135 -18.15 -7.98 2.43
CA GLY B 135 -18.44 -8.22 3.86
C GLY B 135 -17.29 -9.01 4.50
N GLN B 136 -16.71 -9.94 3.77
CA GLN B 136 -15.62 -10.78 4.35
C GLN B 136 -14.35 -9.94 4.63
N VAL B 137 -13.97 -9.07 3.72
CA VAL B 137 -12.72 -8.27 3.94
C VAL B 137 -12.94 -7.27 5.08
N THR B 138 -14.15 -6.79 5.26
CA THR B 138 -14.39 -5.82 6.37
C THR B 138 -14.23 -6.54 7.72
N ARG B 139 -15.00 -7.58 7.91
CA ARG B 139 -14.94 -8.36 9.20
C ARG B 139 -13.61 -9.11 9.29
N PHE B 140 -12.64 -8.74 8.50
CA PHE B 140 -11.32 -9.42 8.54
C PHE B 140 -10.24 -8.39 8.92
N VAL B 141 -10.25 -7.24 8.30
CA VAL B 141 -9.23 -6.21 8.64
C VAL B 141 -9.51 -5.65 10.04
N VAL B 142 -10.75 -5.36 10.34
CA VAL B 142 -11.06 -4.82 11.71
C VAL B 142 -10.51 -5.77 12.78
N ASP B 143 -10.58 -7.05 12.54
CA ASP B 143 -10.04 -8.02 13.53
C ASP B 143 -8.50 -7.90 13.56
N PHE B 144 -7.89 -7.75 12.42
CA PHE B 144 -6.40 -7.67 12.38
C PHE B 144 -5.89 -6.41 13.11
N MET B 145 -6.50 -5.28 12.87
CA MET B 145 -6.00 -4.03 13.53
C MET B 145 -6.20 -4.11 15.05
N LEU B 146 -7.20 -4.81 15.49
CA LEU B 146 -7.41 -4.93 16.97
C LEU B 146 -6.48 -6.02 17.51
N HIS B 147 -6.19 -7.02 16.71
CA HIS B 147 -5.28 -8.10 17.17
C HIS B 147 -3.84 -7.62 17.14
N HIS B 148 -3.55 -6.70 16.26
CA HIS B 148 -2.16 -6.17 16.16
C HIS B 148 -1.98 -4.93 17.04
N CYS B 149 -2.94 -4.63 17.88
CA CYS B 149 -2.79 -3.42 18.76
C CYS B 149 -2.70 -2.14 17.91
N ILE B 150 -3.14 -2.20 16.68
CA ILE B 150 -3.10 -0.98 15.81
C ILE B 150 -4.10 0.04 16.34
N ALA B 151 -5.22 -0.42 16.81
CA ALA B 151 -6.27 0.52 17.30
C ALA B 151 -5.72 1.38 18.45
N ARG B 152 -4.97 0.80 19.35
CA ARG B 152 -4.44 1.60 20.49
C ARG B 152 -3.59 2.75 19.95
N TRP B 153 -2.64 2.46 19.09
CA TRP B 153 -1.78 3.54 18.53
C TRP B 153 -2.63 4.66 17.94
N ILE B 154 -3.65 4.33 17.19
CA ILE B 154 -4.49 5.40 16.59
C ILE B 154 -5.16 6.20 17.70
N ALA B 155 -5.68 5.55 18.70
CA ALA B 155 -6.35 6.28 19.81
C ALA B 155 -5.33 7.24 20.45
N GLN B 156 -4.12 6.78 20.62
CA GLN B 156 -3.06 7.64 21.24
C GLN B 156 -2.72 8.83 20.32
N ARG B 157 -2.91 8.66 19.04
CA ARG B 157 -2.56 9.76 18.08
C ARG B 157 -3.62 10.86 18.11
N GLY B 158 -4.68 10.69 18.86
CA GLY B 158 -5.75 11.75 18.90
C GLY B 158 -6.95 11.29 18.07
N GLY B 159 -6.99 10.02 17.73
CA GLY B 159 -8.14 9.50 16.94
C GLY B 159 -8.04 9.96 15.49
N TRP B 160 -9.04 9.67 14.71
CA TRP B 160 -9.03 10.08 13.28
C TRP B 160 -9.31 11.59 13.21
N VAL B 161 -9.70 12.18 14.30
CA VAL B 161 -9.98 13.64 14.29
C VAL B 161 -8.64 14.41 14.23
N ALA B 162 -7.54 13.74 14.44
CA ALA B 162 -6.24 14.46 14.39
C ALA B 162 -5.85 14.73 12.94
N ALA B 163 -6.59 14.20 12.01
CA ALA B 163 -6.29 14.43 10.58
C ALA B 163 -6.41 15.94 10.26
N LEU B 164 -7.39 16.58 10.81
CA LEU B 164 -7.57 18.04 10.55
C LEU B 164 -6.36 18.82 11.10
N ASN B 165 -5.65 18.26 12.05
CA ASN B 165 -4.47 18.99 12.62
C ASN B 165 -3.19 18.55 11.89
N LEU B 166 -3.29 18.14 10.64
CA LEU B 166 -2.07 17.72 9.87
C LEU B 166 -1.64 18.86 8.94
N GLY B 167 -1.01 18.55 7.83
CA GLY B 167 -0.55 19.62 6.89
C GLY B 167 -1.72 20.46 6.40
N ASN B 168 -2.43 19.98 5.41
CA ASN B 168 -3.59 20.75 4.88
C ASN B 168 -4.72 20.77 5.90
N GLY B 169 -4.63 19.95 6.91
CA GLY B 169 -5.70 19.92 7.95
C GLY B 169 -7.07 19.85 7.28
N MET A 1 29.94 2.59 -10.53
CA MET A 1 29.40 3.84 -9.94
C MET A 1 28.84 3.54 -8.55
N GLN A 2 28.39 4.54 -7.85
CA GLN A 2 27.83 4.31 -6.48
C GLN A 2 26.35 4.70 -6.46
N ILE A 3 25.52 3.83 -5.95
CA ILE A 3 24.05 4.09 -5.90
C ILE A 3 23.61 4.12 -4.43
N PHE A 4 22.44 4.63 -4.15
CA PHE A 4 21.95 4.69 -2.74
C PHE A 4 20.57 4.05 -2.66
N VAL A 5 20.43 3.00 -1.88
CA VAL A 5 19.10 2.33 -1.74
C VAL A 5 18.42 2.83 -0.48
N LYS A 6 17.16 3.18 -0.58
CA LYS A 6 16.41 3.68 0.61
C LYS A 6 15.45 2.60 1.12
N THR A 7 15.47 2.33 2.39
CA THR A 7 14.57 1.29 2.95
C THR A 7 13.34 1.96 3.58
N LEU A 8 12.43 1.18 4.11
CA LEU A 8 11.22 1.77 4.74
C LEU A 8 11.49 2.13 6.20
N THR A 9 12.69 1.90 6.66
CA THR A 9 13.02 2.22 8.09
C THR A 9 13.76 3.56 8.17
N GLY A 10 13.99 4.19 7.06
CA GLY A 10 14.72 5.50 7.08
C GLY A 10 16.23 5.25 7.05
N LYS A 11 16.63 4.05 6.73
CA LYS A 11 18.09 3.73 6.67
C LYS A 11 18.54 3.68 5.20
N THR A 12 19.59 4.37 4.87
CA THR A 12 20.09 4.37 3.46
C THR A 12 21.46 3.68 3.42
N ILE A 13 21.61 2.72 2.53
CA ILE A 13 22.91 1.98 2.42
C ILE A 13 23.54 2.25 1.05
N THR A 14 24.79 2.61 1.03
CA THR A 14 25.46 2.89 -0.27
C THR A 14 25.79 1.56 -0.96
N LEU A 15 26.08 1.60 -2.23
CA LEU A 15 26.40 0.32 -2.95
C LEU A 15 27.28 0.64 -4.16
N GLU A 16 28.32 -0.11 -4.37
CA GLU A 16 29.22 0.14 -5.55
C GLU A 16 28.93 -0.87 -6.65
N VAL A 17 28.31 -0.44 -7.71
CA VAL A 17 27.98 -1.37 -8.84
C VAL A 17 28.35 -0.70 -10.17
N GLU A 18 28.14 -1.37 -11.27
CA GLU A 18 28.48 -0.78 -12.60
C GLU A 18 27.26 -0.87 -13.52
N PRO A 19 27.12 0.04 -14.48
CA PRO A 19 25.97 0.02 -15.43
C PRO A 19 25.86 -1.30 -16.19
N SER A 20 26.91 -2.07 -16.24
CA SER A 20 26.85 -3.37 -16.96
C SER A 20 26.53 -4.48 -15.95
N ASP A 21 26.39 -4.12 -14.70
CA ASP A 21 26.06 -5.14 -13.67
C ASP A 21 24.61 -5.56 -13.81
N THR A 22 24.30 -6.81 -13.53
CA THR A 22 22.89 -7.26 -13.64
C THR A 22 22.17 -7.02 -12.31
N ILE A 23 20.87 -6.95 -12.34
CA ILE A 23 20.09 -6.70 -11.09
C ILE A 23 20.25 -7.91 -10.15
N GLU A 24 20.46 -9.07 -10.70
CA GLU A 24 20.65 -10.28 -9.84
C GLU A 24 21.95 -10.12 -9.05
N ASN A 25 22.96 -9.54 -9.64
CA ASN A 25 24.24 -9.34 -8.91
C ASN A 25 24.03 -8.31 -7.81
N VAL A 26 23.27 -7.29 -8.10
CA VAL A 26 23.01 -6.24 -7.08
C VAL A 26 22.27 -6.85 -5.89
N LYS A 27 21.30 -7.68 -6.14
CA LYS A 27 20.57 -8.31 -5.00
C LYS A 27 21.55 -9.12 -4.15
N ALA A 28 22.44 -9.83 -4.79
CA ALA A 28 23.41 -10.66 -4.02
C ALA A 28 24.30 -9.77 -3.17
N LYS A 29 24.65 -8.62 -3.67
CA LYS A 29 25.53 -7.70 -2.90
C LYS A 29 24.79 -7.21 -1.65
N ILE A 30 23.52 -6.93 -1.77
CA ILE A 30 22.74 -6.45 -0.59
C ILE A 30 22.72 -7.55 0.47
N GLN A 31 22.44 -8.76 0.08
CA GLN A 31 22.41 -9.86 1.05
C GLN A 31 23.82 -10.12 1.60
N ASP A 32 24.81 -9.93 0.78
CA ASP A 32 26.22 -10.19 1.23
C ASP A 32 26.64 -9.13 2.25
N LYS A 33 26.03 -7.97 2.20
CA LYS A 33 26.38 -6.87 3.16
C LYS A 33 25.19 -6.57 4.06
N GLU A 34 24.07 -7.21 3.86
CA GLU A 34 22.89 -6.94 4.71
C GLU A 34 22.30 -8.25 5.21
N GLY A 35 22.12 -9.18 4.33
CA GLY A 35 21.56 -10.51 4.75
C GLY A 35 20.07 -10.57 4.40
N ILE A 36 19.61 -9.82 3.44
CA ILE A 36 18.18 -9.87 3.06
C ILE A 36 17.99 -10.83 1.88
N PRO A 37 17.34 -11.96 2.06
CA PRO A 37 17.14 -12.94 0.95
C PRO A 37 16.57 -12.28 -0.33
N PRO A 38 17.17 -12.48 -1.49
CA PRO A 38 16.68 -11.92 -2.78
C PRO A 38 15.19 -12.20 -3.03
N ASP A 39 14.67 -13.25 -2.44
CA ASP A 39 13.24 -13.59 -2.68
C ASP A 39 12.31 -12.56 -2.03
N GLN A 40 12.80 -11.79 -1.08
CA GLN A 40 11.94 -10.77 -0.40
C GLN A 40 12.45 -9.35 -0.74
N GLN A 41 12.67 -9.08 -2.00
CA GLN A 41 13.17 -7.72 -2.39
C GLN A 41 12.30 -7.17 -3.54
N ARG A 42 11.83 -5.96 -3.38
CA ARG A 42 10.97 -5.33 -4.43
C ARG A 42 11.55 -3.97 -4.84
N LEU A 43 12.65 -3.95 -5.52
CA LEU A 43 13.24 -2.65 -5.94
C LEU A 43 12.18 -1.85 -6.72
N ILE A 44 12.26 -0.55 -6.67
CA ILE A 44 11.27 0.29 -7.39
C ILE A 44 11.97 1.52 -7.98
N PHE A 45 11.82 1.74 -9.26
CA PHE A 45 12.47 2.93 -9.91
C PHE A 45 11.51 3.57 -10.92
N ALA A 46 11.19 4.82 -10.72
CA ALA A 46 10.27 5.51 -11.67
C ALA A 46 8.92 4.81 -11.68
N GLY A 47 8.54 4.21 -10.58
CA GLY A 47 7.23 3.53 -10.52
C GLY A 47 7.23 2.32 -11.45
N LYS A 48 8.37 1.69 -11.63
CA LYS A 48 8.44 0.51 -12.53
C LYS A 48 9.17 -0.64 -11.83
N GLN A 49 8.61 -1.82 -11.86
CA GLN A 49 9.28 -2.98 -11.21
C GLN A 49 10.37 -3.53 -12.13
N LEU A 50 11.59 -3.11 -11.95
CA LEU A 50 12.69 -3.63 -12.80
C LEU A 50 12.58 -5.14 -12.89
N GLU A 51 12.90 -5.71 -14.03
CA GLU A 51 12.82 -7.18 -14.19
C GLU A 51 14.16 -7.78 -13.78
N ASP A 52 14.28 -9.07 -13.76
CA ASP A 52 15.58 -9.69 -13.36
C ASP A 52 16.34 -10.14 -14.62
N GLY A 53 15.76 -9.94 -15.77
CA GLY A 53 16.44 -10.35 -17.04
C GLY A 53 16.96 -9.11 -17.80
N ARG A 54 16.94 -7.96 -17.18
CA ARG A 54 17.41 -6.71 -17.86
C ARG A 54 18.56 -6.09 -17.05
N THR A 55 19.35 -5.24 -17.67
CA THR A 55 20.48 -4.60 -16.95
C THR A 55 20.06 -3.21 -16.44
N LEU A 56 20.97 -2.48 -15.85
CA LEU A 56 20.63 -1.12 -15.34
C LEU A 56 20.54 -0.13 -16.52
N SER A 57 21.37 -0.32 -17.51
CA SER A 57 21.35 0.61 -18.68
C SER A 57 20.01 0.48 -19.39
N ASP A 58 19.35 -0.63 -19.24
CA ASP A 58 18.04 -0.82 -19.90
C ASP A 58 17.05 0.21 -19.37
N TYR A 59 17.11 0.51 -18.09
CA TYR A 59 16.18 1.51 -17.52
C TYR A 59 16.80 2.90 -17.61
N ASN A 60 18.07 2.97 -17.92
CA ASN A 60 18.78 4.28 -18.05
C ASN A 60 19.12 4.82 -16.66
N ILE A 61 19.41 3.96 -15.74
CA ILE A 61 19.76 4.44 -14.36
C ILE A 61 21.19 5.00 -14.36
N GLN A 62 21.33 6.26 -14.03
CA GLN A 62 22.70 6.87 -14.01
C GLN A 62 23.34 6.67 -12.63
N LYS A 63 24.34 7.45 -12.32
CA LYS A 63 25.01 7.31 -10.99
C LYS A 63 24.29 8.15 -9.94
N GLU A 64 24.58 7.94 -8.69
CA GLU A 64 23.91 8.73 -7.62
C GLU A 64 22.39 8.59 -7.76
N SER A 65 21.93 7.45 -8.15
CA SER A 65 20.46 7.25 -8.30
C SER A 65 19.90 6.64 -7.01
N THR A 66 18.64 6.88 -6.74
CA THR A 66 18.02 6.32 -5.50
C THR A 66 16.89 5.37 -5.88
N LEU A 67 16.87 4.21 -5.29
CA LEU A 67 15.80 3.22 -5.63
C LEU A 67 15.05 2.82 -4.35
N HIS A 68 13.75 2.85 -4.37
CA HIS A 68 12.96 2.48 -3.16
C HIS A 68 13.00 0.96 -2.99
N LEU A 69 12.77 0.47 -1.80
CA LEU A 69 12.80 -1.01 -1.56
C LEU A 69 11.59 -1.45 -0.73
N VAL A 70 10.70 -2.26 -1.30
CA VAL A 70 9.53 -2.74 -0.49
C VAL A 70 9.87 -4.11 0.11
N LEU A 71 8.94 -5.00 0.16
CA LEU A 71 9.20 -6.35 0.72
C LEU A 71 7.93 -7.21 0.56
N ARG A 72 8.08 -8.44 0.11
CA ARG A 72 6.88 -9.32 -0.07
C ARG A 72 7.01 -10.57 0.81
N LEU A 73 8.00 -10.64 1.64
CA LEU A 73 8.14 -11.85 2.50
C LEU A 73 8.99 -11.53 3.74
N ARG A 74 8.64 -12.09 4.86
CA ARG A 74 9.42 -11.84 6.10
C ARG A 74 9.08 -12.92 7.14
N GLY A 75 9.04 -14.16 6.71
CA GLY A 75 8.71 -15.25 7.67
C GLY A 75 7.20 -15.37 7.82
N CYS A 76 6.45 -14.57 7.09
CA CYS A 76 4.97 -14.63 7.19
C CYS A 76 4.49 -16.05 6.89
N ALA B 1 -16.73 16.38 15.67
CA ALA B 1 -17.14 15.48 16.78
C ALA B 1 -16.40 15.86 18.05
N LEU B 2 -16.47 15.04 19.07
CA LEU B 2 -15.77 15.38 20.34
C LEU B 2 -14.34 14.81 20.31
N PRO B 3 -13.41 15.37 21.08
CA PRO B 3 -12.00 14.87 21.12
C PRO B 3 -11.90 13.52 21.83
N SER B 4 -10.78 12.87 21.72
CA SER B 4 -10.60 11.54 22.41
C SER B 4 -11.41 10.46 21.68
N ALA B 5 -11.01 9.23 21.82
CA ALA B 5 -11.74 8.12 21.14
C ALA B 5 -11.24 6.78 21.66
N SER B 6 -12.08 5.78 21.66
CA SER B 6 -11.66 4.43 22.14
C SER B 6 -11.54 3.46 20.95
N GLU B 7 -11.03 2.28 21.20
CA GLU B 7 -10.87 1.30 20.10
C GLU B 7 -12.24 0.83 19.64
N GLU B 8 -13.25 1.08 20.42
CA GLU B 8 -14.61 0.62 20.01
C GLU B 8 -15.13 1.54 18.90
N GLN B 9 -14.79 2.81 18.94
CA GLN B 9 -15.28 3.74 17.87
C GLN B 9 -14.27 3.85 16.73
N VAL B 10 -13.06 3.41 16.89
CA VAL B 10 -12.12 3.56 15.74
C VAL B 10 -12.42 2.48 14.70
N ALA B 11 -12.95 1.37 15.10
CA ALA B 11 -13.27 0.30 14.11
C ALA B 11 -14.43 0.77 13.23
N GLN B 12 -15.27 1.61 13.76
CA GLN B 12 -16.42 2.12 12.98
C GLN B 12 -15.92 3.22 12.04
N ASP B 13 -15.04 4.05 12.52
CA ASP B 13 -14.51 5.15 11.68
C ASP B 13 -13.43 4.60 10.75
N THR B 14 -12.90 3.45 11.04
CA THR B 14 -11.86 2.85 10.15
C THR B 14 -12.54 2.25 8.93
N GLU B 15 -13.63 1.57 9.12
CA GLU B 15 -14.34 0.96 7.95
C GLU B 15 -15.02 2.07 7.13
N GLU B 16 -15.53 3.06 7.80
CA GLU B 16 -16.21 4.18 7.08
C GLU B 16 -15.17 5.01 6.33
N VAL B 17 -14.02 5.21 6.91
CA VAL B 17 -12.95 6.00 6.23
C VAL B 17 -12.18 5.11 5.26
N PHE B 18 -12.36 3.82 5.35
CA PHE B 18 -11.65 2.90 4.43
C PHE B 18 -12.32 2.97 3.06
N ARG B 19 -13.62 3.01 3.07
CA ARG B 19 -14.41 3.04 1.81
C ARG B 19 -14.55 4.47 1.29
N SER B 20 -14.87 5.41 2.14
CA SER B 20 -15.01 6.84 1.69
C SER B 20 -13.73 7.28 0.99
N TYR B 21 -12.63 6.66 1.31
CA TYR B 21 -11.33 7.07 0.68
C TYR B 21 -11.15 6.42 -0.70
N VAL B 22 -11.29 5.13 -0.78
CA VAL B 22 -11.09 4.46 -2.10
C VAL B 22 -12.17 4.90 -3.10
N PHE B 23 -13.30 5.37 -2.63
CA PHE B 23 -14.38 5.82 -3.58
C PHE B 23 -13.99 7.17 -4.21
N TYR B 24 -13.68 8.15 -3.42
CA TYR B 24 -13.27 9.46 -4.01
C TYR B 24 -11.99 9.28 -4.82
N ARG B 25 -11.21 8.28 -4.51
CA ARG B 25 -9.96 8.04 -5.28
C ARG B 25 -10.32 7.44 -6.65
N HIS B 26 -11.25 6.52 -6.66
CA HIS B 26 -11.64 5.89 -7.95
C HIS B 26 -12.60 6.79 -8.72
N GLN B 27 -13.34 7.62 -8.04
CA GLN B 27 -14.29 8.52 -8.74
C GLN B 27 -13.52 9.47 -9.66
N GLN B 28 -12.42 10.00 -9.19
CA GLN B 28 -11.61 10.92 -10.03
C GLN B 28 -10.82 10.11 -11.06
N GLU B 29 -10.33 8.96 -10.67
CA GLU B 29 -9.54 8.12 -11.61
C GLU B 29 -10.42 7.69 -12.77
N GLN B 30 -11.72 7.68 -12.58
CA GLN B 30 -12.65 7.26 -13.66
C GLN B 30 -12.57 8.25 -14.83
N GLU B 31 -12.41 9.51 -14.54
CA GLU B 31 -12.34 10.53 -15.63
C GLU B 31 -11.11 10.29 -16.49
N ALA B 32 -10.00 9.99 -15.88
CA ALA B 32 -8.75 9.76 -16.67
C ALA B 32 -8.82 8.39 -17.35
N GLU B 33 -8.92 7.34 -16.58
CA GLU B 33 -8.99 5.97 -17.17
C GLU B 33 -10.18 5.23 -16.56
N GLY B 34 -10.39 3.99 -16.95
CA GLY B 34 -11.53 3.20 -16.41
C GLY B 34 -11.00 1.91 -15.80
N VAL B 35 -9.72 1.84 -15.55
CA VAL B 35 -9.15 0.60 -14.97
C VAL B 35 -9.87 0.28 -13.66
N ALA B 36 -10.29 -0.95 -13.50
CA ALA B 36 -11.01 -1.34 -12.26
C ALA B 36 -12.16 -0.36 -11.99
N ALA B 37 -12.79 0.12 -13.04
CA ALA B 37 -13.93 1.07 -12.87
C ALA B 37 -15.07 0.39 -12.10
N PRO B 38 -15.96 1.17 -11.52
CA PRO B 38 -17.11 0.66 -10.73
C PRO B 38 -18.19 0.02 -11.62
N ALA B 39 -19.29 -0.39 -11.04
CA ALA B 39 -20.36 -1.02 -11.84
C ALA B 39 -21.27 0.05 -12.46
N ASP B 40 -20.70 1.06 -13.05
CA ASP B 40 -21.53 2.14 -13.67
C ASP B 40 -22.38 2.83 -12.60
N PRO B 41 -22.82 4.04 -12.86
CA PRO B 41 -23.67 4.82 -11.90
C PRO B 41 -25.10 4.28 -11.79
N GLU B 42 -25.33 3.36 -10.89
CA GLU B 42 -26.70 2.81 -10.73
C GLU B 42 -26.93 2.43 -9.26
N MET B 43 -27.83 1.51 -9.00
CA MET B 43 -28.09 1.08 -7.60
C MET B 43 -26.87 0.36 -7.04
N VAL B 44 -26.10 -0.25 -7.91
CA VAL B 44 -24.90 -0.99 -7.45
C VAL B 44 -23.78 0.00 -7.09
N THR B 45 -24.12 1.26 -6.96
CA THR B 45 -23.09 2.27 -6.61
C THR B 45 -22.69 2.15 -5.14
N LEU B 46 -21.81 3.00 -4.69
CA LEU B 46 -21.30 2.94 -3.29
C LEU B 46 -21.92 4.10 -2.46
N PRO B 47 -23.03 3.87 -1.78
CA PRO B 47 -23.72 4.93 -0.96
C PRO B 47 -23.04 5.26 0.37
N LEU B 48 -22.08 6.15 0.35
CA LEU B 48 -21.38 6.53 1.61
C LEU B 48 -22.22 7.60 2.33
N GLN B 49 -21.80 8.04 3.49
CA GLN B 49 -22.56 9.09 4.25
C GLN B 49 -21.66 10.32 4.43
N PRO B 50 -21.57 11.17 3.44
CA PRO B 50 -20.71 12.39 3.50
C PRO B 50 -21.26 13.43 4.48
N SER B 51 -22.41 13.17 5.03
CA SER B 51 -23.02 14.12 5.98
C SER B 51 -22.23 14.11 7.30
N SER B 52 -21.36 13.15 7.50
CA SER B 52 -20.58 13.09 8.76
C SER B 52 -19.20 13.73 8.56
N THR B 53 -18.54 14.09 9.63
CA THR B 53 -17.20 14.73 9.52
C THR B 53 -16.18 13.77 8.92
N MET B 54 -16.38 12.49 9.10
CA MET B 54 -15.40 11.51 8.54
C MET B 54 -15.37 11.66 7.01
N GLY B 55 -16.37 12.30 6.47
CA GLY B 55 -16.41 12.52 4.99
C GLY B 55 -15.24 13.38 4.57
N GLN B 56 -14.86 14.33 5.40
CA GLN B 56 -13.73 15.24 5.06
C GLN B 56 -12.40 14.53 5.35
N VAL B 57 -12.43 13.52 6.18
CA VAL B 57 -11.16 12.80 6.49
C VAL B 57 -10.68 12.04 5.26
N GLY B 58 -11.58 11.40 4.56
CA GLY B 58 -11.16 10.64 3.34
C GLY B 58 -10.67 11.60 2.26
N ARG B 59 -11.35 12.70 2.09
CA ARG B 59 -10.94 13.69 1.05
C ARG B 59 -9.51 14.18 1.32
N GLN B 60 -9.19 14.48 2.55
CA GLN B 60 -7.82 14.96 2.86
C GLN B 60 -6.80 13.84 2.66
N LEU B 61 -7.02 12.71 3.27
CA LEU B 61 -6.06 11.58 3.12
C LEU B 61 -5.90 11.21 1.63
N ALA B 62 -6.92 11.46 0.84
CA ALA B 62 -6.83 11.13 -0.60
C ALA B 62 -5.97 12.17 -1.32
N ILE B 63 -5.64 13.24 -0.64
CA ILE B 63 -4.81 14.30 -1.27
C ILE B 63 -3.34 14.08 -0.87
N ILE B 64 -3.10 13.82 0.39
CA ILE B 64 -1.70 13.61 0.85
C ILE B 64 -1.14 12.30 0.26
N GLY B 65 -1.99 11.33 0.00
CA GLY B 65 -1.49 10.04 -0.56
C GLY B 65 -1.96 9.88 -2.01
N ASP B 66 -1.82 10.91 -2.79
CA ASP B 66 -2.26 10.84 -4.22
C ASP B 66 -1.08 10.48 -5.12
N ASP B 67 -0.05 11.28 -5.10
CA ASP B 67 1.14 11.00 -5.95
C ASP B 67 1.89 9.79 -5.41
N ILE B 68 2.04 9.71 -4.11
CA ILE B 68 2.77 8.56 -3.50
C ILE B 68 2.03 7.27 -3.79
N ASN B 69 0.75 7.35 -4.03
CA ASN B 69 -0.03 6.11 -4.31
C ASN B 69 0.27 5.63 -5.74
N ARG B 70 0.15 6.51 -6.69
CA ARG B 70 0.42 6.11 -8.12
C ARG B 70 1.90 5.76 -8.30
N ARG B 71 2.77 6.32 -7.50
CA ARG B 71 4.22 6.04 -7.66
C ARG B 71 4.49 4.53 -7.72
N TYR B 72 4.02 3.79 -6.75
CA TYR B 72 4.23 2.31 -6.74
C TYR B 72 2.86 1.62 -6.85
N ASP B 73 2.08 1.98 -7.84
CA ASP B 73 0.74 1.32 -8.04
C ASP B 73 0.79 0.44 -9.28
N SER B 74 1.49 0.87 -10.31
CA SER B 74 1.56 0.06 -11.56
C SER B 74 2.31 -1.22 -11.27
N GLU B 75 3.13 -1.20 -10.25
CA GLU B 75 3.89 -2.41 -9.89
C GLU B 75 3.06 -3.23 -8.91
N PHE B 76 2.14 -2.59 -8.24
CA PHE B 76 1.30 -3.33 -7.27
C PHE B 76 0.41 -4.32 -8.01
N GLN B 77 -0.23 -3.88 -9.07
CA GLN B 77 -1.13 -4.79 -9.83
C GLN B 77 -0.29 -5.79 -10.64
N THR B 78 0.84 -5.37 -11.11
CA THR B 78 1.69 -6.27 -11.93
C THR B 78 2.08 -7.51 -11.11
N MET B 79 2.53 -7.31 -9.90
CA MET B 79 2.91 -8.47 -9.06
C MET B 79 1.66 -9.15 -8.51
N LEU B 80 0.60 -8.42 -8.34
CA LEU B 80 -0.66 -9.03 -7.80
C LEU B 80 -1.14 -10.13 -8.75
N GLN B 81 -0.97 -9.91 -10.03
CA GLN B 81 -1.41 -10.91 -11.03
C GLN B 81 -0.56 -12.17 -10.88
N HIS B 82 0.70 -12.01 -10.56
CA HIS B 82 1.59 -13.19 -10.41
C HIS B 82 1.25 -13.91 -9.09
N LEU B 83 0.45 -13.29 -8.26
CA LEU B 83 0.11 -13.95 -6.97
C LEU B 83 -1.05 -14.90 -7.21
N GLN B 84 -2.14 -14.39 -7.76
CA GLN B 84 -3.35 -15.23 -8.01
C GLN B 84 -3.77 -15.95 -6.73
N PRO B 85 -4.21 -15.19 -5.75
CA PRO B 85 -4.65 -15.74 -4.44
C PRO B 85 -6.02 -16.41 -4.52
N THR B 86 -6.51 -16.92 -3.41
CA THR B 86 -7.83 -17.61 -3.42
C THR B 86 -8.64 -17.15 -2.19
N ALA B 87 -9.89 -17.52 -2.13
CA ALA B 87 -10.74 -17.10 -0.98
C ALA B 87 -10.35 -17.85 0.29
N GLU B 88 -9.63 -18.93 0.16
CA GLU B 88 -9.23 -19.70 1.37
C GLU B 88 -7.91 -19.16 1.93
N ASN B 89 -7.07 -18.60 1.09
CA ASN B 89 -5.76 -18.06 1.57
C ASN B 89 -5.67 -16.57 1.24
N ALA B 90 -6.78 -15.88 1.17
CA ALA B 90 -6.74 -14.42 0.85
C ALA B 90 -6.08 -13.64 2.00
N TYR B 91 -6.39 -14.01 3.21
CA TYR B 91 -5.80 -13.30 4.38
C TYR B 91 -4.38 -13.80 4.65
N GLU B 92 -4.02 -14.91 4.07
CA GLU B 92 -2.65 -15.45 4.29
C GLU B 92 -1.65 -14.68 3.42
N TYR B 93 -2.12 -14.04 2.39
CA TYR B 93 -1.20 -13.25 1.51
C TYR B 93 -1.25 -11.79 1.90
N PHE B 94 -2.42 -11.28 2.15
CA PHE B 94 -2.56 -9.85 2.55
C PHE B 94 -1.82 -9.61 3.86
N THR B 95 -2.03 -10.45 4.83
CA THR B 95 -1.35 -10.27 6.14
C THR B 95 0.18 -10.35 5.95
N CYS B 96 0.62 -10.88 4.84
CA CYS B 96 2.09 -10.98 4.63
C CYS B 96 2.64 -9.65 4.10
N ILE B 97 2.02 -9.08 3.10
CA ILE B 97 2.52 -7.78 2.59
C ILE B 97 2.45 -6.75 3.72
N ALA B 98 1.35 -6.69 4.43
CA ALA B 98 1.22 -5.69 5.53
C ALA B 98 2.34 -5.93 6.56
N THR B 99 2.33 -7.06 7.22
CA THR B 99 3.38 -7.35 8.24
C THR B 99 4.76 -7.11 7.62
N SER B 100 4.91 -7.33 6.35
CA SER B 100 6.23 -7.12 5.71
C SER B 100 6.43 -5.62 5.45
N LEU B 101 5.38 -4.85 5.49
CA LEU B 101 5.51 -3.38 5.25
C LEU B 101 5.75 -2.66 6.57
N PHE B 102 4.93 -2.88 7.56
CA PHE B 102 5.14 -2.18 8.86
C PHE B 102 6.25 -2.88 9.65
N GLU B 103 6.89 -3.84 9.06
CA GLU B 103 7.98 -4.55 9.80
C GLU B 103 9.00 -3.52 10.27
N SER B 104 9.24 -2.52 9.48
CA SER B 104 10.23 -1.48 9.87
C SER B 104 9.65 -0.59 10.96
N GLY B 105 8.38 -0.29 10.88
CA GLY B 105 7.74 0.60 11.90
C GLY B 105 6.33 0.97 11.45
N ILE B 106 5.74 1.96 12.08
CA ILE B 106 4.35 2.39 11.71
C ILE B 106 4.33 3.90 11.47
N ASN B 107 3.72 4.33 10.40
CA ASN B 107 3.66 5.79 10.12
C ASN B 107 2.37 6.13 9.36
N TRP B 108 2.04 7.38 9.25
CA TRP B 108 0.81 7.77 8.52
C TRP B 108 0.95 7.33 7.07
N GLY B 109 2.14 7.34 6.55
CA GLY B 109 2.36 6.92 5.14
C GLY B 109 2.16 5.41 5.03
N ARG B 110 2.47 4.69 6.07
CA ARG B 110 2.31 3.21 6.03
C ARG B 110 0.83 2.86 6.22
N VAL B 111 0.06 3.76 6.73
CA VAL B 111 -1.39 3.47 6.92
C VAL B 111 -2.15 3.73 5.62
N VAL B 112 -1.93 4.87 5.01
CA VAL B 112 -2.64 5.18 3.73
C VAL B 112 -2.19 4.21 2.64
N ALA B 113 -0.94 3.84 2.67
CA ALA B 113 -0.43 2.89 1.64
C ALA B 113 -1.17 1.55 1.81
N LEU B 114 -1.48 1.19 3.03
CA LEU B 114 -2.19 -0.10 3.25
C LEU B 114 -3.55 -0.05 2.59
N LEU B 115 -4.33 0.99 2.85
CA LEU B 115 -5.68 1.08 2.23
C LEU B 115 -5.54 1.15 0.71
N GLY B 116 -4.55 1.86 0.24
CA GLY B 116 -4.38 1.99 -1.23
C GLY B 116 -4.24 0.62 -1.89
N PHE B 117 -3.48 -0.27 -1.31
CA PHE B 117 -3.32 -1.61 -1.93
C PHE B 117 -4.33 -2.60 -1.32
N GLY B 118 -5.32 -2.10 -0.63
CA GLY B 118 -6.33 -3.00 0.00
C GLY B 118 -7.63 -2.99 -0.80
N TYR B 119 -7.63 -2.40 -1.97
CA TYR B 119 -8.88 -2.35 -2.79
C TYR B 119 -8.81 -3.38 -3.91
N ARG B 120 -8.10 -3.06 -4.98
CA ARG B 120 -7.98 -4.01 -6.13
C ARG B 120 -7.86 -5.44 -5.63
N LEU B 121 -7.16 -5.65 -4.54
CA LEU B 121 -7.01 -7.04 -4.03
C LEU B 121 -8.39 -7.66 -3.81
N ALA B 122 -9.28 -6.97 -3.13
CA ALA B 122 -10.64 -7.55 -2.91
C ALA B 122 -11.42 -7.55 -4.23
N LEU B 123 -11.35 -6.48 -4.97
CA LEU B 123 -12.09 -6.40 -6.26
C LEU B 123 -11.55 -7.47 -7.22
N HIS B 124 -10.30 -7.80 -7.11
CA HIS B 124 -9.70 -8.83 -8.00
C HIS B 124 -10.49 -10.13 -7.85
N VAL B 125 -10.93 -10.41 -6.66
CA VAL B 125 -11.70 -11.66 -6.42
C VAL B 125 -13.12 -11.46 -6.93
N TYR B 126 -13.69 -10.31 -6.70
CA TYR B 126 -15.08 -10.05 -7.17
C TYR B 126 -15.19 -10.36 -8.66
N GLN B 127 -14.40 -9.71 -9.49
CA GLN B 127 -14.49 -9.99 -10.95
C GLN B 127 -14.27 -11.47 -11.20
N HIS B 128 -13.18 -12.02 -10.71
CA HIS B 128 -12.91 -13.48 -10.91
C HIS B 128 -14.23 -14.26 -10.94
N GLY B 129 -15.12 -13.98 -10.03
CA GLY B 129 -16.43 -14.69 -10.03
C GLY B 129 -16.88 -14.94 -8.61
N LEU B 130 -16.06 -14.63 -7.64
CA LEU B 130 -16.47 -14.86 -6.22
C LEU B 130 -17.27 -13.65 -5.73
N THR B 131 -18.49 -13.52 -6.15
CA THR B 131 -19.32 -12.36 -5.72
C THR B 131 -19.57 -12.45 -4.20
N GLY B 132 -19.49 -11.34 -3.52
CA GLY B 132 -19.72 -11.35 -2.05
C GLY B 132 -18.37 -11.36 -1.32
N PHE B 133 -17.48 -10.49 -1.69
CA PHE B 133 -16.14 -10.44 -1.03
C PHE B 133 -15.97 -9.13 -0.27
N LEU B 134 -16.72 -8.12 -0.63
CA LEU B 134 -16.60 -6.81 0.07
C LEU B 134 -16.85 -7.00 1.57
N GLY B 135 -17.87 -7.73 1.91
CA GLY B 135 -18.15 -7.97 3.35
C GLY B 135 -17.02 -8.78 3.98
N GLN B 136 -16.39 -9.62 3.20
CA GLN B 136 -15.29 -10.46 3.76
C GLN B 136 -14.05 -9.61 4.06
N VAL B 137 -13.61 -8.80 3.13
CA VAL B 137 -12.40 -7.96 3.38
C VAL B 137 -12.64 -7.02 4.57
N THR B 138 -13.85 -6.54 4.73
CA THR B 138 -14.12 -5.62 5.87
C THR B 138 -13.95 -6.39 7.19
N ARG B 139 -14.73 -7.42 7.37
CA ARG B 139 -14.65 -8.23 8.61
C ARG B 139 -13.31 -8.97 8.69
N PHE B 140 -12.33 -8.55 7.92
CA PHE B 140 -11.00 -9.21 7.96
C PHE B 140 -9.96 -8.18 8.40
N VAL B 141 -9.99 -7.01 7.81
CA VAL B 141 -8.99 -5.98 8.20
C VAL B 141 -9.27 -5.47 9.61
N VAL B 142 -10.49 -5.10 9.89
CA VAL B 142 -10.81 -4.60 11.26
C VAL B 142 -10.29 -5.59 12.30
N ASP B 143 -10.37 -6.86 12.03
CA ASP B 143 -9.86 -7.86 13.00
C ASP B 143 -8.33 -7.78 13.07
N PHE B 144 -7.71 -7.59 11.95
CA PHE B 144 -6.22 -7.49 11.92
C PHE B 144 -5.77 -6.20 12.62
N MET B 145 -6.47 -5.12 12.41
CA MET B 145 -6.06 -3.83 13.03
C MET B 145 -6.19 -3.92 14.56
N LEU B 146 -7.22 -4.59 15.03
CA LEU B 146 -7.42 -4.71 16.50
C LEU B 146 -6.52 -5.82 17.04
N HIS B 147 -6.07 -6.70 16.20
CA HIS B 147 -5.20 -7.82 16.66
C HIS B 147 -3.74 -7.36 16.62
N HIS B 148 -3.44 -6.45 15.73
CA HIS B 148 -2.04 -5.96 15.63
C HIS B 148 -1.86 -4.73 16.51
N CYS B 149 -2.81 -4.43 17.37
CA CYS B 149 -2.65 -3.23 18.25
C CYS B 149 -2.62 -1.94 17.41
N ILE B 150 -3.12 -1.99 16.20
CA ILE B 150 -3.13 -0.77 15.35
C ILE B 150 -4.14 0.22 15.90
N ALA B 151 -5.24 -0.29 16.38
CA ALA B 151 -6.31 0.61 16.92
C ALA B 151 -5.74 1.47 18.05
N ARG B 152 -5.03 0.89 18.97
CA ARG B 152 -4.47 1.69 20.09
C ARG B 152 -3.61 2.83 19.54
N TRP B 153 -2.57 2.51 18.82
CA TRP B 153 -1.69 3.58 18.26
C TRP B 153 -2.54 4.71 17.67
N ILE B 154 -3.48 4.40 16.83
CA ILE B 154 -4.34 5.47 16.25
C ILE B 154 -4.98 6.26 17.40
N ALA B 155 -5.40 5.59 18.44
CA ALA B 155 -6.03 6.30 19.59
C ALA B 155 -5.01 7.23 20.26
N GLN B 156 -3.78 6.81 20.39
CA GLN B 156 -2.76 7.67 21.07
C GLN B 156 -2.38 8.83 20.14
N ARG B 157 -2.66 8.69 18.87
CA ARG B 157 -2.31 9.78 17.91
C ARG B 157 -3.41 10.85 17.91
N GLY B 158 -4.48 10.63 18.61
CA GLY B 158 -5.58 11.64 18.65
C GLY B 158 -6.77 11.12 17.84
N GLY B 159 -6.81 9.84 17.59
CA GLY B 159 -7.94 9.27 16.82
C GLY B 159 -7.85 9.71 15.35
N TRP B 160 -8.87 9.42 14.59
CA TRP B 160 -8.88 9.82 13.15
C TRP B 160 -9.14 11.32 13.06
N VAL B 161 -9.53 11.94 14.14
CA VAL B 161 -9.79 13.39 14.13
C VAL B 161 -8.46 14.15 14.05
N ALA B 162 -7.36 13.46 14.23
CA ALA B 162 -6.05 14.17 14.17
C ALA B 162 -5.65 14.39 12.71
N ALA B 163 -6.42 13.87 11.79
CA ALA B 163 -6.10 14.06 10.35
C ALA B 163 -6.21 15.54 9.98
N LEU B 164 -7.18 16.21 10.52
CA LEU B 164 -7.37 17.65 10.19
C LEU B 164 -6.18 18.45 10.74
N ASN B 165 -5.45 17.88 11.65
CA ASN B 165 -4.28 18.61 12.23
C ASN B 165 -2.99 18.18 11.52
N LEU B 166 -3.09 17.79 10.27
CA LEU B 166 -1.88 17.36 9.51
C LEU B 166 -1.44 18.51 8.57
N GLY B 167 -0.83 18.18 7.47
CA GLY B 167 -0.36 19.25 6.53
C GLY B 167 -1.56 20.08 6.04
N ASN B 168 -2.24 19.62 5.04
CA ASN B 168 -3.40 20.39 4.50
C ASN B 168 -4.52 20.39 5.54
N GLY B 169 -4.42 19.57 6.55
CA GLY B 169 -5.47 19.53 7.59
C GLY B 169 -6.85 19.42 6.93
N MET A 1 29.95 3.07 -11.98
CA MET A 1 29.25 4.36 -11.68
C MET A 1 28.69 4.30 -10.27
N GLN A 2 28.09 5.37 -9.80
CA GLN A 2 27.53 5.37 -8.43
C GLN A 2 26.02 5.58 -8.50
N ILE A 3 25.28 4.75 -7.81
CA ILE A 3 23.79 4.85 -7.82
C ILE A 3 23.32 5.13 -6.41
N PHE A 4 22.08 5.54 -6.25
CA PHE A 4 21.55 5.84 -4.90
C PHE A 4 20.24 5.08 -4.68
N VAL A 5 20.19 4.23 -3.70
CA VAL A 5 18.93 3.44 -3.45
C VAL A 5 18.14 4.12 -2.33
N LYS A 6 16.85 4.26 -2.50
CA LYS A 6 16.02 4.91 -1.45
C LYS A 6 15.17 3.88 -0.72
N THR A 7 15.19 3.90 0.58
CA THR A 7 14.39 2.92 1.37
C THR A 7 13.08 3.56 1.80
N LEU A 8 12.24 2.82 2.48
CA LEU A 8 10.94 3.40 2.92
C LEU A 8 11.13 4.09 4.27
N THR A 9 12.32 4.11 4.80
CA THR A 9 12.57 4.76 6.11
C THR A 9 13.16 6.15 5.89
N GLY A 10 13.35 6.54 4.66
CA GLY A 10 13.92 7.88 4.39
C GLY A 10 15.45 7.80 4.41
N LYS A 11 16.00 6.61 4.37
CA LYS A 11 17.48 6.46 4.38
C LYS A 11 17.96 6.11 2.98
N THR A 12 18.95 6.82 2.49
CA THR A 12 19.47 6.55 1.12
C THR A 12 20.91 6.01 1.23
N ILE A 13 21.19 4.92 0.57
CA ILE A 13 22.55 4.32 0.63
C ILE A 13 23.18 4.34 -0.77
N THR A 14 24.39 4.80 -0.87
CA THR A 14 25.06 4.85 -2.19
C THR A 14 25.58 3.46 -2.58
N LEU A 15 25.91 3.26 -3.83
CA LEU A 15 26.41 1.92 -4.26
C LEU A 15 27.31 2.08 -5.49
N GLU A 16 28.44 1.45 -5.51
CA GLU A 16 29.35 1.56 -6.68
C GLU A 16 29.21 0.29 -7.54
N VAL A 17 28.62 0.40 -8.69
CA VAL A 17 28.44 -0.79 -9.57
C VAL A 17 28.77 -0.41 -11.02
N GLU A 18 28.68 -1.35 -11.94
CA GLU A 18 28.99 -1.04 -13.36
C GLU A 18 27.83 -1.51 -14.26
N PRO A 19 27.63 -0.88 -15.38
CA PRO A 19 26.53 -1.26 -16.32
C PRO A 19 26.57 -2.74 -16.75
N SER A 20 27.70 -3.40 -16.61
CA SER A 20 27.78 -4.84 -17.02
C SER A 20 27.52 -5.73 -15.80
N ASP A 21 27.27 -5.15 -14.67
CA ASP A 21 27.03 -5.97 -13.44
C ASP A 21 25.62 -6.59 -13.49
N THR A 22 25.47 -7.75 -12.94
CA THR A 22 24.12 -8.41 -12.96
C THR A 22 23.32 -7.98 -11.73
N ILE A 23 22.03 -8.07 -11.82
CA ILE A 23 21.15 -7.69 -10.69
C ILE A 23 21.44 -8.58 -9.48
N GLU A 24 21.79 -9.81 -9.72
CA GLU A 24 22.11 -10.73 -8.60
C GLU A 24 23.34 -10.23 -7.86
N ASN A 25 24.27 -9.66 -8.58
CA ASN A 25 25.51 -9.16 -7.92
C ASN A 25 25.15 -7.93 -7.08
N VAL A 26 24.29 -7.09 -7.59
CA VAL A 26 23.89 -5.87 -6.82
C VAL A 26 23.20 -6.27 -5.52
N LYS A 27 22.31 -7.23 -5.57
CA LYS A 27 21.60 -7.61 -4.30
C LYS A 27 22.61 -8.19 -3.32
N ALA A 28 23.56 -8.95 -3.77
CA ALA A 28 24.58 -9.50 -2.83
C ALA A 28 25.35 -8.35 -2.17
N LYS A 29 25.62 -7.31 -2.92
CA LYS A 29 26.38 -6.15 -2.34
C LYS A 29 25.55 -5.50 -1.22
N ILE A 30 24.26 -5.39 -1.43
CA ILE A 30 23.39 -4.76 -0.38
C ILE A 30 23.43 -5.60 0.90
N GLN A 31 23.28 -6.89 0.77
CA GLN A 31 23.31 -7.77 1.98
C GLN A 31 24.71 -7.73 2.59
N ASP A 32 25.71 -7.59 1.76
CA ASP A 32 27.11 -7.57 2.28
C ASP A 32 27.36 -6.26 3.05
N LYS A 33 26.61 -5.24 2.74
CA LYS A 33 26.81 -3.92 3.41
C LYS A 33 25.56 -3.57 4.24
N GLU A 34 24.51 -4.35 4.17
CA GLU A 34 23.30 -4.02 4.97
C GLU A 34 22.86 -5.25 5.74
N GLY A 35 22.80 -6.39 5.10
CA GLY A 35 22.37 -7.63 5.81
C GLY A 35 20.91 -7.95 5.48
N ILE A 36 20.41 -7.50 4.37
CA ILE A 36 18.98 -7.79 4.02
C ILE A 36 18.93 -9.00 3.08
N PRO A 37 18.41 -10.12 3.51
CA PRO A 37 18.35 -11.35 2.66
C PRO A 37 17.75 -11.09 1.27
N PRO A 38 18.34 -11.60 0.22
CA PRO A 38 17.79 -11.42 -1.16
C PRO A 38 16.38 -11.98 -1.36
N ASP A 39 15.96 -12.92 -0.57
CA ASP A 39 14.60 -13.48 -0.74
C ASP A 39 13.53 -12.45 -0.34
N GLN A 40 13.90 -11.44 0.40
CA GLN A 40 12.90 -10.42 0.83
C GLN A 40 13.23 -9.07 0.18
N GLN A 41 13.43 -9.07 -1.10
CA GLN A 41 13.76 -7.80 -1.84
C GLN A 41 12.81 -7.64 -3.04
N ARG A 42 12.19 -6.49 -3.14
CA ARG A 42 11.25 -6.22 -4.27
C ARG A 42 11.63 -4.85 -4.88
N LEU A 43 12.76 -4.80 -5.55
CA LEU A 43 13.21 -3.50 -6.14
C LEU A 43 12.15 -3.04 -7.16
N ILE A 44 12.10 -1.77 -7.46
CA ILE A 44 11.07 -1.27 -8.43
C ILE A 44 11.66 -0.11 -9.27
N PHE A 45 11.54 -0.21 -10.57
CA PHE A 45 12.05 0.87 -11.47
C PHE A 45 10.99 1.20 -12.52
N ALA A 46 10.54 2.42 -12.60
CA ALA A 46 9.55 2.76 -13.67
C ALA A 46 8.28 1.92 -13.52
N GLY A 47 7.91 1.52 -12.33
CA GLY A 47 6.67 0.71 -12.16
C GLY A 47 6.84 -0.65 -12.81
N LYS A 48 8.04 -1.15 -12.87
CA LYS A 48 8.26 -2.49 -13.49
C LYS A 48 9.08 -3.35 -12.53
N GLN A 49 8.64 -4.56 -12.31
CA GLN A 49 9.38 -5.47 -11.38
C GLN A 49 10.54 -6.14 -12.10
N LEU A 50 11.70 -5.56 -11.98
CA LEU A 50 12.91 -6.14 -12.60
C LEU A 50 13.00 -7.66 -12.40
N GLU A 51 13.46 -8.38 -13.39
CA GLU A 51 13.59 -9.85 -13.23
C GLU A 51 14.99 -10.18 -12.71
N ASP A 52 15.23 -11.40 -12.35
CA ASP A 52 16.57 -11.78 -11.82
C ASP A 52 17.43 -12.38 -12.94
N GLY A 53 16.88 -12.52 -14.12
CA GLY A 53 17.63 -13.11 -15.26
C GLY A 53 18.04 -12.02 -16.27
N ARG A 54 17.87 -10.78 -15.92
CA ARG A 54 18.24 -9.66 -16.84
C ARG A 54 19.26 -8.74 -16.17
N THR A 55 19.97 -7.96 -16.95
CA THR A 55 21.00 -7.03 -16.39
C THR A 55 20.39 -5.63 -16.20
N LEU A 56 21.15 -4.66 -15.78
CA LEU A 56 20.54 -3.30 -15.60
C LEU A 56 20.52 -2.59 -16.96
N SER A 57 21.44 -2.89 -17.84
CA SER A 57 21.41 -2.23 -19.18
C SER A 57 20.10 -2.65 -19.88
N ASP A 58 19.59 -3.80 -19.50
CA ASP A 58 18.32 -4.30 -20.13
C ASP A 58 17.21 -3.29 -19.85
N TYR A 59 17.19 -2.72 -18.68
CA TYR A 59 16.13 -1.73 -18.34
C TYR A 59 16.60 -0.32 -18.72
N ASN A 60 17.87 -0.18 -19.01
CA ASN A 60 18.43 1.15 -19.40
C ASN A 60 18.66 2.04 -18.17
N ILE A 61 19.04 1.48 -17.05
CA ILE A 61 19.26 2.34 -15.84
C ILE A 61 20.60 3.04 -15.98
N GLN A 62 20.61 4.35 -15.99
CA GLN A 62 21.88 5.11 -16.12
C GLN A 62 22.51 5.30 -14.74
N LYS A 63 23.41 6.23 -14.62
CA LYS A 63 24.08 6.47 -13.30
C LYS A 63 23.24 7.45 -12.48
N GLU A 64 23.53 7.58 -11.21
CA GLU A 64 22.74 8.52 -10.36
C GLU A 64 21.26 8.18 -10.46
N SER A 65 20.93 6.92 -10.58
CA SER A 65 19.51 6.52 -10.69
C SER A 65 18.98 6.16 -9.30
N THR A 66 17.70 6.29 -9.09
CA THR A 66 17.09 5.96 -7.77
C THR A 66 16.09 4.81 -7.93
N LEU A 67 16.17 3.83 -7.09
CA LEU A 67 15.24 2.66 -7.18
C LEU A 67 14.55 2.42 -5.84
N HIS A 68 13.27 2.21 -5.85
CA HIS A 68 12.53 1.97 -4.57
C HIS A 68 12.74 0.53 -4.10
N LEU A 69 12.50 0.28 -2.83
CA LEU A 69 12.68 -1.09 -2.27
C LEU A 69 11.49 -1.46 -1.37
N VAL A 70 10.69 -2.45 -1.74
CA VAL A 70 9.53 -2.84 -0.84
C VAL A 70 10.00 -4.00 0.05
N LEU A 71 9.13 -4.92 0.37
CA LEU A 71 9.49 -6.10 1.22
C LEU A 71 8.36 -7.12 1.12
N ARG A 72 8.68 -8.38 0.93
CA ARG A 72 7.60 -9.42 0.89
C ARG A 72 7.87 -10.44 2.01
N LEU A 73 8.87 -10.20 2.81
CA LEU A 73 9.19 -11.15 3.93
C LEU A 73 9.53 -12.52 3.36
N ARG A 74 10.32 -13.28 4.06
CA ARG A 74 10.72 -14.62 3.58
C ARG A 74 9.46 -15.49 3.41
N GLY A 75 9.38 -16.24 2.35
CA GLY A 75 8.18 -17.10 2.14
C GLY A 75 6.92 -16.22 2.03
N CYS A 76 5.91 -16.51 2.81
CA CYS A 76 4.65 -15.70 2.76
C CYS A 76 4.99 -14.21 2.70
N ALA B 1 -16.87 16.45 15.73
CA ALA B 1 -17.29 15.53 16.83
C ALA B 1 -16.55 15.91 18.12
N LEU B 2 -16.63 15.08 19.12
CA LEU B 2 -15.95 15.37 20.41
C LEU B 2 -14.54 14.78 20.38
N PRO B 3 -13.62 15.36 21.11
CA PRO B 3 -12.20 14.86 21.16
C PRO B 3 -12.09 13.53 21.91
N SER B 4 -10.97 12.87 21.78
CA SER B 4 -10.80 11.55 22.47
C SER B 4 -11.60 10.48 21.75
N ALA B 5 -11.22 9.24 21.89
CA ALA B 5 -11.95 8.14 21.21
C ALA B 5 -11.45 6.79 21.74
N SER B 6 -12.31 5.79 21.73
CA SER B 6 -11.89 4.45 22.22
C SER B 6 -11.75 3.49 21.04
N GLU B 7 -11.27 2.30 21.28
CA GLU B 7 -11.10 1.33 20.17
C GLU B 7 -12.48 0.85 19.71
N GLU B 8 -13.48 1.08 20.53
CA GLU B 8 -14.86 0.65 20.15
C GLU B 8 -15.40 1.54 19.02
N GLN B 9 -15.12 2.82 19.08
CA GLN B 9 -15.62 3.74 18.02
C GLN B 9 -14.61 3.84 16.88
N VAL B 10 -13.39 3.41 17.10
CA VAL B 10 -12.36 3.46 16.02
C VAL B 10 -12.69 2.43 14.93
N ALA B 11 -13.17 1.29 15.31
CA ALA B 11 -13.50 0.23 14.31
C ALA B 11 -14.64 0.71 13.41
N GLN B 12 -15.47 1.60 13.90
CA GLN B 12 -16.60 2.11 13.08
C GLN B 12 -16.10 3.20 12.12
N ASP B 13 -15.22 4.05 12.60
CA ASP B 13 -14.68 5.13 11.74
C ASP B 13 -13.64 4.58 10.78
N THR B 14 -13.10 3.43 11.07
CA THR B 14 -12.08 2.85 10.16
C THR B 14 -12.79 2.31 8.92
N GLU B 15 -13.90 1.65 9.12
CA GLU B 15 -14.66 1.07 7.97
C GLU B 15 -15.30 2.20 7.14
N GLU B 16 -15.83 3.18 7.82
CA GLU B 16 -16.49 4.31 7.08
C GLU B 16 -15.44 5.12 6.33
N VAL B 17 -14.30 5.33 6.92
CA VAL B 17 -13.23 6.11 6.24
C VAL B 17 -12.48 5.20 5.26
N PHE B 18 -12.67 3.91 5.36
CA PHE B 18 -11.98 2.98 4.42
C PHE B 18 -12.65 3.03 3.05
N ARG B 19 -13.97 3.03 3.02
CA ARG B 19 -14.68 3.07 1.72
C ARG B 19 -14.77 4.52 1.23
N SER B 20 -15.08 5.43 2.11
CA SER B 20 -15.18 6.86 1.71
C SER B 20 -13.86 7.32 1.06
N TYR B 21 -12.77 6.74 1.48
CA TYR B 21 -11.46 7.13 0.88
C TYR B 21 -11.29 6.45 -0.47
N VAL B 22 -11.46 5.16 -0.50
CA VAL B 22 -11.32 4.41 -1.79
C VAL B 22 -12.38 4.93 -2.77
N PHE B 23 -13.51 5.37 -2.27
CA PHE B 23 -14.57 5.86 -3.21
C PHE B 23 -14.13 7.16 -3.87
N TYR B 24 -13.76 8.13 -3.08
CA TYR B 24 -13.31 9.42 -3.67
C TYR B 24 -12.05 9.21 -4.51
N ARG B 25 -11.27 8.22 -4.19
CA ARG B 25 -10.02 7.96 -4.96
C ARG B 25 -10.36 7.34 -6.32
N HIS B 26 -11.27 6.39 -6.36
CA HIS B 26 -11.60 5.76 -7.68
C HIS B 26 -12.54 6.69 -8.45
N GLN B 27 -13.25 7.54 -7.77
CA GLN B 27 -14.17 8.47 -8.47
C GLN B 27 -13.38 9.42 -9.38
N GLN B 28 -12.27 9.92 -8.93
CA GLN B 28 -11.48 10.83 -9.79
C GLN B 28 -10.67 10.01 -10.78
N GLU B 29 -10.19 8.86 -10.37
CA GLU B 29 -9.39 8.01 -11.29
C GLU B 29 -10.27 7.57 -12.46
N GLN B 30 -11.55 7.55 -12.28
CA GLN B 30 -12.47 7.12 -13.36
C GLN B 30 -12.39 8.11 -14.52
N GLU B 31 -12.21 9.37 -14.23
CA GLU B 31 -12.14 10.39 -15.31
C GLU B 31 -10.90 10.14 -16.17
N ALA B 32 -9.80 9.82 -15.55
CA ALA B 32 -8.54 9.58 -16.32
C ALA B 32 -8.61 8.21 -16.99
N GLU B 33 -8.69 7.16 -16.22
CA GLU B 33 -8.75 5.79 -16.81
C GLU B 33 -9.92 5.03 -16.18
N GLY B 34 -10.12 3.80 -16.56
CA GLY B 34 -11.24 3.00 -16.00
C GLY B 34 -10.69 1.70 -15.40
N VAL B 35 -9.41 1.63 -15.18
CA VAL B 35 -8.82 0.39 -14.60
C VAL B 35 -9.55 0.05 -13.29
N ALA B 36 -9.96 -1.18 -13.13
CA ALA B 36 -10.67 -1.56 -11.89
C ALA B 36 -11.82 -0.59 -11.62
N ALA B 37 -12.44 -0.11 -12.65
CA ALA B 37 -13.56 0.85 -12.48
C ALA B 37 -14.70 0.17 -11.69
N PRO B 38 -15.56 0.96 -11.09
CA PRO B 38 -16.71 0.45 -10.30
C PRO B 38 -17.79 -0.20 -11.17
N ALA B 39 -18.87 -0.62 -10.59
CA ALA B 39 -19.95 -1.27 -11.40
C ALA B 39 -20.84 -0.19 -12.00
N ASP B 40 -20.26 0.81 -12.60
CA ASP B 40 -21.06 1.91 -13.23
C ASP B 40 -21.90 2.60 -12.14
N PRO B 41 -22.34 3.80 -12.40
CA PRO B 41 -23.16 4.58 -11.44
C PRO B 41 -24.60 4.04 -11.32
N GLU B 42 -24.82 3.12 -10.42
CA GLU B 42 -26.20 2.56 -10.26
C GLU B 42 -26.43 2.17 -8.79
N MET B 43 -27.30 1.24 -8.55
CA MET B 43 -27.57 0.80 -7.15
C MET B 43 -26.34 0.07 -6.61
N VAL B 44 -25.58 -0.53 -7.48
CA VAL B 44 -24.36 -1.28 -7.04
C VAL B 44 -23.23 -0.29 -6.73
N THR B 45 -23.54 0.97 -6.65
CA THR B 45 -22.49 1.98 -6.34
C THR B 45 -22.14 1.88 -4.85
N LEU B 46 -21.26 2.72 -4.36
CA LEU B 46 -20.88 2.64 -2.92
C LEU B 46 -21.55 3.79 -2.15
N PRO B 47 -22.67 3.54 -1.50
CA PRO B 47 -23.39 4.60 -0.73
C PRO B 47 -22.69 4.95 0.60
N LEU B 48 -21.74 5.84 0.57
CA LEU B 48 -21.04 6.22 1.84
C LEU B 48 -21.87 7.31 2.55
N GLN B 49 -21.41 7.76 3.68
CA GLN B 49 -22.15 8.82 4.43
C GLN B 49 -21.27 10.06 4.60
N PRO B 50 -21.22 10.91 3.59
CA PRO B 50 -20.39 12.14 3.64
C PRO B 50 -20.98 13.18 4.59
N SER B 51 -22.16 12.93 5.09
CA SER B 51 -22.78 13.91 6.02
C SER B 51 -22.01 13.90 7.35
N SER B 52 -21.17 12.92 7.56
CA SER B 52 -20.40 12.88 8.83
C SER B 52 -19.03 13.54 8.61
N THR B 53 -18.36 13.90 9.68
CA THR B 53 -17.03 14.55 9.56
C THR B 53 -16.05 13.59 8.90
N MET B 54 -16.30 12.31 9.01
CA MET B 54 -15.39 11.30 8.40
C MET B 54 -15.36 11.49 6.89
N GLY B 55 -16.39 12.11 6.36
CA GLY B 55 -16.44 12.35 4.89
C GLY B 55 -15.27 13.24 4.49
N GLN B 56 -14.93 14.19 5.33
CA GLN B 56 -13.81 15.13 5.03
C GLN B 56 -12.47 14.42 5.30
N VAL B 57 -12.51 13.43 6.15
CA VAL B 57 -11.26 12.68 6.49
C VAL B 57 -10.77 11.91 5.26
N GLY B 58 -11.66 11.26 4.57
CA GLY B 58 -11.24 10.47 3.37
C GLY B 58 -10.74 11.42 2.28
N ARG B 59 -11.40 12.52 2.08
CA ARG B 59 -10.98 13.48 1.03
C ARG B 59 -9.56 13.97 1.31
N GLN B 60 -9.24 14.27 2.53
CA GLN B 60 -7.86 14.75 2.85
C GLN B 60 -6.86 13.62 2.62
N LEU B 61 -7.09 12.47 3.19
CA LEU B 61 -6.15 11.32 3.00
C LEU B 61 -6.00 10.99 1.51
N ALA B 62 -7.02 11.24 0.74
CA ALA B 62 -6.93 10.92 -0.72
C ALA B 62 -6.06 11.96 -1.42
N ILE B 63 -5.72 13.03 -0.75
CA ILE B 63 -4.88 14.08 -1.36
C ILE B 63 -3.42 13.87 -0.94
N ILE B 64 -3.19 13.67 0.33
CA ILE B 64 -1.80 13.45 0.83
C ILE B 64 -1.25 12.15 0.24
N GLY B 65 -2.10 11.20 -0.01
CA GLY B 65 -1.63 9.90 -0.58
C GLY B 65 -2.11 9.78 -2.01
N ASP B 66 -2.00 10.83 -2.78
CA ASP B 66 -2.46 10.77 -4.19
C ASP B 66 -1.28 10.41 -5.09
N ASP B 67 -0.25 11.21 -5.08
CA ASP B 67 0.94 10.93 -5.92
C ASP B 67 1.69 9.71 -5.39
N ILE B 68 1.86 9.64 -4.09
CA ILE B 68 2.58 8.49 -3.48
C ILE B 68 1.83 7.19 -3.76
N ASN B 69 0.56 7.27 -4.01
CA ASN B 69 -0.23 6.03 -4.29
C ASN B 69 0.06 5.56 -5.71
N ARG B 70 -0.04 6.44 -6.67
CA ARG B 70 0.22 6.04 -8.08
C ARG B 70 1.70 5.70 -8.26
N ARG B 71 2.56 6.28 -7.47
CA ARG B 71 4.02 6.01 -7.63
C ARG B 71 4.28 4.50 -7.71
N TYR B 72 3.84 3.75 -6.74
CA TYR B 72 4.05 2.27 -6.76
C TYR B 72 2.70 1.57 -6.90
N ASP B 73 1.93 1.93 -7.88
CA ASP B 73 0.60 1.28 -8.08
C ASP B 73 0.66 0.37 -9.31
N SER B 74 1.38 0.79 -10.32
CA SER B 74 1.49 -0.02 -11.56
C SER B 74 2.23 -1.31 -11.25
N GLU B 75 3.09 -1.29 -10.27
CA GLU B 75 3.87 -2.49 -9.89
C GLU B 75 3.05 -3.31 -8.90
N PHE B 76 2.14 -2.68 -8.23
CA PHE B 76 1.29 -3.42 -7.25
C PHE B 76 0.39 -4.40 -8.01
N GLN B 77 -0.24 -3.93 -9.05
CA GLN B 77 -1.13 -4.84 -9.83
C GLN B 77 -0.30 -5.86 -10.62
N THR B 78 0.85 -5.46 -11.10
CA THR B 78 1.69 -6.39 -11.90
C THR B 78 2.07 -7.62 -11.08
N MET B 79 2.55 -7.43 -9.88
CA MET B 79 2.92 -8.59 -9.03
C MET B 79 1.66 -9.27 -8.51
N LEU B 80 0.60 -8.53 -8.34
CA LEU B 80 -0.65 -9.13 -7.81
C LEU B 80 -1.11 -10.22 -8.78
N GLN B 81 -0.94 -9.98 -10.06
CA GLN B 81 -1.36 -10.98 -11.07
C GLN B 81 -0.51 -12.23 -10.92
N HIS B 82 0.76 -12.06 -10.61
CA HIS B 82 1.67 -13.23 -10.45
C HIS B 82 1.34 -13.93 -9.14
N LEU B 83 0.58 -13.30 -8.30
CA LEU B 83 0.23 -13.93 -6.99
C LEU B 83 -0.96 -14.85 -7.23
N GLN B 84 -2.07 -14.31 -7.69
CA GLN B 84 -3.25 -15.17 -7.95
C GLN B 84 -3.66 -15.86 -6.65
N PRO B 85 -4.07 -15.09 -5.67
CA PRO B 85 -4.49 -15.63 -4.34
C PRO B 85 -5.86 -16.32 -4.42
N THR B 86 -6.33 -16.84 -3.31
CA THR B 86 -7.65 -17.53 -3.29
C THR B 86 -8.47 -17.03 -2.10
N ALA B 87 -9.73 -17.35 -2.07
CA ALA B 87 -10.59 -16.90 -0.95
C ALA B 87 -10.22 -17.67 0.32
N GLU B 88 -9.52 -18.76 0.18
CA GLU B 88 -9.12 -19.56 1.37
C GLU B 88 -7.82 -19.01 1.93
N ASN B 89 -6.99 -18.47 1.09
CA ASN B 89 -5.68 -17.92 1.54
C ASN B 89 -5.59 -16.43 1.21
N ALA B 90 -6.71 -15.76 1.13
CA ALA B 90 -6.69 -14.30 0.81
C ALA B 90 -6.05 -13.52 1.97
N TYR B 91 -6.37 -13.87 3.19
CA TYR B 91 -5.80 -13.16 4.37
C TYR B 91 -4.38 -13.67 4.64
N GLU B 92 -4.04 -14.79 4.06
CA GLU B 92 -2.68 -15.36 4.28
C GLU B 92 -1.67 -14.58 3.42
N TYR B 93 -2.14 -13.95 2.38
CA TYR B 93 -1.21 -13.16 1.51
C TYR B 93 -1.26 -11.69 1.92
N PHE B 94 -2.44 -11.17 2.15
CA PHE B 94 -2.59 -9.75 2.57
C PHE B 94 -1.84 -9.51 3.88
N THR B 95 -2.03 -10.36 4.84
CA THR B 95 -1.35 -10.17 6.14
C THR B 95 0.16 -10.28 5.95
N CYS B 96 0.61 -10.83 4.85
CA CYS B 96 2.08 -10.93 4.65
C CYS B 96 2.63 -9.60 4.13
N ILE B 97 2.01 -9.02 3.13
CA ILE B 97 2.54 -7.72 2.62
C ILE B 97 2.46 -6.68 3.73
N ALA B 98 1.35 -6.62 4.44
CA ALA B 98 1.24 -5.62 5.53
C ALA B 98 2.36 -5.85 6.54
N THR B 99 2.37 -7.00 7.19
CA THR B 99 3.44 -7.26 8.18
C THR B 99 4.81 -7.02 7.56
N SER B 100 4.94 -7.21 6.27
CA SER B 100 6.26 -7.00 5.63
C SER B 100 6.48 -5.50 5.40
N LEU B 101 5.43 -4.74 5.44
CA LEU B 101 5.57 -3.27 5.21
C LEU B 101 5.82 -2.54 6.53
N PHE B 102 5.00 -2.76 7.52
CA PHE B 102 5.21 -2.07 8.82
C PHE B 102 6.33 -2.77 9.60
N GLU B 103 6.98 -3.72 9.01
CA GLU B 103 8.06 -4.43 9.73
C GLU B 103 9.09 -3.40 10.20
N SER B 104 9.34 -2.41 9.41
CA SER B 104 10.34 -1.37 9.80
C SER B 104 9.74 -0.48 10.90
N GLY B 105 8.47 -0.17 10.81
CA GLY B 105 7.83 0.71 11.83
C GLY B 105 6.40 1.06 11.38
N ILE B 106 5.79 2.02 12.02
CA ILE B 106 4.40 2.44 11.65
C ILE B 106 4.36 3.95 11.42
N ASN B 107 3.75 4.38 10.33
CA ASN B 107 3.67 5.84 10.04
C ASN B 107 2.39 6.17 9.27
N TRP B 108 2.07 7.43 9.15
CA TRP B 108 0.84 7.83 8.40
C TRP B 108 0.98 7.38 6.95
N GLY B 109 2.17 7.41 6.41
CA GLY B 109 2.37 6.98 5.00
C GLY B 109 2.17 5.47 4.90
N ARG B 110 2.47 4.77 5.96
CA ARG B 110 2.29 3.29 5.94
C ARG B 110 0.81 2.94 6.14
N VAL B 111 0.04 3.86 6.68
CA VAL B 111 -1.41 3.57 6.89
C VAL B 111 -2.17 3.83 5.58
N VAL B 112 -1.94 4.97 4.98
CA VAL B 112 -2.65 5.30 3.70
C VAL B 112 -2.21 4.33 2.61
N ALA B 113 -0.98 3.95 2.63
CA ALA B 113 -0.47 2.99 1.61
C ALA B 113 -1.22 1.67 1.78
N LEU B 114 -1.52 1.29 2.98
CA LEU B 114 -2.22 0.00 3.21
C LEU B 114 -3.60 0.04 2.54
N LEU B 115 -4.36 1.07 2.79
CA LEU B 115 -5.72 1.15 2.18
C LEU B 115 -5.60 1.29 0.65
N GLY B 116 -4.61 2.00 0.18
CA GLY B 116 -4.46 2.17 -1.30
C GLY B 116 -4.32 0.80 -1.97
N PHE B 117 -3.53 -0.07 -1.41
CA PHE B 117 -3.34 -1.41 -2.03
C PHE B 117 -4.35 -2.41 -1.43
N GLY B 118 -5.34 -1.92 -0.74
CA GLY B 118 -6.36 -2.80 -0.12
C GLY B 118 -7.67 -2.77 -0.92
N TYR B 119 -7.68 -2.17 -2.09
CA TYR B 119 -8.93 -2.09 -2.90
C TYR B 119 -8.92 -3.12 -4.03
N ARG B 120 -8.26 -2.82 -5.11
CA ARG B 120 -8.22 -3.75 -6.28
C ARG B 120 -8.11 -5.19 -5.78
N LEU B 121 -7.42 -5.40 -4.70
CA LEU B 121 -7.28 -6.78 -4.18
C LEU B 121 -8.68 -7.38 -3.98
N ALA B 122 -9.56 -6.69 -3.32
CA ALA B 122 -10.93 -7.25 -3.11
C ALA B 122 -11.70 -7.24 -4.43
N LEU B 123 -11.62 -6.16 -5.18
CA LEU B 123 -12.36 -6.08 -6.48
C LEU B 123 -11.83 -7.16 -7.43
N HIS B 124 -10.58 -7.49 -7.32
CA HIS B 124 -9.99 -8.52 -8.22
C HIS B 124 -10.78 -9.83 -8.09
N VAL B 125 -11.24 -10.13 -6.90
CA VAL B 125 -12.01 -11.39 -6.70
C VAL B 125 -13.44 -11.14 -7.20
N TYR B 126 -13.96 -9.97 -6.95
CA TYR B 126 -15.35 -9.69 -7.41
C TYR B 126 -15.44 -10.00 -8.91
N GLN B 127 -14.62 -9.37 -9.73
CA GLN B 127 -14.70 -9.66 -11.19
C GLN B 127 -14.45 -11.15 -11.44
N HIS B 128 -13.41 -11.70 -10.87
CA HIS B 128 -13.14 -13.15 -11.07
C HIS B 128 -14.46 -13.93 -11.07
N GLY B 129 -15.35 -13.63 -10.16
CA GLY B 129 -16.66 -14.33 -10.15
C GLY B 129 -17.12 -14.56 -8.71
N LEU B 130 -16.30 -14.24 -7.74
CA LEU B 130 -16.72 -14.45 -6.34
C LEU B 130 -17.54 -13.24 -5.85
N THR B 131 -18.76 -13.13 -6.30
CA THR B 131 -19.58 -11.96 -5.85
C THR B 131 -19.82 -12.06 -4.34
N GLY B 132 -19.74 -10.95 -3.65
CA GLY B 132 -19.96 -10.98 -2.17
C GLY B 132 -18.60 -11.01 -1.46
N PHE B 133 -17.69 -10.16 -1.84
CA PHE B 133 -16.34 -10.14 -1.19
C PHE B 133 -16.16 -8.82 -0.43
N LEU B 134 -16.91 -7.81 -0.77
CA LEU B 134 -16.75 -6.51 -0.06
C LEU B 134 -17.01 -6.70 1.44
N GLY B 135 -18.03 -7.44 1.78
CA GLY B 135 -18.30 -7.68 3.22
C GLY B 135 -17.17 -8.51 3.84
N GLN B 136 -16.54 -9.35 3.06
CA GLN B 136 -15.45 -10.21 3.62
C GLN B 136 -14.20 -9.37 3.92
N VAL B 137 -13.72 -8.60 2.99
CA VAL B 137 -12.50 -7.77 3.25
C VAL B 137 -12.73 -6.83 4.43
N THR B 138 -13.93 -6.35 4.61
CA THR B 138 -14.19 -5.43 5.75
C THR B 138 -14.02 -6.22 7.06
N ARG B 139 -14.79 -7.26 7.23
CA ARG B 139 -14.70 -8.08 8.47
C ARG B 139 -13.35 -8.82 8.53
N PHE B 140 -12.38 -8.42 7.74
CA PHE B 140 -11.05 -9.09 7.79
C PHE B 140 -10.00 -8.07 8.23
N VAL B 141 -10.01 -6.89 7.65
CA VAL B 141 -9.00 -5.87 8.04
C VAL B 141 -9.28 -5.37 9.46
N VAL B 142 -10.51 -5.06 9.75
CA VAL B 142 -10.84 -4.57 11.12
C VAL B 142 -10.33 -5.57 12.16
N ASP B 143 -10.47 -6.85 11.92
CA ASP B 143 -9.98 -7.85 12.90
C ASP B 143 -8.44 -7.79 12.96
N PHE B 144 -7.81 -7.64 11.84
CA PHE B 144 -6.32 -7.57 11.82
C PHE B 144 -5.84 -6.29 12.51
N MET B 145 -6.53 -5.20 12.29
CA MET B 145 -6.11 -3.90 12.91
C MET B 145 -6.26 -3.98 14.44
N LEU B 146 -7.27 -4.64 14.92
CA LEU B 146 -7.47 -4.77 16.39
C LEU B 146 -6.56 -5.87 16.93
N HIS B 147 -6.12 -6.78 16.10
CA HIS B 147 -5.24 -7.87 16.59
C HIS B 147 -3.79 -7.42 16.53
N HIS B 148 -3.48 -6.50 15.64
CA HIS B 148 -2.08 -6.02 15.54
C HIS B 148 -1.88 -4.78 16.41
N CYS B 149 -2.84 -4.48 17.28
CA CYS B 149 -2.70 -3.28 18.16
C CYS B 149 -2.65 -2.00 17.32
N ILE B 150 -3.17 -2.04 16.12
CA ILE B 150 -3.17 -0.81 15.26
C ILE B 150 -4.19 0.18 15.81
N ALA B 151 -5.30 -0.30 16.30
CA ALA B 151 -6.34 0.64 16.81
C ALA B 151 -5.77 1.48 17.94
N ARG B 152 -5.05 0.88 18.86
CA ARG B 152 -4.47 1.68 19.97
C ARG B 152 -3.61 2.82 19.41
N TRP B 153 -2.58 2.49 18.70
CA TRP B 153 -1.69 3.54 18.13
C TRP B 153 -2.53 4.67 17.55
N ILE B 154 -3.47 4.35 16.71
CA ILE B 154 -4.32 5.42 16.13
C ILE B 154 -4.96 6.23 17.26
N ALA B 155 -5.38 5.56 18.31
CA ALA B 155 -6.01 6.27 19.46
C ALA B 155 -4.97 7.19 20.13
N GLN B 156 -3.75 6.74 20.25
CA GLN B 156 -2.71 7.60 20.92
C GLN B 156 -2.32 8.75 19.97
N ARG B 157 -2.59 8.60 18.72
CA ARG B 157 -2.24 9.67 17.75
C ARG B 157 -3.34 10.73 17.73
N GLY B 158 -4.43 10.52 18.43
CA GLY B 158 -5.52 11.53 18.44
C GLY B 158 -6.70 11.01 17.61
N GLY B 159 -6.74 9.74 17.35
CA GLY B 159 -7.87 9.18 16.54
C GLY B 159 -7.75 9.62 15.09
N TRP B 160 -8.72 9.33 14.29
CA TRP B 160 -8.64 9.75 12.86
C TRP B 160 -8.98 11.24 12.76
N VAL B 161 -9.39 11.85 13.84
CA VAL B 161 -9.69 13.31 13.80
C VAL B 161 -8.36 14.07 13.73
N ALA B 162 -7.27 13.38 13.89
CA ALA B 162 -5.94 14.08 13.83
C ALA B 162 -5.55 14.31 12.37
N ALA B 163 -6.33 13.80 11.46
CA ALA B 163 -6.02 13.99 10.01
C ALA B 163 -6.13 15.47 9.64
N LEU B 164 -7.12 16.15 10.17
CA LEU B 164 -7.30 17.59 9.86
C LEU B 164 -6.10 18.37 10.39
N ASN B 165 -5.39 17.81 11.33
CA ASN B 165 -4.21 18.52 11.90
C ASN B 165 -2.93 18.09 11.18
N LEU B 166 -3.04 17.70 9.94
CA LEU B 166 -1.83 17.27 9.18
C LEU B 166 -1.39 18.39 8.23
N GLY B 167 -0.78 18.07 7.12
CA GLY B 167 -0.33 19.13 6.17
C GLY B 167 -1.52 19.96 5.68
N ASN B 168 -2.21 19.49 4.67
CA ASN B 168 -3.38 20.26 4.15
C ASN B 168 -4.51 20.25 5.19
N GLY B 169 -4.38 19.42 6.19
CA GLY B 169 -5.44 19.37 7.24
C GLY B 169 -6.81 19.24 6.58
N MET A 1 29.31 4.48 -10.65
CA MET A 1 28.57 5.73 -10.30
C MET A 1 27.99 5.58 -8.89
N GLN A 2 27.36 6.62 -8.40
CA GLN A 2 26.78 6.56 -7.03
C GLN A 2 25.26 6.74 -7.11
N ILE A 3 24.52 5.90 -6.47
CA ILE A 3 23.04 6.00 -6.50
C ILE A 3 22.52 6.20 -5.06
N PHE A 4 21.27 6.56 -4.93
CA PHE A 4 20.69 6.77 -3.57
C PHE A 4 19.41 5.95 -3.43
N VAL A 5 19.37 5.05 -2.49
CA VAL A 5 18.15 4.23 -2.30
C VAL A 5 17.30 4.84 -1.19
N LYS A 6 16.02 4.98 -1.41
CA LYS A 6 15.14 5.58 -0.36
C LYS A 6 14.31 4.49 0.29
N THR A 7 14.32 4.44 1.60
CA THR A 7 13.53 3.41 2.31
C THR A 7 12.18 3.99 2.74
N LEU A 8 11.34 3.19 3.34
CA LEU A 8 10.01 3.69 3.78
C LEU A 8 10.14 4.31 5.17
N THR A 9 11.31 4.31 5.73
CA THR A 9 11.51 4.90 7.07
C THR A 9 12.07 6.32 6.94
N GLY A 10 12.28 6.77 5.74
CA GLY A 10 12.82 8.16 5.55
C GLY A 10 14.35 8.13 5.61
N LYS A 11 14.94 6.97 5.52
CA LYS A 11 16.42 6.86 5.57
C LYS A 11 16.96 6.60 4.16
N THR A 12 17.93 7.38 3.74
CA THR A 12 18.51 7.17 2.37
C THR A 12 19.96 6.69 2.49
N ILE A 13 20.30 5.64 1.79
CA ILE A 13 21.69 5.12 1.84
C ILE A 13 22.36 5.21 0.46
N THR A 14 23.58 5.67 0.41
CA THR A 14 24.30 5.79 -0.89
C THR A 14 24.84 4.42 -1.32
N LEU A 15 25.13 4.25 -2.58
CA LEU A 15 25.65 2.95 -3.07
C LEU A 15 26.55 3.18 -4.29
N GLU A 16 27.70 2.55 -4.32
CA GLU A 16 28.63 2.73 -5.48
C GLU A 16 28.54 1.50 -6.38
N VAL A 17 27.96 1.65 -7.55
CA VAL A 17 27.84 0.49 -8.49
C VAL A 17 28.17 0.96 -9.90
N GLU A 18 28.10 0.07 -10.88
CA GLU A 18 28.40 0.47 -12.28
C GLU A 18 27.26 0.02 -13.19
N PRO A 19 27.01 0.73 -14.28
CA PRO A 19 25.92 0.37 -15.24
C PRO A 19 25.99 -1.08 -15.69
N SER A 20 27.12 -1.71 -15.56
CA SER A 20 27.25 -3.14 -16.00
C SER A 20 27.01 -4.08 -14.82
N ASP A 21 26.73 -3.54 -13.67
CA ASP A 21 26.48 -4.41 -12.48
C ASP A 21 25.10 -5.09 -12.61
N THR A 22 24.98 -6.30 -12.12
CA THR A 22 23.67 -7.00 -12.21
C THR A 22 22.84 -6.66 -10.98
N ILE A 23 21.54 -6.83 -11.06
CA ILE A 23 20.68 -6.51 -9.90
C ILE A 23 20.97 -7.50 -8.76
N GLU A 24 21.42 -8.68 -9.07
CA GLU A 24 21.74 -9.63 -7.97
C GLU A 24 22.97 -9.09 -7.22
N ASN A 25 23.82 -8.36 -7.88
CA ASN A 25 25.03 -7.82 -7.19
C ASN A 25 24.66 -6.62 -6.31
N VAL A 26 23.85 -5.72 -6.79
CA VAL A 26 23.49 -4.55 -5.94
C VAL A 26 22.73 -5.05 -4.69
N LYS A 27 21.92 -6.05 -4.87
CA LYS A 27 21.15 -6.62 -3.72
C LYS A 27 22.14 -7.20 -2.71
N ALA A 28 23.15 -7.89 -3.16
CA ALA A 28 24.15 -8.47 -2.23
C ALA A 28 24.86 -7.32 -1.50
N LYS A 29 25.10 -6.24 -2.19
CA LYS A 29 25.82 -5.09 -1.55
C LYS A 29 24.94 -4.51 -0.45
N ILE A 30 23.65 -4.42 -0.69
CA ILE A 30 22.75 -3.86 0.35
C ILE A 30 22.81 -4.73 1.60
N GLN A 31 22.72 -6.02 1.43
CA GLN A 31 22.77 -6.94 2.60
C GLN A 31 24.17 -6.90 3.23
N ASP A 32 25.18 -6.69 2.43
CA ASP A 32 26.56 -6.66 2.98
C ASP A 32 26.77 -5.38 3.80
N LYS A 33 26.00 -4.35 3.52
CA LYS A 33 26.16 -3.07 4.27
C LYS A 33 24.92 -2.79 5.12
N GLU A 34 23.90 -3.60 5.03
CA GLU A 34 22.67 -3.37 5.83
C GLU A 34 22.28 -4.64 6.56
N GLY A 35 22.30 -5.77 5.89
CA GLY A 35 21.92 -7.04 6.56
C GLY A 35 20.48 -7.39 6.21
N ILE A 36 19.97 -6.90 5.09
CA ILE A 36 18.57 -7.22 4.71
C ILE A 36 18.59 -8.40 3.71
N PRO A 37 18.11 -9.56 4.10
CA PRO A 37 18.12 -10.77 3.21
C PRO A 37 17.56 -10.48 1.79
N PRO A 38 18.18 -10.96 0.74
CA PRO A 38 17.70 -10.74 -0.66
C PRO A 38 16.30 -11.29 -0.92
N ASP A 39 15.88 -12.28 -0.18
CA ASP A 39 14.52 -12.86 -0.41
C ASP A 39 13.43 -11.86 -0.01
N GLN A 40 13.79 -10.88 0.78
CA GLN A 40 12.78 -9.88 1.23
C GLN A 40 13.11 -8.50 0.65
N GLN A 41 13.37 -8.43 -0.63
CA GLN A 41 13.70 -7.12 -1.27
C GLN A 41 12.84 -6.94 -2.52
N ARG A 42 12.18 -5.81 -2.63
CA ARG A 42 11.30 -5.55 -3.81
C ARG A 42 11.67 -4.19 -4.40
N LEU A 43 12.76 -4.12 -5.10
CA LEU A 43 13.20 -2.82 -5.71
C LEU A 43 12.10 -2.32 -6.64
N ILE A 44 11.97 -1.03 -6.79
CA ILE A 44 10.91 -0.48 -7.69
C ILE A 44 11.44 0.74 -8.45
N PHE A 45 11.30 0.76 -9.74
CA PHE A 45 11.77 1.93 -10.53
C PHE A 45 10.75 2.25 -11.63
N ALA A 46 10.30 3.47 -11.70
CA ALA A 46 9.32 3.84 -12.76
C ALA A 46 8.09 2.94 -12.66
N GLY A 47 7.75 2.47 -11.49
CA GLY A 47 6.55 1.61 -11.35
C GLY A 47 6.78 0.27 -12.05
N LYS A 48 8.00 -0.21 -12.08
CA LYS A 48 8.30 -1.52 -12.76
C LYS A 48 9.19 -2.38 -11.85
N GLN A 49 8.81 -3.63 -11.69
CA GLN A 49 9.61 -4.56 -10.82
C GLN A 49 10.81 -5.13 -11.58
N LEU A 50 11.96 -4.53 -11.46
CA LEU A 50 13.16 -5.04 -12.17
C LEU A 50 13.29 -6.55 -11.97
N GLU A 51 13.74 -7.25 -12.98
CA GLU A 51 13.91 -8.73 -12.89
C GLU A 51 15.31 -9.04 -12.36
N ASP A 52 15.60 -10.30 -12.11
CA ASP A 52 16.95 -10.66 -11.59
C ASP A 52 17.82 -11.20 -12.72
N GLY A 53 17.29 -11.30 -13.92
CA GLY A 53 18.09 -11.83 -15.06
C GLY A 53 18.49 -10.71 -16.02
N ARG A 54 18.28 -9.48 -15.64
CA ARG A 54 18.63 -8.34 -16.52
C ARG A 54 19.63 -7.43 -15.82
N THR A 55 20.32 -6.63 -16.57
CA THR A 55 21.33 -5.72 -15.96
C THR A 55 20.71 -4.34 -15.73
N LEU A 56 21.51 -3.43 -15.25
CA LEU A 56 21.01 -2.05 -14.99
C LEU A 56 20.86 -1.29 -16.32
N SER A 57 21.76 -1.51 -17.24
CA SER A 57 21.67 -0.80 -18.55
C SER A 57 20.39 -1.23 -19.27
N ASP A 58 19.88 -2.38 -18.92
CA ASP A 58 18.64 -2.88 -19.58
C ASP A 58 17.48 -1.91 -19.29
N TYR A 59 17.42 -1.37 -18.10
CA TYR A 59 16.32 -0.41 -17.78
C TYR A 59 16.80 1.00 -18.13
N ASN A 60 18.08 1.19 -18.35
CA ASN A 60 18.60 2.55 -18.74
C ASN A 60 18.81 3.41 -17.48
N ILE A 61 19.13 2.82 -16.36
CA ILE A 61 19.33 3.64 -15.15
C ILE A 61 20.66 4.40 -15.24
N GLN A 62 20.59 5.70 -15.18
CA GLN A 62 21.83 6.52 -15.26
C GLN A 62 22.40 6.67 -13.84
N LYS A 63 23.27 7.63 -13.64
CA LYS A 63 23.86 7.84 -12.30
C LYS A 63 22.95 8.73 -11.46
N GLU A 64 23.17 8.80 -10.17
CA GLU A 64 22.32 9.66 -9.30
C GLU A 64 20.84 9.27 -9.47
N SER A 65 20.55 8.01 -9.65
CA SER A 65 19.13 7.58 -9.81
C SER A 65 18.58 7.13 -8.46
N THR A 66 17.28 7.17 -8.29
CA THR A 66 16.66 6.75 -7.00
C THR A 66 15.67 5.59 -7.23
N LEU A 67 15.70 4.60 -6.39
CA LEU A 67 14.76 3.44 -6.54
C LEU A 67 14.06 3.15 -5.20
N HIS A 68 12.78 2.94 -5.25
CA HIS A 68 12.01 2.65 -3.99
C HIS A 68 12.24 1.19 -3.57
N LEU A 69 12.03 0.90 -2.31
CA LEU A 69 12.25 -0.50 -1.80
C LEU A 69 11.07 -0.95 -0.95
N VAL A 70 10.33 -1.95 -1.38
CA VAL A 70 9.19 -2.46 -0.55
C VAL A 70 9.67 -3.67 0.26
N LEU A 71 8.86 -4.69 0.39
CA LEU A 71 9.29 -5.89 1.18
C LEU A 71 8.18 -6.93 1.16
N ARG A 72 8.53 -8.19 1.00
CA ARG A 72 7.49 -9.27 0.99
C ARG A 72 7.73 -10.26 2.12
N LEU A 73 8.74 -10.03 2.93
CA LEU A 73 9.08 -10.93 4.10
C LEU A 73 9.31 -12.39 3.68
N ARG A 74 8.49 -12.95 2.82
CA ARG A 74 8.66 -14.38 2.42
C ARG A 74 8.59 -15.25 3.66
N GLY A 75 8.20 -14.68 4.77
CA GLY A 75 8.08 -15.47 6.02
C GLY A 75 7.03 -16.56 5.83
N CYS A 76 5.95 -16.21 5.17
CA CYS A 76 4.86 -17.21 4.94
C CYS A 76 5.20 -18.05 3.69
N ALA B 1 -16.73 16.43 15.92
CA ALA B 1 -17.15 15.52 17.03
C ALA B 1 -16.41 15.90 18.31
N LEU B 2 -16.49 15.07 19.31
CA LEU B 2 -15.80 15.38 20.60
C LEU B 2 -14.39 14.79 20.57
N PRO B 3 -13.47 15.37 21.32
CA PRO B 3 -12.06 14.89 21.36
C PRO B 3 -11.94 13.56 22.12
N SER B 4 -10.82 12.90 22.00
CA SER B 4 -10.64 11.59 22.70
C SER B 4 -11.43 10.51 21.98
N ALA B 5 -11.03 9.27 22.12
CA ALA B 5 -11.77 8.16 21.45
C ALA B 5 -11.26 6.82 21.98
N SER B 6 -12.10 5.83 21.98
CA SER B 6 -11.70 4.48 22.48
C SER B 6 -11.58 3.50 21.31
N GLU B 7 -11.11 2.31 21.58
CA GLU B 7 -10.95 1.32 20.48
C GLU B 7 -12.33 0.82 20.02
N GLU B 8 -13.34 1.04 20.81
CA GLU B 8 -14.70 0.58 20.39
C GLU B 8 -15.25 1.49 19.28
N GLN B 9 -14.96 2.76 19.35
CA GLN B 9 -15.46 3.70 18.30
C GLN B 9 -14.45 3.80 17.16
N VAL B 10 -13.23 3.38 17.39
CA VAL B 10 -12.20 3.44 16.31
C VAL B 10 -12.54 2.41 15.23
N ALA B 11 -13.05 1.27 15.63
CA ALA B 11 -13.37 0.22 14.62
C ALA B 11 -14.51 0.71 13.73
N GLN B 12 -15.34 1.59 14.24
CA GLN B 12 -16.48 2.10 13.42
C GLN B 12 -15.99 3.21 12.47
N ASP B 13 -15.14 4.09 12.95
CA ASP B 13 -14.66 5.19 12.07
C ASP B 13 -13.59 4.66 11.11
N THR B 14 -13.06 3.50 11.41
CA THR B 14 -12.02 2.92 10.51
C THR B 14 -12.70 2.34 9.27
N GLU B 15 -13.82 1.70 9.45
CA GLU B 15 -14.54 1.13 8.29
C GLU B 15 -15.18 2.25 7.47
N GLU B 16 -15.70 3.27 8.12
CA GLU B 16 -16.33 4.39 7.38
C GLU B 16 -15.27 5.17 6.58
N VAL B 17 -14.10 5.37 7.12
CA VAL B 17 -13.03 6.12 6.38
C VAL B 17 -12.35 5.16 5.39
N PHE B 18 -12.55 3.89 5.57
CA PHE B 18 -11.92 2.87 4.68
C PHE B 18 -12.61 2.95 3.30
N ARG B 19 -13.91 3.00 3.29
CA ARG B 19 -14.66 3.05 2.00
C ARG B 19 -14.74 4.48 1.47
N SER B 20 -15.01 5.43 2.31
CA SER B 20 -15.13 6.84 1.86
C SER B 20 -13.84 7.32 1.20
N TYR B 21 -12.73 6.74 1.52
CA TYR B 21 -11.44 7.20 0.91
C TYR B 21 -11.26 6.54 -0.47
N VAL B 22 -11.36 5.25 -0.56
CA VAL B 22 -11.18 4.59 -1.88
C VAL B 22 -12.25 5.08 -2.86
N PHE B 23 -13.36 5.57 -2.36
CA PHE B 23 -14.42 6.03 -3.30
C PHE B 23 -13.99 7.34 -3.96
N TYR B 24 -13.68 8.33 -3.18
CA TYR B 24 -13.27 9.63 -3.77
C TYR B 24 -12.00 9.44 -4.61
N ARG B 25 -11.22 8.44 -4.30
CA ARG B 25 -9.97 8.19 -5.06
C ARG B 25 -10.32 7.56 -6.42
N HIS B 26 -11.23 6.62 -6.44
CA HIS B 26 -11.59 5.96 -7.73
C HIS B 26 -12.55 6.86 -8.52
N GLN B 27 -13.27 7.71 -7.85
CA GLN B 27 -14.21 8.61 -8.57
C GLN B 27 -13.43 9.54 -9.50
N GLN B 28 -12.33 10.07 -9.03
CA GLN B 28 -11.51 10.97 -9.89
C GLN B 28 -10.74 10.16 -10.92
N GLU B 29 -10.23 9.01 -10.53
CA GLU B 29 -9.45 8.17 -11.50
C GLU B 29 -10.35 7.72 -12.66
N GLN B 30 -11.64 7.71 -12.47
CA GLN B 30 -12.55 7.31 -13.59
C GLN B 30 -12.47 8.30 -14.74
N GLU B 31 -12.30 9.56 -14.46
CA GLU B 31 -12.23 10.58 -15.55
C GLU B 31 -10.99 10.33 -16.41
N ALA B 32 -9.88 10.03 -15.80
CA ALA B 32 -8.63 9.79 -16.59
C ALA B 32 -8.70 8.43 -17.28
N GLU B 33 -8.79 7.39 -16.50
CA GLU B 33 -8.86 6.01 -17.08
C GLU B 33 -10.05 5.26 -16.48
N GLY B 34 -10.26 4.04 -16.87
CA GLY B 34 -11.41 3.25 -16.34
C GLY B 34 -10.88 1.95 -15.72
N VAL B 35 -9.60 1.89 -15.47
CA VAL B 35 -9.02 0.67 -14.86
C VAL B 35 -9.76 0.33 -13.56
N ALA B 36 -10.18 -0.88 -13.40
CA ALA B 36 -10.90 -1.27 -12.16
C ALA B 36 -12.05 -0.29 -11.91
N ALA B 37 -12.68 0.18 -12.95
CA ALA B 37 -13.80 1.14 -12.79
C ALA B 37 -14.95 0.47 -12.02
N PRO B 38 -15.83 1.27 -11.46
CA PRO B 38 -16.99 0.75 -10.66
C PRO B 38 -18.06 0.11 -11.57
N ALA B 39 -19.16 -0.30 -10.99
CA ALA B 39 -20.23 -0.94 -11.79
C ALA B 39 -21.13 0.13 -12.41
N ASP B 40 -20.57 1.14 -13.00
CA ASP B 40 -21.39 2.23 -13.64
C ASP B 40 -22.24 2.91 -12.56
N PRO B 41 -22.69 4.12 -12.84
CA PRO B 41 -23.54 4.90 -11.89
C PRO B 41 -24.96 4.36 -11.79
N GLU B 42 -25.19 3.42 -10.90
CA GLU B 42 -26.56 2.85 -10.74
C GLU B 42 -26.78 2.50 -9.26
N MET B 43 -27.69 1.58 -9.01
CA MET B 43 -27.95 1.18 -7.61
C MET B 43 -26.73 0.45 -7.04
N VAL B 44 -25.95 -0.16 -7.90
CA VAL B 44 -24.74 -0.89 -7.44
C VAL B 44 -23.63 0.10 -7.10
N THR B 45 -23.96 1.36 -6.98
CA THR B 45 -22.93 2.38 -6.63
C THR B 45 -22.55 2.26 -5.16
N LEU B 46 -21.69 3.11 -4.68
CA LEU B 46 -21.25 3.02 -3.27
C LEU B 46 -21.87 4.18 -2.47
N PRO B 47 -22.98 3.96 -1.80
CA PRO B 47 -23.69 5.02 -1.01
C PRO B 47 -23.01 5.36 0.32
N LEU B 48 -22.06 6.25 0.31
CA LEU B 48 -21.37 6.63 1.58
C LEU B 48 -22.19 7.69 2.31
N GLN B 49 -21.75 8.13 3.47
CA GLN B 49 -22.51 9.17 4.23
C GLN B 49 -21.65 10.43 4.41
N PRO B 50 -21.61 11.31 3.45
CA PRO B 50 -20.80 12.56 3.51
C PRO B 50 -21.41 13.58 4.48
N SER B 51 -22.58 13.30 4.99
CA SER B 51 -23.22 14.25 5.94
C SER B 51 -22.44 14.25 7.27
N SER B 52 -21.63 13.25 7.49
CA SER B 52 -20.86 13.19 8.78
C SER B 52 -19.50 13.87 8.59
N THR B 53 -18.85 14.23 9.68
CA THR B 53 -17.52 14.87 9.59
C THR B 53 -16.53 13.90 8.94
N MET B 54 -16.74 12.63 9.10
CA MET B 54 -15.80 11.62 8.51
C MET B 54 -15.76 11.79 6.99
N GLY B 55 -16.75 12.40 6.42
CA GLY B 55 -16.74 12.60 4.94
C GLY B 55 -15.53 13.44 4.52
N GLN B 56 -15.13 14.37 5.35
CA GLN B 56 -13.97 15.26 5.01
C GLN B 56 -12.63 14.57 5.27
N VAL B 57 -12.58 13.55 6.10
CA VAL B 57 -11.26 12.92 6.39
C VAL B 57 -10.75 12.14 5.16
N GLY B 58 -11.63 11.54 4.41
CA GLY B 58 -11.19 10.77 3.22
C GLY B 58 -10.69 11.74 2.14
N ARG B 59 -11.37 12.84 1.98
CA ARG B 59 -10.95 13.82 0.95
C ARG B 59 -9.52 14.31 1.24
N GLN B 60 -9.22 14.60 2.48
CA GLN B 60 -7.85 15.07 2.82
C GLN B 60 -6.83 13.95 2.61
N LEU B 61 -7.05 12.80 3.18
CA LEU B 61 -6.08 11.68 3.02
C LEU B 61 -5.91 11.34 1.54
N ALA B 62 -6.91 11.59 0.74
CA ALA B 62 -6.80 11.26 -0.71
C ALA B 62 -5.95 12.32 -1.42
N ILE B 63 -5.64 13.40 -0.75
CA ILE B 63 -4.80 14.46 -1.38
C ILE B 63 -3.33 14.24 -0.98
N ILE B 64 -3.09 13.98 0.28
CA ILE B 64 -1.69 13.76 0.74
C ILE B 64 -1.12 12.47 0.15
N GLY B 65 -1.95 11.49 -0.10
CA GLY B 65 -1.43 10.20 -0.66
C GLY B 65 -1.88 10.06 -2.11
N ASP B 66 -1.72 11.09 -2.90
CA ASP B 66 -2.15 11.01 -4.33
C ASP B 66 -0.96 10.68 -5.23
N ASP B 67 0.06 11.49 -5.21
CA ASP B 67 1.25 11.24 -6.07
C ASP B 67 2.03 10.04 -5.53
N ILE B 68 2.19 9.97 -4.23
CA ILE B 68 2.96 8.84 -3.63
C ILE B 68 2.22 7.54 -3.92
N ASN B 69 0.95 7.62 -4.20
CA ASN B 69 0.18 6.39 -4.49
C ASN B 69 0.48 5.92 -5.90
N ARG B 70 0.38 6.80 -6.86
CA ARG B 70 0.65 6.41 -8.26
C ARG B 70 2.12 6.04 -8.46
N ARG B 71 3.01 6.61 -7.68
CA ARG B 71 4.47 6.33 -7.87
C ARG B 71 4.73 4.82 -7.93
N TYR B 72 4.26 4.06 -6.96
CA TYR B 72 4.49 2.58 -6.99
C TYR B 72 3.17 1.84 -7.13
N ASP B 73 2.39 2.17 -8.13
CA ASP B 73 1.08 1.48 -8.33
C ASP B 73 1.14 0.57 -9.56
N SER B 74 1.84 0.97 -10.58
CA SER B 74 1.91 0.13 -11.80
C SER B 74 2.58 -1.20 -11.46
N GLU B 75 3.37 -1.22 -10.42
CA GLU B 75 4.08 -2.48 -10.04
C GLU B 75 3.24 -3.29 -9.04
N PHE B 76 2.28 -2.69 -8.39
CA PHE B 76 1.48 -3.46 -7.40
C PHE B 76 0.59 -4.47 -8.14
N GLN B 77 -0.03 -4.07 -9.21
CA GLN B 77 -0.92 -5.00 -9.94
C GLN B 77 -0.08 -5.98 -10.77
N THR B 78 1.07 -5.56 -11.23
CA THR B 78 1.93 -6.48 -12.04
C THR B 78 2.31 -7.69 -11.19
N MET B 79 2.76 -7.47 -9.98
CA MET B 79 3.15 -8.62 -9.11
C MET B 79 1.88 -9.32 -8.57
N LEU B 80 0.81 -8.59 -8.37
CA LEU B 80 -0.43 -9.21 -7.84
C LEU B 80 -0.92 -10.31 -8.79
N GLN B 81 -0.77 -10.09 -10.06
CA GLN B 81 -1.23 -11.10 -11.05
C GLN B 81 -0.38 -12.36 -10.88
N HIS B 82 0.87 -12.20 -10.55
CA HIS B 82 1.76 -13.37 -10.36
C HIS B 82 1.39 -14.07 -9.05
N LEU B 83 0.58 -13.46 -8.23
CA LEU B 83 0.20 -14.11 -6.95
C LEU B 83 -0.98 -15.05 -7.21
N GLN B 84 -2.07 -14.52 -7.69
CA GLN B 84 -3.26 -15.36 -7.95
C GLN B 84 -3.69 -16.05 -6.65
N PRO B 85 -4.12 -15.30 -5.68
CA PRO B 85 -4.55 -15.84 -4.36
C PRO B 85 -5.90 -16.55 -4.44
N THR B 86 -6.37 -17.08 -3.34
CA THR B 86 -7.69 -17.78 -3.34
C THR B 86 -8.51 -17.28 -2.16
N ALA B 87 -9.78 -17.62 -2.12
CA ALA B 87 -10.65 -17.16 -1.00
C ALA B 87 -10.26 -17.92 0.27
N GLU B 88 -9.54 -19.01 0.12
CA GLU B 88 -9.13 -19.81 1.31
C GLU B 88 -7.82 -19.25 1.88
N ASN B 89 -6.98 -18.73 1.03
CA ASN B 89 -5.68 -18.18 1.48
C ASN B 89 -5.59 -16.68 1.16
N ALA B 90 -6.70 -16.01 1.08
CA ALA B 90 -6.67 -14.56 0.76
C ALA B 90 -6.02 -13.77 1.91
N TYR B 91 -6.33 -14.14 3.12
CA TYR B 91 -5.74 -13.42 4.28
C TYR B 91 -4.32 -13.92 4.56
N GLU B 92 -3.96 -15.04 3.99
CA GLU B 92 -2.59 -15.58 4.21
C GLU B 92 -1.58 -14.80 3.36
N TYR B 93 -2.06 -14.16 2.32
CA TYR B 93 -1.13 -13.37 1.46
C TYR B 93 -1.19 -11.90 1.85
N PHE B 94 -2.36 -11.39 2.09
CA PHE B 94 -2.49 -9.97 2.50
C PHE B 94 -1.75 -9.73 3.82
N THR B 95 -1.95 -10.58 4.79
CA THR B 95 -1.27 -10.40 6.11
C THR B 95 0.24 -10.50 5.92
N CYS B 96 0.70 -11.05 4.83
CA CYS B 96 2.17 -11.15 4.61
C CYS B 96 2.70 -9.81 4.09
N ILE B 97 2.07 -9.24 3.10
CA ILE B 97 2.57 -7.92 2.62
C ILE B 97 2.46 -6.90 3.73
N ALA B 98 1.36 -6.84 4.44
CA ALA B 98 1.25 -5.85 5.53
C ALA B 98 2.37 -6.09 6.54
N THR B 99 2.40 -7.23 7.17
CA THR B 99 3.47 -7.51 8.15
C THR B 99 4.83 -7.24 7.53
N SER B 100 4.97 -7.42 6.25
CA SER B 100 6.29 -7.17 5.62
C SER B 100 6.50 -5.67 5.37
N LEU B 101 5.45 -4.90 5.39
CA LEU B 101 5.60 -3.44 5.13
C LEU B 101 5.81 -2.66 6.44
N PHE B 102 4.96 -2.85 7.41
CA PHE B 102 5.14 -2.11 8.70
C PHE B 102 6.25 -2.80 9.52
N GLU B 103 6.89 -3.77 8.94
CA GLU B 103 7.97 -4.48 9.67
C GLU B 103 9.01 -3.45 10.15
N SER B 104 9.26 -2.45 9.35
CA SER B 104 10.25 -1.41 9.76
C SER B 104 9.66 -0.52 10.86
N GLY B 105 8.38 -0.23 10.78
CA GLY B 105 7.74 0.64 11.81
C GLY B 105 6.31 1.00 11.37
N ILE B 106 5.71 1.96 12.01
CA ILE B 106 4.32 2.38 11.65
C ILE B 106 4.28 3.89 11.39
N ASN B 107 3.68 4.30 10.31
CA ASN B 107 3.61 5.76 10.01
C ASN B 107 2.34 6.08 9.22
N TRP B 108 1.99 7.34 9.11
CA TRP B 108 0.76 7.69 8.35
C TRP B 108 0.91 7.21 6.91
N GLY B 109 2.11 7.21 6.42
CA GLY B 109 2.34 6.75 5.02
C GLY B 109 2.15 5.24 4.94
N ARG B 110 2.46 4.53 5.99
CA ARG B 110 2.31 3.05 5.97
C ARG B 110 0.84 2.69 6.16
N VAL B 111 0.04 3.58 6.68
CA VAL B 111 -1.41 3.26 6.86
C VAL B 111 -2.14 3.50 5.56
N VAL B 112 -1.90 4.64 4.95
CA VAL B 112 -2.57 4.97 3.66
C VAL B 112 -2.13 3.97 2.60
N ALA B 113 -0.87 3.62 2.62
CA ALA B 113 -0.36 2.66 1.61
C ALA B 113 -1.07 1.32 1.78
N LEU B 114 -1.37 0.94 2.99
CA LEU B 114 -2.06 -0.37 3.21
C LEU B 114 -3.43 -0.35 2.54
N LEU B 115 -4.20 0.67 2.80
CA LEU B 115 -5.55 0.76 2.19
C LEU B 115 -5.42 0.89 0.67
N GLY B 116 -4.45 1.64 0.20
CA GLY B 116 -4.30 1.79 -1.28
C GLY B 116 -4.16 0.42 -1.94
N PHE B 117 -3.38 -0.46 -1.38
CA PHE B 117 -3.20 -1.81 -1.99
C PHE B 117 -4.20 -2.80 -1.37
N GLY B 118 -5.18 -2.30 -0.65
CA GLY B 118 -6.19 -3.20 -0.03
C GLY B 118 -7.49 -3.16 -0.82
N TYR B 119 -7.51 -2.55 -1.98
CA TYR B 119 -8.76 -2.48 -2.78
C TYR B 119 -8.72 -3.52 -3.91
N ARG B 120 -8.02 -3.24 -4.97
CA ARG B 120 -7.93 -4.19 -6.11
C ARG B 120 -7.83 -5.63 -5.60
N LEU B 121 -7.15 -5.84 -4.50
CA LEU B 121 -7.02 -7.23 -3.98
C LEU B 121 -8.42 -7.84 -3.76
N ALA B 122 -9.30 -7.15 -3.09
CA ALA B 122 -10.66 -7.73 -2.87
C ALA B 122 -11.44 -7.73 -4.19
N LEU B 123 -11.38 -6.66 -4.94
CA LEU B 123 -12.12 -6.59 -6.23
C LEU B 123 -11.56 -7.65 -7.19
N HIS B 124 -10.30 -7.97 -7.05
CA HIS B 124 -9.68 -9.00 -7.95
C HIS B 124 -10.45 -10.31 -7.81
N VAL B 125 -10.89 -10.60 -6.62
CA VAL B 125 -11.63 -11.87 -6.41
C VAL B 125 -13.05 -11.67 -6.92
N TYR B 126 -13.59 -10.50 -6.69
CA TYR B 126 -14.97 -10.24 -7.16
C TYR B 126 -15.07 -10.54 -8.66
N GLN B 127 -14.28 -9.89 -9.48
CA GLN B 127 -14.36 -10.16 -10.94
C GLN B 127 -14.13 -11.65 -11.20
N HIS B 128 -13.07 -12.21 -10.66
CA HIS B 128 -12.81 -13.66 -10.86
C HIS B 128 -14.12 -14.43 -10.89
N GLY B 129 -15.01 -14.11 -9.99
CA GLY B 129 -16.32 -14.82 -9.98
C GLY B 129 -16.77 -15.04 -8.54
N LEU B 130 -15.95 -14.67 -7.58
CA LEU B 130 -16.34 -14.87 -6.16
C LEU B 130 -17.16 -13.68 -5.69
N THR B 131 -18.38 -13.56 -6.12
CA THR B 131 -19.21 -12.40 -5.69
C THR B 131 -19.46 -12.49 -4.18
N GLY B 132 -19.40 -11.38 -3.50
CA GLY B 132 -19.65 -11.40 -2.03
C GLY B 132 -18.30 -11.42 -1.29
N PHE B 133 -17.39 -10.54 -1.66
CA PHE B 133 -16.07 -10.50 -1.00
C PHE B 133 -15.90 -9.18 -0.24
N LEU B 134 -16.66 -8.18 -0.59
CA LEU B 134 -16.53 -6.87 0.11
C LEU B 134 -16.80 -7.06 1.61
N GLY B 135 -17.81 -7.81 1.95
CA GLY B 135 -18.10 -8.04 3.38
C GLY B 135 -16.95 -8.84 4.02
N GLN B 136 -16.33 -9.71 3.25
CA GLN B 136 -15.22 -10.54 3.82
C GLN B 136 -13.99 -9.68 4.13
N VAL B 137 -13.56 -8.86 3.21
CA VAL B 137 -12.35 -8.01 3.47
C VAL B 137 -12.62 -7.08 4.65
N THR B 138 -13.83 -6.61 4.82
CA THR B 138 -14.12 -5.70 5.95
C THR B 138 -13.95 -6.45 7.28
N ARG B 139 -14.75 -7.46 7.48
CA ARG B 139 -14.66 -8.25 8.74
C ARG B 139 -13.33 -9.00 8.81
N PHE B 140 -12.36 -8.60 8.02
CA PHE B 140 -11.02 -9.27 8.04
C PHE B 140 -9.97 -8.25 8.46
N VAL B 141 -9.99 -7.08 7.87
CA VAL B 141 -8.97 -6.05 8.24
C VAL B 141 -9.26 -5.53 9.64
N VAL B 142 -10.49 -5.21 9.93
CA VAL B 142 -10.82 -4.70 11.29
C VAL B 142 -10.29 -5.69 12.34
N ASP B 143 -10.42 -6.97 12.09
CA ASP B 143 -9.91 -7.95 13.07
C ASP B 143 -8.38 -7.86 13.14
N PHE B 144 -7.76 -7.69 12.01
CA PHE B 144 -6.27 -7.58 11.98
C PHE B 144 -5.81 -6.30 12.67
N MET B 145 -6.50 -5.20 12.46
CA MET B 145 -6.09 -3.92 13.09
C MET B 145 -6.23 -4.02 14.61
N LEU B 146 -7.23 -4.71 15.08
CA LEU B 146 -7.44 -4.83 16.55
C LEU B 146 -6.52 -5.94 17.10
N HIS B 147 -6.10 -6.84 16.26
CA HIS B 147 -5.22 -7.94 16.75
C HIS B 147 -3.76 -7.49 16.70
N HIS B 148 -3.45 -6.59 15.83
CA HIS B 148 -2.05 -6.09 15.72
C HIS B 148 -1.88 -4.84 16.59
N CYS B 149 -2.84 -4.55 17.44
CA CYS B 149 -2.72 -3.35 18.32
C CYS B 149 -2.68 -2.07 17.46
N ILE B 150 -3.20 -2.12 16.27
CA ILE B 150 -3.19 -0.92 15.39
C ILE B 150 -4.21 0.07 15.91
N ALA B 151 -5.32 -0.39 16.40
CA ALA B 151 -6.37 0.54 16.90
C ALA B 151 -5.79 1.42 18.03
N ARG B 152 -5.07 0.84 18.95
CA ARG B 152 -4.50 1.66 20.06
C ARG B 152 -3.65 2.81 19.50
N TRP B 153 -2.61 2.50 18.78
CA TRP B 153 -1.72 3.57 18.22
C TRP B 153 -2.56 4.71 17.64
N ILE B 154 -3.50 4.41 16.79
CA ILE B 154 -4.35 5.48 16.20
C ILE B 154 -5.00 6.28 17.34
N ALA B 155 -5.40 5.62 18.39
CA ALA B 155 -6.03 6.34 19.52
C ALA B 155 -5.01 7.28 20.18
N GLN B 156 -3.80 6.84 20.30
CA GLN B 156 -2.75 7.68 20.95
C GLN B 156 -2.38 8.85 20.03
N ARG B 157 -2.61 8.71 18.75
CA ARG B 157 -2.26 9.79 17.79
C ARG B 157 -3.34 10.87 17.79
N GLY B 158 -4.42 10.67 18.51
CA GLY B 158 -5.51 11.69 18.53
C GLY B 158 -6.68 11.19 17.71
N GLY B 159 -6.73 9.91 17.44
CA GLY B 159 -7.85 9.36 16.65
C GLY B 159 -7.74 9.81 15.19
N TRP B 160 -8.74 9.54 14.40
CA TRP B 160 -8.70 9.95 12.96
C TRP B 160 -9.09 11.42 12.85
N VAL B 161 -9.53 12.02 13.92
CA VAL B 161 -9.87 13.46 13.85
C VAL B 161 -8.55 14.25 13.76
N ALA B 162 -7.44 13.58 13.92
CA ALA B 162 -6.12 14.29 13.87
C ALA B 162 -5.73 14.53 12.41
N ALA B 163 -6.50 14.01 11.49
CA ALA B 163 -6.17 14.21 10.04
C ALA B 163 -6.29 15.69 9.68
N LEU B 164 -7.29 16.36 10.19
CA LEU B 164 -7.47 17.80 9.88
C LEU B 164 -6.28 18.60 10.43
N ASN B 165 -5.56 18.05 11.35
CA ASN B 165 -4.39 18.77 11.93
C ASN B 165 -3.11 18.35 11.21
N LEU B 166 -3.21 17.96 9.97
CA LEU B 166 -1.99 17.53 9.22
C LEU B 166 -1.55 18.66 8.28
N GLY B 167 -0.93 18.34 7.18
CA GLY B 167 -0.47 19.40 6.23
C GLY B 167 -1.65 20.24 5.74
N ASN B 168 -2.34 19.77 4.72
CA ASN B 168 -3.50 20.53 4.20
C ASN B 168 -4.63 20.51 5.23
N GLY B 169 -4.51 19.69 6.23
CA GLY B 169 -5.57 19.63 7.27
C GLY B 169 -6.94 19.48 6.61
N MET A 1 29.98 4.34 -9.64
CA MET A 1 29.20 5.57 -9.33
C MET A 1 28.55 5.41 -7.96
N GLN A 2 27.88 6.43 -7.49
CA GLN A 2 27.21 6.35 -6.16
C GLN A 2 25.70 6.54 -6.32
N ILE A 3 24.94 5.66 -5.73
CA ILE A 3 23.44 5.74 -5.81
C ILE A 3 22.90 5.90 -4.39
N PHE A 4 21.65 6.26 -4.25
CA PHE A 4 21.06 6.43 -2.88
C PHE A 4 19.77 5.62 -2.81
N VAL A 5 19.68 4.69 -1.89
CA VAL A 5 18.43 3.88 -1.79
C VAL A 5 17.54 4.46 -0.70
N LYS A 6 16.27 4.62 -0.96
CA LYS A 6 15.35 5.18 0.06
C LYS A 6 14.51 4.06 0.67
N THR A 7 14.47 3.98 1.97
CA THR A 7 13.67 2.91 2.62
C THR A 7 12.30 3.49 3.04
N LEU A 8 11.45 2.69 3.60
CA LEU A 8 10.11 3.20 4.00
C LEU A 8 10.15 3.78 5.41
N THR A 9 11.29 3.73 6.06
CA THR A 9 11.39 4.30 7.44
C THR A 9 11.97 5.71 7.37
N GLY A 10 12.18 6.21 6.19
CA GLY A 10 12.74 7.59 6.06
C GLY A 10 14.26 7.54 6.17
N LYS A 11 14.84 6.37 6.10
CA LYS A 11 16.32 6.26 6.19
C LYS A 11 16.89 6.02 4.79
N THR A 12 17.91 6.74 4.42
CA THR A 12 18.54 6.56 3.07
C THR A 12 19.96 6.05 3.25
N ILE A 13 20.34 5.03 2.50
CA ILE A 13 21.71 4.47 2.63
C ILE A 13 22.44 4.63 1.29
N THR A 14 23.65 5.09 1.31
CA THR A 14 24.40 5.28 0.03
C THR A 14 24.98 3.94 -0.43
N LEU A 15 25.31 3.83 -1.69
CA LEU A 15 25.90 2.56 -2.21
C LEU A 15 26.77 2.87 -3.43
N GLU A 16 27.92 2.25 -3.51
CA GLU A 16 28.83 2.50 -4.67
C GLU A 16 28.74 1.32 -5.64
N VAL A 17 28.18 1.55 -6.81
CA VAL A 17 28.06 0.46 -7.81
C VAL A 17 28.43 1.01 -9.19
N GLU A 18 28.43 0.18 -10.20
CA GLU A 18 28.79 0.64 -11.57
C GLU A 18 27.68 0.23 -12.56
N PRO A 19 27.50 0.95 -13.65
CA PRO A 19 26.46 0.62 -14.66
C PRO A 19 26.58 -0.83 -15.15
N SER A 20 27.75 -1.41 -15.06
CA SER A 20 27.92 -2.81 -15.54
C SER A 20 27.64 -3.78 -14.40
N ASP A 21 27.37 -3.28 -13.22
CA ASP A 21 27.10 -4.17 -12.07
C ASP A 21 25.75 -4.86 -12.24
N THR A 22 25.63 -6.09 -11.80
CA THR A 22 24.35 -6.82 -11.93
C THR A 22 23.45 -6.52 -10.71
N ILE A 23 22.16 -6.57 -10.90
CA ILE A 23 21.24 -6.30 -9.75
C ILE A 23 21.53 -7.29 -8.62
N GLU A 24 21.87 -8.51 -8.95
CA GLU A 24 22.16 -9.52 -7.89
C GLU A 24 23.34 -9.04 -7.03
N ASN A 25 24.35 -8.54 -7.66
CA ASN A 25 25.53 -8.04 -6.89
C ASN A 25 25.09 -6.89 -5.98
N VAL A 26 24.20 -6.05 -6.43
CA VAL A 26 23.75 -4.91 -5.60
C VAL A 26 22.99 -5.44 -4.37
N LYS A 27 22.14 -6.41 -4.56
CA LYS A 27 21.37 -6.97 -3.40
C LYS A 27 22.36 -7.56 -2.39
N ALA A 28 23.37 -8.24 -2.85
CA ALA A 28 24.36 -8.82 -1.90
C ALA A 28 25.05 -7.70 -1.12
N LYS A 29 25.41 -6.64 -1.79
CA LYS A 29 26.09 -5.51 -1.09
C LYS A 29 25.18 -4.96 0.01
N ILE A 30 23.91 -4.79 -0.26
CA ILE A 30 22.99 -4.26 0.79
C ILE A 30 22.99 -5.20 1.99
N GLN A 31 22.87 -6.48 1.78
CA GLN A 31 22.89 -7.40 2.94
C GLN A 31 24.26 -7.30 3.62
N ASP A 32 25.31 -7.30 2.84
CA ASP A 32 26.68 -7.21 3.41
C ASP A 32 26.83 -5.93 4.26
N LYS A 33 26.17 -4.87 3.89
CA LYS A 33 26.31 -3.60 4.67
C LYS A 33 25.06 -3.33 5.49
N GLU A 34 24.02 -4.13 5.33
CA GLU A 34 22.78 -3.90 6.14
C GLU A 34 22.34 -5.22 6.75
N GLY A 35 22.46 -6.30 6.02
CA GLY A 35 22.06 -7.61 6.57
C GLY A 35 20.61 -7.93 6.18
N ILE A 36 20.12 -7.35 5.12
CA ILE A 36 18.72 -7.65 4.69
C ILE A 36 18.78 -8.77 3.65
N PRO A 37 18.24 -9.95 3.93
CA PRO A 37 18.27 -11.08 2.95
C PRO A 37 17.78 -10.68 1.54
N PRO A 38 18.51 -10.97 0.49
CA PRO A 38 18.07 -10.65 -0.91
C PRO A 38 16.67 -11.19 -1.22
N ASP A 39 16.27 -12.24 -0.58
CA ASP A 39 14.93 -12.82 -0.85
C ASP A 39 13.83 -11.86 -0.43
N GLN A 40 14.13 -10.93 0.44
CA GLN A 40 13.09 -9.95 0.91
C GLN A 40 13.43 -8.55 0.39
N GLN A 41 13.78 -8.43 -0.86
CA GLN A 41 14.12 -7.09 -1.42
C GLN A 41 13.26 -6.82 -2.66
N ARG A 42 12.65 -5.67 -2.72
CA ARG A 42 11.77 -5.32 -3.88
C ARG A 42 12.17 -3.95 -4.42
N LEU A 43 13.18 -3.91 -5.25
CA LEU A 43 13.63 -2.60 -5.81
C LEU A 43 12.61 -2.08 -6.81
N ILE A 44 12.43 -0.79 -6.87
CA ILE A 44 11.47 -0.20 -7.84
C ILE A 44 12.08 1.04 -8.50
N PHE A 45 12.03 1.10 -9.80
CA PHE A 45 12.58 2.27 -10.53
C PHE A 45 11.64 2.65 -11.69
N ALA A 46 11.21 3.87 -11.74
CA ALA A 46 10.31 4.30 -12.85
C ALA A 46 9.04 3.43 -12.87
N GLY A 47 8.64 2.94 -11.73
CA GLY A 47 7.40 2.10 -11.68
C GLY A 47 7.66 0.76 -12.38
N LYS A 48 8.88 0.32 -12.42
CA LYS A 48 9.21 -0.98 -13.08
C LYS A 48 10.03 -1.86 -12.13
N GLN A 49 9.69 -3.12 -12.02
CA GLN A 49 10.44 -4.03 -11.11
C GLN A 49 11.68 -4.55 -11.84
N LEU A 50 12.81 -3.98 -11.58
CA LEU A 50 14.05 -4.43 -12.26
C LEU A 50 14.21 -5.95 -12.09
N GLU A 51 14.75 -6.60 -13.10
CA GLU A 51 14.95 -8.07 -13.03
C GLU A 51 16.33 -8.37 -12.43
N ASP A 52 16.58 -9.61 -12.11
CA ASP A 52 17.91 -9.97 -11.53
C ASP A 52 18.84 -10.47 -12.63
N GLY A 53 18.35 -10.53 -13.85
CA GLY A 53 19.20 -11.01 -14.98
C GLY A 53 19.63 -9.83 -15.86
N ARG A 54 19.44 -8.62 -15.41
CA ARG A 54 19.81 -7.43 -16.23
C ARG A 54 20.79 -6.54 -15.46
N THR A 55 21.57 -5.74 -16.16
CA THR A 55 22.57 -4.86 -15.49
C THR A 55 21.97 -3.46 -15.22
N LEU A 56 22.74 -2.59 -14.62
CA LEU A 56 22.23 -1.22 -14.35
C LEU A 56 22.16 -0.43 -15.66
N SER A 57 23.12 -0.60 -16.53
CA SER A 57 23.11 0.14 -17.83
C SER A 57 21.88 -0.28 -18.63
N ASP A 58 21.40 -1.47 -18.42
CA ASP A 58 20.19 -1.94 -19.16
C ASP A 58 19.02 -1.00 -18.85
N TYR A 59 18.91 -0.56 -17.64
CA TYR A 59 17.79 0.37 -17.30
C TYR A 59 18.22 1.80 -17.55
N ASN A 60 19.48 2.01 -17.83
CA ASN A 60 19.99 3.39 -18.11
C ASN A 60 20.00 4.20 -16.81
N ILE A 61 20.20 3.57 -15.68
CA ILE A 61 20.22 4.34 -14.41
C ILE A 61 21.50 5.16 -14.35
N GLN A 62 21.40 6.45 -14.14
CA GLN A 62 22.62 7.29 -14.09
C GLN A 62 23.12 7.39 -12.64
N LYS A 63 23.96 8.34 -12.37
CA LYS A 63 24.49 8.49 -10.98
C LYS A 63 23.52 9.33 -10.15
N GLU A 64 23.68 9.34 -8.85
CA GLU A 64 22.77 10.14 -7.98
C GLU A 64 21.31 9.76 -8.26
N SER A 65 21.05 8.51 -8.52
CA SER A 65 19.64 8.08 -8.78
C SER A 65 19.04 7.56 -7.48
N THR A 66 17.73 7.56 -7.37
CA THR A 66 17.07 7.05 -6.12
C THR A 66 16.13 5.90 -6.47
N LEU A 67 16.20 4.83 -5.70
CA LEU A 67 15.33 3.64 -5.98
C LEU A 67 14.51 3.32 -4.72
N HIS A 68 13.24 2.99 -4.89
CA HIS A 68 12.40 2.65 -3.71
C HIS A 68 12.54 1.14 -3.40
N LEU A 69 12.21 0.75 -2.20
CA LEU A 69 12.37 -0.68 -1.80
C LEU A 69 11.16 -1.12 -0.96
N VAL A 70 10.38 -2.07 -1.44
CA VAL A 70 9.22 -2.55 -0.63
C VAL A 70 9.68 -3.72 0.25
N LEU A 71 8.89 -4.73 0.43
CA LEU A 71 9.33 -5.88 1.27
C LEU A 71 8.28 -6.98 1.22
N ARG A 72 8.71 -8.21 1.03
CA ARG A 72 7.74 -9.35 0.95
C ARG A 72 8.07 -10.38 2.03
N LEU A 73 9.05 -10.13 2.85
CA LEU A 73 9.39 -11.12 3.92
C LEU A 73 9.52 -12.51 3.28
N ARG A 74 9.69 -13.52 4.09
CA ARG A 74 9.81 -14.90 3.53
C ARG A 74 8.48 -15.30 2.88
N GLY A 75 8.52 -16.24 1.98
CA GLY A 75 7.25 -16.66 1.31
C GLY A 75 6.30 -17.24 2.35
N CYS A 76 5.03 -17.02 2.20
CA CYS A 76 4.05 -17.56 3.17
C CYS A 76 3.40 -18.83 2.60
N ALA B 1 -17.32 16.41 15.47
CA ALA B 1 -17.74 15.49 16.56
C ALA B 1 -17.01 15.84 17.84
N LEU B 2 -17.12 15.01 18.85
CA LEU B 2 -16.43 15.29 20.13
C LEU B 2 -15.01 14.71 20.10
N PRO B 3 -14.09 15.28 20.83
CA PRO B 3 -12.67 14.78 20.87
C PRO B 3 -12.55 13.45 21.61
N SER B 4 -11.45 12.77 21.44
CA SER B 4 -11.27 11.46 22.14
C SER B 4 -12.09 10.38 21.41
N ALA B 5 -11.66 9.14 21.51
CA ALA B 5 -12.41 8.05 20.82
C ALA B 5 -11.92 6.69 21.36
N SER B 6 -12.77 5.70 21.35
CA SER B 6 -12.35 4.35 21.84
C SER B 6 -12.23 3.40 20.66
N GLU B 7 -11.64 2.25 20.86
CA GLU B 7 -11.49 1.29 19.73
C GLU B 7 -12.88 0.83 19.25
N GLU B 8 -13.87 0.95 20.09
CA GLU B 8 -15.25 0.53 19.70
C GLU B 8 -15.78 1.43 18.57
N GLN B 9 -15.54 2.71 18.65
CA GLN B 9 -16.04 3.63 17.57
C GLN B 9 -15.02 3.69 16.44
N VAL B 10 -13.79 3.37 16.71
CA VAL B 10 -12.76 3.41 15.64
C VAL B 10 -13.12 2.37 14.57
N ALA B 11 -13.48 1.19 14.99
CA ALA B 11 -13.84 0.14 14.00
C ALA B 11 -14.98 0.63 13.10
N GLN B 12 -15.84 1.44 13.63
CA GLN B 12 -16.96 1.97 12.81
C GLN B 12 -16.41 3.05 11.88
N ASP B 13 -15.53 3.85 12.41
CA ASP B 13 -14.94 4.94 11.59
C ASP B 13 -13.89 4.38 10.63
N THR B 14 -13.27 3.28 10.98
CA THR B 14 -12.23 2.71 10.08
C THR B 14 -12.89 2.12 8.84
N GLU B 15 -14.02 1.46 8.98
CA GLU B 15 -14.69 0.91 7.78
C GLU B 15 -15.31 2.06 6.98
N GLU B 16 -15.85 3.05 7.65
CA GLU B 16 -16.48 4.19 6.91
C GLU B 16 -15.43 4.92 6.07
N VAL B 17 -14.28 5.20 6.64
CA VAL B 17 -13.22 5.89 5.86
C VAL B 17 -12.64 4.92 4.84
N PHE B 18 -12.71 3.64 5.12
CA PHE B 18 -12.17 2.64 4.14
C PHE B 18 -12.89 2.80 2.80
N ARG B 19 -14.19 2.80 2.80
CA ARG B 19 -14.93 2.92 1.51
C ARG B 19 -14.99 4.39 1.05
N SER B 20 -15.08 5.32 1.96
CA SER B 20 -15.13 6.73 1.54
C SER B 20 -13.80 7.11 0.88
N TYR B 21 -12.71 6.63 1.43
CA TYR B 21 -11.37 6.95 0.85
C TYR B 21 -11.21 6.30 -0.52
N VAL B 22 -11.49 5.02 -0.63
CA VAL B 22 -11.31 4.37 -1.97
C VAL B 22 -12.37 4.90 -2.94
N PHE B 23 -13.49 5.33 -2.43
CA PHE B 23 -14.56 5.88 -3.32
C PHE B 23 -14.10 7.18 -3.95
N TYR B 24 -13.60 8.11 -3.15
CA TYR B 24 -13.15 9.41 -3.72
C TYR B 24 -11.87 9.23 -4.53
N ARG B 25 -10.99 8.36 -4.12
CA ARG B 25 -9.74 8.17 -4.88
C ARG B 25 -10.08 7.61 -6.25
N HIS B 26 -10.98 6.67 -6.29
CA HIS B 26 -11.35 6.04 -7.57
C HIS B 26 -12.34 6.90 -8.36
N GLN B 27 -13.13 7.71 -7.70
CA GLN B 27 -14.10 8.54 -8.48
C GLN B 27 -13.29 9.47 -9.39
N GLN B 28 -12.17 9.95 -8.91
CA GLN B 28 -11.33 10.86 -9.74
C GLN B 28 -10.56 10.05 -10.80
N GLU B 29 -10.03 8.91 -10.41
CA GLU B 29 -9.26 8.09 -11.39
C GLU B 29 -10.18 7.65 -12.53
N GLN B 30 -11.45 7.57 -12.27
CA GLN B 30 -12.39 7.14 -13.33
C GLN B 30 -12.34 8.10 -14.52
N GLU B 31 -12.22 9.38 -14.27
CA GLU B 31 -12.21 10.34 -15.41
C GLU B 31 -10.97 10.11 -16.29
N ALA B 32 -9.87 9.71 -15.72
CA ALA B 32 -8.64 9.48 -16.54
C ALA B 32 -8.72 8.10 -17.20
N GLU B 33 -8.88 7.07 -16.42
CA GLU B 33 -8.96 5.69 -17.00
C GLU B 33 -10.14 4.95 -16.37
N GLY B 34 -10.41 3.74 -16.83
CA GLY B 34 -11.53 2.95 -16.27
C GLY B 34 -11.00 1.66 -15.65
N VAL B 35 -9.72 1.60 -15.41
CA VAL B 35 -9.13 0.36 -14.82
C VAL B 35 -9.84 0.04 -13.51
N ALA B 36 -10.24 -1.19 -13.32
CA ALA B 36 -10.94 -1.54 -12.05
C ALA B 36 -12.03 -0.51 -11.76
N ALA B 37 -12.69 -0.03 -12.79
CA ALA B 37 -13.75 0.99 -12.58
C ALA B 37 -14.90 0.36 -11.76
N PRO B 38 -15.75 1.15 -11.15
CA PRO B 38 -16.87 0.61 -10.33
C PRO B 38 -17.94 -0.07 -11.19
N ALA B 39 -19.01 -0.52 -10.60
CA ALA B 39 -20.08 -1.18 -11.39
C ALA B 39 -20.98 -0.10 -11.99
N ASP B 40 -20.39 0.90 -12.60
CA ASP B 40 -21.19 2.00 -13.21
C ASP B 40 -22.02 2.68 -12.11
N PRO B 41 -22.46 3.89 -12.36
CA PRO B 41 -23.28 4.67 -11.38
C PRO B 41 -24.70 4.12 -11.26
N GLU B 42 -24.90 3.16 -10.41
CA GLU B 42 -26.26 2.58 -10.24
C GLU B 42 -26.49 2.22 -8.77
N MET B 43 -27.41 1.35 -8.49
CA MET B 43 -27.68 0.94 -7.08
C MET B 43 -26.45 0.21 -6.54
N VAL B 44 -25.70 -0.43 -7.40
CA VAL B 44 -24.50 -1.17 -6.94
C VAL B 44 -23.37 -0.18 -6.59
N THR B 45 -23.70 1.09 -6.49
CA THR B 45 -22.66 2.09 -6.14
C THR B 45 -22.32 1.95 -4.66
N LEU B 46 -21.46 2.81 -4.15
CA LEU B 46 -21.06 2.73 -2.71
C LEU B 46 -21.74 3.89 -1.94
N PRO B 47 -22.84 3.65 -1.25
CA PRO B 47 -23.54 4.73 -0.49
C PRO B 47 -22.83 5.08 0.83
N LEU B 48 -21.88 5.97 0.79
CA LEU B 48 -21.17 6.35 2.04
C LEU B 48 -21.99 7.44 2.74
N GLN B 49 -21.51 7.94 3.86
CA GLN B 49 -22.26 8.99 4.60
C GLN B 49 -21.38 10.25 4.75
N PRO B 50 -21.34 11.10 3.74
CA PRO B 50 -20.52 12.33 3.79
C PRO B 50 -21.12 13.37 4.75
N SER B 51 -22.31 13.12 5.21
CA SER B 51 -22.95 14.06 6.16
C SER B 51 -22.18 14.03 7.48
N SER B 52 -21.41 13.00 7.70
CA SER B 52 -20.64 12.90 8.96
C SER B 52 -19.27 13.56 8.80
N THR B 53 -18.67 13.99 9.88
CA THR B 53 -17.33 14.63 9.80
C THR B 53 -16.33 13.68 9.16
N MET B 54 -16.51 12.39 9.36
CA MET B 54 -15.56 11.40 8.79
C MET B 54 -15.49 11.55 7.27
N GLY B 55 -16.50 12.11 6.67
CA GLY B 55 -16.51 12.27 5.19
C GLY B 55 -15.31 13.09 4.73
N GLN B 56 -14.93 14.09 5.49
CA GLN B 56 -13.80 14.96 5.08
C GLN B 56 -12.44 14.30 5.33
N VAL B 57 -12.38 13.30 6.18
CA VAL B 57 -11.04 12.69 6.46
C VAL B 57 -10.54 11.91 5.24
N GLY B 58 -11.43 11.28 4.53
CA GLY B 58 -11.01 10.51 3.32
C GLY B 58 -10.49 11.48 2.26
N ARG B 59 -11.13 12.61 2.14
CA ARG B 59 -10.70 13.60 1.12
C ARG B 59 -9.28 14.07 1.42
N GLN B 60 -9.00 14.41 2.65
CA GLN B 60 -7.62 14.87 2.99
C GLN B 60 -6.60 13.75 2.75
N LEU B 61 -6.89 12.57 3.20
CA LEU B 61 -5.92 11.46 3.01
C LEU B 61 -5.75 11.16 1.52
N ALA B 62 -6.80 11.31 0.75
CA ALA B 62 -6.71 11.02 -0.71
C ALA B 62 -5.82 12.05 -1.41
N ILE B 63 -5.50 13.14 -0.77
CA ILE B 63 -4.62 14.16 -1.43
C ILE B 63 -3.16 13.92 -1.02
N ILE B 64 -2.91 13.71 0.24
CA ILE B 64 -1.50 13.48 0.69
C ILE B 64 -0.99 12.16 0.09
N GLY B 65 -1.87 11.22 -0.08
CA GLY B 65 -1.45 9.91 -0.66
C GLY B 65 -1.91 9.81 -2.12
N ASP B 66 -1.90 10.90 -2.84
CA ASP B 66 -2.34 10.83 -4.27
C ASP B 66 -1.16 10.45 -5.17
N ASP B 67 -0.13 11.26 -5.18
CA ASP B 67 1.06 10.94 -6.02
C ASP B 67 1.80 9.74 -5.44
N ILE B 68 1.90 9.66 -4.13
CA ILE B 68 2.62 8.53 -3.49
C ILE B 68 1.89 7.22 -3.81
N ASN B 69 0.58 7.24 -3.79
CA ASN B 69 -0.15 5.98 -4.09
C ASN B 69 0.12 5.54 -5.52
N ARG B 70 0.05 6.45 -6.45
CA ARG B 70 0.29 6.09 -7.88
C ARG B 70 1.75 5.69 -8.09
N ARG B 71 2.67 6.35 -7.43
CA ARG B 71 4.11 6.05 -7.63
C ARG B 71 4.39 4.55 -7.72
N TYR B 72 3.94 3.76 -6.76
CA TYR B 72 4.21 2.28 -6.82
C TYR B 72 2.91 1.51 -7.02
N ASP B 73 2.15 1.88 -8.02
CA ASP B 73 0.86 1.16 -8.30
C ASP B 73 1.01 0.28 -9.54
N SER B 74 1.74 0.72 -10.52
CA SER B 74 1.90 -0.11 -11.75
C SER B 74 2.67 -1.39 -11.42
N GLU B 75 3.54 -1.35 -10.45
CA GLU B 75 4.29 -2.58 -10.10
C GLU B 75 3.47 -3.40 -9.10
N PHE B 76 2.53 -2.77 -8.44
CA PHE B 76 1.65 -3.50 -7.48
C PHE B 76 0.75 -4.46 -8.26
N GLN B 77 0.15 -3.99 -9.33
CA GLN B 77 -0.75 -4.88 -10.10
C GLN B 77 0.06 -5.89 -10.91
N THR B 78 1.22 -5.50 -11.37
CA THR B 78 2.05 -6.44 -12.17
C THR B 78 2.43 -7.65 -11.31
N MET B 79 2.87 -7.41 -10.11
CA MET B 79 3.26 -8.54 -9.23
C MET B 79 2.02 -9.30 -8.74
N LEU B 80 0.94 -8.61 -8.48
CA LEU B 80 -0.30 -9.30 -8.00
C LEU B 80 -0.79 -10.34 -9.03
N GLN B 81 -0.71 -10.04 -10.30
CA GLN B 81 -1.20 -11.03 -11.31
C GLN B 81 -0.36 -12.30 -11.21
N HIS B 82 0.88 -12.17 -10.81
CA HIS B 82 1.75 -13.37 -10.69
C HIS B 82 1.43 -14.13 -9.39
N LEU B 83 0.67 -13.53 -8.51
CA LEU B 83 0.31 -14.21 -7.23
C LEU B 83 -0.91 -15.10 -7.45
N GLN B 84 -1.95 -14.55 -8.01
CA GLN B 84 -3.17 -15.38 -8.25
C GLN B 84 -3.60 -16.05 -6.95
N PRO B 85 -4.01 -15.28 -5.98
CA PRO B 85 -4.44 -15.80 -4.65
C PRO B 85 -5.84 -16.44 -4.71
N THR B 86 -6.30 -16.97 -3.61
CA THR B 86 -7.63 -17.62 -3.59
C THR B 86 -8.42 -17.13 -2.37
N ALA B 87 -9.69 -17.43 -2.29
CA ALA B 87 -10.50 -16.97 -1.13
C ALA B 87 -10.06 -17.72 0.13
N GLU B 88 -9.38 -18.82 0.00
CA GLU B 88 -8.95 -19.58 1.20
C GLU B 88 -7.65 -19.01 1.75
N ASN B 89 -6.85 -18.40 0.90
CA ASN B 89 -5.55 -17.82 1.35
C ASN B 89 -5.48 -16.33 0.98
N ALA B 90 -6.59 -15.69 0.81
CA ALA B 90 -6.57 -14.24 0.46
C ALA B 90 -5.90 -13.46 1.60
N TYR B 91 -6.21 -13.81 2.83
CA TYR B 91 -5.62 -13.09 3.98
C TYR B 91 -4.20 -13.60 4.28
N GLU B 92 -3.87 -14.78 3.81
CA GLU B 92 -2.50 -15.30 4.10
C GLU B 92 -1.48 -14.53 3.24
N TYR B 93 -1.95 -13.85 2.23
CA TYR B 93 -1.04 -13.06 1.36
C TYR B 93 -1.12 -11.59 1.77
N PHE B 94 -2.32 -11.07 1.97
CA PHE B 94 -2.45 -9.63 2.36
C PHE B 94 -1.69 -9.41 3.67
N THR B 95 -1.89 -10.26 4.63
CA THR B 95 -1.18 -10.11 5.92
C THR B 95 0.33 -10.20 5.70
N CYS B 96 0.79 -10.93 4.71
CA CYS B 96 2.25 -11.02 4.51
C CYS B 96 2.81 -9.66 4.05
N ILE B 97 2.22 -9.05 3.06
CA ILE B 97 2.73 -7.72 2.63
C ILE B 97 2.62 -6.71 3.76
N ALA B 98 1.53 -6.69 4.48
CA ALA B 98 1.42 -5.69 5.59
C ALA B 98 2.51 -5.94 6.64
N THR B 99 2.61 -7.15 7.15
CA THR B 99 3.67 -7.44 8.16
C THR B 99 5.04 -7.18 7.53
N SER B 100 5.15 -7.37 6.25
CA SER B 100 6.46 -7.16 5.56
C SER B 100 6.67 -5.66 5.32
N LEU B 101 5.61 -4.91 5.22
CA LEU B 101 5.75 -3.45 4.96
C LEU B 101 6.03 -2.69 6.25
N PHE B 102 5.22 -2.90 7.25
CA PHE B 102 5.40 -2.19 8.55
C PHE B 102 6.53 -2.85 9.35
N GLU B 103 7.24 -3.76 8.75
CA GLU B 103 8.34 -4.45 9.48
C GLU B 103 9.36 -3.39 9.93
N SER B 104 9.70 -2.47 9.06
CA SER B 104 10.66 -1.41 9.46
C SER B 104 10.06 -0.53 10.55
N GLY B 105 8.79 -0.22 10.45
CA GLY B 105 8.15 0.64 11.50
C GLY B 105 6.72 1.01 11.06
N ILE B 106 6.14 2.02 11.66
CA ILE B 106 4.76 2.43 11.28
C ILE B 106 4.72 3.94 11.06
N ASN B 107 4.10 4.38 9.99
CA ASN B 107 4.02 5.84 9.73
C ASN B 107 2.73 6.15 8.95
N TRP B 108 2.41 7.42 8.81
CA TRP B 108 1.18 7.80 8.06
C TRP B 108 1.30 7.29 6.63
N GLY B 109 2.49 7.34 6.08
CA GLY B 109 2.70 6.84 4.70
C GLY B 109 2.43 5.33 4.65
N ARG B 110 2.74 4.63 5.70
CA ARG B 110 2.54 3.15 5.70
C ARG B 110 1.05 2.79 5.86
N VAL B 111 0.27 3.57 6.57
CA VAL B 111 -1.16 3.18 6.73
C VAL B 111 -1.94 3.49 5.44
N VAL B 112 -1.64 4.58 4.80
CA VAL B 112 -2.36 4.90 3.53
C VAL B 112 -1.89 3.93 2.45
N ALA B 113 -0.63 3.58 2.46
CA ALA B 113 -0.12 2.62 1.44
C ALA B 113 -0.85 1.27 1.63
N LEU B 114 -1.06 0.86 2.85
CA LEU B 114 -1.78 -0.43 3.07
C LEU B 114 -3.16 -0.35 2.43
N LEU B 115 -3.88 0.72 2.66
CA LEU B 115 -5.23 0.87 2.06
C LEU B 115 -5.13 1.01 0.54
N GLY B 116 -4.17 1.71 0.04
CA GLY B 116 -4.06 1.89 -1.44
C GLY B 116 -3.93 0.52 -2.13
N PHE B 117 -3.19 -0.38 -1.55
CA PHE B 117 -3.03 -1.73 -2.18
C PHE B 117 -4.06 -2.69 -1.58
N GLY B 118 -4.98 -2.17 -0.81
CA GLY B 118 -6.02 -3.04 -0.19
C GLY B 118 -7.35 -2.91 -0.94
N TYR B 119 -7.39 -2.22 -2.05
CA TYR B 119 -8.68 -2.09 -2.80
C TYR B 119 -8.69 -3.02 -4.04
N ARG B 120 -7.86 -2.78 -5.01
CA ARG B 120 -7.85 -3.66 -6.21
C ARG B 120 -7.78 -5.12 -5.76
N LEU B 121 -7.22 -5.35 -4.61
CA LEU B 121 -7.10 -6.74 -4.11
C LEU B 121 -8.50 -7.35 -3.93
N ALA B 122 -9.38 -6.64 -3.28
CA ALA B 122 -10.76 -7.19 -3.09
C ALA B 122 -11.51 -7.17 -4.43
N LEU B 123 -11.36 -6.12 -5.18
CA LEU B 123 -12.08 -6.05 -6.49
C LEU B 123 -11.53 -7.13 -7.43
N HIS B 124 -10.30 -7.52 -7.25
CA HIS B 124 -9.71 -8.56 -8.13
C HIS B 124 -10.51 -9.86 -8.00
N VAL B 125 -10.81 -10.26 -6.79
CA VAL B 125 -11.58 -11.52 -6.63
C VAL B 125 -13.03 -11.29 -7.04
N TYR B 126 -13.49 -10.07 -6.95
CA TYR B 126 -14.88 -9.76 -7.36
C TYR B 126 -15.03 -10.04 -8.86
N GLN B 127 -14.12 -9.54 -9.65
CA GLN B 127 -14.19 -9.76 -11.12
C GLN B 127 -13.99 -11.24 -11.40
N HIS B 128 -13.16 -11.89 -10.64
CA HIS B 128 -12.92 -13.34 -10.89
C HIS B 128 -14.28 -14.05 -10.89
N GLY B 129 -15.20 -13.61 -10.07
CA GLY B 129 -16.54 -14.26 -10.03
C GLY B 129 -16.99 -14.47 -8.58
N LEU B 130 -16.21 -14.06 -7.63
CA LEU B 130 -16.61 -14.25 -6.21
C LEU B 130 -17.44 -13.06 -5.74
N THR B 131 -18.68 -12.98 -6.16
CA THR B 131 -19.55 -11.85 -5.74
C THR B 131 -19.81 -11.95 -4.23
N GLY B 132 -19.76 -10.84 -3.54
CA GLY B 132 -20.01 -10.87 -2.07
C GLY B 132 -18.69 -10.91 -1.31
N PHE B 133 -17.76 -10.05 -1.66
CA PHE B 133 -16.44 -10.03 -0.96
C PHE B 133 -16.29 -8.71 -0.20
N LEU B 134 -17.09 -7.72 -0.52
CA LEU B 134 -16.97 -6.42 0.20
C LEU B 134 -17.26 -6.64 1.68
N GLY B 135 -18.32 -7.33 1.98
CA GLY B 135 -18.65 -7.60 3.41
C GLY B 135 -17.51 -8.38 4.05
N GLN B 136 -16.96 -9.33 3.34
CA GLN B 136 -15.86 -10.17 3.91
C GLN B 136 -14.61 -9.33 4.18
N VAL B 137 -14.25 -8.42 3.31
CA VAL B 137 -13.00 -7.63 3.54
C VAL B 137 -13.20 -6.71 4.75
N THR B 138 -14.39 -6.21 4.97
CA THR B 138 -14.63 -5.31 6.13
C THR B 138 -14.48 -6.11 7.44
N ARG B 139 -15.15 -7.22 7.54
CA ARG B 139 -15.06 -8.04 8.79
C ARG B 139 -13.74 -8.79 8.85
N PHE B 140 -12.82 -8.47 7.98
CA PHE B 140 -11.50 -9.14 7.99
C PHE B 140 -10.42 -8.15 8.41
N VAL B 141 -10.43 -6.98 7.84
CA VAL B 141 -9.41 -5.95 8.22
C VAL B 141 -9.71 -5.43 9.63
N VAL B 142 -10.96 -5.30 9.97
CA VAL B 142 -11.28 -4.78 11.33
C VAL B 142 -10.73 -5.74 12.38
N ASP B 143 -10.93 -7.01 12.20
CA ASP B 143 -10.40 -7.99 13.18
C ASP B 143 -8.87 -7.90 13.23
N PHE B 144 -8.24 -7.74 12.10
CA PHE B 144 -6.74 -7.66 12.09
C PHE B 144 -6.26 -6.36 12.76
N MET B 145 -6.90 -5.25 12.49
CA MET B 145 -6.47 -3.95 13.09
C MET B 145 -6.55 -4.04 14.62
N LEU B 146 -7.55 -4.70 15.12
CA LEU B 146 -7.70 -4.82 16.60
C LEU B 146 -6.76 -5.93 17.13
N HIS B 147 -6.57 -6.96 16.36
CA HIS B 147 -5.69 -8.07 16.82
C HIS B 147 -4.24 -7.62 16.80
N HIS B 148 -3.90 -6.70 15.95
CA HIS B 148 -2.50 -6.20 15.88
C HIS B 148 -2.35 -4.94 16.74
N CYS B 149 -3.31 -4.67 17.59
CA CYS B 149 -3.22 -3.45 18.46
C CYS B 149 -3.12 -2.19 17.60
N ILE B 150 -3.59 -2.23 16.39
CA ILE B 150 -3.52 -1.03 15.51
C ILE B 150 -4.53 0.00 16.02
N ALA B 151 -5.65 -0.46 16.48
CA ALA B 151 -6.70 0.48 16.97
C ALA B 151 -6.15 1.34 18.11
N ARG B 152 -5.36 0.79 18.98
CA ARG B 152 -4.81 1.60 20.10
C ARG B 152 -3.95 2.72 19.55
N TRP B 153 -3.06 2.42 18.65
CA TRP B 153 -2.18 3.48 18.08
C TRP B 153 -3.02 4.63 17.50
N ILE B 154 -3.97 4.31 16.66
CA ILE B 154 -4.80 5.41 16.08
C ILE B 154 -5.44 6.23 17.22
N ALA B 155 -5.91 5.59 18.24
CA ALA B 155 -6.54 6.34 19.38
C ALA B 155 -5.51 7.28 20.02
N GLN B 156 -4.30 6.84 20.19
CA GLN B 156 -3.24 7.70 20.83
C GLN B 156 -2.86 8.86 19.89
N ARG B 157 -3.13 8.73 18.61
CA ARG B 157 -2.76 9.83 17.67
C ARG B 157 -3.84 10.92 17.67
N GLY B 158 -4.91 10.74 18.43
CA GLY B 158 -5.99 11.78 18.46
C GLY B 158 -7.17 11.31 17.63
N GLY B 159 -7.19 10.06 17.23
CA GLY B 159 -8.34 9.55 16.43
C GLY B 159 -8.24 10.03 14.98
N TRP B 160 -9.24 9.75 14.20
CA TRP B 160 -9.23 10.19 12.77
C TRP B 160 -9.47 11.69 12.71
N VAL B 161 -9.91 12.27 13.79
CA VAL B 161 -10.16 13.75 13.80
C VAL B 161 -8.83 14.50 13.73
N ALA B 162 -7.73 13.82 13.95
CA ALA B 162 -6.42 14.52 13.89
C ALA B 162 -6.04 14.79 12.43
N ALA B 163 -6.76 14.22 11.51
CA ALA B 163 -6.45 14.43 10.06
C ALA B 163 -6.54 15.94 9.72
N LEU B 164 -7.52 16.61 10.23
CA LEU B 164 -7.66 18.07 9.92
C LEU B 164 -6.46 18.85 10.48
N ASN B 165 -5.68 18.22 11.31
CA ASN B 165 -4.50 18.92 11.91
C ASN B 165 -3.22 18.49 11.18
N LEU B 166 -3.35 17.98 9.98
CA LEU B 166 -2.15 17.53 9.22
C LEU B 166 -1.68 18.66 8.29
N GLY B 167 -1.03 18.33 7.20
CA GLY B 167 -0.53 19.40 6.29
C GLY B 167 -1.71 20.26 5.79
N ASN B 168 -2.43 19.78 4.81
CA ASN B 168 -3.58 20.57 4.28
C ASN B 168 -4.71 20.55 5.31
N GLY B 169 -4.63 19.69 6.28
CA GLY B 169 -5.69 19.62 7.32
C GLY B 169 -7.06 19.47 6.65
#